data_6VSJ
#
_entry.id   6VSJ
#
_cell.length_a   1.00
_cell.length_b   1.00
_cell.length_c   1.00
_cell.angle_alpha   90.00
_cell.angle_beta   90.00
_cell.angle_gamma   90.00
#
_symmetry.space_group_name_H-M   'P 1'
#
loop_
_entity.id
_entity.type
_entity.pdbx_description
1 polymer 'Spike glycoprotein'
2 polymer 'Carcinoembryonic antigen-related cell adhesion molecule 1'
3 non-polymer 2-acetamido-2-deoxy-beta-D-glucopyranose
#
loop_
_entity_poly.entity_id
_entity_poly.type
_entity_poly.pdbx_seq_one_letter_code
_entity_poly.pdbx_strand_id
1 'polypeptide(L)'
;MKFLVNVALVFMVVYISYIYAYIGDFRCIQLVNSNGANVSAPSISTETVEVSQGLGTYYVLDRVYLNATLLLTGYYPVDG
SKFRNLALRGTNSVSLSWFQPPYLNQFNDGIFAKVQNLKTSTPSGATAYFPTIVIGSLFGYTSYTVVIEPYNGVIMASVC
QYTICQLPYTDCKPNTNGNKLIGFWHTDVKPPICVLKRNFTLNVNADAFYFHFYQHGGTFYAYYADKPSATTFLFSVYIG
DILTQYYVLPFICNPTAGSTFAPRYWVTPLVKRQYLFNFNQKGVITSAVDCASSYTSEIKCKTQSMLPSTGVYELSGYTV
QPVGVVYRRVANLPACNIEEWLTARSVPSPLNWERKTFQNCNFNLSSLLRYVQAESLFCNNIDASKVYGRCFGSISVDKF
AVPRSRQVDLQLGNSGFLQTANYKIDTAATSCQLHYTLPKNNVTINNHNPSSWNRRYGFNDAGVFGKNQHDVVYAQQCFT
VRSSFCPCAQPDIVSPCTTQTKPKSAFVNVGDHCEGLGVLEDNCGNADPHKGCICANNSFIGWSHDTCLVNDRCQIFANI
LLNGINSGTTCSTDLQLPNTEVVTGICVKYDLYGITGQGVFKEVKADYYNSWQTLLYDVNGNLNGFRDLTTNKTYTIRSC
YSGRVSAAFHKDAPEPALLYRNINCSYVFSNNISREENPLNYFDSYLGCVVNADNRTDEALPNCDLRMGAGLCVDYSKSR
RAHRSVSTGYRLTTFEPYTPMLVNDSVQSVDGLYEMQIPTNFTIGHHEEFIQTRSPKVTIDCAAFVCGDNTACRQQLVEY
GSFCVNVNAILNEVNNLLDNMQLQVASALMQGVTISSRLPDGISGPIDDINFSPLLGCIGSTCAEDGNGPSAIRGRSAIE
DLLFDKVKLSDVGFVEAYNNCTGGQEVRDLLCVQSFNGIKVLPPVLSESQISGYTTGATAAAMFPPWSAAAGVPFSLSVQ
YRINGLGVTMNVLSENQKMIASAFNNALGAIQDGFDATNSALGKIQSVVNANAEALNNLLNQLSNRFGAISASLQEILTR
LEAVEAKAQIDRLINGRLTALNAYISKQLSDSTLIKVSAAQAIEKVNECVKSQTTRINFCGNGNHILSLVQNAPYGLYFI
HFSYVPISFTTANVSPGLCISGDRGLAPKAGYFVQDDGEWKFTGSSYYYPEPITDKNSVIMSSCAVNYTKAPEVFLNTSI
PNPPDFKEELDKWFKNQTSIAPDLSLDFEKLNVTLIKRMKQIEDKIEEIESKQKKIENEIARIKKIKHHHHHHHH
;
A,B,C
2 'polypeptide(L)'
;EVTIEAVPPQVAEDNNVLLLVHNLPLALGAFAWYKGNTTAIDKEIARFVPNSNMNFTGQAYSGREIIYSNGSLLFQMITM
KDMGVYTLDMTDENYRRTQATVRFHVHQPVTQPFLQVTNTTVKELDSVTLTCLSNDIGANIQWLFNSQSLQLTERMTLSQ
NNSILRIDPIKREDAGEYQCEISNPVSVRRSNSIKLDIIFDPHHHHHH
;
D,E,F
#
# COMPACT_ATOMS: atom_id res chain seq x y z
N TYR A 22 32.11 -15.34 48.10
CA TYR A 22 31.47 -16.35 48.92
C TYR A 22 30.28 -16.93 48.20
N ILE A 23 30.54 -17.85 47.30
CA ILE A 23 29.50 -18.49 46.52
C ILE A 23 28.81 -19.52 47.40
N GLY A 24 27.49 -19.56 47.31
CA GLY A 24 26.74 -20.57 48.02
C GLY A 24 26.45 -20.17 49.44
N ASP A 25 26.08 -21.16 50.23
CA ASP A 25 25.71 -20.88 51.60
C ASP A 25 26.17 -21.92 52.61
N PHE A 26 26.81 -23.01 52.20
CA PHE A 26 26.98 -24.14 53.10
C PHE A 26 28.44 -24.33 53.50
N ARG A 27 28.66 -24.57 54.79
CA ARG A 27 29.97 -24.89 55.32
C ARG A 27 30.26 -26.37 55.13
N CYS A 28 31.46 -26.64 54.63
CA CYS A 28 31.84 -27.99 54.22
C CYS A 28 33.16 -28.38 54.86
N ILE A 29 33.44 -29.67 54.84
CA ILE A 29 34.70 -30.15 55.39
C ILE A 29 35.76 -29.97 54.31
N GLN A 30 36.39 -28.81 54.28
CA GLN A 30 37.35 -28.48 53.24
C GLN A 30 38.68 -29.15 53.56
N LEU A 31 39.10 -30.06 52.69
CA LEU A 31 40.32 -30.83 52.89
C LEU A 31 41.51 -30.23 52.16
N VAL A 32 41.56 -28.91 52.07
CA VAL A 32 42.71 -28.22 51.50
C VAL A 32 43.09 -27.06 52.42
N ASN A 33 44.30 -26.56 52.22
CA ASN A 33 44.75 -25.42 52.98
C ASN A 33 44.11 -24.14 52.46
N SER A 34 44.13 -23.10 53.28
CA SER A 34 43.60 -21.81 52.91
C SER A 34 44.45 -20.70 53.50
N ASN A 35 44.57 -19.60 52.76
CA ASN A 35 45.30 -18.42 53.23
C ASN A 35 44.83 -17.21 52.46
N GLY A 36 44.50 -16.14 53.18
CA GLY A 36 44.21 -14.89 52.51
C GLY A 36 45.45 -14.03 52.44
N ALA A 37 46.49 -14.54 51.77
CA ALA A 37 47.77 -13.83 51.74
C ALA A 37 47.73 -12.66 50.77
N ASN A 38 47.54 -12.94 49.48
CA ASN A 38 47.58 -11.88 48.48
C ASN A 38 46.78 -12.30 47.26
N VAL A 39 46.14 -11.31 46.63
CA VAL A 39 45.32 -11.52 45.44
C VAL A 39 45.61 -10.39 44.45
N SER A 40 45.16 -10.59 43.21
CA SER A 40 45.30 -9.59 42.17
C SER A 40 44.01 -9.50 41.38
N ALA A 41 43.97 -8.55 40.45
CA ALA A 41 42.95 -8.57 39.42
C ALA A 41 43.22 -9.72 38.47
N PRO A 42 42.19 -10.30 37.85
CA PRO A 42 42.43 -11.37 36.87
C PRO A 42 43.16 -10.83 35.66
N SER A 43 44.10 -11.63 35.16
CA SER A 43 44.94 -11.19 34.06
C SER A 43 44.09 -11.11 32.80
N ILE A 44 43.61 -9.90 32.51
CA ILE A 44 42.88 -9.66 31.28
C ILE A 44 43.81 -9.87 30.12
N SER A 45 43.47 -10.80 29.26
CA SER A 45 44.45 -11.36 28.35
C SER A 45 44.76 -10.39 27.23
N THR A 46 45.98 -10.51 26.69
CA THR A 46 46.36 -9.73 25.52
C THR A 46 45.55 -10.13 24.30
N GLU A 47 45.06 -11.36 24.26
CA GLU A 47 44.25 -11.76 23.12
C GLU A 47 42.88 -11.09 23.21
N THR A 48 42.37 -10.71 22.06
CA THR A 48 41.01 -10.22 21.96
C THR A 48 40.19 -11.24 21.19
N VAL A 49 38.88 -11.13 21.30
CA VAL A 49 38.00 -12.06 20.61
C VAL A 49 38.06 -11.80 19.11
N GLU A 50 38.48 -12.82 18.37
CA GLU A 50 38.60 -12.74 16.92
C GLU A 50 37.54 -13.64 16.33
N VAL A 51 36.71 -13.10 15.45
CA VAL A 51 35.62 -13.84 14.87
C VAL A 51 35.81 -14.09 13.39
N SER A 52 36.94 -13.68 12.82
CA SER A 52 37.13 -13.79 11.38
C SER A 52 37.38 -15.23 10.96
N GLN A 53 37.76 -16.09 11.89
CA GLN A 53 37.89 -17.51 11.60
C GLN A 53 36.64 -18.29 11.97
N GLY A 54 35.52 -17.60 12.18
CA GLY A 54 34.29 -18.24 12.58
C GLY A 54 34.20 -18.58 14.03
N LEU A 55 35.26 -18.35 14.80
CA LEU A 55 35.23 -18.62 16.23
C LEU A 55 34.30 -17.64 16.92
N GLY A 56 33.55 -18.12 17.90
CA GLY A 56 32.55 -17.32 18.57
C GLY A 56 31.15 -17.56 18.09
N THR A 57 30.98 -18.24 16.98
CA THR A 57 29.66 -18.46 16.44
C THR A 57 29.18 -19.85 16.80
N TYR A 58 27.95 -20.16 16.39
CA TYR A 58 27.39 -21.47 16.62
C TYR A 58 26.37 -21.75 15.53
N TYR A 59 26.24 -23.02 15.18
CA TYR A 59 25.40 -23.40 14.04
C TYR A 59 23.94 -23.18 14.35
N VAL A 60 23.19 -22.84 13.31
CA VAL A 60 21.75 -22.76 13.42
C VAL A 60 21.23 -24.17 13.63
N LEU A 61 20.32 -24.32 14.59
CA LEU A 61 19.67 -25.61 14.76
C LEU A 61 18.77 -25.91 13.57
N ASP A 62 18.86 -27.14 13.07
CA ASP A 62 17.87 -27.75 12.19
C ASP A 62 17.78 -27.07 10.82
N ARG A 63 18.91 -26.60 10.30
CA ARG A 63 18.96 -26.05 8.95
C ARG A 63 20.38 -26.23 8.42
N VAL A 64 20.48 -26.27 7.09
CA VAL A 64 21.78 -26.26 6.42
C VAL A 64 21.70 -25.25 5.29
N TYR A 65 22.68 -24.37 5.22
CA TYR A 65 22.83 -23.49 4.09
C TYR A 65 24.07 -23.91 3.32
N LEU A 66 24.16 -23.54 2.05
CA LEU A 66 25.30 -23.91 1.24
C LEU A 66 25.69 -22.76 0.31
N ASN A 67 26.99 -22.45 0.30
CA ASN A 67 27.63 -21.50 -0.64
C ASN A 67 26.98 -20.13 -0.58
N ALA A 68 26.61 -19.71 0.61
CA ALA A 68 25.78 -18.53 0.76
C ALA A 68 26.34 -17.64 1.86
N THR A 69 25.70 -16.48 2.04
CA THR A 69 26.06 -15.53 3.10
C THR A 69 24.74 -14.99 3.64
N LEU A 70 24.48 -15.17 4.92
CA LEU A 70 23.22 -14.75 5.50
C LEU A 70 23.43 -13.72 6.59
N LEU A 71 22.42 -12.91 6.82
CA LEU A 71 22.38 -12.00 7.95
C LEU A 71 21.50 -12.62 9.02
N LEU A 72 22.11 -13.19 10.04
CA LEU A 72 21.34 -13.90 11.06
C LEU A 72 21.51 -13.19 12.39
N THR A 73 20.95 -13.78 13.42
CA THR A 73 21.07 -13.23 14.76
C THR A 73 21.05 -14.35 15.78
N GLY A 74 21.11 -13.96 17.05
CA GLY A 74 21.15 -14.91 18.13
C GLY A 74 21.89 -14.36 19.34
N TYR A 75 22.87 -15.08 19.83
CA TYR A 75 23.64 -14.62 20.99
C TYR A 75 25.10 -14.89 20.72
N TYR A 76 25.92 -13.86 20.89
CA TYR A 76 27.23 -13.83 20.27
C TYR A 76 28.16 -12.92 21.04
N PRO A 77 29.48 -13.09 20.93
CA PRO A 77 30.40 -12.13 21.54
C PRO A 77 30.58 -10.89 20.66
N VAL A 78 30.79 -9.76 21.34
CA VAL A 78 31.14 -8.54 20.64
C VAL A 78 32.58 -8.64 20.16
N ASP A 79 32.83 -8.25 18.92
CA ASP A 79 34.18 -8.36 18.38
C ASP A 79 35.08 -7.29 18.97
N GLY A 80 36.34 -7.65 19.19
CA GLY A 80 37.31 -6.70 19.68
C GLY A 80 37.25 -6.43 21.15
N SER A 81 36.39 -7.12 21.89
CA SER A 81 36.41 -6.99 23.34
C SER A 81 37.51 -7.84 23.93
N LYS A 82 37.60 -7.84 25.25
CA LYS A 82 38.70 -8.47 25.94
C LYS A 82 38.23 -9.70 26.70
N PHE A 83 39.05 -10.74 26.68
CA PHE A 83 38.77 -11.98 27.36
C PHE A 83 39.02 -11.82 28.86
N ARG A 84 38.89 -12.91 29.60
CA ARG A 84 39.21 -12.94 31.02
C ARG A 84 39.84 -14.28 31.34
N ASN A 85 40.72 -14.29 32.33
CA ASN A 85 41.31 -15.52 32.82
C ASN A 85 40.74 -15.79 34.19
N LEU A 86 39.69 -16.59 34.26
CA LEU A 86 39.19 -17.00 35.55
C LEU A 86 39.88 -18.26 36.06
N ALA A 87 40.81 -18.82 35.30
CA ALA A 87 41.46 -20.07 35.70
C ALA A 87 42.48 -19.76 36.81
N LEU A 88 41.96 -19.69 38.03
CA LEU A 88 42.84 -19.62 39.17
C LEU A 88 43.54 -20.97 39.36
N ARG A 89 44.63 -20.95 40.11
CA ARG A 89 45.41 -22.17 40.28
C ARG A 89 46.00 -22.18 41.68
N GLY A 90 46.38 -23.37 42.11
CA GLY A 90 47.06 -23.51 43.37
C GLY A 90 47.69 -24.88 43.47
N THR A 91 48.40 -25.10 44.56
CA THR A 91 48.99 -26.41 44.81
C THR A 91 48.30 -27.11 45.96
N ASN A 92 48.30 -26.51 47.14
CA ASN A 92 47.56 -27.06 48.26
C ASN A 92 46.79 -26.03 49.06
N SER A 93 47.06 -24.75 48.91
CA SER A 93 46.30 -23.74 49.62
C SER A 93 45.35 -23.04 48.66
N VAL A 94 44.26 -22.54 49.20
CA VAL A 94 43.21 -21.89 48.43
C VAL A 94 42.98 -20.49 49.00
N SER A 95 43.12 -19.48 48.15
CA SER A 95 42.98 -18.09 48.61
C SER A 95 41.53 -17.79 48.93
N LEU A 96 41.29 -17.23 50.13
CA LEU A 96 39.92 -16.93 50.53
C LEU A 96 39.37 -15.73 49.78
N SER A 97 40.22 -14.79 49.41
CA SER A 97 39.73 -13.64 48.66
C SER A 97 39.49 -13.96 47.18
N TRP A 98 39.68 -15.22 46.77
CA TRP A 98 39.26 -15.62 45.44
C TRP A 98 37.74 -15.57 45.31
N PHE A 99 37.02 -15.90 46.37
CA PHE A 99 35.57 -16.05 46.27
C PHE A 99 34.91 -14.71 46.51
N GLN A 100 35.04 -13.83 45.53
CA GLN A 100 34.39 -12.51 45.48
C GLN A 100 34.45 -12.01 44.05
N PRO A 101 33.62 -11.04 43.68
CA PRO A 101 33.83 -10.36 42.40
C PRO A 101 35.14 -9.59 42.43
N PRO A 102 35.80 -9.41 41.28
CA PRO A 102 35.41 -9.78 39.93
C PRO A 102 35.84 -11.17 39.51
N TYR A 103 36.01 -12.10 40.45
CA TYR A 103 36.07 -13.49 40.06
C TYR A 103 34.67 -14.05 39.88
N LEU A 104 33.74 -13.57 40.68
CA LEU A 104 32.32 -13.65 40.33
C LEU A 104 32.06 -12.74 39.14
N ASN A 105 30.93 -12.94 38.48
CA ASN A 105 30.66 -12.18 37.27
C ASN A 105 29.16 -11.98 37.14
N GLN A 106 28.72 -11.63 35.93
CA GLN A 106 27.29 -11.46 35.63
C GLN A 106 26.97 -12.15 34.32
N PHE A 107 25.98 -13.04 34.35
CA PHE A 107 25.57 -13.89 33.22
C PHE A 107 24.39 -13.29 32.49
N ASN A 108 24.42 -11.97 32.31
CA ASN A 108 23.35 -11.21 31.70
C ASN A 108 22.89 -11.75 30.34
N ASP A 109 23.82 -12.06 29.45
CA ASP A 109 23.44 -12.58 28.16
C ASP A 109 24.29 -13.73 27.67
N GLY A 110 25.21 -14.25 28.46
CA GLY A 110 25.89 -15.43 28.00
C GLY A 110 27.39 -15.46 28.08
N ILE A 111 27.97 -16.63 27.84
CA ILE A 111 29.41 -16.81 27.80
C ILE A 111 29.76 -17.49 26.50
N PHE A 112 30.79 -17.00 25.83
CA PHE A 112 31.50 -17.77 24.82
C PHE A 112 32.83 -18.16 25.45
N ALA A 113 32.94 -19.38 25.92
CA ALA A 113 34.08 -19.82 26.69
C ALA A 113 35.08 -20.55 25.82
N LYS A 114 36.35 -20.22 26.00
CA LYS A 114 37.45 -20.96 25.40
C LYS A 114 38.27 -21.55 26.52
N VAL A 115 38.34 -22.87 26.58
CA VAL A 115 39.00 -23.59 27.65
C VAL A 115 40.14 -24.39 27.04
N GLN A 116 41.37 -23.94 27.30
CA GLN A 116 42.54 -24.68 26.84
C GLN A 116 42.72 -25.92 27.70
N ASN A 117 42.91 -27.06 27.05
CA ASN A 117 43.02 -28.31 27.77
C ASN A 117 44.39 -28.46 28.40
N LEU A 118 44.41 -28.99 29.62
CA LEU A 118 45.65 -29.19 30.35
C LEU A 118 45.84 -30.63 30.82
N LYS A 119 45.37 -31.61 30.04
CA LYS A 119 45.67 -33.00 30.37
C LYS A 119 47.14 -33.31 30.21
N THR A 120 47.79 -32.70 29.22
CA THR A 120 49.20 -32.93 28.94
C THR A 120 50.13 -32.38 30.02
N SER A 121 49.65 -31.52 30.91
CA SER A 121 50.47 -31.00 32.00
C SER A 121 50.11 -31.59 33.36
N THR A 122 49.06 -32.39 33.43
CA THR A 122 48.69 -33.03 34.68
C THR A 122 49.39 -34.37 34.82
N PRO A 123 49.51 -34.88 36.04
CA PRO A 123 49.92 -36.27 36.22
C PRO A 123 48.87 -37.24 35.70
N SER A 124 49.30 -38.50 35.56
CA SER A 124 48.50 -39.48 34.81
C SER A 124 47.28 -39.95 35.59
N GLY A 125 47.35 -39.98 36.91
CA GLY A 125 46.21 -40.43 37.68
C GLY A 125 45.08 -39.45 37.80
N ALA A 126 45.20 -38.27 37.20
CA ALA A 126 44.21 -37.21 37.30
C ALA A 126 42.94 -37.57 36.55
N THR A 127 41.86 -36.87 36.90
CA THR A 127 40.55 -37.14 36.30
C THR A 127 40.05 -35.97 35.47
N ALA A 128 39.92 -34.78 36.04
CA ALA A 128 39.37 -33.66 35.30
C ALA A 128 40.49 -32.91 34.60
N TYR A 129 40.34 -32.72 33.30
CA TYR A 129 41.42 -32.20 32.48
C TYR A 129 41.36 -30.70 32.28
N PHE A 130 40.27 -30.06 32.68
CA PHE A 130 40.16 -28.61 32.65
C PHE A 130 39.18 -28.20 33.74
N PRO A 131 39.29 -27.01 34.33
CA PRO A 131 38.48 -26.68 35.49
C PRO A 131 37.00 -26.54 35.15
N THR A 132 36.17 -26.76 36.16
CA THR A 132 34.73 -26.86 35.94
C THR A 132 34.04 -25.54 36.16
N ILE A 133 32.83 -25.44 35.63
CA ILE A 133 32.09 -24.18 35.53
C ILE A 133 30.71 -24.34 36.15
N VAL A 134 30.32 -23.36 36.97
CA VAL A 134 29.00 -23.34 37.57
C VAL A 134 28.29 -22.08 37.11
N ILE A 135 26.96 -22.17 36.97
CA ILE A 135 26.11 -21.07 36.57
C ILE A 135 24.85 -21.12 37.42
N GLY A 136 24.53 -20.05 38.13
CA GLY A 136 23.34 -20.10 38.95
C GLY A 136 22.82 -18.71 39.25
N SER A 137 21.66 -18.68 39.93
CA SER A 137 21.02 -17.43 40.29
C SER A 137 21.45 -16.96 41.67
N LEU A 138 21.18 -17.76 42.70
CA LEU A 138 21.77 -17.55 44.00
C LEU A 138 22.66 -18.69 44.44
N PHE A 139 22.65 -19.81 43.72
CA PHE A 139 23.29 -21.08 44.05
C PHE A 139 22.79 -21.69 45.34
N GLY A 140 21.74 -21.14 45.95
CA GLY A 140 21.25 -21.67 47.19
C GLY A 140 20.41 -22.89 46.97
N TYR A 141 19.84 -23.39 48.04
CA TYR A 141 19.08 -24.64 48.01
C TYR A 141 17.75 -24.52 47.32
N THR A 142 17.41 -23.31 46.91
CA THR A 142 16.12 -23.02 46.31
C THR A 142 16.09 -23.10 44.79
N SER A 143 17.15 -22.71 44.10
CA SER A 143 17.04 -22.56 42.66
C SER A 143 17.99 -23.50 41.96
N TYR A 144 17.70 -23.74 40.69
CA TYR A 144 18.52 -24.63 39.90
C TYR A 144 19.82 -23.94 39.54
N THR A 145 20.89 -24.72 39.46
CA THR A 145 22.15 -24.25 38.93
C THR A 145 22.48 -25.06 37.70
N VAL A 146 23.56 -24.70 37.06
CA VAL A 146 24.10 -25.49 35.96
C VAL A 146 25.54 -25.84 36.32
N VAL A 147 25.85 -27.12 36.30
CA VAL A 147 27.21 -27.57 36.53
C VAL A 147 27.68 -28.30 35.28
N ILE A 148 28.87 -27.95 34.81
CA ILE A 148 29.49 -28.72 33.75
C ILE A 148 30.84 -29.23 34.25
N GLU A 149 31.00 -30.54 34.31
CA GLU A 149 32.22 -31.13 34.86
C GLU A 149 32.80 -32.19 33.95
N PRO A 150 34.04 -32.04 33.50
CA PRO A 150 34.69 -33.12 32.75
C PRO A 150 35.20 -34.20 33.68
N TYR A 151 34.85 -35.45 33.37
CA TYR A 151 35.40 -36.59 34.08
C TYR A 151 35.63 -37.72 33.11
N ASN A 152 36.86 -38.23 33.07
CA ASN A 152 37.26 -39.38 32.26
C ASN A 152 36.99 -39.15 30.77
N GLY A 153 37.12 -37.90 30.35
CA GLY A 153 36.89 -37.55 28.96
C GLY A 153 35.44 -37.49 28.56
N VAL A 154 34.51 -37.56 29.50
CA VAL A 154 33.10 -37.33 29.22
C VAL A 154 32.67 -36.13 30.06
N ILE A 155 31.55 -35.52 29.67
CA ILE A 155 31.06 -34.32 30.36
C ILE A 155 29.92 -34.73 31.29
N MET A 156 30.07 -34.42 32.57
CA MET A 156 29.05 -34.75 33.55
C MET A 156 28.16 -33.54 33.79
N ALA A 157 27.47 -33.12 32.73
CA ALA A 157 26.57 -31.98 32.84
C ALA A 157 25.34 -32.37 33.62
N SER A 158 24.97 -31.51 34.56
CA SER A 158 23.84 -31.83 35.42
C SER A 158 23.17 -30.57 35.95
N VAL A 159 22.06 -30.19 35.35
CA VAL A 159 21.35 -28.98 35.71
C VAL A 159 20.56 -29.33 36.97
N CYS A 160 21.18 -29.14 38.12
CA CYS A 160 20.62 -29.74 39.31
C CYS A 160 20.78 -28.87 40.53
N GLN A 161 19.77 -28.92 41.39
CA GLN A 161 19.70 -28.08 42.58
C GLN A 161 20.71 -28.58 43.61
N TYR A 162 21.95 -28.14 43.43
CA TYR A 162 23.01 -28.50 44.34
C TYR A 162 23.17 -27.44 45.41
N THR A 163 23.31 -27.87 46.66
CA THR A 163 23.71 -26.98 47.75
C THR A 163 25.21 -26.75 47.67
N ILE A 164 25.59 -25.67 47.00
CA ILE A 164 26.98 -25.44 46.67
C ILE A 164 27.76 -24.93 47.87
N CYS A 165 28.97 -25.46 48.03
CA CYS A 165 29.83 -25.18 49.16
C CYS A 165 30.29 -23.73 49.18
N GLN A 166 30.68 -23.26 50.37
CA GLN A 166 31.17 -21.90 50.51
C GLN A 166 32.58 -21.74 49.98
N LEU A 167 33.37 -22.79 50.00
CA LEU A 167 34.71 -22.78 49.40
C LEU A 167 34.82 -23.85 48.33
N PRO A 168 34.21 -23.63 47.17
CA PRO A 168 34.26 -24.65 46.13
C PRO A 168 35.61 -24.67 45.44
N TYR A 169 35.98 -25.85 44.95
CA TYR A 169 37.15 -26.09 44.11
C TYR A 169 37.08 -27.50 43.57
N THR A 170 37.63 -27.73 42.39
CA THR A 170 37.73 -29.09 41.88
C THR A 170 39.18 -29.54 42.01
N ASP A 171 39.46 -30.73 41.49
CA ASP A 171 40.81 -31.26 41.48
C ASP A 171 41.09 -31.92 40.15
N CYS A 172 42.36 -31.91 39.76
CA CYS A 172 42.79 -32.80 38.69
C CYS A 172 42.73 -34.24 39.16
N LYS A 173 43.39 -34.53 40.27
CA LYS A 173 43.42 -35.87 40.85
C LYS A 173 42.84 -35.87 42.25
N PRO A 174 41.53 -35.85 42.41
CA PRO A 174 40.96 -35.90 43.75
C PRO A 174 41.01 -37.32 44.30
N ASN A 175 41.23 -37.43 45.60
CA ASN A 175 41.14 -38.72 46.27
C ASN A 175 40.51 -38.53 47.64
N THR A 176 39.53 -39.39 47.93
CA THR A 176 38.90 -39.46 49.23
C THR A 176 39.14 -40.86 49.78
N ASN A 177 39.63 -40.94 51.00
CA ASN A 177 39.97 -42.23 51.63
C ASN A 177 38.73 -42.81 52.30
N GLY A 178 37.71 -43.05 51.47
CA GLY A 178 36.46 -43.63 51.94
C GLY A 178 35.64 -42.74 52.85
N ASN A 179 35.92 -41.44 52.85
CA ASN A 179 35.33 -40.51 53.79
C ASN A 179 34.09 -39.90 53.15
N LYS A 180 32.93 -40.44 53.48
CA LYS A 180 31.72 -40.11 52.74
C LYS A 180 31.11 -38.78 53.15
N LEU A 181 31.66 -38.10 54.15
CA LEU A 181 31.14 -36.79 54.51
C LEU A 181 31.87 -35.66 53.80
N ILE A 182 32.96 -35.96 53.10
CA ILE A 182 33.68 -34.92 52.38
C ILE A 182 32.97 -34.60 51.08
N GLY A 183 32.86 -33.31 50.79
CA GLY A 183 32.46 -32.86 49.48
C GLY A 183 33.52 -31.98 48.89
N PHE A 184 33.75 -32.09 47.58
CA PHE A 184 34.67 -31.17 46.93
C PHE A 184 34.05 -29.79 46.81
N TRP A 185 32.85 -29.72 46.25
CA TRP A 185 32.19 -28.44 46.07
C TRP A 185 30.70 -28.43 46.36
N HIS A 186 30.08 -29.56 46.71
CA HIS A 186 28.67 -29.58 47.07
C HIS A 186 28.42 -30.75 48.00
N THR A 187 27.61 -30.50 49.03
CA THR A 187 27.40 -31.45 50.11
C THR A 187 25.92 -31.76 50.26
N ASP A 188 25.25 -32.07 49.17
CA ASP A 188 23.97 -32.75 49.26
C ASP A 188 24.18 -34.13 49.83
N VAL A 189 23.26 -34.58 50.68
CA VAL A 189 23.28 -35.94 51.18
C VAL A 189 22.10 -36.76 50.67
N LYS A 190 21.08 -36.11 50.14
CA LYS A 190 19.97 -36.74 49.46
C LYS A 190 20.17 -36.64 47.96
N PRO A 191 19.45 -37.44 47.18
CA PRO A 191 19.36 -37.18 45.73
C PRO A 191 18.73 -35.82 45.48
N PRO A 192 19.43 -34.95 44.76
CA PRO A 192 18.89 -33.61 44.51
C PRO A 192 17.92 -33.60 43.35
N ILE A 193 16.85 -32.85 43.51
CA ILE A 193 15.74 -32.86 42.57
C ILE A 193 16.10 -32.08 41.32
N CYS A 194 16.05 -32.73 40.16
CA CYS A 194 16.45 -32.04 38.95
C CYS A 194 15.91 -32.70 37.68
N VAL A 195 16.30 -32.10 36.56
CA VAL A 195 15.61 -32.28 35.32
C VAL A 195 16.47 -32.98 34.27
N LEU A 196 17.79 -32.97 34.41
CA LEU A 196 18.64 -33.53 33.37
C LEU A 196 20.01 -33.86 33.96
N LYS A 197 20.54 -34.99 33.53
CA LYS A 197 21.89 -35.40 33.91
C LYS A 197 22.37 -36.37 32.85
N ARG A 198 23.29 -35.93 32.01
CA ARG A 198 23.69 -36.72 30.85
C ARG A 198 25.20 -36.79 30.77
N ASN A 199 25.68 -37.55 29.79
CA ASN A 199 27.10 -37.69 29.53
C ASN A 199 27.34 -37.45 28.05
N PHE A 200 28.44 -36.76 27.73
CA PHE A 200 28.81 -36.48 26.35
C PHE A 200 30.32 -36.56 26.23
N THR A 201 30.78 -37.27 25.21
CA THR A 201 32.21 -37.56 25.09
C THR A 201 32.99 -36.33 24.63
N LEU A 202 34.31 -36.46 24.70
CA LEU A 202 35.22 -35.38 24.35
C LEU A 202 36.36 -35.93 23.53
N ASN A 203 36.83 -35.16 22.55
CA ASN A 203 38.07 -35.50 21.87
C ASN A 203 39.23 -35.21 22.82
N VAL A 204 39.68 -36.25 23.54
CA VAL A 204 40.48 -36.06 24.74
C VAL A 204 41.87 -35.53 24.44
N ASN A 205 42.35 -35.67 23.21
CA ASN A 205 43.65 -35.13 22.88
C ASN A 205 43.57 -33.82 22.11
N ALA A 206 42.42 -33.16 22.11
CA ALA A 206 42.33 -31.83 21.54
C ALA A 206 43.05 -30.83 22.43
N ASP A 207 43.60 -29.79 21.82
CA ASP A 207 44.38 -28.80 22.56
C ASP A 207 43.50 -27.98 23.48
N ALA A 208 42.24 -27.78 23.12
CA ALA A 208 41.39 -26.85 23.83
C ALA A 208 39.95 -27.30 23.64
N PHE A 209 39.00 -26.45 24.02
CA PHE A 209 37.59 -26.69 23.79
C PHE A 209 36.93 -25.35 23.54
N TYR A 210 35.69 -25.39 23.07
CA TYR A 210 34.91 -24.18 22.84
C TYR A 210 33.47 -24.42 23.27
N PHE A 211 32.79 -23.35 23.63
CA PHE A 211 31.47 -23.47 24.23
C PHE A 211 30.59 -22.30 23.83
N HIS A 212 29.36 -22.35 24.29
CA HIS A 212 28.37 -21.29 24.18
C HIS A 212 27.30 -21.60 25.19
N PHE A 213 27.10 -20.73 26.16
CA PHE A 213 26.01 -20.91 27.10
C PHE A 213 25.20 -19.63 27.11
N TYR A 214 23.90 -19.71 26.86
CA TYR A 214 23.05 -18.55 27.05
C TYR A 214 21.69 -18.98 27.55
N GLN A 215 21.00 -18.04 28.17
CA GLN A 215 19.61 -18.23 28.55
C GLN A 215 18.74 -17.29 27.73
N HIS A 216 17.57 -17.77 27.35
CA HIS A 216 16.67 -17.01 26.48
C HIS A 216 15.27 -17.58 26.66
N GLY A 217 14.39 -16.79 27.23
CA GLY A 217 13.08 -17.31 27.58
C GLY A 217 13.12 -18.33 28.68
N GLY A 218 14.15 -18.32 29.50
CA GLY A 218 14.28 -19.25 30.60
C GLY A 218 15.02 -20.51 30.25
N THR A 219 14.83 -21.00 29.03
CA THR A 219 15.51 -22.22 28.61
C THR A 219 16.98 -21.97 28.44
N PHE A 220 17.78 -22.67 29.23
CA PHE A 220 19.23 -22.59 29.15
C PHE A 220 19.70 -23.37 27.93
N TYR A 221 20.70 -22.84 27.25
CA TYR A 221 21.22 -23.47 26.05
C TYR A 221 22.65 -23.88 26.29
N ALA A 222 23.18 -24.71 25.41
CA ALA A 222 24.53 -25.24 25.59
C ALA A 222 25.10 -25.75 24.30
N TYR A 223 26.36 -25.47 24.04
CA TYR A 223 27.03 -25.87 22.81
C TYR A 223 28.46 -26.23 23.15
N TYR A 224 29.04 -27.17 22.42
CA TYR A 224 30.46 -27.49 22.62
C TYR A 224 31.05 -27.85 21.27
N ALA A 225 32.37 -27.99 21.22
CA ALA A 225 33.02 -28.32 19.96
C ALA A 225 34.31 -29.08 20.28
N ASP A 226 35.21 -29.13 19.32
CA ASP A 226 36.54 -29.67 19.53
C ASP A 226 37.65 -28.86 18.87
N LYS A 227 37.32 -27.90 18.04
CA LYS A 227 38.33 -27.15 17.30
C LYS A 227 37.85 -25.71 17.16
N PRO A 228 38.77 -24.76 16.92
CA PRO A 228 38.36 -23.37 16.69
C PRO A 228 37.81 -23.13 15.29
N SER A 229 36.67 -23.75 14.99
CA SER A 229 35.90 -23.41 13.80
C SER A 229 34.53 -22.84 14.16
N ALA A 230 33.72 -23.62 14.88
CA ALA A 230 32.36 -23.26 15.26
C ALA A 230 31.87 -24.34 16.21
N THR A 231 30.66 -24.22 16.71
CA THR A 231 30.12 -25.25 17.55
C THR A 231 28.70 -25.63 17.18
N THR A 232 28.27 -26.79 17.68
CA THR A 232 26.97 -27.37 17.40
C THR A 232 26.26 -27.64 18.72
N PHE A 233 25.06 -28.20 18.61
CA PHE A 233 24.16 -28.32 19.75
C PHE A 233 24.65 -29.38 20.72
N LEU A 234 24.47 -29.10 22.01
CA LEU A 234 24.74 -30.10 23.03
C LEU A 234 23.50 -30.49 23.80
N PHE A 235 22.84 -29.56 24.50
CA PHE A 235 21.60 -29.85 25.20
C PHE A 235 20.93 -28.55 25.59
N SER A 236 19.63 -28.62 25.83
CA SER A 236 18.85 -27.47 26.26
C SER A 236 17.82 -27.95 27.27
N VAL A 237 17.64 -27.18 28.33
CA VAL A 237 16.81 -27.55 29.46
C VAL A 237 15.81 -26.44 29.69
N TYR A 238 15.03 -26.57 30.76
CA TYR A 238 14.10 -25.54 31.17
C TYR A 238 14.37 -25.17 32.62
N ILE A 239 14.88 -23.96 32.84
CA ILE A 239 15.04 -23.42 34.18
C ILE A 239 14.15 -22.19 34.26
N GLY A 240 13.23 -22.18 35.22
CA GLY A 240 12.29 -21.07 35.29
C GLY A 240 12.92 -19.78 35.74
N ASP A 241 13.98 -19.87 36.54
CA ASP A 241 14.65 -18.67 37.03
C ASP A 241 15.49 -18.11 35.89
N ILE A 242 15.84 -16.82 35.97
CA ILE A 242 16.80 -16.27 35.04
C ILE A 242 18.17 -16.25 35.68
N LEU A 243 19.14 -16.90 35.03
CA LEU A 243 20.47 -17.12 35.58
C LEU A 243 21.25 -15.81 35.65
N THR A 244 21.91 -15.60 36.79
CA THR A 244 22.49 -14.30 37.10
C THR A 244 24.01 -14.30 37.02
N GLN A 245 24.69 -15.20 37.72
CA GLN A 245 26.13 -15.11 37.85
C GLN A 245 26.76 -16.49 37.71
N TYR A 246 27.99 -16.49 37.24
CA TYR A 246 28.74 -17.72 37.03
C TYR A 246 30.10 -17.59 37.70
N TYR A 247 30.66 -18.72 38.10
CA TYR A 247 31.91 -18.70 38.83
C TYR A 247 32.73 -19.90 38.43
N VAL A 248 33.81 -19.68 37.69
CA VAL A 248 34.70 -20.77 37.35
C VAL A 248 35.39 -21.26 38.61
N LEU A 249 35.25 -22.54 38.91
CA LEU A 249 35.72 -23.07 40.17
C LEU A 249 37.23 -23.23 40.15
N PRO A 250 37.87 -23.17 41.31
CA PRO A 250 39.32 -23.29 41.35
C PRO A 250 39.79 -24.70 41.12
N PHE A 251 41.01 -24.78 40.61
CA PHE A 251 41.62 -26.00 40.11
C PHE A 251 42.83 -26.29 40.98
N ILE A 252 42.84 -27.45 41.60
CA ILE A 252 43.92 -27.84 42.47
C ILE A 252 44.61 -29.06 41.89
N CYS A 253 45.93 -28.94 41.69
CA CYS A 253 46.70 -30.04 41.13
C CYS A 253 48.17 -29.78 41.46
N ASN A 254 48.99 -30.81 41.31
CA ASN A 254 50.43 -30.69 41.45
C ASN A 254 51.08 -31.39 40.27
N PRO A 255 51.74 -30.66 39.38
CA PRO A 255 52.48 -31.30 38.29
C PRO A 255 53.67 -32.06 38.85
N THR A 256 53.71 -33.36 38.59
CA THR A 256 54.75 -34.22 39.19
C THR A 256 56.11 -33.86 38.63
N ALA A 257 56.17 -33.55 37.34
CA ALA A 257 57.34 -32.87 36.79
C ALA A 257 57.20 -31.37 37.03
N GLY A 258 58.29 -30.76 37.48
CA GLY A 258 58.31 -29.32 37.69
C GLY A 258 58.27 -28.57 36.37
N SER A 259 57.14 -27.94 36.08
CA SER A 259 56.91 -27.37 34.76
C SER A 259 56.04 -26.14 34.91
N THR A 260 55.45 -25.69 33.81
CA THR A 260 54.62 -24.50 33.77
C THR A 260 53.16 -24.94 33.79
N PHE A 261 52.62 -25.12 34.99
CA PHE A 261 51.24 -25.55 35.16
C PHE A 261 50.33 -24.33 35.22
N ALA A 262 49.95 -23.85 34.04
CA ALA A 262 49.07 -22.69 33.92
C ALA A 262 47.75 -23.13 33.33
N PRO A 263 46.72 -23.36 34.15
CA PRO A 263 45.37 -23.59 33.62
C PRO A 263 44.87 -22.35 32.92
N ARG A 264 44.10 -22.56 31.86
CA ARG A 264 43.60 -21.45 31.06
C ARG A 264 42.11 -21.62 30.87
N TYR A 265 41.36 -20.57 31.19
CA TYR A 265 39.90 -20.53 31.03
C TYR A 265 39.56 -19.14 30.52
N TRP A 266 39.32 -19.03 29.22
CA TRP A 266 38.92 -17.75 28.68
C TRP A 266 37.41 -17.62 28.66
N VAL A 267 36.92 -16.43 28.97
CA VAL A 267 35.50 -16.15 29.11
C VAL A 267 35.25 -14.74 28.57
N THR A 268 34.22 -14.59 27.74
CA THR A 268 33.73 -13.28 27.34
C THR A 268 32.23 -13.26 27.49
N PRO A 269 31.63 -12.10 27.78
CA PRO A 269 30.17 -12.04 27.87
C PRO A 269 29.53 -11.74 26.53
N LEU A 270 28.37 -12.35 26.30
CA LEU A 270 27.70 -12.24 25.01
C LEU A 270 26.84 -10.98 24.93
N VAL A 271 26.12 -10.87 23.82
CA VAL A 271 25.11 -9.84 23.63
C VAL A 271 24.15 -10.37 22.57
N LYS A 272 22.94 -9.83 22.49
CA LYS A 272 22.17 -10.08 21.29
C LYS A 272 22.70 -9.22 20.16
N ARG A 273 22.75 -9.79 18.98
CA ARG A 273 23.54 -9.17 17.94
C ARG A 273 23.12 -9.75 16.60
N GLN A 274 23.23 -8.94 15.57
CA GLN A 274 23.07 -9.39 14.20
C GLN A 274 24.45 -9.66 13.61
N TYR A 275 24.63 -10.84 13.05
CA TYR A 275 25.90 -11.24 12.46
C TYR A 275 25.76 -11.39 10.96
N LEU A 276 26.87 -11.70 10.33
CA LEU A 276 26.91 -12.11 8.93
C LEU A 276 27.75 -13.38 8.86
N PHE A 277 27.14 -14.45 8.40
CA PHE A 277 27.87 -15.70 8.24
C PHE A 277 28.30 -15.87 6.79
N ASN A 278 29.14 -16.87 6.57
CA ASN A 278 29.51 -17.30 5.23
C ASN A 278 29.89 -18.76 5.31
N PHE A 279 29.07 -19.62 4.74
CA PHE A 279 29.36 -21.04 4.70
C PHE A 279 30.15 -21.37 3.44
N ASN A 280 30.81 -22.52 3.47
CA ASN A 280 31.51 -23.02 2.30
C ASN A 280 30.53 -23.83 1.45
N GLN A 281 31.06 -24.61 0.51
CA GLN A 281 30.19 -25.53 -0.21
C GLN A 281 29.95 -26.83 0.56
N LYS A 282 30.54 -26.99 1.74
CA LYS A 282 30.30 -28.17 2.55
C LYS A 282 29.46 -27.90 3.77
N GLY A 283 29.14 -26.63 4.05
CA GLY A 283 28.41 -26.34 5.26
C GLY A 283 29.27 -26.10 6.47
N VAL A 284 30.53 -25.72 6.26
CA VAL A 284 31.44 -25.37 7.34
C VAL A 284 31.56 -23.85 7.38
N ILE A 285 31.46 -23.29 8.59
CA ILE A 285 31.51 -21.84 8.74
C ILE A 285 32.90 -21.35 8.44
N THR A 286 33.02 -20.48 7.45
CA THR A 286 34.31 -20.02 6.99
C THR A 286 34.79 -18.78 7.71
N SER A 287 34.05 -17.70 7.61
CA SER A 287 34.54 -16.41 8.07
C SER A 287 33.35 -15.54 8.41
N ALA A 288 32.99 -15.49 9.68
CA ALA A 288 31.85 -14.73 10.16
C ALA A 288 32.31 -13.34 10.57
N VAL A 289 31.34 -12.43 10.67
CA VAL A 289 31.63 -11.05 11.03
C VAL A 289 30.62 -10.59 12.06
N ASP A 290 31.10 -10.14 13.21
CA ASP A 290 30.30 -9.37 14.14
C ASP A 290 30.23 -7.97 13.54
N CYS A 291 29.18 -7.73 12.78
CA CYS A 291 29.15 -6.53 11.95
C CYS A 291 28.94 -5.26 12.73
N ALA A 292 28.35 -5.33 13.92
CA ALA A 292 28.15 -4.14 14.71
C ALA A 292 29.31 -3.84 15.66
N SER A 293 30.54 -4.17 15.27
CA SER A 293 31.70 -3.79 16.05
C SER A 293 32.36 -2.54 15.46
N SER A 294 32.80 -2.63 14.22
CA SER A 294 33.57 -1.57 13.61
C SER A 294 33.13 -1.42 12.16
N TYR A 295 33.76 -0.47 11.47
CA TYR A 295 33.28 -0.13 10.14
C TYR A 295 33.77 -1.11 9.10
N THR A 296 34.97 -1.66 9.29
CA THR A 296 35.38 -2.86 8.56
C THR A 296 34.34 -3.97 8.70
N SER A 297 33.78 -4.11 9.87
CA SER A 297 32.72 -5.08 10.09
C SER A 297 31.37 -4.62 9.56
N GLU A 298 31.08 -3.31 9.60
CA GLU A 298 29.71 -2.87 9.33
C GLU A 298 29.46 -2.67 7.84
N ILE A 299 30.48 -2.33 7.07
CA ILE A 299 30.31 -2.25 5.63
C ILE A 299 30.20 -3.65 5.04
N LYS A 300 30.79 -4.63 5.71
CA LYS A 300 30.52 -6.03 5.37
C LYS A 300 29.09 -6.40 5.73
N CYS A 301 28.53 -5.80 6.78
CA CYS A 301 27.16 -6.08 7.17
C CYS A 301 26.14 -5.53 6.18
N LYS A 302 26.52 -4.54 5.38
CA LYS A 302 25.59 -3.91 4.47
C LYS A 302 25.53 -4.60 3.13
N THR A 303 26.68 -4.91 2.55
CA THR A 303 26.72 -5.44 1.20
C THR A 303 26.43 -6.92 1.13
N GLN A 304 26.29 -7.59 2.28
CA GLN A 304 25.99 -9.03 2.40
C GLN A 304 27.01 -9.88 1.65
N SER A 305 28.29 -9.52 1.75
CA SER A 305 29.32 -10.16 0.96
C SER A 305 30.66 -9.94 1.64
N MET A 306 31.42 -11.00 1.81
CA MET A 306 32.74 -10.88 2.40
C MET A 306 33.68 -10.12 1.49
N LEU A 307 34.39 -9.15 2.07
CA LEU A 307 35.36 -8.28 1.41
C LEU A 307 34.73 -7.54 0.25
N PRO A 308 33.87 -6.57 0.49
CA PRO A 308 33.14 -5.92 -0.60
C PRO A 308 34.03 -4.97 -1.38
N SER A 309 33.47 -4.47 -2.47
CA SER A 309 34.23 -3.69 -3.42
C SER A 309 34.44 -2.26 -2.93
N THR A 310 35.11 -1.47 -3.76
CA THR A 310 35.40 -0.09 -3.44
C THR A 310 34.16 0.77 -3.54
N GLY A 311 34.32 2.04 -3.24
CA GLY A 311 33.25 2.99 -3.40
C GLY A 311 33.02 3.74 -2.10
N VAL A 312 31.84 4.37 -2.03
CA VAL A 312 31.42 5.11 -0.86
C VAL A 312 30.15 4.47 -0.34
N TYR A 313 30.03 4.35 0.97
CA TYR A 313 28.95 3.59 1.58
C TYR A 313 28.38 4.40 2.74
N GLU A 314 27.12 4.81 2.63
CA GLU A 314 26.51 5.49 3.76
C GLU A 314 26.07 4.47 4.79
N LEU A 315 26.42 4.70 6.04
CA LEU A 315 26.10 3.79 7.13
C LEU A 315 24.76 4.18 7.72
N SER A 316 24.46 3.64 8.91
CA SER A 316 23.17 3.90 9.55
C SER A 316 23.06 5.34 10.01
N GLY A 317 23.96 5.76 10.92
CA GLY A 317 24.00 7.14 11.34
C GLY A 317 24.37 7.41 12.79
N TYR A 318 23.93 6.54 13.71
CA TYR A 318 24.40 6.49 15.10
C TYR A 318 24.18 7.81 15.84
N THR A 319 22.91 8.08 16.12
CA THR A 319 22.50 9.27 16.85
C THR A 319 23.13 9.35 18.24
N VAL A 320 23.11 10.56 18.79
CA VAL A 320 23.75 10.82 20.07
C VAL A 320 22.98 10.11 21.17
N GLN A 321 23.70 9.39 22.00
CA GLN A 321 22.98 8.64 23.03
C GLN A 321 22.66 9.56 24.21
N PRO A 322 21.41 9.63 24.63
CA PRO A 322 21.05 10.49 25.76
C PRO A 322 21.51 9.90 27.08
N VAL A 323 21.59 10.76 28.09
CA VAL A 323 22.25 10.40 29.34
C VAL A 323 21.33 10.35 30.54
N GLY A 324 20.23 11.10 30.61
CA GLY A 324 19.48 11.17 31.85
C GLY A 324 18.02 10.80 31.74
N VAL A 325 17.44 10.31 32.85
CA VAL A 325 16.05 9.89 32.87
C VAL A 325 15.15 10.99 33.42
N VAL A 326 15.60 12.25 33.34
CA VAL A 326 14.87 13.38 33.91
C VAL A 326 13.51 13.55 33.25
N TYR A 327 12.47 13.50 34.09
CA TYR A 327 11.12 13.78 33.63
C TYR A 327 10.37 14.48 34.74
N ARG A 328 9.50 15.37 34.33
CA ARG A 328 8.91 16.36 35.22
C ARG A 328 7.40 16.24 35.16
N ARG A 329 6.78 16.15 36.32
CA ARG A 329 5.34 16.08 36.38
C ARG A 329 4.83 17.23 37.25
N VAL A 330 3.52 17.38 37.24
CA VAL A 330 2.88 18.30 38.17
C VAL A 330 3.07 17.76 39.58
N ALA A 331 3.27 18.66 40.53
CA ALA A 331 3.47 18.31 41.93
C ALA A 331 2.20 17.74 42.55
N ASN A 332 2.29 17.51 43.87
CA ASN A 332 1.36 16.64 44.59
C ASN A 332 -0.10 17.11 44.52
N LEU A 333 -0.98 16.17 44.19
CA LEU A 333 -2.38 16.40 43.93
C LEU A 333 -3.20 15.46 44.81
N PRO A 334 -4.48 15.76 45.08
CA PRO A 334 -5.30 14.82 45.84
C PRO A 334 -5.64 13.58 45.03
N ALA A 335 -6.14 12.57 45.75
CA ALA A 335 -6.58 11.34 45.12
C ALA A 335 -8.05 11.46 44.76
N CYS A 336 -8.34 11.47 43.46
CA CYS A 336 -9.71 11.66 43.00
C CYS A 336 -10.58 10.44 43.24
N ASN A 337 -9.98 9.25 43.28
CA ASN A 337 -10.62 8.02 43.73
C ASN A 337 -11.83 7.66 42.86
N ILE A 338 -11.53 7.27 41.63
CA ILE A 338 -12.52 6.76 40.68
C ILE A 338 -13.28 5.57 41.24
N GLU A 339 -12.66 4.80 42.13
CA GLU A 339 -13.35 3.70 42.80
C GLU A 339 -14.46 4.21 43.70
N GLU A 340 -14.36 5.44 44.20
CA GLU A 340 -15.43 5.98 45.01
C GLU A 340 -16.62 6.40 44.15
N TRP A 341 -16.44 6.43 42.84
CA TRP A 341 -17.54 6.80 41.96
C TRP A 341 -18.03 5.60 41.15
N LEU A 342 -17.15 4.65 40.84
CA LEU A 342 -17.60 3.45 40.14
C LEU A 342 -18.43 2.56 41.05
N THR A 343 -17.97 2.35 42.27
CA THR A 343 -18.66 1.48 43.18
C THR A 343 -19.66 2.21 44.07
N ALA A 344 -20.22 3.31 43.59
CA ALA A 344 -21.21 4.02 44.39
C ALA A 344 -22.54 3.28 44.36
N ARG A 345 -23.44 3.69 45.26
CA ARG A 345 -24.75 3.05 45.31
C ARG A 345 -25.65 3.53 44.19
N SER A 346 -25.46 4.75 43.74
CA SER A 346 -26.31 5.29 42.69
C SER A 346 -25.90 4.70 41.35
N VAL A 347 -26.56 3.62 40.97
CA VAL A 347 -26.28 2.94 39.71
C VAL A 347 -27.38 3.34 38.75
N PRO A 348 -27.14 4.28 37.85
CA PRO A 348 -28.24 4.91 37.14
C PRO A 348 -28.75 4.07 35.99
N SER A 349 -30.00 4.30 35.63
CA SER A 349 -30.59 3.70 34.45
C SER A 349 -29.93 4.25 33.20
N PRO A 350 -29.93 3.50 32.09
CA PRO A 350 -29.35 4.01 30.86
C PRO A 350 -30.16 5.07 30.19
N LEU A 351 -31.33 5.41 30.72
CA LEU A 351 -32.02 6.57 30.20
C LEU A 351 -31.34 7.84 30.65
N ASN A 352 -30.79 7.85 31.86
CA ASN A 352 -30.09 9.00 32.41
C ASN A 352 -28.76 8.54 32.98
N TRP A 353 -27.72 8.71 32.20
CA TRP A 353 -26.40 8.23 32.57
C TRP A 353 -25.54 9.41 32.92
N GLU A 354 -24.76 9.28 33.98
CA GLU A 354 -24.08 10.43 34.55
C GLU A 354 -22.60 10.37 34.23
N ARG A 355 -22.09 11.43 33.66
CA ARG A 355 -20.68 11.56 33.38
C ARG A 355 -20.10 12.46 34.46
N LYS A 356 -19.13 11.96 35.20
CA LYS A 356 -18.48 12.72 36.25
C LYS A 356 -17.02 12.90 35.85
N THR A 357 -16.73 14.02 35.22
CA THR A 357 -15.39 14.27 34.73
C THR A 357 -14.41 14.44 35.87
N PHE A 358 -13.20 13.91 35.69
CA PHE A 358 -12.12 14.09 36.65
C PHE A 358 -10.98 14.82 35.99
N GLN A 359 -10.45 15.82 36.68
CA GLN A 359 -9.17 16.40 36.30
C GLN A 359 -8.49 16.92 37.54
N ASN A 360 -7.17 17.09 37.42
CA ASN A 360 -6.27 17.45 38.52
C ASN A 360 -6.38 16.47 39.69
N CYS A 361 -6.03 15.21 39.42
CA CYS A 361 -5.97 14.20 40.46
C CYS A 361 -4.90 13.17 40.12
N ASN A 362 -4.69 12.25 41.05
CA ASN A 362 -3.87 11.08 40.83
C ASN A 362 -4.75 9.85 40.88
N PHE A 363 -4.46 8.89 40.02
CA PHE A 363 -5.28 7.70 39.84
C PHE A 363 -4.34 6.56 39.48
N ASN A 364 -4.73 5.34 39.84
CA ASN A 364 -3.85 4.19 39.67
C ASN A 364 -4.67 3.00 39.20
N LEU A 365 -4.23 2.39 38.10
CA LEU A 365 -4.95 1.26 37.55
C LEU A 365 -4.80 -0.01 38.38
N SER A 366 -3.78 -0.06 39.24
CA SER A 366 -3.67 -1.18 40.17
C SER A 366 -4.81 -1.16 41.16
N SER A 367 -5.02 -0.02 41.81
CA SER A 367 -6.09 0.11 42.79
C SER A 367 -7.45 0.07 42.12
N LEU A 368 -7.53 0.55 40.88
CA LEU A 368 -8.79 0.55 40.14
C LEU A 368 -9.23 -0.88 39.86
N LEU A 369 -8.33 -1.69 39.30
CA LEU A 369 -8.69 -3.04 38.92
C LEU A 369 -8.82 -3.94 40.12
N ARG A 370 -8.29 -3.53 41.27
CA ARG A 370 -8.35 -4.38 42.45
C ARG A 370 -9.75 -4.40 43.04
N TYR A 371 -10.41 -3.25 43.13
CA TYR A 371 -11.61 -3.15 43.93
C TYR A 371 -12.86 -3.48 43.13
N VAL A 372 -12.80 -3.35 41.81
CA VAL A 372 -13.92 -3.67 40.93
C VAL A 372 -13.95 -5.18 40.70
N GLN A 373 -15.03 -5.64 40.10
CA GLN A 373 -15.12 -7.04 39.67
C GLN A 373 -15.19 -7.07 38.15
N ALA A 374 -14.01 -7.07 37.53
CA ALA A 374 -13.92 -6.81 36.10
C ALA A 374 -14.25 -8.06 35.29
N GLU A 375 -14.68 -7.85 34.05
CA GLU A 375 -15.04 -8.97 33.18
C GLU A 375 -14.52 -8.79 31.75
N SER A 376 -14.33 -7.56 31.32
CA SER A 376 -13.69 -7.29 30.03
C SER A 376 -13.14 -5.88 30.02
N LEU A 377 -12.09 -5.68 29.24
CA LEU A 377 -11.48 -4.36 29.14
C LEU A 377 -11.06 -4.10 27.70
N PHE A 378 -11.95 -4.42 26.76
CA PHE A 378 -11.61 -4.23 25.36
C PHE A 378 -11.52 -2.75 25.00
N CYS A 379 -10.46 -2.35 24.34
CA CYS A 379 -10.45 -1.02 23.74
C CYS A 379 -9.72 -0.88 22.43
N ASN A 380 -10.00 0.26 21.82
CA ASN A 380 -9.41 0.74 20.59
C ASN A 380 -8.48 1.88 20.93
N ASN A 381 -7.37 1.98 20.21
CA ASN A 381 -6.43 3.09 20.15
C ASN A 381 -5.61 3.28 21.42
N ILE A 382 -5.98 2.61 22.52
CA ILE A 382 -5.32 2.66 23.83
C ILE A 382 -5.55 1.30 24.46
N ASP A 383 -4.51 0.73 25.04
CA ASP A 383 -4.62 -0.52 25.75
C ASP A 383 -4.26 -0.28 27.22
N ALA A 384 -4.28 -1.35 28.00
CA ALA A 384 -3.97 -1.18 29.42
C ALA A 384 -2.49 -1.00 29.66
N SER A 385 -1.65 -1.33 28.67
CA SER A 385 -0.21 -1.17 28.85
C SER A 385 0.21 0.27 28.66
N LYS A 386 -0.68 1.12 28.18
CA LYS A 386 -0.30 2.50 27.89
C LYS A 386 -0.57 3.43 29.06
N VAL A 387 -1.58 3.14 29.87
CA VAL A 387 -1.99 4.07 30.90
C VAL A 387 -1.00 4.09 32.07
N TYR A 388 -0.17 3.08 32.16
CA TYR A 388 0.79 3.00 33.26
C TYR A 388 1.89 4.03 33.05
N GLY A 389 1.80 5.14 33.76
CA GLY A 389 2.80 6.18 33.64
C GLY A 389 2.64 6.97 32.36
N ARG A 390 1.49 7.59 32.20
CA ARG A 390 1.20 8.42 31.04
C ARG A 390 0.08 9.37 31.44
N CYS A 391 0.14 10.60 30.94
CA CYS A 391 -0.61 11.68 31.57
C CYS A 391 -1.70 12.21 30.66
N PHE A 392 -2.86 12.49 31.25
CA PHE A 392 -4.10 12.74 30.54
C PHE A 392 -4.62 14.14 30.83
N GLY A 393 -5.33 14.70 29.84
CA GLY A 393 -5.96 15.99 30.05
C GLY A 393 -7.15 15.92 30.97
N SER A 394 -8.10 15.05 30.66
CA SER A 394 -9.29 14.93 31.50
C SER A 394 -9.91 13.55 31.32
N ILE A 395 -10.12 12.88 32.44
CA ILE A 395 -10.76 11.57 32.47
C ILE A 395 -12.22 11.79 32.77
N SER A 396 -13.09 11.16 31.98
CA SER A 396 -14.52 11.13 32.27
C SER A 396 -15.02 9.72 32.18
N VAL A 397 -15.65 9.24 33.24
CA VAL A 397 -16.23 7.91 33.27
C VAL A 397 -17.73 8.08 33.45
N ASP A 398 -18.50 7.33 32.71
CA ASP A 398 -19.94 7.28 32.89
C ASP A 398 -20.35 5.83 33.00
N LYS A 399 -21.55 5.61 33.51
CA LYS A 399 -21.92 4.25 33.80
C LYS A 399 -23.43 4.09 33.72
N PHE A 400 -23.84 2.92 33.28
CA PHE A 400 -25.26 2.58 33.32
C PHE A 400 -25.39 1.07 33.38
N ALA A 401 -26.24 0.58 34.27
CA ALA A 401 -26.47 -0.84 34.43
C ALA A 401 -27.23 -1.36 33.23
N VAL A 402 -26.51 -2.01 32.32
CA VAL A 402 -27.11 -2.52 31.08
C VAL A 402 -28.04 -3.67 31.43
N PRO A 403 -29.19 -3.81 30.78
CA PRO A 403 -30.06 -4.94 31.06
C PRO A 403 -29.57 -6.15 30.28
N ARG A 404 -30.11 -7.31 30.63
CA ARG A 404 -29.62 -8.55 30.05
C ARG A 404 -30.06 -8.69 28.59
N SER A 405 -31.30 -8.31 28.29
CA SER A 405 -31.86 -8.57 26.97
C SER A 405 -31.25 -7.70 25.88
N ARG A 406 -30.56 -6.64 26.24
CA ARG A 406 -29.91 -5.81 25.25
C ARG A 406 -28.41 -5.92 25.30
N GLN A 407 -27.89 -7.07 25.73
CA GLN A 407 -26.46 -7.18 25.96
C GLN A 407 -25.67 -7.21 24.66
N VAL A 408 -26.34 -7.40 23.52
CA VAL A 408 -25.61 -7.45 22.26
C VAL A 408 -25.25 -6.06 21.78
N ASP A 409 -25.90 -5.03 22.30
CA ASP A 409 -25.68 -3.71 21.74
C ASP A 409 -24.51 -2.99 22.37
N LEU A 410 -23.57 -3.71 22.95
CA LEU A 410 -22.35 -3.10 23.44
C LEU A 410 -21.11 -3.59 22.72
N GLN A 411 -21.23 -4.66 21.93
CA GLN A 411 -20.07 -5.19 21.23
C GLN A 411 -19.61 -4.29 20.10
N LEU A 412 -18.53 -4.70 19.46
CA LEU A 412 -18.07 -4.00 18.29
C LEU A 412 -18.98 -4.27 17.10
N GLY A 413 -19.50 -3.22 16.50
CA GLY A 413 -20.14 -3.35 15.21
C GLY A 413 -21.58 -3.80 15.24
N ASN A 414 -22.37 -3.35 16.20
CA ASN A 414 -23.79 -3.68 16.22
C ASN A 414 -24.52 -2.58 16.95
N SER A 415 -25.74 -2.32 16.50
CA SER A 415 -26.49 -1.17 16.99
C SER A 415 -27.96 -1.53 16.95
N GLY A 416 -28.49 -2.00 18.07
CA GLY A 416 -29.89 -2.34 18.10
C GLY A 416 -30.66 -1.23 18.76
N PHE A 417 -30.96 -1.38 20.05
CA PHE A 417 -31.70 -0.32 20.73
C PHE A 417 -30.75 0.68 21.38
N LEU A 418 -29.82 0.20 22.20
CA LEU A 418 -29.09 1.08 23.10
C LEU A 418 -28.14 1.99 22.36
N GLN A 419 -27.66 1.57 21.19
CA GLN A 419 -26.81 2.46 20.41
C GLN A 419 -27.59 3.50 19.62
N THR A 420 -28.92 3.40 19.58
CA THR A 420 -29.73 4.40 18.91
C THR A 420 -30.75 5.08 19.79
N ALA A 421 -30.87 4.66 21.04
CA ALA A 421 -31.88 5.24 21.91
C ALA A 421 -31.32 5.80 23.20
N ASN A 422 -30.14 5.38 23.64
CA ASN A 422 -29.74 5.82 24.95
C ASN A 422 -28.30 6.28 25.08
N TYR A 423 -27.43 5.77 24.22
CA TYR A 423 -26.01 6.05 24.35
C TYR A 423 -25.32 5.72 23.05
N LYS A 424 -24.59 6.66 22.51
CA LYS A 424 -23.74 6.36 21.37
C LYS A 424 -22.31 6.26 21.85
N ILE A 425 -21.55 5.38 21.23
CA ILE A 425 -20.14 5.19 21.54
C ILE A 425 -19.34 5.50 20.29
N ASP A 426 -18.49 6.51 20.37
CA ASP A 426 -17.81 7.01 19.19
C ASP A 426 -16.55 6.21 18.91
N THR A 427 -16.10 6.29 17.66
CA THR A 427 -14.87 5.62 17.27
C THR A 427 -13.66 6.54 17.28
N ALA A 428 -13.88 7.85 17.30
CA ALA A 428 -12.76 8.77 17.17
C ALA A 428 -12.01 8.92 18.48
N ALA A 429 -12.75 9.11 19.58
CA ALA A 429 -12.11 9.40 20.84
C ALA A 429 -11.60 8.14 21.51
N THR A 430 -10.38 8.21 22.03
CA THR A 430 -9.67 7.06 22.58
C THR A 430 -10.29 6.71 23.93
N SER A 431 -11.12 5.68 23.92
CA SER A 431 -11.80 5.26 25.12
C SER A 431 -11.71 3.75 25.29
N CYS A 432 -12.02 3.27 26.48
CA CYS A 432 -12.55 1.91 26.54
C CYS A 432 -13.60 1.67 27.58
N GLN A 433 -14.37 0.65 27.29
CA GLN A 433 -15.50 0.16 28.03
C GLN A 433 -15.01 -0.86 29.03
N LEU A 434 -15.67 -0.93 30.17
CA LEU A 434 -15.18 -1.77 31.26
C LEU A 434 -16.41 -2.50 31.80
N HIS A 435 -16.75 -3.63 31.20
CA HIS A 435 -17.89 -4.41 31.68
C HIS A 435 -17.47 -4.99 33.00
N TYR A 436 -17.89 -4.38 34.09
CA TYR A 436 -17.68 -4.98 35.38
C TYR A 436 -19.01 -5.28 35.99
N THR A 437 -18.97 -5.85 37.19
CA THR A 437 -20.20 -6.02 37.93
C THR A 437 -19.95 -5.75 39.41
N LEU A 438 -21.02 -5.79 40.17
CA LEU A 438 -21.01 -5.51 41.58
C LEU A 438 -21.97 -6.47 42.24
N PRO A 439 -21.81 -6.75 43.54
CA PRO A 439 -22.75 -7.62 44.22
C PRO A 439 -24.13 -6.99 44.36
N LYS A 440 -25.08 -7.80 44.82
CA LYS A 440 -26.48 -7.38 44.84
C LYS A 440 -26.75 -6.35 45.92
N ASN A 441 -26.02 -6.41 47.04
CA ASN A 441 -26.36 -5.55 48.17
C ASN A 441 -25.91 -4.11 47.94
N ASN A 442 -24.84 -3.92 47.17
CA ASN A 442 -24.39 -2.56 46.86
C ASN A 442 -25.29 -1.87 45.86
N VAL A 443 -25.70 -2.60 44.83
CA VAL A 443 -26.34 -1.98 43.67
C VAL A 443 -27.76 -1.57 44.03
N THR A 444 -28.11 -0.35 43.66
CA THR A 444 -29.47 0.16 43.71
C THR A 444 -29.74 0.93 42.43
N ILE A 445 -30.93 0.81 41.92
CA ILE A 445 -31.24 1.31 40.59
C ILE A 445 -32.03 2.59 40.69
N ASN A 446 -31.56 3.62 39.99
CA ASN A 446 -32.13 4.96 40.01
C ASN A 446 -32.91 5.15 38.72
N ASN A 447 -34.19 4.77 38.73
CA ASN A 447 -35.05 5.00 37.58
C ASN A 447 -35.60 6.41 37.62
N HIS A 448 -35.29 7.19 36.59
CA HIS A 448 -35.62 8.60 36.56
C HIS A 448 -35.41 9.08 35.13
N ASN A 449 -36.11 10.14 34.76
CA ASN A 449 -36.11 10.57 33.37
C ASN A 449 -35.39 11.90 33.23
N PRO A 450 -34.52 12.02 32.26
CA PRO A 450 -33.80 13.29 32.09
C PRO A 450 -34.41 14.17 31.03
N SER A 451 -35.44 13.68 30.38
CA SER A 451 -35.91 14.37 29.18
C SER A 451 -36.75 15.58 29.56
N SER A 452 -36.73 16.59 28.70
CA SER A 452 -37.29 17.86 29.09
C SER A 452 -38.81 17.87 29.01
N TRP A 453 -39.34 17.80 27.79
CA TRP A 453 -40.74 18.08 27.61
C TRP A 453 -41.59 16.94 28.09
N ASN A 454 -41.02 15.72 28.06
CA ASN A 454 -41.70 14.59 28.67
C ASN A 454 -41.80 14.76 30.18
N ARG A 455 -40.85 15.46 30.80
CA ARG A 455 -41.01 15.80 32.21
C ARG A 455 -42.01 16.93 32.39
N ARG A 456 -42.19 17.74 31.37
CA ARG A 456 -43.02 18.93 31.52
C ARG A 456 -44.50 18.58 31.57
N TYR A 457 -44.96 17.70 30.68
CA TYR A 457 -46.39 17.57 30.51
C TYR A 457 -47.03 16.76 31.61
N GLY A 458 -46.74 15.48 31.67
CA GLY A 458 -47.55 14.65 32.55
C GLY A 458 -46.76 13.62 33.31
N PHE A 459 -45.48 13.88 33.57
CA PHE A 459 -44.64 12.80 34.03
C PHE A 459 -44.86 12.50 35.50
N ASN A 460 -44.46 11.30 35.88
CA ASN A 460 -44.59 10.82 37.24
C ASN A 460 -43.24 10.28 37.65
N ASP A 461 -42.85 10.60 38.87
CA ASP A 461 -41.65 10.00 39.45
C ASP A 461 -41.89 8.52 39.71
N ALA A 462 -41.36 7.68 38.82
CA ALA A 462 -41.42 6.22 38.89
C ALA A 462 -42.84 5.66 38.94
N GLY A 463 -43.83 6.46 38.55
CA GLY A 463 -45.16 5.93 38.42
C GLY A 463 -45.24 5.22 37.09
N VAL A 464 -44.54 5.77 36.10
CA VAL A 464 -44.53 5.16 34.78
C VAL A 464 -43.49 4.07 34.65
N PHE A 465 -42.62 3.89 35.66
CA PHE A 465 -41.49 2.99 35.55
C PHE A 465 -41.46 1.94 36.66
N GLY A 466 -42.61 1.56 37.19
CA GLY A 466 -42.66 0.41 38.06
C GLY A 466 -42.37 0.67 39.53
N LYS A 467 -41.43 1.56 39.82
CA LYS A 467 -40.97 1.89 41.19
C LYS A 467 -40.50 0.64 41.93
N ASN A 468 -39.70 -0.16 41.26
CA ASN A 468 -39.20 -1.41 41.82
C ASN A 468 -37.73 -1.56 41.46
N GLN A 469 -36.95 -2.08 42.39
CA GLN A 469 -35.50 -2.04 42.29
C GLN A 469 -34.97 -3.12 41.35
N HIS A 470 -33.71 -2.91 40.91
CA HIS A 470 -32.98 -3.79 40.01
C HIS A 470 -33.71 -4.03 38.71
N ASP A 471 -34.40 -2.99 38.23
CA ASP A 471 -35.19 -3.08 37.02
C ASP A 471 -34.77 -1.94 36.10
N VAL A 472 -34.00 -2.29 35.09
CA VAL A 472 -33.43 -1.30 34.21
C VAL A 472 -34.49 -0.78 33.24
N VAL A 473 -34.45 0.52 32.97
CA VAL A 473 -35.40 1.16 32.06
C VAL A 473 -34.62 1.60 30.83
N TYR A 474 -34.93 1.02 29.68
CA TYR A 474 -34.27 1.39 28.44
C TYR A 474 -35.32 1.84 27.43
N ALA A 475 -35.04 2.93 26.74
CA ALA A 475 -36.00 3.44 25.78
C ALA A 475 -35.91 2.63 24.51
N GLN A 476 -36.99 2.65 23.73
CA GLN A 476 -36.96 2.04 22.41
C GLN A 476 -36.84 3.06 21.30
N GLN A 477 -37.71 4.07 21.30
CA GLN A 477 -37.66 5.14 20.33
C GLN A 477 -38.13 6.40 21.02
N CYS A 478 -37.32 7.45 20.95
CA CYS A 478 -37.71 8.69 21.61
C CYS A 478 -37.59 9.86 20.64
N PHE A 479 -38.27 10.95 21.01
CA PHE A 479 -38.77 11.95 20.08
C PHE A 479 -38.27 13.33 20.45
N THR A 480 -37.94 14.13 19.44
CA THR A 480 -37.46 15.50 19.63
C THR A 480 -38.47 16.50 19.07
N VAL A 481 -39.18 17.15 19.93
CA VAL A 481 -40.25 18.05 19.51
C VAL A 481 -39.70 19.42 19.18
N ARG A 482 -40.54 20.21 18.51
CA ARG A 482 -40.29 21.62 18.25
C ARG A 482 -40.69 22.46 19.45
N SER A 483 -40.88 23.76 19.21
CA SER A 483 -41.25 24.75 20.22
C SER A 483 -42.38 24.33 21.15
N SER A 484 -43.51 23.90 20.59
CA SER A 484 -44.63 23.49 21.43
C SER A 484 -45.44 22.44 20.72
N PHE A 485 -45.46 21.23 21.27
CA PHE A 485 -46.39 20.19 20.86
C PHE A 485 -47.56 20.26 21.81
N CYS A 486 -48.75 20.48 21.26
CA CYS A 486 -49.94 20.48 22.07
C CYS A 486 -50.43 19.04 22.26
N PRO A 487 -50.42 18.51 23.48
CA PRO A 487 -51.00 17.18 23.68
C PRO A 487 -52.50 17.18 23.68
N CYS A 488 -53.13 18.30 23.99
CA CYS A 488 -54.59 18.41 24.05
C CYS A 488 -55.04 19.58 23.18
N ALA A 489 -56.29 19.53 22.74
CA ALA A 489 -56.85 20.59 21.92
C ALA A 489 -57.48 21.67 22.78
N THR A 501 -46.30 21.01 17.25
CA THR A 501 -46.62 20.11 16.15
C THR A 501 -46.23 18.67 16.47
N LYS A 502 -46.27 17.81 15.45
CA LYS A 502 -46.05 16.39 15.63
C LYS A 502 -44.62 16.11 16.06
N PRO A 503 -44.40 15.03 16.83
CA PRO A 503 -43.13 14.91 17.58
C PRO A 503 -41.89 14.62 16.75
N LYS A 504 -41.97 13.82 15.68
CA LYS A 504 -40.88 13.59 14.72
C LYS A 504 -39.64 12.98 15.41
N SER A 505 -39.77 11.68 15.72
CA SER A 505 -38.69 10.88 16.31
C SER A 505 -37.39 10.98 15.53
N ALA A 506 -36.29 10.85 16.25
CA ALA A 506 -34.97 10.90 15.64
C ALA A 506 -33.98 10.16 16.55
N PHE A 507 -32.77 9.99 16.03
CA PHE A 507 -31.75 9.25 16.73
C PHE A 507 -31.10 10.10 17.81
N VAL A 508 -30.11 9.52 18.49
CA VAL A 508 -29.42 10.20 19.58
C VAL A 508 -28.04 10.59 19.13
N ASN A 509 -27.69 11.86 19.36
CA ASN A 509 -26.39 12.39 19.01
C ASN A 509 -25.37 11.92 20.05
N VAL A 510 -24.10 12.26 19.84
CA VAL A 510 -22.97 11.69 20.58
C VAL A 510 -23.01 12.15 22.03
N GLY A 511 -23.23 11.22 22.93
CA GLY A 511 -23.09 11.48 24.35
C GLY A 511 -24.16 12.37 24.93
N ASP A 512 -25.42 12.02 24.73
CA ASP A 512 -26.54 12.81 25.19
C ASP A 512 -27.54 11.94 25.92
N HIS A 513 -28.35 12.55 26.76
CA HIS A 513 -29.61 11.89 27.06
C HIS A 513 -30.51 11.99 25.85
N CYS A 514 -31.54 11.16 25.79
CA CYS A 514 -32.38 11.24 24.61
C CYS A 514 -33.61 12.07 24.93
N GLU A 515 -34.24 12.59 23.88
CA GLU A 515 -35.04 13.78 24.03
C GLU A 515 -36.40 13.50 24.67
N GLY A 516 -36.88 12.26 24.60
CA GLY A 516 -38.11 12.00 25.31
C GLY A 516 -39.03 10.94 24.73
N LEU A 517 -39.58 10.12 25.62
CA LEU A 517 -40.39 8.99 25.21
C LEU A 517 -41.69 9.46 24.57
N GLY A 518 -42.21 8.66 23.66
CA GLY A 518 -43.37 9.08 22.89
C GLY A 518 -44.63 9.13 23.71
N VAL A 519 -45.59 9.91 23.24
CA VAL A 519 -46.84 10.12 23.94
C VAL A 519 -47.99 9.58 23.10
N LEU A 520 -48.89 8.84 23.74
CA LEU A 520 -50.17 8.53 23.12
C LEU A 520 -51.06 9.74 23.22
N GLU A 521 -51.46 10.27 22.06
CA GLU A 521 -52.19 11.54 22.03
C GLU A 521 -53.61 11.38 22.56
N ASP A 522 -54.12 10.16 22.61
CA ASP A 522 -55.49 9.95 23.04
C ASP A 522 -55.63 10.09 24.55
N ASN A 523 -54.61 9.69 25.30
CA ASN A 523 -54.70 9.70 26.76
C ASN A 523 -54.13 11.02 27.28
N CYS A 524 -54.92 12.07 27.14
CA CYS A 524 -54.61 13.36 27.72
C CYS A 524 -55.85 13.92 28.40
N GLY A 525 -55.68 14.43 29.61
CA GLY A 525 -56.81 14.93 30.37
C GLY A 525 -56.66 16.37 30.82
N ASN A 526 -57.67 17.19 30.53
CA ASN A 526 -57.69 18.59 30.92
C ASN A 526 -58.62 18.82 32.10
N ALA A 527 -58.60 17.91 33.07
CA ALA A 527 -59.55 17.97 34.18
C ALA A 527 -59.30 19.17 35.08
N ASP A 528 -58.12 19.26 35.64
CA ASP A 528 -57.88 20.41 36.50
C ASP A 528 -57.44 21.59 35.67
N PRO A 529 -58.04 22.77 35.86
CA PRO A 529 -57.64 23.94 35.05
C PRO A 529 -56.34 24.57 35.53
N HIS A 530 -55.80 24.13 36.66
CA HIS A 530 -54.58 24.73 37.19
C HIS A 530 -53.37 24.35 36.35
N LYS A 531 -53.06 23.07 36.30
CA LYS A 531 -51.94 22.60 35.50
C LYS A 531 -52.29 22.68 34.02
N GLY A 532 -51.29 22.98 33.19
CA GLY A 532 -51.56 23.26 31.79
C GLY A 532 -51.94 22.03 31.01
N CYS A 533 -51.17 20.96 31.17
CA CYS A 533 -51.50 19.67 30.57
C CYS A 533 -51.19 18.58 31.58
N ILE A 534 -51.96 17.49 31.52
CA ILE A 534 -51.70 16.33 32.34
C ILE A 534 -51.86 15.09 31.49
N CYS A 535 -50.81 14.27 31.42
CA CYS A 535 -50.92 12.97 30.80
C CYS A 535 -51.27 11.93 31.86
N ALA A 536 -51.82 10.82 31.41
CA ALA A 536 -52.06 9.72 32.33
C ALA A 536 -50.76 9.01 32.66
N ASN A 537 -50.78 8.21 33.72
CA ASN A 537 -49.58 7.49 34.13
C ASN A 537 -49.27 6.33 33.18
N ASN A 538 -50.22 5.93 32.34
CA ASN A 538 -50.00 4.90 31.35
C ASN A 538 -49.97 5.42 29.93
N SER A 539 -49.51 6.65 29.72
CA SER A 539 -49.70 7.30 28.43
C SER A 539 -48.52 7.11 27.51
N PHE A 540 -47.38 6.69 28.03
CA PHE A 540 -46.15 6.75 27.25
C PHE A 540 -45.75 5.38 26.74
N ILE A 541 -45.18 5.37 25.53
CA ILE A 541 -44.75 4.13 24.89
C ILE A 541 -43.48 4.42 24.11
N GLY A 542 -42.75 3.35 23.82
CA GLY A 542 -41.46 3.47 23.17
C GLY A 542 -40.34 3.13 24.13
N TRP A 543 -40.63 2.26 25.08
CA TRP A 543 -39.68 1.87 26.11
C TRP A 543 -40.07 0.52 26.68
N SER A 544 -39.08 -0.26 27.05
CA SER A 544 -39.29 -1.55 27.68
C SER A 544 -38.36 -1.65 28.86
N HIS A 545 -38.64 -2.59 29.76
CA HIS A 545 -37.83 -2.68 30.95
C HIS A 545 -37.45 -4.12 31.23
N ASP A 546 -36.34 -4.29 31.95
CA ASP A 546 -35.66 -5.56 32.04
C ASP A 546 -34.78 -5.57 33.28
N THR A 547 -34.44 -6.77 33.76
CA THR A 547 -33.57 -6.92 34.90
C THR A 547 -32.11 -6.99 34.46
N CYS A 548 -31.21 -6.88 35.44
CA CYS A 548 -29.78 -6.97 35.21
C CYS A 548 -29.14 -8.17 35.88
N LEU A 549 -29.92 -8.98 36.59
CA LEU A 549 -29.37 -9.97 37.49
C LEU A 549 -28.82 -11.15 36.70
N VAL A 550 -27.50 -11.23 36.58
CA VAL A 550 -26.81 -12.35 35.95
C VAL A 550 -25.97 -13.01 37.04
N ASN A 551 -26.45 -14.16 37.53
CA ASN A 551 -25.83 -14.96 38.60
C ASN A 551 -25.63 -14.10 39.86
N ASP A 552 -26.72 -13.42 40.23
CA ASP A 552 -26.80 -12.49 41.37
C ASP A 552 -25.81 -11.34 41.27
N ARG A 553 -25.36 -11.02 40.08
CA ARG A 553 -24.51 -9.86 39.83
C ARG A 553 -25.15 -9.05 38.71
N CYS A 554 -25.18 -7.73 38.85
CA CYS A 554 -25.73 -6.87 37.82
C CYS A 554 -24.58 -6.25 37.04
N GLN A 555 -24.64 -6.36 35.72
CA GLN A 555 -23.60 -5.80 34.89
C GLN A 555 -23.66 -4.29 34.94
N ILE A 556 -22.50 -3.67 34.89
CA ILE A 556 -22.41 -2.22 34.80
C ILE A 556 -21.46 -1.89 33.66
N PHE A 557 -22.01 -1.43 32.54
CA PHE A 557 -21.20 -0.86 31.49
C PHE A 557 -20.55 0.40 32.02
N ALA A 558 -19.36 0.69 31.53
CA ALA A 558 -18.65 1.87 31.98
C ALA A 558 -17.70 2.32 30.88
N ASN A 559 -18.11 3.31 30.11
CA ASN A 559 -17.20 3.91 29.16
C ASN A 559 -16.21 4.78 29.91
N ILE A 560 -14.95 4.74 29.51
CA ILE A 560 -13.92 5.58 30.11
C ILE A 560 -13.37 6.45 28.99
N LEU A 561 -13.93 7.64 28.83
CA LEU A 561 -13.45 8.56 27.82
C LEU A 561 -12.18 9.25 28.30
N LEU A 562 -11.24 9.46 27.40
CA LEU A 562 -9.99 10.12 27.73
C LEU A 562 -9.90 11.42 26.94
N ASN A 563 -10.46 12.47 27.50
CA ASN A 563 -10.45 13.77 26.86
C ASN A 563 -9.06 14.39 26.93
N GLY A 564 -8.55 14.79 25.78
CA GLY A 564 -7.28 15.50 25.75
C GLY A 564 -6.10 14.60 26.04
N ILE A 565 -5.77 13.72 25.11
CA ILE A 565 -4.58 12.90 25.27
C ILE A 565 -3.34 13.73 24.93
N ASN A 566 -2.18 13.25 25.37
CA ASN A 566 -0.84 13.79 25.12
C ASN A 566 -0.61 15.14 25.79
N SER A 567 -1.28 15.42 26.89
CA SER A 567 -1.05 16.60 27.71
C SER A 567 -1.70 16.34 29.06
N GLY A 568 -1.81 17.38 29.87
CA GLY A 568 -2.66 17.35 31.04
C GLY A 568 -1.88 17.08 32.31
N THR A 569 -2.66 17.02 33.39
CA THR A 569 -2.10 16.90 34.73
C THR A 569 -2.37 15.53 35.35
N THR A 570 -3.47 14.89 34.97
CA THR A 570 -3.82 13.61 35.57
C THR A 570 -2.94 12.50 35.02
N CYS A 571 -2.16 11.89 35.90
CA CYS A 571 -1.36 10.72 35.57
C CYS A 571 -1.20 9.84 36.79
N SER A 572 -0.41 8.79 36.63
CA SER A 572 -0.42 7.63 37.50
C SER A 572 0.86 7.52 38.28
N THR A 573 0.73 7.23 39.57
CA THR A 573 1.86 7.02 40.45
C THR A 573 2.18 5.54 40.65
N ASP A 574 1.88 4.71 39.65
CA ASP A 574 2.22 3.30 39.75
C ASP A 574 3.68 3.08 39.39
N LEU A 575 4.10 3.50 38.20
CA LEU A 575 5.50 3.49 37.81
C LEU A 575 6.17 4.67 38.50
N GLN A 576 6.43 4.52 39.79
CA GLN A 576 6.80 5.64 40.63
C GLN A 576 8.28 5.94 40.49
N LEU A 577 8.59 7.08 39.89
CA LEU A 577 9.92 7.66 39.92
C LEU A 577 9.74 9.15 40.16
N PRO A 578 10.32 9.70 41.22
CA PRO A 578 10.06 11.10 41.56
C PRO A 578 10.68 12.08 40.57
N ASN A 579 10.36 13.35 40.77
CA ASN A 579 10.73 14.42 39.87
C ASN A 579 12.23 14.59 39.78
N THR A 580 12.68 15.23 38.70
CA THR A 580 14.09 15.51 38.50
C THR A 580 14.20 16.85 37.80
N GLU A 581 15.17 17.66 38.24
CA GLU A 581 15.33 18.98 37.68
C GLU A 581 15.91 18.90 36.27
N VAL A 582 15.63 19.94 35.48
CA VAL A 582 15.95 19.93 34.06
C VAL A 582 17.47 20.02 33.84
N VAL A 583 17.89 19.64 32.64
CA VAL A 583 19.29 19.63 32.26
C VAL A 583 19.42 20.37 30.94
N THR A 584 20.31 21.36 30.91
CA THR A 584 20.53 22.12 29.68
C THR A 584 21.78 21.60 28.96
N GLY A 585 21.86 21.90 27.66
CA GLY A 585 23.00 21.58 26.86
C GLY A 585 23.10 20.15 26.38
N ILE A 586 23.06 19.17 27.28
CA ILE A 586 23.27 17.77 26.95
C ILE A 586 21.93 17.21 26.52
N CYS A 587 21.89 16.54 25.36
CA CYS A 587 20.62 16.00 24.91
C CYS A 587 20.29 14.73 25.69
N VAL A 588 19.01 14.57 26.00
CA VAL A 588 18.62 13.78 27.16
C VAL A 588 17.20 13.30 26.94
N LYS A 589 16.88 12.12 27.48
CA LYS A 589 15.51 11.65 27.52
C LYS A 589 14.64 12.57 28.36
N TYR A 590 13.36 12.62 28.03
CA TYR A 590 12.40 13.29 28.89
C TYR A 590 11.06 12.59 28.78
N ASP A 591 10.22 12.85 29.79
CA ASP A 591 8.79 12.58 29.73
C ASP A 591 8.14 13.81 30.37
N LEU A 592 7.85 14.80 29.56
CA LEU A 592 7.31 16.07 30.05
C LEU A 592 5.81 15.98 30.02
N TYR A 593 5.22 15.77 31.20
CA TYR A 593 3.78 15.74 31.42
C TYR A 593 3.08 14.71 30.56
N GLY A 594 3.76 13.62 30.24
CA GLY A 594 3.16 12.63 29.35
C GLY A 594 3.77 12.60 27.96
N ILE A 595 4.22 13.76 27.47
CA ILE A 595 4.83 13.78 26.15
C ILE A 595 6.19 13.12 26.22
N THR A 596 6.41 12.13 25.38
CA THR A 596 7.67 11.42 25.33
C THR A 596 8.54 11.94 24.19
N GLY A 597 9.83 12.08 24.47
CA GLY A 597 10.77 12.49 23.46
C GLY A 597 12.14 12.71 24.06
N GLN A 598 13.09 13.05 23.20
CA GLN A 598 14.46 13.26 23.65
C GLN A 598 15.06 14.43 22.90
N GLY A 599 15.96 15.17 23.55
CA GLY A 599 16.59 16.32 22.95
C GLY A 599 17.24 17.22 23.98
N VAL A 600 17.55 18.46 23.60
CA VAL A 600 18.22 19.39 24.49
C VAL A 600 17.18 20.28 25.14
N PHE A 601 17.61 21.02 26.16
CA PHE A 601 16.80 22.07 26.72
C PHE A 601 17.62 23.36 26.76
N LYS A 602 17.04 24.44 26.27
CA LYS A 602 17.71 25.73 26.22
C LYS A 602 16.77 26.75 26.81
N GLU A 603 17.16 27.35 27.93
CA GLU A 603 16.25 28.26 28.61
C GLU A 603 16.26 29.63 27.94
N VAL A 604 15.10 30.06 27.46
CA VAL A 604 14.94 31.35 26.80
C VAL A 604 13.68 31.99 27.38
N LYS A 605 13.78 33.27 27.73
CA LYS A 605 12.67 34.01 28.33
C LYS A 605 11.62 34.28 27.26
N ALA A 606 10.65 33.37 27.17
CA ALA A 606 9.59 33.50 26.19
C ALA A 606 8.48 34.40 26.72
N ASP A 607 7.34 34.37 26.03
CA ASP A 607 6.25 35.28 26.31
C ASP A 607 4.94 34.72 25.77
N TYR A 608 3.83 35.24 26.31
CA TYR A 608 2.48 35.10 25.77
C TYR A 608 1.98 33.67 25.78
N TYR A 609 2.36 32.92 26.81
CA TYR A 609 1.67 31.69 27.13
C TYR A 609 0.56 32.02 28.14
N ASN A 610 -0.69 32.10 27.64
CA ASN A 610 -1.69 32.94 28.30
C ASN A 610 -2.06 32.46 29.69
N SER A 611 -2.89 31.43 29.79
CA SER A 611 -3.03 30.77 31.09
C SER A 611 -3.12 29.27 30.91
N TRP A 612 -3.85 28.86 29.89
CA TRP A 612 -4.08 27.45 29.64
C TRP A 612 -3.11 26.89 28.64
N GLN A 613 -2.77 27.68 27.64
CA GLN A 613 -1.89 27.21 26.58
C GLN A 613 -0.47 27.13 27.12
N THR A 614 0.08 25.93 27.17
CA THR A 614 1.39 25.70 27.75
C THR A 614 2.41 25.11 26.80
N LEU A 615 2.05 24.13 25.98
CA LEU A 615 3.00 23.41 25.16
C LEU A 615 3.02 24.00 23.76
N LEU A 616 4.22 24.34 23.28
CA LEU A 616 4.39 25.03 22.02
C LEU A 616 4.76 24.01 20.95
N TYR A 617 3.79 23.68 20.12
CA TYR A 617 4.05 22.82 18.98
C TYR A 617 4.43 23.65 17.77
N ASP A 618 5.09 23.01 16.81
CA ASP A 618 5.38 23.65 15.54
C ASP A 618 4.30 23.31 14.52
N VAL A 619 4.58 23.60 13.25
CA VAL A 619 3.63 23.30 12.18
C VAL A 619 3.47 21.80 11.96
N ASN A 620 4.51 21.00 12.20
CA ASN A 620 4.52 19.60 11.83
C ASN A 620 4.20 18.64 12.96
N GLY A 621 3.59 19.12 14.05
CA GLY A 621 3.25 18.23 15.14
C GLY A 621 4.42 17.75 15.97
N ASN A 622 5.58 18.37 15.83
CA ASN A 622 6.70 18.11 16.72
C ASN A 622 6.53 19.01 17.94
N LEU A 623 7.22 18.66 19.02
CA LEU A 623 7.22 19.56 20.17
C LEU A 623 8.39 20.52 20.03
N ASN A 624 8.09 21.82 20.05
CA ASN A 624 9.10 22.84 19.80
C ASN A 624 9.25 23.81 20.96
N GLY A 625 8.48 23.63 22.02
CA GLY A 625 8.55 24.55 23.14
C GLY A 625 7.64 24.16 24.28
N PHE A 626 8.04 24.49 25.50
CA PHE A 626 7.46 23.88 26.68
C PHE A 626 7.50 24.85 27.84
N ARG A 627 6.47 24.82 28.67
CA ARG A 627 6.42 25.59 29.90
C ARG A 627 6.16 24.64 31.05
N ASP A 628 6.97 24.73 32.10
CA ASP A 628 6.75 23.92 33.28
C ASP A 628 5.65 24.54 34.13
N LEU A 629 4.78 23.69 34.67
CA LEU A 629 3.69 24.20 35.50
C LEU A 629 4.12 24.45 36.94
N THR A 630 5.27 23.91 37.37
CA THR A 630 5.67 24.06 38.75
C THR A 630 6.69 25.16 38.98
N THR A 631 7.25 25.75 37.91
CA THR A 631 8.25 26.79 38.08
C THR A 631 7.94 28.07 37.32
N ASN A 632 6.92 28.10 36.46
CA ASN A 632 6.59 29.22 35.58
C ASN A 632 7.77 29.65 34.72
N LYS A 633 8.54 28.69 34.24
CA LYS A 633 9.69 28.97 33.39
C LYS A 633 9.45 28.44 31.98
N THR A 634 10.30 28.87 31.06
CA THR A 634 10.13 28.57 29.64
C THR A 634 11.36 27.88 29.09
N TYR A 635 11.16 27.09 28.04
CA TYR A 635 12.23 26.34 27.40
C TYR A 635 11.94 26.20 25.93
N THR A 636 12.94 25.77 25.17
CA THR A 636 12.82 25.53 23.74
C THR A 636 13.65 24.32 23.38
N ILE A 637 13.05 23.38 22.68
CA ILE A 637 13.54 22.01 22.58
C ILE A 637 14.05 21.74 21.17
N ARG A 638 15.23 21.15 21.09
CA ARG A 638 15.87 20.79 19.84
C ARG A 638 16.56 19.46 20.03
N SER A 639 16.48 18.59 19.03
CA SER A 639 17.03 17.25 19.22
C SER A 639 18.49 17.19 18.78
N CYS A 640 19.15 16.10 19.15
CA CYS A 640 20.50 15.81 18.73
C CYS A 640 20.49 14.75 17.65
N TYR A 641 21.62 14.57 16.98
CA TYR A 641 21.63 13.91 15.68
C TYR A 641 23.01 13.35 15.36
N SER A 642 23.05 12.50 14.33
CA SER A 642 24.27 12.15 13.60
C SER A 642 23.91 11.44 12.32
N GLY A 643 24.90 11.31 11.45
CA GLY A 643 24.83 10.51 10.24
C GLY A 643 26.21 10.44 9.61
N ARG A 644 26.70 9.25 9.28
CA ARG A 644 28.09 9.07 8.90
C ARG A 644 28.21 8.45 7.53
N VAL A 645 29.33 8.74 6.86
CA VAL A 645 29.60 8.30 5.51
C VAL A 645 31.06 7.85 5.50
N SER A 646 31.36 6.79 4.74
CA SER A 646 32.72 6.27 4.71
C SER A 646 33.18 6.05 3.29
N ALA A 647 34.33 6.62 2.94
CA ALA A 647 35.06 6.25 1.74
C ALA A 647 35.99 5.08 2.04
N ALA A 648 35.39 3.89 2.01
CA ALA A 648 35.89 2.82 2.84
C ALA A 648 37.09 2.12 2.23
N PHE A 649 36.89 1.43 1.13
CA PHE A 649 37.70 0.24 0.88
C PHE A 649 38.45 0.31 -0.42
N HIS A 650 39.46 -0.55 -0.48
CA HIS A 650 39.89 -1.17 -1.71
C HIS A 650 39.96 -2.66 -1.43
N LYS A 651 40.41 -3.42 -2.42
CA LYS A 651 40.55 -4.86 -2.26
C LYS A 651 41.69 -5.15 -1.31
N ASP A 652 42.61 -4.21 -1.15
CA ASP A 652 43.74 -4.36 -0.26
C ASP A 652 43.53 -3.69 1.09
N ALA A 653 42.39 -3.05 1.32
CA ALA A 653 42.23 -2.28 2.54
C ALA A 653 41.68 -3.15 3.65
N PRO A 654 42.32 -3.19 4.80
CA PRO A 654 41.70 -3.86 5.95
C PRO A 654 40.80 -2.93 6.73
N GLU A 655 41.05 -1.64 6.63
CA GLU A 655 40.41 -0.62 7.45
C GLU A 655 39.86 0.49 6.58
N PRO A 656 38.70 1.03 6.91
CA PRO A 656 38.10 2.05 6.07
C PRO A 656 38.59 3.42 6.44
N ALA A 657 38.04 4.45 5.80
CA ALA A 657 38.29 5.83 6.17
C ALA A 657 36.96 6.48 6.51
N LEU A 658 36.84 6.98 7.73
CA LEU A 658 35.60 7.61 8.13
C LEU A 658 35.47 8.98 7.51
N LEU A 659 34.27 9.53 7.59
CA LEU A 659 34.00 10.91 7.20
C LEU A 659 32.76 11.35 7.93
N TYR A 660 32.86 12.40 8.73
CA TYR A 660 31.69 13.02 9.31
C TYR A 660 31.44 14.32 8.58
N ARG A 661 30.28 14.43 7.96
CA ARG A 661 29.98 15.60 7.14
C ARG A 661 29.50 16.74 8.04
N ASN A 662 30.18 17.89 7.90
CA ASN A 662 29.70 19.19 8.38
C ASN A 662 29.59 19.25 9.90
N ILE A 663 30.60 18.70 10.57
CA ILE A 663 30.72 18.75 12.03
C ILE A 663 32.17 19.08 12.36
N ASN A 664 32.39 20.03 13.28
CA ASN A 664 33.73 20.25 13.81
C ASN A 664 34.21 19.04 14.58
N CYS A 665 35.52 18.80 14.55
CA CYS A 665 36.09 17.63 15.21
C CYS A 665 35.97 17.72 16.72
N SER A 666 35.99 18.94 17.26
CA SER A 666 35.84 19.11 18.70
C SER A 666 34.42 18.76 19.14
N TYR A 667 33.45 18.91 18.25
CA TYR A 667 32.10 18.47 18.58
C TYR A 667 31.97 16.96 18.56
N VAL A 668 32.87 16.26 17.87
CA VAL A 668 32.75 14.81 17.74
C VAL A 668 33.08 14.13 19.06
N PHE A 669 34.33 14.27 19.50
CA PHE A 669 34.81 13.45 20.60
C PHE A 669 34.31 13.97 21.94
N SER A 670 33.77 15.19 21.97
CA SER A 670 33.18 15.68 23.21
C SER A 670 31.86 15.00 23.51
N ASN A 671 31.08 14.69 22.48
CA ASN A 671 29.78 14.07 22.67
C ASN A 671 29.85 12.56 22.78
N ASN A 672 31.07 11.98 22.68
CA ASN A 672 31.28 10.56 22.43
C ASN A 672 30.48 10.10 21.21
N ILE A 673 30.75 10.76 20.07
CA ILE A 673 30.02 10.44 18.84
C ILE A 673 30.53 9.12 18.27
N SER A 674 31.83 9.03 18.04
CA SER A 674 32.39 7.96 17.24
C SER A 674 32.34 6.64 17.99
N ARG A 675 31.74 5.63 17.37
CA ARG A 675 31.75 4.30 17.96
C ARG A 675 33.11 3.64 17.86
N GLU A 676 34.01 4.17 17.03
CA GLU A 676 35.37 3.71 16.93
C GLU A 676 36.23 4.51 17.90
N GLU A 677 37.21 3.86 18.52
CA GLU A 677 38.21 4.57 19.28
C GLU A 677 39.02 5.48 18.37
N ASN A 678 39.51 6.56 18.95
CA ASN A 678 40.23 7.57 18.20
C ASN A 678 41.56 7.04 17.68
N PRO A 679 41.71 6.88 16.38
CA PRO A 679 42.97 6.44 15.83
C PRO A 679 43.89 7.62 15.61
N LEU A 680 45.00 7.39 14.94
CA LEU A 680 45.92 8.47 14.70
C LEU A 680 45.37 9.41 13.62
N ASN A 681 45.65 10.70 13.81
CA ASN A 681 45.49 11.76 12.81
C ASN A 681 44.05 11.93 12.36
N TYR A 682 43.22 12.45 13.26
CA TYR A 682 41.98 13.07 12.85
C TYR A 682 42.20 14.56 12.67
N PHE A 683 41.45 15.15 11.74
CA PHE A 683 41.52 16.59 11.53
C PHE A 683 40.23 17.07 10.89
N ASP A 684 39.94 18.35 11.10
CA ASP A 684 38.85 19.03 10.42
C ASP A 684 39.28 19.49 9.02
N SER A 685 38.34 19.42 8.09
CA SER A 685 38.55 19.91 6.74
C SER A 685 37.28 20.61 6.29
N TYR A 686 37.17 20.83 4.99
CA TYR A 686 36.06 21.62 4.45
C TYR A 686 34.74 20.88 4.54
N LEU A 687 34.77 19.55 4.41
CA LEU A 687 33.55 18.77 4.51
C LEU A 687 33.12 18.51 5.93
N GLY A 688 34.04 18.60 6.87
CA GLY A 688 33.75 18.27 8.24
C GLY A 688 34.89 17.50 8.84
N CYS A 689 34.61 16.86 9.97
CA CYS A 689 35.63 16.12 10.69
C CYS A 689 35.95 14.82 9.96
N VAL A 690 37.22 14.63 9.63
CA VAL A 690 37.67 13.46 8.91
C VAL A 690 38.52 12.63 9.84
N VAL A 691 38.08 11.41 10.11
CA VAL A 691 38.77 10.50 11.01
C VAL A 691 39.54 9.51 10.15
N ASN A 692 40.70 9.09 10.67
CA ASN A 692 41.51 7.99 10.11
C ASN A 692 42.01 8.31 8.72
N ALA A 693 42.31 9.57 8.46
CA ALA A 693 42.91 9.96 7.21
C ALA A 693 44.37 10.30 7.47
N ASP A 694 45.25 9.81 6.59
CA ASP A 694 46.68 9.90 6.83
C ASP A 694 47.23 11.30 6.59
N ASN A 695 46.51 12.16 5.91
CA ASN A 695 47.08 13.42 5.48
C ASN A 695 45.99 14.37 5.06
N ARG A 696 46.06 15.59 5.55
CA ARG A 696 45.41 16.70 4.87
C ARG A 696 46.23 17.02 3.64
N THR A 697 45.71 16.68 2.47
CA THR A 697 46.52 16.72 1.27
C THR A 697 45.99 17.75 0.31
N ASP A 698 46.91 18.54 -0.23
CA ASP A 698 46.62 19.44 -1.33
C ASP A 698 47.42 19.07 -2.58
N GLU A 699 47.84 17.82 -2.69
CA GLU A 699 48.41 17.31 -3.93
C GLU A 699 47.31 17.12 -4.96
N ALA A 700 47.72 16.86 -6.20
CA ALA A 700 46.77 16.61 -7.27
C ALA A 700 46.94 15.19 -7.81
N LEU A 701 45.87 14.40 -7.74
CA LEU A 701 45.82 13.09 -8.37
C LEU A 701 44.68 13.07 -9.37
N PRO A 702 44.92 12.70 -10.62
CA PRO A 702 43.96 12.97 -11.70
C PRO A 702 43.01 11.82 -12.03
N ASN A 703 43.15 10.66 -11.40
CA ASN A 703 42.32 9.50 -11.76
C ASN A 703 41.79 8.84 -10.53
N CYS A 704 41.18 9.64 -9.66
CA CYS A 704 40.60 9.10 -8.44
C CYS A 704 39.37 8.26 -8.76
N ASP A 705 39.06 7.34 -7.85
CA ASP A 705 37.85 6.54 -7.95
C ASP A 705 36.88 6.80 -6.81
N LEU A 706 37.36 6.74 -5.57
CA LEU A 706 36.51 7.04 -4.42
C LEU A 706 36.37 8.56 -4.33
N ARG A 707 35.38 9.08 -5.03
CA ARG A 707 35.09 10.50 -4.94
C ARG A 707 34.18 10.77 -3.75
N MET A 708 34.41 11.89 -3.08
CA MET A 708 33.72 12.15 -1.82
C MET A 708 33.67 13.65 -1.62
N GLY A 709 32.47 14.21 -1.65
CA GLY A 709 32.30 15.62 -1.36
C GLY A 709 32.86 16.51 -2.46
N ALA A 710 33.04 17.78 -2.09
CA ALA A 710 33.45 18.78 -3.06
C ALA A 710 34.92 18.65 -3.42
N GLY A 711 35.20 17.88 -4.46
CA GLY A 711 36.53 17.80 -4.99
C GLY A 711 37.51 16.97 -4.19
N LEU A 712 37.10 16.37 -3.09
CA LEU A 712 38.03 15.62 -2.26
C LEU A 712 38.05 14.15 -2.66
N CYS A 713 39.23 13.55 -2.64
CA CYS A 713 39.39 12.18 -3.05
C CYS A 713 40.04 11.34 -1.96
N VAL A 714 39.80 10.04 -2.06
CA VAL A 714 40.35 9.03 -1.16
C VAL A 714 40.94 7.94 -2.03
N ASP A 715 42.22 7.64 -1.84
CA ASP A 715 42.84 6.49 -2.50
C ASP A 715 43.93 5.93 -1.60
N TYR A 716 43.80 4.66 -1.25
CA TYR A 716 44.59 4.05 -0.21
C TYR A 716 45.76 3.28 -0.80
N SER A 717 46.95 3.50 -0.23
CA SER A 717 48.18 2.87 -0.72
C SER A 717 48.85 2.19 0.45
N LYS A 718 49.20 0.91 0.26
CA LYS A 718 49.82 0.13 1.33
C LYS A 718 51.19 0.65 1.69
N SER A 719 51.88 1.27 0.73
CA SER A 719 53.25 1.68 0.97
C SER A 719 53.30 2.93 1.85
N ARG A 720 52.20 3.67 1.92
CA ARG A 720 52.21 4.86 2.77
C ARG A 720 52.13 4.49 4.25
N ARG A 721 51.52 3.37 4.60
CA ARG A 721 51.36 3.04 6.00
C ARG A 721 51.34 1.53 6.23
N ALA A 722 52.09 1.11 7.24
CA ALA A 722 52.07 -0.26 7.76
C ALA A 722 52.25 -0.17 9.26
N HIS A 723 51.67 -1.14 9.97
CA HIS A 723 51.73 -1.29 11.43
C HIS A 723 51.17 -0.09 12.19
N ARG A 724 50.25 0.67 11.57
CA ARG A 724 49.48 1.74 12.20
C ARG A 724 50.37 2.83 12.79
N SER A 725 51.08 3.54 11.91
CA SER A 725 51.77 4.74 12.33
C SER A 725 51.48 5.93 11.42
N VAL A 726 51.10 5.68 10.17
CA VAL A 726 50.76 6.74 9.23
C VAL A 726 49.29 6.50 8.91
N SER A 727 48.54 6.06 9.93
CA SER A 727 47.08 6.14 9.99
C SER A 727 46.39 5.27 8.93
N THR A 728 46.98 4.13 8.59
CA THR A 728 46.53 3.19 7.56
C THR A 728 46.33 3.85 6.19
N GLY A 729 47.09 4.90 5.90
CA GLY A 729 47.35 5.33 4.54
C GLY A 729 46.17 5.81 3.71
N TYR A 730 45.42 6.75 4.23
CA TYR A 730 44.31 7.35 3.50
C TYR A 730 44.62 8.82 3.26
N ARG A 731 44.83 9.18 2.02
CA ARG A 731 45.23 10.53 1.65
C ARG A 731 44.03 11.29 1.14
N LEU A 732 43.65 12.36 1.83
CA LEU A 732 42.56 13.20 1.35
C LEU A 732 43.04 14.14 0.27
N THR A 733 43.20 13.65 -0.95
CA THR A 733 43.71 14.50 -2.00
C THR A 733 42.56 15.15 -2.75
N THR A 734 42.91 16.16 -3.53
CA THR A 734 41.93 16.96 -4.26
C THR A 734 41.72 16.38 -5.64
N PHE A 735 40.48 16.11 -5.99
CA PHE A 735 40.16 15.54 -7.29
C PHE A 735 40.24 16.59 -8.38
N GLU A 736 40.89 16.24 -9.47
CA GLU A 736 41.08 17.16 -10.59
C GLU A 736 41.32 16.37 -11.86
N PRO A 737 40.29 16.23 -12.74
CA PRO A 737 40.43 15.33 -13.90
C PRO A 737 41.47 15.77 -14.91
N TYR A 738 41.45 17.01 -15.37
CA TYR A 738 42.49 17.49 -16.26
C TYR A 738 42.84 18.94 -15.94
N THR A 739 44.06 19.32 -16.31
CA THR A 739 44.49 20.72 -16.34
C THR A 739 45.66 20.80 -17.29
N PRO A 740 45.56 21.58 -18.35
CA PRO A 740 46.66 21.72 -19.30
C PRO A 740 47.73 22.68 -18.80
N MET A 741 48.85 22.72 -19.52
CA MET A 741 49.95 23.63 -19.21
C MET A 741 50.88 23.74 -20.42
N LEU A 742 51.33 24.97 -20.68
CA LEU A 742 52.31 25.29 -21.72
C LEU A 742 52.87 26.68 -21.42
N VAL A 743 53.57 27.30 -22.38
CA VAL A 743 54.39 28.48 -22.13
C VAL A 743 54.03 29.63 -23.07
N ASN A 744 54.64 30.80 -22.80
CA ASN A 744 54.80 31.95 -23.70
C ASN A 744 53.46 32.59 -24.10
N ASP A 745 52.84 33.26 -23.12
CA ASP A 745 51.57 33.95 -23.30
C ASP A 745 51.74 35.41 -23.70
N SER A 746 50.73 35.91 -24.45
CA SER A 746 50.36 37.35 -24.54
C SER A 746 51.51 38.27 -24.95
N VAL A 747 52.28 37.84 -25.93
CA VAL A 747 53.43 38.59 -26.41
C VAL A 747 52.87 39.62 -27.40
N GLN A 748 53.72 40.52 -27.92
CA GLN A 748 53.37 41.70 -28.70
C GLN A 748 52.89 41.40 -30.11
N SER A 749 53.00 42.40 -30.99
CA SER A 749 52.55 42.37 -32.40
C SER A 749 52.84 41.06 -33.14
N VAL A 750 54.01 40.47 -32.92
CA VAL A 750 54.23 39.10 -33.35
C VAL A 750 53.64 38.21 -32.26
N ASP A 751 52.39 37.80 -32.43
CA ASP A 751 51.61 37.29 -31.31
C ASP A 751 52.05 35.90 -30.88
N GLY A 752 52.69 35.85 -29.72
CA GLY A 752 52.96 34.64 -29.00
C GLY A 752 53.86 33.65 -29.71
N LEU A 753 53.96 32.47 -29.13
CA LEU A 753 54.72 31.40 -29.74
C LEU A 753 53.83 30.18 -29.75
N TYR A 754 53.72 29.57 -30.92
CA TYR A 754 52.83 28.43 -31.09
C TYR A 754 53.44 27.19 -30.47
N GLU A 755 52.73 26.61 -29.53
CA GLU A 755 53.14 25.35 -28.97
C GLU A 755 52.83 24.19 -29.90
N MET A 756 51.83 24.33 -30.78
CA MET A 756 51.32 23.24 -31.62
C MET A 756 51.58 23.46 -33.10
N GLN A 757 52.78 23.88 -33.46
CA GLN A 757 53.19 23.79 -34.86
C GLN A 757 53.89 22.46 -35.03
N ILE A 758 53.11 21.40 -35.09
CA ILE A 758 53.67 20.07 -34.88
C ILE A 758 54.08 19.45 -36.21
N PRO A 759 55.35 19.10 -36.43
CA PRO A 759 55.73 18.32 -37.61
C PRO A 759 55.68 16.81 -37.43
N THR A 760 54.94 16.32 -36.43
CA THR A 760 55.10 14.98 -35.91
C THR A 760 54.75 13.89 -36.92
N ASN A 761 55.14 12.69 -36.56
CA ASN A 761 54.42 11.51 -36.98
C ASN A 761 53.10 11.45 -36.22
N PHE A 762 51.99 11.43 -36.96
CA PHE A 762 50.66 11.51 -36.36
C PHE A 762 50.34 10.15 -35.79
N THR A 763 50.31 10.06 -34.46
CA THR A 763 49.71 8.86 -33.91
C THR A 763 48.20 9.00 -33.99
N ILE A 764 47.50 7.90 -33.84
CA ILE A 764 46.05 7.90 -33.93
C ILE A 764 45.54 7.14 -32.71
N GLY A 765 44.95 7.87 -31.77
CA GLY A 765 44.43 7.27 -30.57
C GLY A 765 43.22 6.43 -30.90
N HIS A 766 43.18 5.23 -30.36
CA HIS A 766 42.08 4.32 -30.64
C HIS A 766 40.80 4.83 -30.00
N HIS A 767 40.81 4.95 -28.67
CA HIS A 767 39.84 5.73 -27.90
C HIS A 767 38.40 5.21 -28.08
N GLU A 768 38.20 3.96 -27.69
CA GLU A 768 36.91 3.33 -27.90
C GLU A 768 35.86 3.91 -26.96
N GLU A 769 34.69 4.19 -27.52
CA GLU A 769 33.58 4.77 -26.79
C GLU A 769 32.37 3.85 -26.94
N PHE A 770 31.84 3.38 -25.82
CA PHE A 770 30.69 2.50 -25.87
C PHE A 770 29.43 3.29 -25.62
N ILE A 771 28.35 2.93 -26.30
CA ILE A 771 27.08 3.64 -26.20
C ILE A 771 25.96 2.62 -26.13
N GLN A 772 25.10 2.76 -25.12
CA GLN A 772 23.94 1.90 -24.96
C GLN A 772 22.96 2.08 -26.12
N THR A 773 22.24 1.02 -26.47
CA THR A 773 21.10 1.23 -27.36
C THR A 773 19.86 0.44 -26.95
N ARG A 774 19.97 -0.53 -26.07
CA ARG A 774 18.80 -1.32 -25.68
C ARG A 774 19.08 -1.96 -24.33
N SER A 775 18.06 -2.08 -23.52
CA SER A 775 18.17 -2.79 -22.28
C SER A 775 17.94 -4.26 -22.59
N PRO A 776 18.24 -5.17 -21.67
CA PRO A 776 17.58 -6.47 -21.67
C PRO A 776 16.07 -6.30 -21.68
N LYS A 777 15.42 -6.89 -22.68
CA LYS A 777 13.97 -6.88 -22.74
C LYS A 777 13.41 -7.68 -21.59
N VAL A 778 12.52 -7.07 -20.83
CA VAL A 778 11.96 -7.70 -19.66
C VAL A 778 10.46 -7.85 -19.87
N THR A 779 9.95 -9.05 -19.64
CA THR A 779 8.53 -9.25 -19.44
C THR A 779 8.31 -9.78 -18.03
N ILE A 780 7.13 -9.50 -17.51
CA ILE A 780 6.73 -9.97 -16.20
C ILE A 780 5.27 -10.36 -16.31
N ASP A 781 4.97 -11.62 -16.09
CA ASP A 781 3.59 -12.05 -15.98
C ASP A 781 3.12 -11.59 -14.62
N CYS A 782 1.94 -10.97 -14.58
CA CYS A 782 1.43 -10.48 -13.30
C CYS A 782 1.05 -11.63 -12.39
N ALA A 783 0.52 -12.71 -12.96
CA ALA A 783 -0.02 -13.78 -12.12
C ALA A 783 1.08 -14.64 -11.53
N ALA A 784 2.10 -14.95 -12.33
CA ALA A 784 3.14 -15.87 -11.88
C ALA A 784 4.02 -15.21 -10.82
N PHE A 785 4.13 -13.90 -10.85
CA PHE A 785 5.06 -13.25 -9.95
C PHE A 785 4.44 -13.01 -8.59
N VAL A 786 3.23 -12.47 -8.55
CA VAL A 786 2.66 -12.11 -7.26
C VAL A 786 2.06 -13.33 -6.59
N CYS A 787 1.65 -14.31 -7.38
CA CYS A 787 1.00 -15.50 -6.85
C CYS A 787 1.79 -16.75 -7.22
N GLY A 788 1.57 -17.80 -6.44
CA GLY A 788 1.98 -19.12 -6.84
C GLY A 788 0.98 -19.71 -7.81
N ASP A 789 1.12 -21.01 -8.04
CA ASP A 789 0.19 -21.69 -8.93
C ASP A 789 -1.10 -22.09 -8.23
N ASN A 790 -1.19 -21.88 -6.92
CA ASN A 790 -2.37 -22.24 -6.16
C ASN A 790 -3.54 -21.35 -6.54
N THR A 791 -4.74 -21.94 -6.54
CA THR A 791 -5.91 -21.23 -7.02
C THR A 791 -6.45 -20.24 -6.01
N ALA A 792 -5.95 -20.25 -4.77
CA ALA A 792 -6.45 -19.30 -3.79
C ALA A 792 -5.86 -17.92 -3.99
N CYS A 793 -4.80 -17.78 -4.78
CA CYS A 793 -4.25 -16.47 -5.04
C CYS A 793 -4.75 -15.89 -6.35
N ARG A 794 -5.18 -16.74 -7.29
CA ARG A 794 -5.75 -16.24 -8.53
C ARG A 794 -7.08 -15.56 -8.29
N GLN A 795 -7.86 -16.03 -7.31
CA GLN A 795 -9.14 -15.41 -7.03
C GLN A 795 -8.96 -14.04 -6.39
N GLN A 796 -7.95 -13.89 -5.54
CA GLN A 796 -7.73 -12.59 -4.94
C GLN A 796 -7.07 -11.65 -5.91
N LEU A 797 -6.36 -12.19 -6.90
CA LEU A 797 -5.67 -11.32 -7.85
C LEU A 797 -6.65 -10.67 -8.82
N VAL A 798 -7.76 -11.35 -9.13
CA VAL A 798 -8.66 -10.82 -10.15
C VAL A 798 -9.43 -9.61 -9.62
N GLU A 799 -9.45 -9.43 -8.30
CA GLU A 799 -9.95 -8.18 -7.75
C GLU A 799 -8.94 -7.06 -7.87
N TYR A 800 -7.67 -7.37 -8.10
CA TYR A 800 -6.68 -6.36 -8.42
C TYR A 800 -6.39 -6.31 -9.90
N GLY A 801 -7.40 -6.68 -10.71
CA GLY A 801 -7.14 -7.02 -12.10
C GLY A 801 -6.74 -5.85 -12.97
N SER A 802 -6.98 -4.64 -12.49
CA SER A 802 -6.52 -3.47 -13.24
C SER A 802 -5.02 -3.28 -13.10
N PHE A 803 -4.42 -3.79 -12.02
CA PHE A 803 -2.98 -3.72 -11.88
C PHE A 803 -2.29 -4.59 -12.90
N CYS A 804 -2.83 -5.79 -13.12
CA CYS A 804 -2.17 -6.75 -13.99
C CYS A 804 -2.27 -6.34 -15.45
N VAL A 805 -3.35 -5.64 -15.81
CA VAL A 805 -3.44 -5.12 -17.17
C VAL A 805 -2.68 -3.81 -17.28
N ASN A 806 -2.32 -3.21 -16.14
CA ASN A 806 -1.46 -2.04 -16.20
C ASN A 806 -0.01 -2.44 -16.44
N VAL A 807 0.48 -3.41 -15.67
CA VAL A 807 1.89 -3.76 -15.70
C VAL A 807 2.23 -4.48 -17.00
N ASN A 808 1.26 -5.17 -17.58
CA ASN A 808 1.50 -5.75 -18.89
C ASN A 808 1.39 -4.73 -19.99
N ALA A 809 0.75 -3.59 -19.74
CA ALA A 809 0.67 -2.54 -20.76
C ALA A 809 1.92 -1.68 -20.73
N ILE A 810 2.45 -1.43 -19.53
CA ILE A 810 3.58 -0.52 -19.39
C ILE A 810 4.84 -1.15 -19.99
N LEU A 811 5.09 -2.41 -19.67
CA LEU A 811 6.25 -3.09 -20.21
C LEU A 811 6.11 -3.34 -21.71
N ASN A 812 4.87 -3.42 -22.20
CA ASN A 812 4.67 -3.48 -23.65
C ASN A 812 5.05 -2.15 -24.29
N GLU A 813 4.84 -1.04 -23.57
CA GLU A 813 5.34 0.24 -24.05
C GLU A 813 6.85 0.29 -24.00
N VAL A 814 7.45 -0.39 -23.02
CA VAL A 814 8.92 -0.47 -22.98
C VAL A 814 9.45 -1.29 -24.14
N ASN A 815 8.82 -2.45 -24.39
CA ASN A 815 9.30 -3.32 -25.46
C ASN A 815 9.04 -2.71 -26.82
N ASN A 816 8.00 -1.91 -26.95
CA ASN A 816 7.78 -1.22 -28.22
C ASN A 816 8.79 -0.10 -28.42
N LEU A 817 9.32 0.47 -27.34
CA LEU A 817 10.36 1.48 -27.48
C LEU A 817 11.70 0.85 -27.88
N LEU A 818 11.99 -0.35 -27.36
CA LEU A 818 13.20 -1.03 -27.78
C LEU A 818 13.05 -1.58 -29.18
N ASP A 819 11.83 -1.84 -29.61
CA ASP A 819 11.57 -2.21 -31.00
C ASP A 819 11.89 -1.04 -31.92
N ASN A 820 11.21 0.09 -31.71
CA ASN A 820 11.30 1.18 -32.66
C ASN A 820 12.63 1.93 -32.56
N MET A 821 13.41 1.67 -31.51
CA MET A 821 14.75 2.22 -31.50
C MET A 821 15.72 1.32 -32.25
N GLN A 822 15.76 0.03 -31.90
CA GLN A 822 16.73 -0.88 -32.49
C GLN A 822 16.47 -1.08 -33.98
N LEU A 823 15.22 -1.02 -34.39
CA LEU A 823 14.89 -1.01 -35.81
C LEU A 823 15.43 0.24 -36.47
N GLN A 824 15.44 1.37 -35.75
CA GLN A 824 15.99 2.58 -36.32
C GLN A 824 17.51 2.54 -36.30
N VAL A 825 18.09 1.85 -35.30
CA VAL A 825 19.51 1.55 -35.32
C VAL A 825 19.88 0.75 -36.55
N ALA A 826 19.01 -0.18 -36.92
CA ALA A 826 19.17 -0.84 -38.22
C ALA A 826 18.98 0.16 -39.35
N SER A 827 17.86 0.89 -39.34
CA SER A 827 17.42 1.62 -40.53
C SER A 827 18.32 2.80 -40.86
N ALA A 828 19.24 3.15 -39.97
CA ALA A 828 20.30 4.04 -40.37
C ALA A 828 21.42 3.28 -41.05
N LEU A 829 21.85 2.17 -40.45
CA LEU A 829 22.94 1.40 -41.03
C LEU A 829 22.48 0.62 -42.25
N MET A 830 21.32 -0.02 -42.14
CA MET A 830 20.82 -0.90 -43.20
C MET A 830 20.42 -0.11 -44.43
N GLN A 831 20.17 1.20 -44.26
CA GLN A 831 19.99 2.12 -45.38
C GLN A 831 21.20 2.15 -46.30
N GLY A 832 22.38 1.82 -45.78
CA GLY A 832 23.56 1.56 -46.56
C GLY A 832 23.37 0.57 -47.68
N VAL A 833 24.07 0.80 -48.78
CA VAL A 833 23.86 0.19 -50.08
C VAL A 833 25.21 -0.41 -50.43
N THR A 834 25.41 -0.77 -51.70
CA THR A 834 26.68 -1.11 -52.38
C THR A 834 27.12 -2.52 -52.05
N ILE A 835 26.28 -3.31 -51.39
CA ILE A 835 26.62 -4.69 -51.09
C ILE A 835 26.39 -5.45 -52.39
N SER A 836 27.43 -5.53 -53.21
CA SER A 836 27.33 -6.11 -54.53
C SER A 836 28.09 -7.43 -54.55
N SER A 837 27.40 -8.49 -54.95
CA SER A 837 27.89 -9.85 -54.72
C SER A 837 29.00 -10.21 -55.69
N ARG A 838 28.93 -9.69 -56.91
CA ARG A 838 29.93 -10.03 -57.92
C ARG A 838 31.26 -9.35 -57.63
N SER A 861 31.12 -10.15 -53.30
CA SER A 861 31.68 -10.18 -51.96
C SER A 861 32.86 -11.13 -51.87
N THR A 862 34.06 -10.58 -51.69
CA THR A 862 35.26 -11.36 -51.48
C THR A 862 35.88 -10.98 -50.14
N CYS A 863 36.52 -11.97 -49.51
CA CYS A 863 36.96 -11.86 -48.12
C CYS A 863 38.45 -11.51 -48.00
N ALA A 864 38.95 -10.64 -48.85
CA ALA A 864 40.30 -10.11 -48.71
C ALA A 864 40.27 -8.62 -48.98
N GLU A 865 41.29 -7.92 -48.49
CA GLU A 865 41.35 -6.48 -48.65
C GLU A 865 41.85 -6.11 -50.04
N ASP A 866 41.37 -4.99 -50.55
CA ASP A 866 41.82 -4.44 -51.84
C ASP A 866 42.39 -3.04 -51.69
N GLY A 867 41.69 -2.17 -50.98
CA GLY A 867 42.29 -0.92 -50.54
C GLY A 867 43.42 -1.19 -49.57
N ASN A 868 44.34 -0.24 -49.50
CA ASN A 868 45.55 -0.47 -48.73
C ASN A 868 45.34 -0.39 -47.23
N GLY A 869 44.23 0.21 -46.77
CA GLY A 869 43.91 0.26 -45.36
C GLY A 869 43.68 -1.13 -44.81
N PRO A 870 44.63 -1.61 -44.02
CA PRO A 870 44.73 -3.05 -43.77
C PRO A 870 43.75 -3.51 -42.70
N SER A 871 43.60 -4.83 -42.63
CA SER A 871 42.82 -5.57 -41.62
C SER A 871 41.35 -5.19 -41.58
N ALA A 872 40.85 -4.42 -42.54
CA ALA A 872 39.45 -4.06 -42.51
C ALA A 872 38.60 -5.23 -42.98
N ILE A 873 39.22 -6.27 -43.52
CA ILE A 873 38.58 -7.56 -43.61
C ILE A 873 38.82 -8.36 -42.34
N ARG A 874 39.98 -8.20 -41.71
CA ARG A 874 40.27 -8.95 -40.50
C ARG A 874 39.55 -8.36 -39.31
N GLY A 875 39.79 -7.09 -39.02
CA GLY A 875 39.12 -6.44 -37.92
C GLY A 875 37.68 -6.03 -38.17
N ARG A 876 37.06 -6.51 -39.24
CA ARG A 876 35.65 -6.24 -39.47
C ARG A 876 34.78 -6.99 -38.48
N SER A 877 35.13 -8.25 -38.20
CA SER A 877 34.39 -9.07 -37.25
C SER A 877 35.29 -9.85 -36.30
N ALA A 878 36.60 -9.56 -36.28
CA ALA A 878 37.43 -10.14 -35.25
C ALA A 878 37.15 -9.50 -33.91
N ILE A 879 36.76 -8.22 -33.92
CA ILE A 879 36.44 -7.53 -32.68
C ILE A 879 35.10 -8.02 -32.12
N GLU A 880 34.29 -8.66 -32.97
CA GLU A 880 33.03 -9.24 -32.55
C GLU A 880 33.23 -10.31 -31.48
N ASP A 881 34.02 -11.34 -31.81
CA ASP A 881 34.11 -12.50 -30.92
C ASP A 881 34.92 -12.19 -29.67
N LEU A 882 35.75 -11.15 -29.72
CA LEU A 882 36.44 -10.74 -28.50
C LEU A 882 35.49 -10.10 -27.51
N LEU A 883 34.46 -9.40 -28.02
CA LEU A 883 33.45 -8.81 -27.16
C LEU A 883 32.61 -9.89 -26.49
N PHE A 884 32.18 -10.88 -27.27
CA PHE A 884 31.29 -11.89 -26.75
C PHE A 884 32.01 -12.86 -25.84
N ASP A 885 33.33 -12.93 -25.93
CA ASP A 885 34.09 -13.83 -25.09
C ASP A 885 34.11 -13.35 -23.64
N LYS A 886 34.12 -12.04 -23.44
CA LYS A 886 34.25 -11.51 -22.09
C LYS A 886 32.93 -11.62 -21.33
N VAL A 887 31.87 -11.02 -21.87
CA VAL A 887 30.58 -11.04 -21.20
C VAL A 887 29.97 -12.43 -21.29
N LYS A 888 29.55 -12.95 -20.14
CA LYS A 888 28.91 -14.27 -20.14
C LYS A 888 27.47 -14.16 -20.62
N LEU A 889 26.71 -13.25 -20.04
CA LEU A 889 25.28 -13.14 -20.34
C LEU A 889 25.04 -12.18 -21.50
N SER A 890 25.61 -12.52 -22.65
CA SER A 890 25.37 -11.75 -23.85
C SER A 890 23.99 -12.08 -24.41
N ASP A 891 23.69 -11.48 -25.57
CA ASP A 891 22.34 -11.54 -26.11
C ASP A 891 21.99 -12.93 -26.62
N VAL A 892 22.89 -13.56 -27.38
CA VAL A 892 22.60 -14.90 -27.86
C VAL A 892 22.82 -15.91 -26.74
N GLY A 893 23.56 -15.53 -25.70
CA GLY A 893 23.84 -16.48 -24.63
C GLY A 893 22.71 -16.67 -23.66
N PHE A 894 21.69 -15.81 -23.72
CA PHE A 894 20.58 -15.91 -22.76
C PHE A 894 19.77 -17.17 -23.00
N VAL A 895 19.42 -17.44 -24.26
CA VAL A 895 18.60 -18.61 -24.56
C VAL A 895 19.42 -19.88 -24.39
N GLU A 896 20.74 -19.79 -24.56
CA GLU A 896 21.61 -20.88 -24.17
C GLU A 896 21.60 -21.05 -22.65
N ALA A 897 21.53 -19.94 -21.92
CA ALA A 897 21.45 -20.03 -20.47
C ALA A 897 20.08 -20.49 -20.03
N TYR A 898 19.07 -20.30 -20.87
CA TYR A 898 17.76 -20.81 -20.52
C TYR A 898 17.58 -22.26 -20.90
N ASN A 899 18.40 -22.77 -21.83
CA ASN A 899 18.18 -24.13 -22.30
C ASN A 899 18.76 -25.15 -21.34
N ASN A 900 19.75 -24.77 -20.54
CA ASN A 900 20.24 -25.67 -19.50
C ASN A 900 19.33 -25.66 -18.28
N CYS A 901 18.32 -24.79 -18.27
CA CYS A 901 17.43 -24.71 -17.12
C CYS A 901 16.41 -25.84 -17.08
N THR A 902 15.93 -26.28 -18.24
CA THR A 902 14.80 -27.21 -18.26
C THR A 902 15.22 -28.62 -17.91
N GLY A 903 16.45 -29.01 -18.25
CA GLY A 903 16.83 -30.40 -18.18
C GLY A 903 17.00 -30.92 -16.78
N GLY A 904 17.29 -30.03 -15.83
CA GLY A 904 17.46 -30.46 -14.46
C GLY A 904 18.88 -30.86 -14.16
N GLN A 905 19.84 -30.27 -14.86
CA GLN A 905 21.25 -30.57 -14.67
C GLN A 905 21.99 -29.28 -14.32
N GLU A 906 22.81 -29.35 -13.27
CA GLU A 906 23.64 -28.24 -12.78
C GLU A 906 22.79 -27.01 -12.45
N VAL A 907 21.59 -27.24 -11.96
CA VAL A 907 20.63 -26.15 -11.74
C VAL A 907 20.96 -25.57 -10.36
N ARG A 908 21.96 -24.70 -10.37
CA ARG A 908 22.37 -23.94 -9.21
C ARG A 908 22.46 -22.46 -9.52
N ASP A 909 22.42 -22.08 -10.79
CA ASP A 909 22.50 -20.68 -11.17
C ASP A 909 21.19 -19.97 -10.87
N LEU A 910 21.25 -18.66 -10.91
CA LEU A 910 20.12 -17.83 -10.54
C LEU A 910 19.19 -17.51 -11.69
N LEU A 911 19.65 -17.68 -12.94
CA LEU A 911 18.83 -17.29 -14.08
C LEU A 911 17.65 -18.23 -14.28
N CYS A 912 17.85 -19.51 -13.97
CA CYS A 912 16.77 -20.48 -14.09
C CYS A 912 15.70 -20.24 -13.04
N VAL A 913 16.08 -19.65 -11.90
CA VAL A 913 15.12 -19.36 -10.86
C VAL A 913 14.23 -18.20 -11.26
N GLN A 914 14.78 -17.24 -12.00
CA GLN A 914 13.99 -16.07 -12.39
C GLN A 914 12.93 -16.45 -13.41
N SER A 915 13.24 -17.41 -14.28
CA SER A 915 12.24 -17.84 -15.26
C SER A 915 11.15 -18.66 -14.61
N PHE A 916 11.43 -19.25 -13.44
CA PHE A 916 10.42 -20.06 -12.80
C PHE A 916 9.36 -19.21 -12.14
N ASN A 917 9.64 -17.93 -11.92
CA ASN A 917 8.65 -17.01 -11.40
C ASN A 917 8.27 -15.94 -12.41
N GLY A 918 8.39 -16.24 -13.69
CA GLY A 918 7.87 -15.37 -14.72
C GLY A 918 8.78 -14.26 -15.16
N ILE A 919 9.80 -13.92 -14.40
CA ILE A 919 10.69 -12.84 -14.82
C ILE A 919 11.73 -13.46 -15.73
N LYS A 920 11.42 -13.55 -17.02
CA LYS A 920 12.38 -14.07 -17.96
C LYS A 920 12.75 -12.99 -18.96
N VAL A 921 14.02 -13.00 -19.35
CA VAL A 921 14.46 -12.07 -20.36
C VAL A 921 13.97 -12.57 -21.71
N LEU A 922 13.49 -11.65 -22.53
CA LEU A 922 13.12 -12.03 -23.86
C LEU A 922 14.24 -11.66 -24.81
N PRO A 923 14.37 -12.35 -25.93
CA PRO A 923 15.27 -11.92 -26.96
C PRO A 923 14.75 -10.65 -27.63
N PRO A 924 15.61 -9.86 -28.24
CA PRO A 924 15.12 -8.69 -28.98
C PRO A 924 14.53 -9.07 -30.32
N VAL A 925 14.13 -8.09 -31.12
CA VAL A 925 13.47 -8.40 -32.39
C VAL A 925 14.49 -8.91 -33.40
N LEU A 926 15.49 -8.10 -33.71
CA LEU A 926 16.53 -8.55 -34.61
C LEU A 926 17.46 -9.51 -33.90
N SER A 927 17.91 -10.53 -34.61
CA SER A 927 18.94 -11.40 -34.08
C SER A 927 20.28 -10.68 -34.06
N GLU A 928 21.20 -11.17 -33.25
CA GLU A 928 22.51 -10.56 -33.21
C GLU A 928 23.33 -10.95 -34.42
N SER A 929 22.96 -12.03 -35.10
CA SER A 929 23.58 -12.33 -36.39
C SER A 929 23.16 -11.28 -37.42
N GLN A 930 21.93 -10.80 -37.33
CA GLN A 930 21.41 -9.89 -38.34
C GLN A 930 22.04 -8.51 -38.22
N ILE A 931 22.19 -8.02 -36.99
CA ILE A 931 22.82 -6.72 -36.79
C ILE A 931 24.28 -6.78 -37.18
N SER A 932 24.91 -7.93 -36.95
CA SER A 932 26.30 -8.11 -37.35
C SER A 932 26.46 -8.06 -38.86
N GLY A 933 25.42 -8.47 -39.59
CA GLY A 933 25.45 -8.29 -41.03
C GLY A 933 25.31 -6.83 -41.43
N TYR A 934 24.46 -6.10 -40.72
CA TYR A 934 24.21 -4.70 -41.07
C TYR A 934 25.42 -3.84 -40.75
N THR A 935 26.10 -4.14 -39.65
CA THR A 935 27.32 -3.43 -39.28
C THR A 935 28.40 -3.66 -40.31
N THR A 936 28.56 -4.92 -40.71
CA THR A 936 29.39 -5.25 -41.87
C THR A 936 28.90 -4.55 -43.11
N GLY A 937 27.58 -4.50 -43.31
CA GLY A 937 26.99 -3.73 -44.37
C GLY A 937 27.29 -2.25 -44.20
N ALA A 938 27.32 -1.77 -42.96
CA ALA A 938 27.67 -0.38 -42.72
C ALA A 938 29.15 -0.15 -42.95
N THR A 939 29.99 -1.09 -42.52
CA THR A 939 31.43 -0.88 -42.60
C THR A 939 31.92 -1.03 -44.04
N ALA A 940 31.48 -2.08 -44.72
CA ALA A 940 31.88 -2.27 -46.11
C ALA A 940 31.21 -1.30 -47.05
N ALA A 941 30.23 -0.54 -46.56
CA ALA A 941 29.71 0.60 -47.33
C ALA A 941 30.78 1.66 -47.55
N ALA A 942 31.81 1.67 -46.71
CA ALA A 942 32.97 2.51 -46.96
C ALA A 942 34.15 1.73 -47.52
N MET A 943 34.15 0.40 -47.43
CA MET A 943 35.36 -0.36 -47.76
C MET A 943 35.45 -0.72 -49.24
N PHE A 944 34.57 -0.21 -50.08
CA PHE A 944 34.71 -0.39 -51.52
C PHE A 944 34.84 0.97 -52.20
N PRO A 945 36.03 1.55 -52.24
CA PRO A 945 36.23 2.88 -52.83
C PRO A 945 35.88 2.96 -54.31
N PRO A 946 35.88 1.83 -55.06
CA PRO A 946 35.07 1.83 -56.28
C PRO A 946 33.64 2.26 -56.05
N TRP A 947 32.86 1.53 -55.29
CA TRP A 947 31.48 1.96 -55.15
C TRP A 947 31.05 1.88 -53.69
N SER A 948 30.78 3.04 -53.12
CA SER A 948 30.75 3.24 -51.69
C SER A 948 29.48 3.97 -51.30
N ALA A 949 29.00 3.71 -50.09
CA ALA A 949 27.80 4.37 -49.60
C ALA A 949 28.10 5.37 -48.51
N ALA A 950 29.34 5.83 -48.40
CA ALA A 950 29.73 6.88 -47.47
C ALA A 950 29.95 8.13 -48.30
N ALA A 951 28.84 8.84 -48.56
CA ALA A 951 28.75 10.04 -49.41
C ALA A 951 29.23 9.81 -50.83
N GLY A 952 29.33 8.57 -51.28
CA GLY A 952 29.82 8.29 -52.61
C GLY A 952 31.31 8.46 -52.82
N VAL A 953 32.06 8.86 -51.79
CA VAL A 953 33.46 9.21 -52.00
C VAL A 953 34.33 7.99 -51.69
N PRO A 954 35.40 7.77 -52.45
CA PRO A 954 36.28 6.64 -52.17
C PRO A 954 37.03 6.79 -50.86
N PHE A 955 37.37 5.64 -50.24
CA PHE A 955 37.82 5.60 -48.85
C PHE A 955 39.24 6.10 -48.70
N SER A 956 40.15 5.65 -49.56
CA SER A 956 41.53 6.11 -49.52
C SER A 956 41.62 7.58 -49.86
N LEU A 957 40.66 8.08 -50.64
CA LEU A 957 40.48 9.52 -50.74
C LEU A 957 39.91 10.09 -49.45
N SER A 958 39.01 9.35 -48.79
CA SER A 958 38.23 9.94 -47.70
C SER A 958 39.07 10.17 -46.45
N VAL A 959 40.16 9.44 -46.29
CA VAL A 959 41.06 9.69 -45.17
C VAL A 959 41.79 11.00 -45.39
N GLN A 960 41.92 11.45 -46.62
CA GLN A 960 42.63 12.68 -46.88
C GLN A 960 41.70 13.88 -46.86
N TYR A 961 40.45 13.70 -46.44
CA TYR A 961 39.55 14.85 -46.47
C TYR A 961 39.02 15.26 -45.10
N ARG A 962 38.79 14.31 -44.19
CA ARG A 962 38.45 14.75 -42.85
C ARG A 962 39.67 15.32 -42.13
N ILE A 963 40.87 14.90 -42.52
CA ILE A 963 42.07 15.62 -42.12
C ILE A 963 42.13 17.00 -42.75
N ASN A 964 41.61 17.16 -43.96
CA ASN A 964 41.84 18.39 -44.70
C ASN A 964 40.99 19.55 -44.22
N GLY A 965 40.14 19.32 -43.23
CA GLY A 965 39.64 20.44 -42.46
C GLY A 965 40.70 21.00 -41.53
N LEU A 966 41.63 20.15 -41.09
CA LEU A 966 42.68 20.55 -40.17
C LEU A 966 44.07 20.45 -40.80
N GLY A 967 44.45 19.26 -41.28
CA GLY A 967 45.73 19.12 -41.94
C GLY A 967 45.67 19.59 -43.37
N VAL A 968 46.79 19.53 -44.04
CA VAL A 968 46.87 20.07 -45.40
C VAL A 968 47.10 18.92 -46.38
N THR A 969 46.49 19.02 -47.58
CA THR A 969 46.58 17.94 -48.56
C THR A 969 47.98 17.79 -49.10
N MET A 970 48.67 18.92 -49.27
CA MET A 970 50.07 18.88 -49.62
C MET A 970 50.90 18.23 -48.53
N ASN A 971 50.44 18.34 -47.29
CA ASN A 971 51.26 17.93 -46.16
C ASN A 971 51.26 16.42 -45.98
N VAL A 972 50.13 15.77 -46.23
CA VAL A 972 50.13 14.32 -46.17
C VAL A 972 50.91 13.74 -47.35
N LEU A 973 51.14 14.55 -48.39
CA LEU A 973 52.08 14.31 -49.50
C LEU A 973 51.72 13.11 -50.35
N SER A 974 50.61 12.44 -50.05
CA SER A 974 50.33 11.00 -50.18
C SER A 974 51.33 10.12 -49.41
N GLU A 975 52.23 10.70 -48.61
CA GLU A 975 53.20 9.92 -47.87
C GLU A 975 52.58 9.33 -46.63
N ASN A 976 52.01 10.19 -45.78
CA ASN A 976 51.47 9.74 -44.51
C ASN A 976 50.19 8.93 -44.66
N GLN A 977 49.60 8.89 -45.86
CA GLN A 977 48.50 7.99 -46.15
C GLN A 977 48.91 6.54 -45.91
N LYS A 978 50.09 6.16 -46.38
CA LYS A 978 50.62 4.85 -46.05
C LYS A 978 51.00 4.78 -44.58
N MET A 979 51.43 5.91 -44.01
CA MET A 979 51.82 5.91 -42.61
C MET A 979 50.60 5.93 -41.70
N ILE A 980 49.51 6.56 -42.14
CA ILE A 980 48.31 6.50 -41.31
C ILE A 980 47.69 5.12 -41.40
N ALA A 981 47.78 4.48 -42.57
CA ALA A 981 47.20 3.16 -42.73
C ALA A 981 48.02 2.12 -41.99
N SER A 982 49.34 2.29 -41.99
CA SER A 982 50.19 1.46 -41.16
C SER A 982 49.94 1.75 -39.68
N ALA A 983 49.63 3.00 -39.35
CA ALA A 983 49.20 3.30 -38.00
C ALA A 983 47.79 2.78 -37.75
N PHE A 984 46.95 2.79 -38.80
CA PHE A 984 45.63 2.20 -38.70
C PHE A 984 45.74 0.69 -38.52
N ASN A 985 46.70 0.08 -39.22
CA ASN A 985 47.08 -1.30 -38.95
C ASN A 985 47.57 -1.44 -37.52
N ASN A 986 48.47 -0.54 -37.11
CA ASN A 986 48.94 -0.52 -35.73
C ASN A 986 47.84 -0.15 -34.77
N ALA A 987 46.82 0.56 -35.23
CA ALA A 987 45.65 0.78 -34.39
C ALA A 987 44.90 -0.53 -34.19
N LEU A 988 44.52 -1.19 -35.28
CA LEU A 988 43.53 -2.26 -35.22
C LEU A 988 44.08 -3.49 -34.52
N GLY A 989 45.38 -3.74 -34.65
CA GLY A 989 45.98 -4.81 -33.87
C GLY A 989 46.03 -4.46 -32.39
N ALA A 990 46.44 -3.24 -32.08
CA ALA A 990 46.42 -2.79 -30.69
C ALA A 990 45.00 -2.57 -30.20
N ILE A 991 44.07 -2.32 -31.12
CA ILE A 991 42.66 -2.36 -30.76
C ILE A 991 42.28 -3.77 -30.34
N GLN A 992 42.80 -4.77 -31.04
CA GLN A 992 42.60 -6.15 -30.61
C GLN A 992 43.42 -6.45 -29.36
N ASP A 993 44.67 -5.98 -29.32
CA ASP A 993 45.56 -6.37 -28.22
C ASP A 993 45.23 -5.62 -26.94
N GLY A 994 44.86 -4.34 -27.05
CA GLY A 994 44.51 -3.59 -25.86
C GLY A 994 43.14 -3.95 -25.32
N PHE A 995 42.35 -4.70 -26.09
CA PHE A 995 41.00 -5.03 -25.67
C PHE A 995 40.99 -6.11 -24.59
N ASP A 996 42.01 -6.98 -24.57
CA ASP A 996 42.01 -8.09 -23.62
C ASP A 996 42.19 -7.60 -22.19
N ALA A 997 42.84 -6.47 -22.01
CA ALA A 997 42.95 -5.88 -20.68
C ALA A 997 41.60 -5.28 -20.27
N THR A 998 41.51 -4.90 -19.00
CA THR A 998 40.31 -4.24 -18.51
C THR A 998 40.21 -2.84 -19.10
N ASN A 999 39.37 -2.69 -20.12
CA ASN A 999 39.26 -1.49 -20.92
C ASN A 999 37.99 -0.74 -20.54
N SER A 1000 37.96 0.54 -20.90
CA SER A 1000 36.79 1.37 -20.62
C SER A 1000 35.58 0.89 -21.42
N ALA A 1001 35.82 0.37 -22.63
CA ALA A 1001 34.72 -0.09 -23.47
C ALA A 1001 34.08 -1.34 -22.87
N LEU A 1002 34.87 -2.19 -22.24
CA LEU A 1002 34.28 -3.32 -21.54
C LEU A 1002 33.63 -2.88 -20.24
N GLY A 1003 34.06 -1.74 -19.70
CA GLY A 1003 33.66 -1.30 -18.38
C GLY A 1003 32.19 -1.05 -18.21
N LYS A 1004 31.60 -0.25 -19.11
CA LYS A 1004 30.18 0.02 -19.00
C LYS A 1004 29.34 -1.18 -19.41
N ILE A 1005 29.90 -2.03 -20.27
CA ILE A 1005 29.16 -3.21 -20.75
C ILE A 1005 28.98 -4.21 -19.63
N GLN A 1006 30.06 -4.45 -18.87
CA GLN A 1006 29.95 -5.31 -17.70
C GLN A 1006 29.11 -4.65 -16.63
N SER A 1007 29.01 -3.31 -16.65
CA SER A 1007 28.17 -2.62 -15.68
C SER A 1007 26.70 -2.84 -15.97
N VAL A 1008 26.29 -2.66 -17.23
CA VAL A 1008 24.86 -2.62 -17.55
C VAL A 1008 24.26 -4.01 -17.47
N VAL A 1009 25.05 -5.04 -17.79
CA VAL A 1009 24.55 -6.40 -17.63
C VAL A 1009 24.56 -6.77 -16.16
N ASN A 1010 25.37 -6.08 -15.35
CA ASN A 1010 25.24 -6.22 -13.91
C ASN A 1010 24.10 -5.35 -13.39
N ALA A 1011 23.96 -4.14 -13.96
CA ALA A 1011 22.88 -3.25 -13.55
C ALA A 1011 21.51 -3.84 -13.88
N ASN A 1012 21.44 -4.65 -14.93
CA ASN A 1012 20.30 -5.54 -15.09
C ASN A 1012 20.23 -6.54 -13.95
N ALA A 1013 21.35 -7.22 -13.69
CA ALA A 1013 21.34 -8.38 -12.79
C ALA A 1013 21.11 -7.96 -11.34
N GLU A 1014 21.62 -6.78 -10.95
CA GLU A 1014 21.35 -6.31 -9.60
C GLU A 1014 19.90 -5.89 -9.46
N ALA A 1015 19.29 -5.43 -10.55
CA ALA A 1015 17.88 -5.05 -10.51
C ALA A 1015 17.00 -6.27 -10.34
N LEU A 1016 17.28 -7.33 -11.10
CA LEU A 1016 16.40 -8.49 -11.07
C LEU A 1016 16.58 -9.28 -9.78
N ASN A 1017 17.79 -9.28 -9.22
CA ASN A 1017 18.01 -9.94 -7.94
C ASN A 1017 17.29 -9.19 -6.83
N ASN A 1018 17.29 -7.86 -6.91
CA ASN A 1018 16.46 -7.07 -6.01
C ASN A 1018 14.99 -7.33 -6.29
N LEU A 1019 14.66 -7.64 -7.54
CA LEU A 1019 13.29 -8.00 -7.85
C LEU A 1019 12.99 -9.43 -7.41
N LEU A 1020 13.98 -10.31 -7.44
CA LEU A 1020 13.69 -11.70 -7.08
C LEU A 1020 13.70 -11.90 -5.56
N ASN A 1021 14.63 -11.24 -4.86
CA ASN A 1021 14.64 -11.32 -3.40
C ASN A 1021 13.41 -10.65 -2.79
N GLN A 1022 12.78 -9.76 -3.55
CA GLN A 1022 11.53 -9.15 -3.15
C GLN A 1022 10.42 -10.16 -2.95
N LEU A 1023 10.47 -11.26 -3.71
CA LEU A 1023 9.39 -12.25 -3.67
C LEU A 1023 9.28 -12.93 -2.31
N SER A 1024 10.39 -13.07 -1.60
CA SER A 1024 10.40 -13.79 -0.34
C SER A 1024 10.71 -12.88 0.84
N ASN A 1025 10.07 -11.72 0.91
CA ASN A 1025 10.49 -10.76 1.91
C ASN A 1025 9.61 -10.72 3.15
N ARG A 1026 8.43 -11.35 3.14
CA ARG A 1026 7.48 -11.35 4.26
C ARG A 1026 7.05 -9.94 4.65
N PHE A 1027 6.31 -9.30 3.75
CA PHE A 1027 5.67 -8.03 4.06
C PHE A 1027 4.71 -8.18 5.23
N GLY A 1028 3.69 -9.01 5.03
CA GLY A 1028 2.83 -9.40 6.13
C GLY A 1028 3.53 -10.32 7.09
N ALA A 1029 2.87 -10.57 8.22
CA ALA A 1029 3.59 -11.07 9.38
C ALA A 1029 3.78 -12.58 9.40
N ILE A 1030 3.08 -13.33 8.55
CA ILE A 1030 3.08 -14.78 8.73
C ILE A 1030 4.31 -15.41 8.11
N SER A 1031 4.39 -15.39 6.79
CA SER A 1031 5.50 -15.97 6.04
C SER A 1031 5.41 -15.46 4.60
N ALA A 1032 6.39 -15.86 3.80
CA ALA A 1032 6.54 -15.32 2.45
C ALA A 1032 5.84 -16.17 1.41
N SER A 1033 6.01 -17.48 1.47
CA SER A 1033 5.53 -18.36 0.42
C SER A 1033 4.03 -18.53 0.52
N LEU A 1034 3.35 -18.35 -0.62
CA LEU A 1034 1.89 -18.36 -0.63
C LEU A 1034 1.33 -19.75 -0.40
N GLN A 1035 2.04 -20.77 -0.87
CA GLN A 1035 1.66 -22.14 -0.54
C GLN A 1035 1.84 -22.39 0.93
N GLU A 1036 2.86 -21.78 1.53
CA GLU A 1036 3.12 -22.01 2.94
C GLU A 1036 2.14 -21.22 3.80
N ILE A 1037 1.71 -20.05 3.34
CA ILE A 1037 0.80 -19.25 4.16
C ILE A 1037 -0.62 -19.79 4.07
N LEU A 1038 -0.91 -20.58 3.05
CA LEU A 1038 -2.29 -21.01 2.85
C LEU A 1038 -2.63 -22.17 3.76
N THR A 1039 -1.65 -23.01 4.08
CA THR A 1039 -1.93 -24.16 4.94
C THR A 1039 -1.94 -23.74 6.39
N ARG A 1040 -1.35 -22.59 6.70
CA ARG A 1040 -1.25 -22.21 8.10
C ARG A 1040 -2.44 -21.41 8.57
N LEU A 1041 -3.28 -20.95 7.65
CA LEU A 1041 -4.46 -20.18 7.99
C LEU A 1041 -5.69 -20.77 7.33
N GLU A 1042 -6.86 -20.49 7.88
CA GLU A 1042 -8.08 -20.85 7.18
C GLU A 1042 -8.50 -19.73 6.23
N ALA A 1043 -9.70 -19.84 5.69
CA ALA A 1043 -10.06 -19.02 4.53
C ALA A 1043 -10.47 -17.60 4.91
N VAL A 1044 -10.84 -17.35 6.15
CA VAL A 1044 -11.30 -16.01 6.52
C VAL A 1044 -10.11 -15.05 6.61
N GLU A 1045 -9.18 -15.34 7.52
CA GLU A 1045 -8.11 -14.39 7.81
C GLU A 1045 -7.10 -14.33 6.67
N ALA A 1046 -6.92 -15.45 5.96
CA ALA A 1046 -5.99 -15.45 4.84
C ALA A 1046 -6.51 -14.62 3.69
N LYS A 1047 -7.84 -14.45 3.60
CA LYS A 1047 -8.40 -13.51 2.64
C LYS A 1047 -7.99 -12.09 2.99
N ALA A 1048 -7.75 -11.81 4.27
CA ALA A 1048 -7.14 -10.55 4.64
C ALA A 1048 -5.62 -10.64 4.63
N GLN A 1049 -5.07 -11.80 4.97
CA GLN A 1049 -3.64 -11.89 5.20
C GLN A 1049 -2.85 -11.88 3.90
N ILE A 1050 -3.36 -12.54 2.87
CA ILE A 1050 -2.70 -12.57 1.57
C ILE A 1050 -2.70 -11.17 0.96
N ASP A 1051 -3.74 -10.39 1.26
CA ASP A 1051 -3.90 -9.09 0.63
C ASP A 1051 -2.81 -8.11 1.06
N ARG A 1052 -2.25 -8.30 2.25
CA ARG A 1052 -1.08 -7.50 2.61
C ARG A 1052 0.14 -7.96 1.82
N LEU A 1053 0.22 -9.26 1.52
CA LEU A 1053 1.36 -9.76 0.75
C LEU A 1053 1.27 -9.32 -0.70
N ILE A 1054 0.05 -9.21 -1.23
CA ILE A 1054 -0.08 -8.75 -2.61
C ILE A 1054 0.24 -7.27 -2.71
N ASN A 1055 -0.13 -6.49 -1.68
CA ASN A 1055 0.07 -5.05 -1.71
C ASN A 1055 1.54 -4.69 -1.70
N GLY A 1056 2.37 -5.54 -1.09
CA GLY A 1056 3.79 -5.29 -1.10
C GLY A 1056 4.41 -5.56 -2.46
N ARG A 1057 4.12 -6.74 -3.01
CA ARG A 1057 4.77 -7.15 -4.25
C ARG A 1057 4.29 -6.32 -5.42
N LEU A 1058 3.03 -5.91 -5.41
CA LEU A 1058 2.52 -5.06 -6.47
C LEU A 1058 3.11 -3.67 -6.36
N THR A 1059 3.47 -3.24 -5.16
CA THR A 1059 4.14 -1.95 -5.01
C THR A 1059 5.53 -2.00 -5.59
N ALA A 1060 6.26 -3.08 -5.33
CA ALA A 1060 7.62 -3.20 -5.84
C ALA A 1060 7.62 -3.43 -7.33
N LEU A 1061 6.61 -4.14 -7.83
CA LEU A 1061 6.46 -4.29 -9.27
C LEU A 1061 6.16 -2.95 -9.93
N ASN A 1062 5.35 -2.13 -9.26
CA ASN A 1062 5.19 -0.74 -9.70
C ASN A 1062 6.48 0.03 -9.53
N ALA A 1063 7.23 -0.26 -8.47
CA ALA A 1063 8.51 0.40 -8.28
C ALA A 1063 9.52 -0.08 -9.30
N TYR A 1064 9.37 -1.31 -9.78
CA TYR A 1064 10.31 -1.82 -10.77
C TYR A 1064 10.07 -1.17 -12.13
N ILE A 1065 8.81 -1.06 -12.55
CA ILE A 1065 8.54 -0.62 -13.91
C ILE A 1065 8.77 0.88 -14.04
N SER A 1066 8.60 1.62 -12.94
CA SER A 1066 8.92 3.04 -12.95
C SER A 1066 10.42 3.22 -13.12
N LYS A 1067 11.20 2.39 -12.44
CA LYS A 1067 12.63 2.34 -12.71
C LYS A 1067 12.89 1.85 -14.13
N GLN A 1068 12.06 0.92 -14.61
CA GLN A 1068 12.26 0.42 -15.96
C GLN A 1068 11.83 1.45 -16.99
N LEU A 1069 10.85 2.29 -16.66
CA LEU A 1069 10.49 3.37 -17.57
C LEU A 1069 11.58 4.41 -17.67
N SER A 1070 12.15 4.78 -16.53
CA SER A 1070 13.16 5.82 -16.51
C SER A 1070 14.46 5.36 -17.15
N ASP A 1071 14.76 4.06 -17.03
CA ASP A 1071 15.95 3.53 -17.70
C ASP A 1071 15.75 3.55 -19.20
N SER A 1072 14.52 3.25 -19.65
CA SER A 1072 14.25 3.17 -21.08
C SER A 1072 14.32 4.54 -21.73
N THR A 1073 14.00 5.59 -20.98
CA THR A 1073 14.11 6.94 -21.50
C THR A 1073 15.55 7.35 -21.69
N LEU A 1074 16.42 7.04 -20.71
CA LEU A 1074 17.84 7.34 -20.83
C LEU A 1074 18.49 6.56 -21.97
N ILE A 1075 17.94 5.40 -22.31
CA ILE A 1075 18.37 4.71 -23.52
C ILE A 1075 18.03 5.53 -24.75
N LYS A 1076 16.76 5.96 -24.86
CA LYS A 1076 16.32 6.63 -26.08
C LYS A 1076 16.94 8.00 -26.24
N VAL A 1077 17.40 8.62 -25.15
CA VAL A 1077 18.27 9.78 -25.28
C VAL A 1077 19.59 9.38 -25.92
N SER A 1078 20.19 8.32 -25.41
CA SER A 1078 21.49 7.89 -25.92
C SER A 1078 21.35 7.17 -27.25
N ALA A 1079 20.22 6.51 -27.48
CA ALA A 1079 20.05 5.81 -28.75
C ALA A 1079 19.84 6.82 -29.88
N ALA A 1080 19.09 7.88 -29.60
CA ALA A 1080 18.99 8.96 -30.58
C ALA A 1080 20.31 9.70 -30.70
N GLN A 1081 21.08 9.76 -29.61
CA GLN A 1081 22.47 10.18 -29.70
C GLN A 1081 23.26 9.21 -30.54
N ALA A 1082 22.97 7.91 -30.41
CA ALA A 1082 23.63 6.93 -31.24
C ALA A 1082 23.13 7.00 -32.68
N ILE A 1083 21.82 7.22 -32.85
CA ILE A 1083 21.25 7.44 -34.19
C ILE A 1083 21.90 8.64 -34.85
N GLU A 1084 22.13 9.69 -34.08
CA GLU A 1084 22.83 10.85 -34.60
C GLU A 1084 24.27 10.51 -34.97
N LYS A 1085 24.90 9.64 -34.18
CA LYS A 1085 26.29 9.31 -34.45
C LYS A 1085 26.42 8.35 -35.61
N VAL A 1086 25.47 7.43 -35.77
CA VAL A 1086 25.60 6.48 -36.87
C VAL A 1086 25.14 7.13 -38.17
N ASN A 1087 24.39 8.22 -38.08
CA ASN A 1087 24.01 8.93 -39.28
C ASN A 1087 25.05 9.98 -39.64
N GLU A 1088 25.63 10.64 -38.64
CA GLU A 1088 26.51 11.76 -38.93
C GLU A 1088 27.98 11.47 -38.70
N CYS A 1089 28.34 10.67 -37.69
CA CYS A 1089 29.76 10.36 -37.53
C CYS A 1089 30.16 9.16 -38.36
N VAL A 1090 29.32 8.12 -38.40
CA VAL A 1090 29.69 6.87 -39.07
C VAL A 1090 29.49 6.95 -40.57
N LYS A 1091 28.24 7.18 -40.99
CA LYS A 1091 27.89 7.05 -42.40
C LYS A 1091 28.49 8.15 -43.24
N SER A 1092 28.14 9.39 -42.94
CA SER A 1092 28.63 10.52 -43.71
C SER A 1092 29.77 11.19 -42.97
N GLN A 1093 30.27 12.26 -43.58
CA GLN A 1093 31.32 13.06 -42.98
C GLN A 1093 30.72 14.21 -42.20
N THR A 1094 31.59 15.02 -41.60
CA THR A 1094 31.19 16.01 -40.61
C THR A 1094 31.56 17.40 -41.07
N THR A 1095 30.69 18.35 -40.80
CA THR A 1095 31.07 19.75 -40.89
C THR A 1095 31.11 20.40 -39.51
N ARG A 1096 30.23 19.98 -38.62
CA ARG A 1096 30.36 20.31 -37.20
C ARG A 1096 31.65 19.72 -36.66
N ILE A 1097 32.23 20.39 -35.68
CA ILE A 1097 33.59 20.10 -35.24
C ILE A 1097 33.60 19.15 -34.05
N ASN A 1098 33.04 19.56 -32.93
CA ASN A 1098 33.37 18.91 -31.67
C ASN A 1098 32.36 17.83 -31.33
N PHE A 1099 31.89 17.10 -32.31
CA PHE A 1099 30.85 16.12 -32.09
C PHE A 1099 31.46 14.73 -31.94
N CYS A 1100 30.85 13.94 -31.05
CA CYS A 1100 31.10 12.52 -30.84
C CYS A 1100 32.56 12.19 -30.53
N GLY A 1101 33.21 13.03 -29.74
CA GLY A 1101 34.56 12.77 -29.28
C GLY A 1101 35.26 14.06 -28.89
N ASN A 1102 36.45 14.27 -29.46
CA ASN A 1102 37.27 15.43 -29.17
C ASN A 1102 38.32 15.62 -30.25
N GLY A 1103 38.88 16.83 -30.28
CA GLY A 1103 39.92 17.11 -31.25
C GLY A 1103 39.34 17.15 -32.64
N ASN A 1104 39.90 16.35 -33.52
CA ASN A 1104 39.32 16.13 -34.83
C ASN A 1104 38.67 14.75 -34.85
N HIS A 1105 38.17 14.35 -36.01
CA HIS A 1105 37.68 12.99 -36.22
C HIS A 1105 38.16 12.51 -37.58
N ILE A 1106 39.14 11.62 -37.56
CA ILE A 1106 39.76 11.21 -38.81
C ILE A 1106 38.86 10.23 -39.54
N LEU A 1107 38.53 9.13 -38.89
CA LEU A 1107 37.56 8.20 -39.45
C LEU A 1107 36.50 7.94 -38.39
N SER A 1108 35.65 6.98 -38.67
CA SER A 1108 34.77 6.42 -37.66
C SER A 1108 34.47 5.00 -38.08
N LEU A 1109 34.33 4.11 -37.11
CA LEU A 1109 33.97 2.74 -37.39
C LEU A 1109 32.82 2.35 -36.49
N VAL A 1110 32.35 1.14 -36.65
CA VAL A 1110 31.24 0.63 -35.88
C VAL A 1110 31.32 -0.89 -35.83
N GLN A 1111 31.18 -1.44 -34.63
CA GLN A 1111 31.08 -2.88 -34.47
C GLN A 1111 29.94 -3.17 -33.52
N ASN A 1112 29.13 -4.17 -33.85
CA ASN A 1112 28.05 -4.57 -32.97
C ASN A 1112 28.60 -5.23 -31.73
N ALA A 1113 28.19 -4.72 -30.58
CA ALA A 1113 28.62 -5.21 -29.28
C ALA A 1113 27.39 -5.66 -28.54
N PRO A 1114 27.54 -6.52 -27.52
CA PRO A 1114 26.37 -6.93 -26.74
C PRO A 1114 25.79 -5.77 -25.96
N TYR A 1115 24.47 -5.63 -26.04
CA TYR A 1115 23.68 -4.60 -25.38
C TYR A 1115 24.13 -3.20 -25.79
N GLY A 1116 24.08 -2.95 -27.09
CA GLY A 1116 24.46 -1.64 -27.57
C GLY A 1116 25.70 -1.69 -28.42
N LEU A 1117 25.67 -0.99 -29.54
CA LEU A 1117 26.80 -0.95 -30.44
C LEU A 1117 27.89 -0.02 -29.88
N TYR A 1118 29.12 -0.21 -30.35
CA TYR A 1118 30.20 0.66 -29.89
C TYR A 1118 31.18 0.92 -31.02
N PHE A 1119 31.81 2.09 -30.98
CA PHE A 1119 32.56 2.63 -32.09
C PHE A 1119 34.04 2.65 -31.77
N ILE A 1120 34.81 3.12 -32.75
CA ILE A 1120 36.22 3.42 -32.53
C ILE A 1120 36.49 4.80 -33.10
N HIS A 1121 36.43 5.83 -32.27
CA HIS A 1121 36.66 7.18 -32.74
C HIS A 1121 38.16 7.35 -32.91
N PHE A 1122 38.63 7.23 -34.14
CA PHE A 1122 40.06 7.37 -34.41
C PHE A 1122 40.51 8.81 -34.29
N SER A 1123 40.80 9.25 -33.08
CA SER A 1123 41.18 10.63 -32.88
C SER A 1123 42.59 10.89 -33.41
N TYR A 1124 42.88 12.16 -33.62
CA TYR A 1124 44.13 12.60 -34.22
C TYR A 1124 44.95 13.30 -33.14
N VAL A 1125 46.08 12.70 -32.77
CA VAL A 1125 46.91 13.19 -31.69
C VAL A 1125 48.30 13.48 -32.25
N PRO A 1126 48.83 14.69 -32.10
CA PRO A 1126 50.21 14.96 -32.50
C PRO A 1126 51.17 14.69 -31.37
N ILE A 1127 52.46 14.52 -31.72
CA ILE A 1127 53.46 14.23 -30.69
C ILE A 1127 54.52 15.32 -30.58
N SER A 1128 55.33 15.50 -31.61
CA SER A 1128 56.61 16.19 -31.47
C SER A 1128 56.44 17.68 -31.73
N PHE A 1129 56.14 18.44 -30.70
CA PHE A 1129 55.81 19.85 -30.82
C PHE A 1129 57.04 20.68 -31.20
N THR A 1130 56.79 21.80 -31.88
CA THR A 1130 57.81 22.80 -32.16
C THR A 1130 57.23 24.18 -31.91
N THR A 1131 57.96 25.19 -32.37
CA THR A 1131 57.56 26.57 -32.20
C THR A 1131 58.04 27.42 -33.36
N ALA A 1132 57.36 28.55 -33.56
CA ALA A 1132 57.68 29.54 -34.58
C ALA A 1132 56.95 30.83 -34.24
N ASN A 1133 57.51 31.94 -34.72
CA ASN A 1133 56.85 33.22 -34.58
C ASN A 1133 55.60 33.26 -35.43
N VAL A 1134 54.57 33.95 -34.93
CA VAL A 1134 53.31 34.08 -35.65
C VAL A 1134 52.68 35.42 -35.31
N SER A 1135 52.16 36.11 -36.36
CA SER A 1135 51.47 37.38 -36.31
C SER A 1135 50.20 37.32 -37.15
N PRO A 1136 49.05 36.97 -36.57
CA PRO A 1136 47.88 36.62 -37.38
C PRO A 1136 47.23 37.72 -38.20
N GLY A 1137 46.97 38.87 -37.60
CA GLY A 1137 46.07 39.82 -38.23
C GLY A 1137 46.66 40.61 -39.38
N LEU A 1138 47.94 40.39 -39.71
CA LEU A 1138 48.72 41.24 -40.63
C LEU A 1138 48.60 42.71 -40.23
N CYS A 1139 48.89 42.98 -38.96
CA CYS A 1139 49.06 44.34 -38.50
C CYS A 1139 50.46 44.87 -38.80
N ILE A 1140 51.29 44.04 -39.42
CA ILE A 1140 52.72 44.30 -39.52
C ILE A 1140 53.16 44.10 -40.97
N SER A 1141 53.79 45.13 -41.53
CA SER A 1141 54.72 45.03 -42.67
C SER A 1141 54.06 44.47 -43.94
N GLY A 1142 53.17 45.28 -44.52
CA GLY A 1142 52.65 44.97 -45.83
C GLY A 1142 53.74 45.01 -46.88
N ASP A 1143 53.99 43.88 -47.56
CA ASP A 1143 54.92 43.86 -48.68
C ASP A 1143 54.19 43.90 -50.02
N ARG A 1144 53.30 42.94 -50.26
CA ARG A 1144 52.35 43.12 -51.34
C ARG A 1144 51.42 44.29 -51.01
N GLY A 1145 51.38 45.27 -51.91
CA GLY A 1145 50.92 46.63 -51.64
C GLY A 1145 49.56 46.85 -50.99
N LEU A 1146 49.58 47.44 -49.79
CA LEU A 1146 48.42 47.62 -48.92
C LEU A 1146 47.74 46.26 -48.64
N ALA A 1147 48.41 45.50 -47.79
CA ALA A 1147 47.84 44.23 -47.37
C ALA A 1147 47.30 44.28 -45.95
N PRO A 1148 46.00 44.56 -45.75
CA PRO A 1148 45.33 44.10 -44.52
C PRO A 1148 44.66 42.74 -44.70
N LYS A 1149 45.43 41.76 -45.16
CA LYS A 1149 44.90 40.41 -45.29
C LYS A 1149 44.75 39.79 -43.90
N ALA A 1150 44.02 38.69 -43.83
CA ALA A 1150 43.77 38.07 -42.55
C ALA A 1150 43.49 36.59 -42.71
N GLY A 1151 42.96 36.00 -41.64
CA GLY A 1151 42.48 34.63 -41.69
C GLY A 1151 43.59 33.62 -41.87
N TYR A 1152 44.82 34.01 -41.56
CA TYR A 1152 45.98 33.27 -42.00
C TYR A 1152 47.02 33.23 -40.90
N PHE A 1153 47.63 32.07 -40.71
CA PHE A 1153 48.67 31.94 -39.71
C PHE A 1153 49.97 32.51 -40.25
N VAL A 1154 51.02 32.49 -39.45
CA VAL A 1154 52.27 33.10 -39.84
C VAL A 1154 53.44 32.24 -39.40
N GLN A 1155 54.36 31.98 -40.32
CA GLN A 1155 55.72 31.66 -39.95
C GLN A 1155 56.63 32.49 -40.83
N ASP A 1156 57.83 32.77 -40.35
CA ASP A 1156 58.71 33.69 -41.04
C ASP A 1156 59.66 32.94 -41.98
N ASP A 1157 60.71 33.65 -42.43
CA ASP A 1157 61.85 33.24 -43.26
C ASP A 1157 61.46 33.06 -44.72
N GLY A 1158 60.17 32.95 -44.99
CA GLY A 1158 59.72 33.13 -46.33
C GLY A 1158 59.46 34.60 -46.54
N GLU A 1159 58.27 34.90 -47.00
CA GLU A 1159 57.81 36.28 -46.92
C GLU A 1159 56.79 36.43 -45.81
N TRP A 1160 55.68 35.72 -45.94
CA TRP A 1160 54.79 35.31 -44.87
C TRP A 1160 54.14 34.03 -45.35
N LYS A 1161 53.99 33.07 -44.45
CA LYS A 1161 53.49 31.77 -44.89
C LYS A 1161 52.30 31.40 -44.01
N PHE A 1162 51.42 30.58 -44.56
CA PHE A 1162 50.24 30.09 -43.85
C PHE A 1162 50.46 28.66 -43.42
N THR A 1163 50.07 28.35 -42.19
CA THR A 1163 50.10 26.98 -41.69
C THR A 1163 48.73 26.62 -41.17
N GLY A 1164 48.32 25.39 -41.42
CA GLY A 1164 47.17 24.83 -40.76
C GLY A 1164 47.48 24.57 -39.32
N SER A 1165 46.44 24.35 -38.54
CA SER A 1165 46.61 24.17 -37.11
C SER A 1165 46.94 22.75 -36.70
N SER A 1166 47.47 21.94 -37.61
CA SER A 1166 48.01 20.63 -37.25
C SER A 1166 49.47 20.47 -37.61
N TYR A 1167 49.84 20.72 -38.86
CA TYR A 1167 51.19 20.46 -39.35
C TYR A 1167 51.86 21.75 -39.71
N TYR A 1168 53.05 21.96 -39.17
CA TYR A 1168 53.80 23.18 -39.40
C TYR A 1168 54.34 23.14 -40.82
N TYR A 1169 53.75 23.93 -41.69
CA TYR A 1169 54.22 23.92 -43.07
C TYR A 1169 53.98 25.22 -43.81
N PRO A 1170 55.01 25.78 -44.43
CA PRO A 1170 54.84 26.98 -45.26
C PRO A 1170 54.08 26.66 -46.54
N GLU A 1171 53.11 27.51 -46.85
CA GLU A 1171 52.41 27.46 -48.12
C GLU A 1171 53.25 28.16 -49.19
N PRO A 1172 52.80 28.19 -50.44
CA PRO A 1172 53.38 29.16 -51.38
C PRO A 1172 53.10 30.57 -50.93
N ILE A 1173 51.82 30.89 -50.81
CA ILE A 1173 51.35 32.20 -50.41
C ILE A 1173 50.15 32.00 -49.51
N THR A 1174 49.49 33.10 -49.17
CA THR A 1174 48.20 33.02 -48.52
C THR A 1174 47.16 32.38 -49.45
N ASP A 1175 46.04 31.96 -48.85
CA ASP A 1175 45.12 31.00 -49.47
C ASP A 1175 44.53 31.51 -50.78
N LYS A 1176 43.85 32.64 -50.73
CA LYS A 1176 43.26 33.20 -51.93
C LYS A 1176 43.08 34.69 -51.75
N GLU B 1 29.29 -31.52 79.22
CA GLU B 1 29.49 -31.04 77.86
C GLU B 1 30.94 -30.62 77.64
N VAL B 2 31.21 -30.04 76.47
CA VAL B 2 32.57 -29.65 76.13
C VAL B 2 32.99 -28.46 76.98
N THR B 3 34.19 -28.54 77.55
CA THR B 3 34.75 -27.45 78.31
C THR B 3 36.19 -27.23 77.87
N ILE B 4 36.58 -25.96 77.86
CA ILE B 4 37.88 -25.53 77.35
C ILE B 4 38.59 -24.76 78.46
N GLU B 5 39.88 -25.02 78.63
CA GLU B 5 40.68 -24.36 79.65
C GLU B 5 41.95 -23.81 79.04
N ALA B 6 42.38 -22.64 79.54
CA ALA B 6 43.70 -22.11 79.23
C ALA B 6 44.64 -22.46 80.37
N VAL B 7 45.77 -23.09 80.05
CA VAL B 7 46.78 -23.46 81.03
C VAL B 7 48.10 -22.83 80.62
N PRO B 8 48.59 -21.79 81.32
CA PRO B 8 47.88 -21.06 82.38
C PRO B 8 46.94 -20.01 81.79
N PRO B 9 45.93 -19.56 82.56
CA PRO B 9 45.05 -18.51 82.05
C PRO B 9 45.75 -17.16 81.90
N GLN B 10 46.87 -16.98 82.56
CA GLN B 10 47.70 -15.80 82.37
C GLN B 10 49.11 -16.26 82.03
N VAL B 11 49.58 -15.86 80.86
CA VAL B 11 50.87 -16.31 80.32
C VAL B 11 51.74 -15.08 80.16
N ALA B 12 53.04 -15.24 80.41
CA ALA B 12 53.96 -14.15 80.13
C ALA B 12 54.21 -14.04 78.63
N GLU B 13 55.12 -13.14 78.27
CA GLU B 13 55.42 -12.92 76.87
C GLU B 13 56.21 -14.11 76.30
N ASP B 14 55.82 -14.52 75.08
CA ASP B 14 56.56 -15.46 74.24
C ASP B 14 56.71 -16.84 74.87
N ASN B 15 55.67 -17.32 75.53
CA ASN B 15 55.69 -18.59 76.23
C ASN B 15 54.59 -19.51 75.67
N ASN B 16 54.34 -20.61 76.36
CA ASN B 16 53.44 -21.65 75.89
C ASN B 16 52.16 -21.68 76.72
N VAL B 17 51.02 -21.75 76.02
CA VAL B 17 49.72 -22.02 76.64
C VAL B 17 49.11 -23.18 75.87
N LEU B 18 48.25 -23.95 76.55
CA LEU B 18 47.59 -25.08 75.93
C LEU B 18 46.08 -24.88 76.02
N LEU B 19 45.43 -24.77 74.86
CA LEU B 19 43.98 -24.62 74.79
C LEU B 19 43.38 -26.00 75.00
N LEU B 20 43.24 -26.40 76.27
CA LEU B 20 42.94 -27.79 76.61
C LEU B 20 41.44 -28.03 76.51
N VAL B 21 41.06 -28.88 75.56
CA VAL B 21 39.66 -29.28 75.39
C VAL B 21 39.36 -30.41 76.36
N HIS B 22 38.21 -30.32 77.03
CA HIS B 22 37.76 -31.38 77.90
C HIS B 22 36.38 -31.85 77.47
N ASN B 23 36.17 -33.16 77.57
CA ASN B 23 34.89 -33.83 77.26
C ASN B 23 34.43 -33.59 75.83
N LEU B 24 35.36 -33.60 74.88
CA LEU B 24 34.98 -33.52 73.49
C LEU B 24 34.31 -34.83 73.07
N PRO B 25 33.37 -34.78 72.13
CA PRO B 25 32.70 -36.02 71.70
C PRO B 25 33.51 -36.78 70.66
N LEU B 26 32.94 -37.83 70.09
CA LEU B 26 33.72 -38.79 69.32
C LEU B 26 33.47 -38.75 67.81
N ALA B 27 32.22 -38.77 67.35
CA ALA B 27 31.93 -38.91 65.93
C ALA B 27 31.71 -37.53 65.34
N LEU B 28 32.79 -36.78 65.23
CA LEU B 28 32.73 -35.41 64.75
C LEU B 28 33.07 -35.38 63.28
N GLY B 29 32.43 -34.49 62.53
CA GLY B 29 32.79 -34.33 61.14
C GLY B 29 34.16 -33.71 60.99
N ALA B 30 34.38 -32.59 61.69
CA ALA B 30 35.65 -31.87 61.72
C ALA B 30 35.58 -30.89 62.87
N PHE B 31 36.66 -30.15 63.07
CA PHE B 31 36.65 -29.01 63.98
C PHE B 31 37.75 -28.05 63.57
N ALA B 32 37.59 -26.79 63.98
CA ALA B 32 38.58 -25.76 63.71
C ALA B 32 38.50 -24.69 64.79
N TRP B 33 39.58 -23.93 64.92
CA TRP B 33 39.68 -22.86 65.90
C TRP B 33 39.44 -21.52 65.23
N TYR B 34 38.74 -20.63 65.93
CA TYR B 34 38.31 -19.36 65.36
C TYR B 34 38.77 -18.21 66.24
N LYS B 35 39.45 -17.24 65.62
CA LYS B 35 39.79 -16.01 66.31
C LYS B 35 38.54 -15.17 66.54
N GLY B 36 38.46 -14.55 67.71
CA GLY B 36 37.35 -13.67 67.99
C GLY B 36 36.04 -14.40 68.23
N ASN B 37 34.97 -13.64 68.47
CA ASN B 37 33.64 -14.22 68.63
C ASN B 37 32.88 -14.12 67.31
N THR B 38 33.42 -14.80 66.31
CA THR B 38 32.84 -14.80 64.98
C THR B 38 33.06 -16.17 64.35
N THR B 39 32.31 -16.45 63.29
CA THR B 39 32.42 -17.71 62.59
C THR B 39 32.72 -17.51 61.11
N ALA B 40 33.02 -16.28 60.70
CA ALA B 40 33.50 -16.05 59.35
C ALA B 40 34.88 -16.69 59.20
N ILE B 41 35.12 -17.30 58.04
CA ILE B 41 36.22 -18.23 57.89
C ILE B 41 37.58 -17.53 57.87
N ASP B 42 37.60 -16.21 57.65
CA ASP B 42 38.87 -15.50 57.68
C ASP B 42 39.45 -15.35 59.07
N LYS B 43 38.71 -15.70 60.11
CA LYS B 43 39.26 -15.80 61.45
C LYS B 43 39.44 -17.24 61.90
N GLU B 44 39.12 -18.21 61.04
CA GLU B 44 39.42 -19.60 61.32
C GLU B 44 40.92 -19.81 61.19
N ILE B 45 41.51 -20.49 62.17
CA ILE B 45 42.97 -20.58 62.22
C ILE B 45 43.46 -21.87 61.59
N ALA B 46 43.08 -23.01 62.18
CA ALA B 46 43.57 -24.30 61.74
C ALA B 46 42.43 -25.30 61.82
N ARG B 47 42.31 -26.14 60.80
CA ARG B 47 41.18 -27.04 60.66
C ARG B 47 41.70 -28.46 60.54
N PHE B 48 41.38 -29.29 61.51
CA PHE B 48 41.79 -30.69 61.55
C PHE B 48 40.54 -31.56 61.68
N VAL B 49 40.56 -32.68 60.99
CA VAL B 49 39.40 -33.57 60.88
C VAL B 49 39.71 -34.83 61.68
N PRO B 50 38.70 -35.53 62.21
CA PRO B 50 38.99 -36.77 62.93
C PRO B 50 38.98 -38.00 62.05
N ASN B 51 38.33 -37.96 60.89
CA ASN B 51 38.08 -39.18 60.14
C ASN B 51 39.00 -39.33 58.94
N SER B 52 39.79 -38.31 58.61
CA SER B 52 40.80 -38.42 57.57
C SER B 52 42.19 -37.99 58.04
N ASN B 53 42.30 -37.45 59.25
CA ASN B 53 43.56 -37.25 59.98
C ASN B 53 44.52 -36.32 59.25
N MET B 54 43.96 -35.27 58.66
CA MET B 54 44.75 -34.21 58.06
C MET B 54 44.37 -32.89 58.70
N ASN B 55 45.36 -32.03 58.89
CA ASN B 55 45.09 -30.69 59.39
C ASN B 55 45.42 -29.67 58.31
N PHE B 56 44.66 -28.59 58.29
CA PHE B 56 44.87 -27.52 57.32
C PHE B 56 44.60 -26.19 57.98
N THR B 57 45.21 -25.15 57.45
CA THR B 57 45.27 -23.86 58.10
C THR B 57 44.27 -22.89 57.48
N GLY B 58 44.02 -21.80 58.20
CA GLY B 58 43.19 -20.73 57.70
C GLY B 58 44.02 -19.52 57.33
N GLN B 59 43.33 -18.38 57.21
CA GLN B 59 44.03 -17.13 56.91
C GLN B 59 44.84 -16.64 58.11
N ALA B 60 44.30 -16.72 59.32
CA ALA B 60 44.94 -16.15 60.49
C ALA B 60 45.94 -17.10 61.16
N TYR B 61 46.42 -18.11 60.47
CA TYR B 61 47.47 -18.96 61.02
C TYR B 61 48.79 -18.22 61.02
N SER B 62 49.24 -17.80 62.20
CA SER B 62 50.53 -17.11 62.29
C SER B 62 51.71 -18.04 62.19
N GLY B 63 51.49 -19.36 62.19
CA GLY B 63 52.55 -20.32 61.95
C GLY B 63 53.08 -21.03 63.17
N ARG B 64 52.71 -20.60 64.36
CA ARG B 64 53.26 -21.13 65.60
C ARG B 64 52.17 -21.77 66.47
N GLU B 65 51.16 -22.34 65.83
CA GLU B 65 50.02 -22.87 66.57
C GLU B 65 49.80 -24.32 66.15
N ILE B 66 49.96 -25.23 67.10
CA ILE B 66 49.91 -26.67 66.82
C ILE B 66 48.54 -27.18 67.20
N ILE B 67 47.91 -27.91 66.28
CA ILE B 67 46.60 -28.50 66.50
C ILE B 67 46.78 -30.00 66.73
N TYR B 68 46.09 -30.52 67.75
CA TYR B 68 46.24 -31.91 68.16
C TYR B 68 44.97 -32.69 67.88
N SER B 69 45.08 -34.01 68.12
CA SER B 69 43.97 -34.91 67.85
C SER B 69 42.85 -34.77 68.87
N ASN B 70 43.19 -34.41 70.12
CA ASN B 70 42.16 -34.24 71.14
C ASN B 70 41.51 -32.86 71.10
N GLY B 71 41.68 -32.13 69.99
CA GLY B 71 41.14 -30.81 69.85
C GLY B 71 41.98 -29.71 70.44
N SER B 72 43.04 -30.04 71.18
CA SER B 72 43.80 -29.04 71.88
C SER B 72 44.64 -28.22 70.90
N LEU B 73 44.87 -26.97 71.29
CA LEU B 73 45.64 -26.04 70.48
C LEU B 73 46.82 -25.55 71.32
N LEU B 74 48.03 -25.81 70.83
CA LEU B 74 49.25 -25.47 71.53
C LEU B 74 49.87 -24.25 70.86
N PHE B 75 50.18 -23.23 71.67
CA PHE B 75 50.85 -22.03 71.20
C PHE B 75 52.33 -22.11 71.52
N GLN B 76 53.16 -21.56 70.63
CA GLN B 76 54.60 -21.54 70.84
C GLN B 76 55.08 -20.22 71.42
N MET B 77 54.76 -19.12 70.77
CA MET B 77 55.15 -17.78 71.23
C MET B 77 53.88 -16.96 71.43
N ILE B 78 53.52 -16.74 72.69
CA ILE B 78 52.39 -15.88 72.99
C ILE B 78 52.76 -14.44 72.68
N THR B 79 51.97 -13.81 71.81
CA THR B 79 52.17 -12.43 71.42
C THR B 79 51.11 -11.60 72.12
N MET B 80 51.35 -10.28 72.19
CA MET B 80 50.41 -9.39 72.85
C MET B 80 49.11 -9.25 72.07
N LYS B 81 49.15 -9.46 70.75
CA LYS B 81 47.94 -9.31 69.95
C LYS B 81 46.98 -10.48 70.18
N ASP B 82 47.50 -11.62 70.61
CA ASP B 82 46.69 -12.83 70.77
C ASP B 82 45.86 -12.83 72.04
N MET B 83 45.91 -11.76 72.83
CA MET B 83 44.94 -11.59 73.90
C MET B 83 43.57 -11.33 73.30
N GLY B 84 42.56 -11.95 73.87
CA GLY B 84 41.21 -11.82 73.38
C GLY B 84 40.50 -13.15 73.44
N VAL B 85 39.41 -13.23 72.71
CA VAL B 85 38.53 -14.39 72.76
C VAL B 85 38.84 -15.33 71.60
N TYR B 86 38.62 -16.62 71.84
CA TYR B 86 38.83 -17.65 70.84
C TYR B 86 37.67 -18.62 70.89
N THR B 87 37.13 -18.98 69.73
CA THR B 87 35.96 -19.82 69.64
C THR B 87 36.34 -21.10 68.90
N LEU B 88 35.88 -22.25 69.40
CA LEU B 88 36.21 -23.54 68.80
C LEU B 88 34.97 -24.11 68.14
N ASP B 89 35.00 -24.21 66.81
CA ASP B 89 33.88 -24.69 66.02
C ASP B 89 33.96 -26.20 65.89
N MET B 90 32.80 -26.86 65.94
CA MET B 90 32.71 -28.28 65.67
C MET B 90 31.53 -28.52 64.75
N THR B 91 31.66 -29.53 63.89
CA THR B 91 30.65 -29.86 62.89
C THR B 91 30.36 -31.36 62.92
N ASP B 92 29.09 -31.71 62.77
CA ASP B 92 28.70 -33.13 62.72
C ASP B 92 27.45 -33.32 61.87
N GLU B 93 27.58 -34.22 60.89
CA GLU B 93 26.51 -34.60 59.95
C GLU B 93 25.96 -33.41 59.17
N ASN B 94 26.88 -32.57 58.69
CA ASN B 94 26.61 -31.30 58.01
C ASN B 94 25.72 -30.39 58.86
N TYR B 95 25.98 -30.37 60.15
CA TYR B 95 25.31 -29.50 61.12
C TYR B 95 26.36 -29.08 62.11
N ARG B 96 26.28 -27.84 62.59
CA ARG B 96 27.39 -27.27 63.36
C ARG B 96 26.92 -26.68 64.67
N ARG B 97 27.87 -26.52 65.60
CA ARG B 97 27.67 -25.80 66.85
C ARG B 97 28.97 -25.08 67.18
N THR B 98 28.87 -23.84 67.65
CA THR B 98 30.04 -22.99 67.86
C THR B 98 30.20 -22.66 69.34
N GLN B 99 29.80 -23.60 70.18
CA GLN B 99 29.59 -23.33 71.59
C GLN B 99 30.82 -23.53 72.45
N ALA B 100 32.02 -23.39 71.89
CA ALA B 100 33.24 -23.58 72.64
C ALA B 100 34.10 -22.33 72.52
N THR B 101 33.91 -21.39 73.46
CA THR B 101 34.59 -20.10 73.45
C THR B 101 35.59 -20.04 74.59
N VAL B 102 36.70 -19.33 74.39
CA VAL B 102 37.73 -19.21 75.41
C VAL B 102 38.46 -17.88 75.24
N ARG B 103 38.86 -17.28 76.37
CA ARG B 103 39.53 -15.99 76.42
C ARG B 103 40.61 -16.02 77.49
N PHE B 104 41.80 -15.53 77.16
CA PHE B 104 42.90 -15.45 78.11
C PHE B 104 43.52 -14.06 78.07
N HIS B 105 44.52 -13.83 78.93
CA HIS B 105 45.24 -12.57 78.96
C HIS B 105 46.74 -12.83 79.11
N VAL B 106 47.53 -11.86 78.67
CA VAL B 106 48.98 -11.95 78.66
C VAL B 106 49.57 -10.80 79.48
N HIS B 107 50.48 -11.14 80.40
CA HIS B 107 51.17 -10.16 81.22
C HIS B 107 52.61 -10.57 81.50
N TYR C 22 -29.23 -50.69 -12.34
CA TYR C 22 -30.34 -50.96 -11.43
C TYR C 22 -30.61 -49.75 -10.57
N ILE C 23 -31.32 -48.80 -11.12
CA ILE C 23 -31.65 -47.57 -10.42
C ILE C 23 -32.77 -47.87 -9.43
N GLY C 24 -32.65 -47.34 -8.24
CA GLY C 24 -33.71 -47.47 -7.27
C GLY C 24 -33.61 -48.76 -6.50
N ASP C 25 -34.72 -49.08 -5.83
CA ASP C 25 -34.71 -50.28 -5.01
C ASP C 25 -36.00 -51.08 -5.05
N PHE C 26 -37.02 -50.65 -5.78
CA PHE C 26 -38.34 -51.24 -5.60
C PHE C 26 -38.78 -52.06 -6.80
N ARG C 27 -39.32 -53.25 -6.54
CA ARG C 27 -39.89 -54.10 -7.57
C ARG C 27 -41.31 -53.66 -7.88
N CYS C 28 -41.61 -53.55 -9.17
CA CYS C 28 -42.85 -52.97 -9.65
C CYS C 28 -43.50 -53.90 -10.64
N ILE C 29 -44.78 -53.66 -10.89
CA ILE C 29 -45.50 -54.46 -11.85
C ILE C 29 -45.20 -53.90 -13.22
N GLN C 30 -44.15 -54.39 -13.86
CA GLN C 30 -43.70 -53.85 -15.13
C GLN C 30 -44.55 -54.43 -16.25
N LEU C 31 -45.28 -53.56 -16.94
CA LEU C 31 -46.20 -53.97 -17.98
C LEU C 31 -45.58 -53.86 -19.37
N VAL C 32 -44.29 -54.14 -19.48
CA VAL C 32 -43.61 -54.19 -20.76
C VAL C 32 -42.75 -55.43 -20.82
N ASN C 33 -42.34 -55.79 -22.02
CA ASN C 33 -41.46 -56.93 -22.19
C ASN C 33 -40.04 -56.54 -21.80
N SER C 34 -39.22 -57.57 -21.55
CA SER C 34 -37.82 -57.37 -21.21
C SER C 34 -36.98 -58.48 -21.80
N ASN C 35 -35.76 -58.12 -22.21
CA ASN C 35 -34.81 -59.09 -22.74
C ASN C 35 -33.40 -58.53 -22.60
N GLY C 36 -32.50 -59.34 -22.06
CA GLY C 36 -31.11 -58.95 -22.05
C GLY C 36 -30.38 -59.53 -23.25
N ALA C 37 -30.83 -59.16 -24.45
CA ALA C 37 -30.29 -59.75 -25.67
C ALA C 37 -28.92 -59.14 -26.01
N ASN C 38 -28.88 -57.84 -26.28
CA ASN C 38 -27.64 -57.21 -26.70
C ASN C 38 -27.68 -55.73 -26.40
N VAL C 39 -26.51 -55.19 -26.04
CA VAL C 39 -26.35 -53.78 -25.71
C VAL C 39 -25.07 -53.26 -26.34
N SER C 40 -24.93 -51.94 -26.36
CA SER C 40 -23.73 -51.30 -26.89
C SER C 40 -23.33 -50.15 -25.97
N ALA C 41 -22.20 -49.55 -26.29
CA ALA C 41 -21.87 -48.26 -25.70
C ALA C 41 -22.81 -47.21 -26.28
N PRO C 42 -23.11 -46.14 -25.53
CA PRO C 42 -23.96 -45.07 -26.08
C PRO C 42 -23.24 -44.36 -27.20
N SER C 43 -23.99 -44.03 -28.25
CA SER C 43 -23.41 -43.43 -29.44
C SER C 43 -22.95 -42.02 -29.10
N ILE C 44 -21.66 -41.90 -28.78
CA ILE C 44 -21.08 -40.60 -28.54
C ILE C 44 -21.12 -39.81 -29.83
N SER C 45 -21.79 -38.68 -29.79
CA SER C 45 -22.23 -38.05 -31.03
C SER C 45 -21.06 -37.39 -31.74
N THR C 46 -21.19 -37.29 -33.06
CA THR C 46 -20.21 -36.56 -33.86
C THR C 46 -20.23 -35.08 -33.54
N GLU C 47 -21.36 -34.56 -33.07
CA GLU C 47 -21.40 -33.14 -32.71
C GLU C 47 -20.63 -32.93 -31.43
N THR C 48 -19.95 -31.80 -31.36
CA THR C 48 -19.30 -31.37 -30.15
C THR C 48 -20.02 -30.14 -29.65
N VAL C 49 -19.80 -29.81 -28.37
CA VAL C 49 -20.45 -28.65 -27.78
C VAL C 49 -19.87 -27.39 -28.39
N GLU C 50 -20.73 -26.60 -29.02
CA GLU C 50 -20.33 -25.35 -29.65
C GLU C 50 -20.96 -24.23 -28.86
N VAL C 51 -20.15 -23.29 -28.41
CA VAL C 51 -20.63 -22.19 -27.59
C VAL C 51 -20.55 -20.86 -28.30
N SER C 52 -20.13 -20.84 -29.57
CA SER C 52 -19.94 -19.57 -30.25
C SER C 52 -21.26 -18.91 -30.62
N GLN C 53 -22.35 -19.67 -30.61
CA GLN C 53 -23.67 -19.10 -30.82
C GLN C 53 -24.37 -18.81 -29.50
N GLY C 54 -23.63 -18.79 -28.40
CA GLY C 54 -24.22 -18.56 -27.10
C GLY C 54 -24.86 -19.76 -26.48
N LEU C 55 -24.93 -20.89 -27.20
CA LEU C 55 -25.51 -22.10 -26.64
C LEU C 55 -24.62 -22.65 -25.55
N GLY C 56 -25.22 -23.16 -24.49
CA GLY C 56 -24.50 -23.63 -23.34
C GLY C 56 -24.47 -22.65 -22.20
N THR C 57 -24.86 -21.40 -22.43
CA THR C 57 -24.81 -20.41 -21.38
C THR C 57 -26.18 -20.23 -20.77
N TYR C 58 -26.25 -19.35 -19.78
CA TYR C 58 -27.52 -19.04 -19.13
C TYR C 58 -27.43 -17.63 -18.57
N TYR C 59 -28.57 -16.94 -18.55
CA TYR C 59 -28.58 -15.54 -18.17
C TYR C 59 -28.28 -15.37 -16.70
N VAL C 60 -27.64 -14.26 -16.39
CA VAL C 60 -27.43 -13.89 -15.00
C VAL C 60 -28.79 -13.55 -14.41
N LEU C 61 -29.06 -14.05 -13.22
CA LEU C 61 -30.27 -13.67 -12.53
C LEU C 61 -30.19 -12.21 -12.11
N ASP C 62 -31.28 -11.48 -12.35
CA ASP C 62 -31.57 -10.19 -11.73
C ASP C 62 -30.60 -9.09 -12.16
N ARG C 63 -30.14 -9.12 -13.40
CA ARG C 63 -29.31 -8.05 -13.94
C ARG C 63 -29.50 -8.02 -15.45
N VAL C 64 -29.26 -6.84 -16.03
CA VAL C 64 -29.23 -6.68 -17.47
C VAL C 64 -27.99 -5.89 -17.83
N TYR C 65 -27.24 -6.38 -18.79
CA TYR C 65 -26.13 -5.62 -19.35
C TYR C 65 -26.51 -5.26 -20.77
N LEU C 66 -25.87 -4.23 -21.32
CA LEU C 66 -26.16 -3.79 -22.68
C LEU C 66 -24.88 -3.37 -23.39
N ASN C 67 -24.71 -3.88 -24.61
CA ASN C 67 -23.65 -3.50 -25.56
C ASN C 67 -22.26 -3.67 -24.98
N ALA C 68 -22.09 -4.73 -24.20
CA ALA C 68 -20.90 -4.87 -23.39
C ALA C 68 -20.35 -6.28 -23.55
N THR C 69 -19.20 -6.51 -22.91
CA THR C 69 -18.55 -7.83 -22.88
C THR C 69 -18.01 -8.00 -21.46
N LEU C 70 -18.45 -9.03 -20.76
CA LEU C 70 -18.04 -9.23 -19.38
C LEU C 70 -17.33 -10.56 -19.20
N LEU C 71 -16.47 -10.61 -18.19
CA LEU C 71 -15.85 -11.85 -17.77
C LEU C 71 -16.59 -12.35 -16.54
N LEU C 72 -17.44 -13.34 -16.73
CA LEU C 72 -18.27 -13.82 -15.64
C LEU C 72 -17.91 -15.26 -15.34
N THR C 73 -18.66 -15.86 -14.42
CA THR C 73 -18.44 -17.25 -14.07
C THR C 73 -19.75 -17.89 -13.67
N GLY C 74 -19.67 -19.15 -13.27
CA GLY C 74 -20.85 -19.91 -12.90
C GLY C 74 -20.66 -21.38 -13.16
N TYR C 75 -21.58 -22.00 -13.90
CA TYR C 75 -21.48 -23.42 -14.20
C TYR C 75 -21.83 -23.61 -15.66
N TYR C 76 -20.97 -24.31 -16.38
CA TYR C 76 -20.93 -24.19 -17.83
C TYR C 76 -20.33 -25.45 -18.44
N PRO C 77 -20.60 -25.75 -19.70
CA PRO C 77 -19.91 -26.86 -20.36
C PRO C 77 -18.54 -26.45 -20.86
N VAL C 78 -17.62 -27.41 -20.84
CA VAL C 78 -16.32 -27.20 -21.44
C VAL C 78 -16.45 -27.24 -22.95
N ASP C 79 -15.83 -26.30 -23.64
CA ASP C 79 -15.96 -26.24 -25.08
C ASP C 79 -15.15 -27.36 -25.74
N GLY C 80 -15.68 -27.91 -26.83
CA GLY C 80 -14.98 -28.91 -27.57
C GLY C 80 -15.05 -30.30 -26.99
N SER C 81 -15.79 -30.51 -25.91
CA SER C 81 -15.99 -31.85 -25.41
C SER C 81 -17.08 -32.56 -26.22
N LYS C 82 -17.37 -33.78 -25.82
CA LYS C 82 -18.27 -34.62 -26.59
C LYS C 82 -19.58 -34.84 -25.85
N PHE C 83 -20.66 -34.84 -26.61
CA PHE C 83 -22.00 -35.06 -26.07
C PHE C 83 -22.20 -36.54 -25.76
N ARG C 84 -23.41 -36.88 -25.37
CA ARG C 84 -23.80 -38.27 -25.16
C ARG C 84 -25.23 -38.45 -25.60
N ASN C 85 -25.56 -39.64 -26.07
CA ASN C 85 -26.94 -39.97 -26.41
C ASN C 85 -27.44 -40.96 -25.38
N LEU C 86 -28.12 -40.45 -24.38
CA LEU C 86 -28.76 -41.35 -23.43
C LEU C 86 -30.16 -41.73 -23.86
N ALA C 87 -30.64 -41.22 -24.99
CA ALA C 87 -32.00 -41.51 -25.43
C ALA C 87 -32.07 -42.92 -25.99
N LEU C 88 -32.22 -43.87 -25.07
CA LEU C 88 -32.51 -45.23 -25.49
C LEU C 88 -33.92 -45.30 -26.04
N ARG C 89 -34.19 -46.36 -26.80
CA ARG C 89 -35.49 -46.47 -27.43
C ARG C 89 -35.89 -47.94 -27.47
N GLY C 90 -37.18 -48.16 -27.66
CA GLY C 90 -37.68 -49.51 -27.83
C GLY C 90 -39.09 -49.46 -28.35
N THR C 91 -39.63 -50.64 -28.63
CA THR C 91 -41.01 -50.74 -29.06
C THR C 91 -41.89 -51.37 -28.00
N ASN C 92 -41.56 -52.59 -27.57
CA ASN C 92 -42.28 -53.20 -26.47
C ASN C 92 -41.39 -53.93 -25.48
N SER C 93 -40.14 -54.20 -25.82
CA SER C 93 -39.24 -54.84 -24.88
C SER C 93 -38.25 -53.81 -24.35
N VAL C 94 -37.77 -54.06 -23.14
CA VAL C 94 -36.85 -53.17 -22.45
C VAL C 94 -35.60 -53.94 -22.06
N SER C 95 -34.44 -53.49 -22.51
CA SER C 95 -33.19 -54.20 -22.24
C SER C 95 -32.81 -54.07 -20.77
N LEU C 96 -32.51 -55.20 -20.14
CA LEU C 96 -32.17 -55.18 -18.71
C LEU C 96 -30.78 -54.60 -18.50
N SER C 97 -29.87 -54.80 -19.44
CA SER C 97 -28.54 -54.23 -19.28
C SER C 97 -28.49 -52.75 -19.59
N TRP C 98 -29.63 -52.12 -19.88
CA TRP C 98 -29.68 -50.67 -19.96
C TRP C 98 -29.42 -50.04 -18.60
N PHE C 99 -29.92 -50.67 -17.54
CA PHE C 99 -29.88 -50.05 -16.22
C PHE C 99 -28.57 -50.37 -15.54
N GLN C 100 -27.50 -49.75 -16.03
CA GLN C 100 -26.16 -49.81 -15.47
C GLN C 100 -25.34 -48.66 -16.04
N PRO C 101 -24.23 -48.28 -15.43
CA PRO C 101 -23.31 -47.37 -16.09
C PRO C 101 -22.71 -48.04 -17.31
N PRO C 102 -22.35 -47.27 -18.35
CA PRO C 102 -22.36 -45.82 -18.46
C PRO C 102 -23.66 -45.24 -19.00
N TYR C 103 -24.78 -45.92 -18.79
CA TYR C 103 -26.06 -45.23 -18.96
C TYR C 103 -26.40 -44.46 -17.71
N LEU C 104 -26.02 -44.97 -16.55
CA LEU C 104 -25.87 -44.15 -15.37
C LEU C 104 -24.68 -43.22 -15.57
N ASN C 105 -24.61 -42.17 -14.74
CA ASN C 105 -23.56 -41.18 -14.95
C ASN C 105 -23.18 -40.59 -13.60
N GLN C 106 -22.52 -39.43 -13.61
CA GLN C 106 -22.13 -38.72 -12.41
C GLN C 106 -22.47 -37.24 -12.56
N PHE C 107 -23.24 -36.71 -11.61
CA PHE C 107 -23.75 -35.34 -11.62
C PHE C 107 -22.88 -34.43 -10.79
N ASN C 108 -21.57 -34.61 -10.91
CA ASN C 108 -20.58 -33.87 -10.14
C ASN C 108 -20.74 -32.35 -10.19
N ASP C 109 -20.94 -31.79 -11.37
CA ASP C 109 -21.11 -30.35 -11.48
C ASP C 109 -22.20 -29.92 -12.43
N GLY C 110 -22.99 -30.82 -12.99
CA GLY C 110 -24.11 -30.34 -13.76
C GLY C 110 -24.30 -30.92 -15.14
N ILE C 111 -25.44 -30.61 -15.73
CA ILE C 111 -25.75 -31.02 -17.10
C ILE C 111 -26.17 -29.79 -17.88
N PHE C 112 -25.65 -29.67 -19.09
CA PHE C 112 -26.25 -28.80 -20.09
C PHE C 112 -26.90 -29.73 -21.10
N ALA C 113 -28.21 -29.88 -21.02
CA ALA C 113 -28.93 -30.88 -21.79
C ALA C 113 -29.54 -30.24 -23.02
N LYS C 114 -29.41 -30.92 -24.15
CA LYS C 114 -30.10 -30.56 -25.38
C LYS C 114 -31.01 -31.72 -25.73
N VAL C 115 -32.31 -31.46 -25.75
CA VAL C 115 -33.31 -32.48 -25.96
C VAL C 115 -34.08 -32.13 -27.23
N GLN C 116 -33.83 -32.89 -28.29
CA GLN C 116 -34.57 -32.70 -29.53
C GLN C 116 -35.99 -33.22 -29.37
N ASN C 117 -36.96 -32.41 -29.77
CA ASN C 117 -38.36 -32.79 -29.58
C ASN C 117 -38.78 -33.80 -30.62
N LEU C 118 -39.57 -34.77 -30.20
CA LEU C 118 -40.06 -35.82 -31.09
C LEU C 118 -41.58 -35.93 -31.07
N LYS C 119 -42.31 -34.82 -30.90
CA LYS C 119 -43.76 -34.88 -31.03
C LYS C 119 -44.19 -35.17 -32.45
N THR C 120 -43.43 -34.65 -33.43
CA THR C 120 -43.75 -34.82 -34.85
C THR C 120 -43.57 -36.25 -35.33
N SER C 121 -42.88 -37.11 -34.58
CA SER C 121 -42.71 -38.51 -34.96
C SER C 121 -43.55 -39.46 -34.12
N THR C 122 -44.23 -38.97 -33.10
CA THR C 122 -45.09 -39.80 -32.29
C THR C 122 -46.50 -39.85 -32.88
N PRO C 123 -47.28 -40.87 -32.52
CA PRO C 123 -48.71 -40.82 -32.84
C PRO C 123 -49.42 -39.74 -32.02
N SER C 124 -50.65 -39.45 -32.44
CA SER C 124 -51.34 -38.25 -31.96
C SER C 124 -51.84 -38.41 -30.53
N GLY C 125 -52.18 -39.63 -30.11
CA GLY C 125 -52.67 -39.82 -28.76
C GLY C 125 -51.63 -39.78 -27.68
N ALA C 126 -50.36 -39.58 -28.04
CA ALA C 126 -49.26 -39.60 -27.10
C ALA C 126 -49.29 -38.39 -26.17
N THR C 127 -48.58 -38.51 -25.05
CA THR C 127 -48.57 -37.45 -24.05
C THR C 127 -47.19 -36.82 -23.90
N ALA C 128 -46.16 -37.59 -23.60
CA ALA C 128 -44.84 -37.01 -23.36
C ALA C 128 -44.07 -36.95 -24.67
N TYR C 129 -43.58 -35.76 -25.01
CA TYR C 129 -43.01 -35.52 -26.32
C TYR C 129 -41.51 -35.70 -26.36
N PHE C 130 -40.86 -35.85 -25.22
CA PHE C 130 -39.44 -36.15 -25.16
C PHE C 130 -39.19 -36.90 -23.86
N PRO C 131 -38.18 -37.77 -23.78
CA PRO C 131 -38.03 -38.63 -22.59
C PRO C 131 -37.67 -37.86 -21.34
N THR C 132 -38.01 -38.42 -20.20
CA THR C 132 -37.92 -37.69 -18.95
C THR C 132 -36.60 -37.98 -18.25
N ILE C 133 -36.26 -37.12 -17.30
CA ILE C 133 -34.95 -37.09 -16.67
C ILE C 133 -35.08 -37.14 -15.16
N VAL C 134 -34.28 -37.98 -14.52
CA VAL C 134 -34.26 -38.07 -13.08
C VAL C 134 -32.85 -37.74 -12.60
N ILE C 135 -32.77 -37.14 -11.42
CA ILE C 135 -31.52 -36.76 -10.77
C ILE C 135 -31.63 -37.08 -9.30
N GLY C 136 -30.72 -37.88 -8.76
CA GLY C 136 -30.82 -38.21 -7.36
C GLY C 136 -29.49 -38.65 -6.79
N SER C 137 -29.50 -38.87 -5.47
CA SER C 137 -28.30 -39.29 -4.77
C SER C 137 -28.21 -40.79 -4.68
N LEU C 138 -29.19 -41.43 -4.05
CA LEU C 138 -29.34 -42.87 -4.13
C LEU C 138 -30.64 -43.30 -4.77
N PHE C 139 -31.55 -42.36 -5.01
CA PHE C 139 -32.93 -42.56 -5.47
C PHE C 139 -33.76 -43.40 -4.52
N GLY C 140 -33.26 -43.73 -3.34
CA GLY C 140 -34.00 -44.54 -2.41
C GLY C 140 -35.04 -43.74 -1.69
N TYR C 141 -35.71 -44.40 -0.75
CA TYR C 141 -36.82 -43.81 -0.05
C TYR C 141 -36.40 -42.75 0.95
N THR C 142 -35.11 -42.55 1.10
CA THR C 142 -34.56 -41.64 2.08
C THR C 142 -34.28 -40.25 1.56
N SER C 143 -33.86 -40.07 0.32
CA SER C 143 -33.38 -38.77 -0.10
C SER C 143 -34.23 -38.24 -1.23
N TYR C 144 -34.15 -36.93 -1.40
CA TYR C 144 -34.91 -36.28 -2.43
C TYR C 144 -34.30 -36.56 -3.80
N THR C 145 -35.16 -36.65 -4.80
CA THR C 145 -34.72 -36.73 -6.17
C THR C 145 -35.26 -35.53 -6.90
N VAL C 146 -34.88 -35.41 -8.16
CA VAL C 146 -35.45 -34.42 -9.04
C VAL C 146 -36.02 -35.14 -10.24
N VAL C 147 -37.29 -34.91 -10.52
CA VAL C 147 -37.92 -35.47 -11.70
C VAL C 147 -38.39 -34.32 -12.57
N ILE C 148 -38.08 -34.39 -13.85
CA ILE C 148 -38.65 -33.45 -14.80
C ILE C 148 -39.40 -34.24 -15.86
N GLU C 149 -40.70 -34.03 -15.98
CA GLU C 149 -41.53 -34.79 -16.91
C GLU C 149 -42.41 -33.89 -17.75
N PRO C 150 -42.29 -33.95 -19.08
CA PRO C 150 -43.23 -33.22 -19.93
C PRO C 150 -44.56 -33.98 -20.04
N TYR C 151 -45.65 -33.26 -19.82
CA TYR C 151 -46.98 -33.82 -20.05
C TYR C 151 -47.88 -32.72 -20.58
N ASN C 152 -48.49 -32.99 -21.74
CA ASN C 152 -49.46 -32.10 -22.39
C ASN C 152 -48.88 -30.72 -22.67
N GLY C 153 -47.58 -30.69 -22.97
CA GLY C 153 -46.91 -29.45 -23.26
C GLY C 153 -46.59 -28.60 -22.05
N VAL C 154 -46.79 -29.11 -20.85
CA VAL C 154 -46.33 -28.43 -19.64
C VAL C 154 -45.32 -29.34 -18.96
N ILE C 155 -44.53 -28.77 -18.06
CA ILE C 155 -43.47 -29.51 -17.37
C ILE C 155 -43.96 -29.86 -15.97
N MET C 156 -43.96 -31.15 -15.65
CA MET C 156 -44.40 -31.61 -14.34
C MET C 156 -43.18 -31.83 -13.45
N ALA C 157 -42.46 -30.74 -13.21
CA ALA C 157 -41.29 -30.80 -12.35
C ALA C 157 -41.71 -31.00 -10.90
N SER C 158 -41.05 -31.93 -10.23
CA SER C 158 -41.44 -32.24 -8.87
C SER C 158 -40.27 -32.81 -8.08
N VAL C 159 -39.64 -31.97 -7.26
CA VAL C 159 -38.48 -32.37 -6.49
C VAL C 159 -39.02 -33.14 -5.31
N CYS C 160 -39.16 -34.45 -5.47
CA CYS C 160 -39.96 -35.18 -4.51
C CYS C 160 -39.40 -36.56 -4.23
N GLN C 161 -39.54 -36.98 -2.98
CA GLN C 161 -38.99 -38.25 -2.51
C GLN C 161 -39.81 -39.39 -3.07
N TYR C 162 -39.48 -39.76 -4.30
CA TYR C 162 -40.15 -40.86 -4.96
C TYR C 162 -39.38 -42.15 -4.75
N THR C 163 -40.10 -43.22 -4.41
CA THR C 163 -39.53 -44.56 -4.41
C THR C 163 -39.45 -45.07 -5.84
N ILE C 164 -38.29 -44.86 -6.45
CA ILE C 164 -38.14 -45.09 -7.88
C ILE C 164 -38.01 -46.58 -8.19
N CYS C 165 -38.69 -47.01 -9.24
CA CYS C 165 -38.76 -48.40 -9.65
C CYS C 165 -37.40 -48.94 -10.10
N GLN C 166 -37.27 -50.27 -10.04
CA GLN C 166 -36.04 -50.90 -10.47
C GLN C 166 -35.91 -50.95 -11.97
N LEU C 167 -37.03 -50.96 -12.69
CA LEU C 167 -37.03 -50.90 -14.16
C LEU C 167 -37.82 -49.70 -14.63
N PRO C 168 -37.27 -48.50 -14.48
CA PRO C 168 -38.03 -47.31 -14.88
C PRO C 168 -38.04 -47.14 -16.38
N TYR C 169 -39.11 -46.53 -16.88
CA TYR C 169 -39.28 -46.12 -18.27
C TYR C 169 -40.52 -45.25 -18.37
N THR C 170 -40.53 -44.31 -19.30
CA THR C 170 -41.74 -43.55 -19.57
C THR C 170 -42.36 -44.04 -20.86
N ASP C 171 -43.42 -43.37 -21.28
CA ASP C 171 -44.08 -43.70 -22.54
C ASP C 171 -44.45 -42.43 -23.27
N CYS C 172 -44.49 -42.51 -24.59
CA CYS C 172 -45.16 -41.47 -25.36
C CYS C 172 -46.65 -41.51 -25.11
N LYS C 173 -47.25 -42.67 -25.31
CA LYS C 173 -48.68 -42.87 -25.11
C LYS C 173 -48.93 -43.95 -24.07
N PRO C 174 -48.81 -43.64 -22.78
CA PRO C 174 -49.11 -44.64 -21.77
C PRO C 174 -50.61 -44.80 -21.59
N ASN C 175 -51.04 -46.02 -21.33
CA ASN C 175 -52.42 -46.28 -20.98
C ASN C 175 -52.47 -47.35 -19.90
N THR C 176 -53.27 -47.05 -18.88
CA THR C 176 -53.57 -48.01 -17.81
C THR C 176 -55.07 -48.23 -17.81
N ASN C 177 -55.49 -49.50 -17.83
CA ASN C 177 -56.90 -49.85 -17.90
C ASN C 177 -57.49 -49.88 -16.49
N GLY C 178 -57.43 -48.72 -15.82
CA GLY C 178 -57.97 -48.58 -14.48
C GLY C 178 -57.22 -49.34 -13.41
N ASN C 179 -55.99 -49.76 -13.69
CA ASN C 179 -55.24 -50.64 -12.83
C ASN C 179 -54.37 -49.79 -11.91
N LYS C 180 -54.85 -49.56 -10.69
CA LYS C 180 -54.23 -48.55 -9.85
C LYS C 180 -52.97 -49.04 -9.14
N LEU C 181 -52.60 -50.30 -9.32
CA LEU C 181 -51.35 -50.78 -8.72
C LEU C 181 -50.18 -50.67 -9.68
N ILE C 182 -50.42 -50.34 -10.95
CA ILE C 182 -49.34 -50.20 -11.90
C ILE C 182 -48.65 -48.86 -11.70
N GLY C 183 -47.33 -48.88 -11.73
CA GLY C 183 -46.55 -47.67 -11.83
C GLY C 183 -45.67 -47.72 -13.06
N PHE C 184 -45.51 -46.59 -13.74
CA PHE C 184 -44.57 -46.55 -14.85
C PHE C 184 -43.15 -46.58 -14.34
N TRP C 185 -42.83 -45.67 -13.42
CA TRP C 185 -41.46 -45.60 -12.90
C TRP C 185 -41.37 -45.35 -11.40
N HIS C 186 -42.47 -45.17 -10.68
CA HIS C 186 -42.42 -45.01 -9.23
C HIS C 186 -43.74 -45.46 -8.63
N THR C 187 -43.64 -46.19 -7.52
CA THR C 187 -44.79 -46.85 -6.92
C THR C 187 -44.96 -46.41 -5.48
N ASP C 188 -44.94 -45.10 -5.25
CA ASP C 188 -45.48 -44.58 -4.00
C ASP C 188 -46.98 -44.83 -3.97
N VAL C 189 -47.50 -45.17 -2.79
CA VAL C 189 -48.94 -45.28 -2.60
C VAL C 189 -49.48 -44.21 -1.67
N LYS C 190 -48.63 -43.54 -0.92
CA LYS C 190 -48.97 -42.38 -0.12
C LYS C 190 -48.55 -41.12 -0.85
N PRO C 191 -49.07 -39.96 -0.44
CA PRO C 191 -48.47 -38.70 -0.88
C PRO C 191 -47.03 -38.60 -0.42
N PRO C 192 -46.10 -38.39 -1.35
CA PRO C 192 -44.69 -38.32 -0.96
C PRO C 192 -44.32 -36.93 -0.47
N ILE C 193 -43.51 -36.91 0.59
CA ILE C 193 -43.19 -35.66 1.28
C ILE C 193 -42.18 -34.86 0.47
N CYS C 194 -42.54 -33.63 0.11
CA CYS C 194 -41.64 -32.84 -0.70
C CYS C 194 -41.93 -31.35 -0.64
N VAL C 195 -41.14 -30.62 -1.41
CA VAL C 195 -40.96 -29.21 -1.22
C VAL C 195 -41.49 -28.38 -2.39
N LEU C 196 -41.66 -28.96 -3.57
CA LEU C 196 -42.05 -28.18 -4.72
C LEU C 196 -42.66 -29.09 -5.78
N LYS C 197 -43.70 -28.60 -6.42
CA LYS C 197 -44.34 -29.31 -7.53
C LYS C 197 -45.09 -28.27 -8.33
N ARG C 198 -44.57 -27.94 -9.51
CA ARG C 198 -45.12 -26.83 -10.28
C ARG C 198 -45.32 -27.25 -11.72
N ASN C 199 -45.89 -26.34 -12.50
CA ASN C 199 -46.11 -26.56 -13.92
C ASN C 199 -45.57 -25.37 -14.68
N PHE C 200 -44.95 -25.63 -15.83
CA PHE C 200 -44.40 -24.58 -16.68
C PHE C 200 -44.62 -24.96 -18.13
N THR C 201 -45.13 -24.02 -18.92
CA THR C 201 -45.53 -24.33 -20.29
C THR C 201 -44.33 -24.48 -21.21
N LEU C 202 -44.61 -24.97 -22.41
CA LEU C 202 -43.57 -25.24 -23.41
C LEU C 202 -44.05 -24.75 -24.76
N ASN C 203 -43.13 -24.22 -25.56
CA ASN C 203 -43.44 -23.95 -26.96
C ASN C 203 -43.50 -25.28 -27.69
N VAL C 204 -44.71 -25.82 -27.83
CA VAL C 204 -44.89 -27.23 -28.16
C VAL C 204 -44.46 -27.58 -29.57
N ASN C 205 -44.36 -26.59 -30.46
CA ASN C 205 -43.90 -26.87 -31.80
C ASN C 205 -42.45 -26.48 -32.03
N ALA C 206 -41.69 -26.25 -30.97
CA ALA C 206 -40.27 -26.03 -31.12
C ALA C 206 -39.58 -27.34 -31.49
N ASP C 207 -38.49 -27.23 -32.24
CA ASP C 207 -37.79 -28.42 -32.71
C ASP C 207 -37.10 -29.16 -31.59
N ALA C 208 -36.70 -28.45 -30.55
CA ALA C 208 -35.87 -29.03 -29.50
C ALA C 208 -36.10 -28.24 -28.22
N PHE C 209 -35.26 -28.49 -27.22
CA PHE C 209 -35.29 -27.73 -25.98
C PHE C 209 -33.86 -27.61 -25.47
N TYR C 210 -33.66 -26.74 -24.48
CA TYR C 210 -32.36 -26.57 -23.86
C TYR C 210 -32.53 -26.41 -22.37
N PHE C 211 -31.50 -26.76 -21.63
CA PHE C 211 -31.61 -26.83 -20.18
C PHE C 211 -30.30 -26.46 -19.52
N HIS C 212 -30.33 -26.45 -18.20
CA HIS C 212 -29.17 -26.26 -17.34
C HIS C 212 -29.58 -26.74 -15.97
N PHE C 213 -28.93 -27.77 -15.46
CA PHE C 213 -29.21 -28.20 -14.09
C PHE C 213 -27.88 -28.25 -13.35
N TYR C 214 -27.77 -27.55 -12.24
CA TYR C 214 -26.60 -27.72 -11.40
C TYR C 214 -26.98 -27.60 -9.93
N GLN C 215 -26.13 -28.16 -9.08
CA GLN C 215 -26.25 -27.97 -7.65
C GLN C 215 -25.07 -27.18 -7.16
N HIS C 216 -25.32 -26.31 -6.19
CA HIS C 216 -24.30 -25.40 -5.68
C HIS C 216 -24.74 -24.93 -4.31
N GLY C 217 -24.00 -25.34 -3.28
CA GLY C 217 -24.45 -25.08 -1.93
C GLY C 217 -25.69 -25.83 -1.55
N GLY C 218 -25.97 -26.95 -2.22
CA GLY C 218 -27.14 -27.75 -1.93
C GLY C 218 -28.36 -27.35 -2.72
N THR C 219 -28.54 -26.07 -2.97
CA THR C 219 -29.68 -25.62 -3.73
C THR C 219 -29.56 -26.04 -5.18
N PHE C 220 -30.52 -26.84 -5.62
CA PHE C 220 -30.57 -27.30 -7.00
C PHE C 220 -31.10 -26.17 -7.86
N TYR C 221 -30.54 -26.01 -9.05
CA TYR C 221 -30.93 -24.95 -9.95
C TYR C 221 -31.54 -25.56 -11.19
N ALA C 222 -32.21 -24.74 -11.99
CA ALA C 222 -32.89 -25.23 -13.17
C ALA C 222 -33.16 -24.13 -14.16
N TYR C 223 -32.96 -24.40 -15.44
CA TYR C 223 -33.14 -23.41 -16.48
C TYR C 223 -33.73 -24.13 -17.70
N TYR C 224 -34.53 -23.43 -18.49
CA TYR C 224 -35.04 -24.02 -19.72
C TYR C 224 -35.13 -22.92 -20.76
N ALA C 225 -35.41 -23.28 -22.01
CA ALA C 225 -35.51 -22.29 -23.06
C ALA C 225 -36.46 -22.83 -24.13
N ASP C 226 -36.39 -22.25 -25.33
CA ASP C 226 -37.10 -22.77 -26.47
C ASP C 226 -36.29 -22.76 -27.76
N LYS C 227 -35.13 -22.13 -27.78
CA LYS C 227 -34.33 -21.99 -28.98
C LYS C 227 -32.86 -22.06 -28.63
N PRO C 228 -32.00 -22.41 -29.59
CA PRO C 228 -30.55 -22.39 -29.31
C PRO C 228 -29.94 -21.00 -29.31
N SER C 229 -30.34 -20.18 -28.34
CA SER C 229 -29.67 -18.93 -28.06
C SER C 229 -29.05 -18.92 -26.66
N ALA C 230 -29.87 -19.10 -25.63
CA ALA C 230 -29.48 -19.06 -24.22
C ALA C 230 -30.68 -19.49 -23.42
N THR C 231 -30.55 -19.55 -22.10
CA THR C 231 -31.69 -19.88 -21.28
C THR C 231 -31.81 -18.96 -20.07
N THR C 232 -33.00 -18.97 -19.47
CA THR C 232 -33.37 -18.13 -18.35
C THR C 232 -33.84 -19.00 -17.21
N PHE C 233 -34.23 -18.35 -16.12
CA PHE C 233 -34.51 -19.06 -14.88
C PHE C 233 -35.81 -19.84 -14.96
N LEU C 234 -35.81 -21.00 -14.34
CA LEU C 234 -37.04 -21.77 -14.21
C LEU C 234 -37.47 -21.94 -12.76
N PHE C 235 -36.65 -22.57 -11.91
CA PHE C 235 -36.95 -22.72 -10.49
C PHE C 235 -35.71 -23.17 -9.75
N SER C 236 -35.70 -22.91 -8.45
CA SER C 236 -34.61 -23.32 -7.59
C SER C 236 -35.18 -23.77 -6.26
N VAL C 237 -34.66 -24.86 -5.73
CA VAL C 237 -35.18 -25.49 -4.54
C VAL C 237 -34.05 -25.64 -3.54
N TYR C 238 -34.35 -26.31 -2.43
CA TYR C 238 -33.34 -26.62 -1.43
C TYR C 238 -33.33 -28.12 -1.17
N ILE C 239 -32.28 -28.80 -1.59
CA ILE C 239 -32.07 -30.20 -1.26
C ILE C 239 -30.80 -30.27 -0.42
N GLY C 240 -30.91 -30.83 0.77
CA GLY C 240 -29.76 -30.84 1.66
C GLY C 240 -28.67 -31.80 1.19
N ASP C 241 -29.05 -32.86 0.51
CA ASP C 241 -28.07 -33.83 0.03
C ASP C 241 -27.36 -33.24 -1.17
N ILE C 242 -26.17 -33.75 -1.49
CA ILE C 242 -25.53 -33.37 -2.73
C ILE C 242 -25.80 -34.43 -3.79
N LEU C 243 -26.39 -34.01 -4.90
CA LEU C 243 -26.86 -34.91 -5.94
C LEU C 243 -25.71 -35.57 -6.67
N THR C 244 -25.82 -36.88 -6.90
CA THR C 244 -24.71 -37.69 -7.35
C THR C 244 -24.86 -38.13 -8.80
N GLN C 245 -25.96 -38.77 -9.15
CA GLN C 245 -26.05 -39.41 -10.45
C GLN C 245 -27.41 -39.16 -11.06
N TYR C 246 -27.45 -39.15 -12.38
CA TYR C 246 -28.66 -38.91 -13.14
C TYR C 246 -28.84 -40.02 -14.16
N TYR C 247 -30.09 -40.29 -14.52
CA TYR C 247 -30.36 -41.39 -15.43
C TYR C 247 -31.53 -41.02 -16.31
N VAL C 248 -31.26 -40.77 -17.59
CA VAL C 248 -32.33 -40.49 -18.52
C VAL C 248 -33.17 -41.74 -18.71
N LEU C 249 -34.46 -41.65 -18.43
CA LEU C 249 -35.31 -42.82 -18.41
C LEU C 249 -35.61 -43.28 -19.83
N PRO C 250 -35.89 -44.56 -20.01
CA PRO C 250 -36.17 -45.08 -21.34
C PRO C 250 -37.54 -44.67 -21.84
N PHE C 251 -37.63 -44.60 -23.16
CA PHE C 251 -38.76 -44.05 -23.88
C PHE C 251 -39.37 -45.19 -24.69
N ILE C 252 -40.64 -45.45 -24.46
CA ILE C 252 -41.34 -46.52 -25.14
C ILE C 252 -42.45 -45.93 -25.98
N CYS C 253 -42.44 -46.22 -27.29
CA CYS C 253 -43.45 -45.72 -28.19
C CYS C 253 -43.43 -46.58 -29.44
N ASN C 254 -44.48 -46.47 -30.23
CA ASN C 254 -44.56 -47.13 -31.54
C ASN C 254 -45.04 -46.10 -32.55
N PRO C 255 -44.19 -45.70 -33.50
CA PRO C 255 -44.65 -44.82 -34.57
C PRO C 255 -45.63 -45.54 -35.47
N THR C 256 -46.85 -45.00 -35.57
CA THR C 256 -47.91 -45.68 -36.30
C THR C 256 -47.59 -45.73 -37.79
N ALA C 257 -47.00 -44.66 -38.31
CA ALA C 257 -46.34 -44.74 -39.60
C ALA C 257 -44.94 -45.28 -39.43
N GLY C 258 -44.56 -46.22 -40.29
CA GLY C 258 -43.22 -46.76 -40.27
C GLY C 258 -42.19 -45.75 -40.71
N SER C 259 -41.40 -45.25 -39.77
CA SER C 259 -40.52 -44.12 -40.05
C SER C 259 -39.27 -44.27 -39.20
N THR C 260 -38.52 -43.18 -39.06
CA THR C 260 -37.26 -43.16 -38.33
C THR C 260 -37.54 -42.57 -36.94
N PHE C 261 -37.93 -43.42 -36.00
CA PHE C 261 -38.24 -42.99 -34.64
C PHE C 261 -36.97 -43.03 -33.79
N ALA C 262 -36.19 -41.96 -33.88
CA ALA C 262 -34.95 -41.84 -33.12
C ALA C 262 -35.11 -40.74 -32.08
N PRO C 263 -35.41 -41.08 -30.82
CA PRO C 263 -35.37 -40.08 -29.77
C PRO C 263 -33.95 -39.57 -29.57
N ARG C 264 -33.82 -38.31 -29.23
CA ARG C 264 -32.52 -37.69 -29.06
C ARG C 264 -32.47 -36.96 -27.74
N TYR C 265 -31.45 -37.26 -26.95
CA TYR C 265 -31.22 -36.62 -25.66
C TYR C 265 -29.73 -36.39 -25.55
N TRP C 266 -29.30 -35.15 -25.78
CA TRP C 266 -27.89 -34.86 -25.64
C TRP C 266 -27.61 -34.35 -24.23
N VAL C 267 -26.46 -34.77 -23.68
CA VAL C 267 -26.06 -34.46 -22.32
C VAL C 267 -24.56 -34.24 -22.30
N THR C 268 -24.11 -33.18 -21.65
CA THR C 268 -22.70 -32.98 -21.37
C THR C 268 -22.55 -32.60 -19.89
N PRO C 269 -21.44 -32.94 -19.26
CA PRO C 269 -21.25 -32.54 -17.87
C PRO C 269 -20.57 -31.18 -17.75
N LEU C 270 -21.00 -30.41 -16.75
CA LEU C 270 -20.52 -29.05 -16.60
C LEU C 270 -19.20 -29.01 -15.84
N VAL C 271 -18.76 -27.78 -15.56
CA VAL C 271 -17.60 -27.51 -14.71
C VAL C 271 -17.78 -26.09 -14.19
N LYS C 272 -17.10 -25.74 -13.10
CA LYS C 272 -16.99 -24.32 -12.81
C LYS C 272 -15.95 -23.71 -13.73
N ARG C 273 -16.25 -22.50 -14.19
CA ARG C 273 -15.49 -21.99 -15.31
C ARG C 273 -15.71 -20.49 -15.39
N GLN C 274 -14.70 -19.79 -15.87
CA GLN C 274 -14.81 -18.39 -16.21
C GLN C 274 -15.08 -18.26 -17.70
N TYR C 275 -16.13 -17.53 -18.05
CA TYR C 275 -16.50 -17.32 -19.44
C TYR C 275 -16.30 -15.88 -19.85
N LEU C 276 -16.58 -15.61 -21.11
CA LEU C 276 -16.66 -14.26 -21.63
C LEU C 276 -17.96 -14.17 -22.41
N PHE C 277 -18.83 -13.28 -22.00
CA PHE C 277 -20.08 -13.07 -22.71
C PHE C 277 -19.96 -11.86 -23.62
N ASN C 278 -20.97 -11.70 -24.47
CA ASN C 278 -21.12 -10.50 -25.29
C ASN C 278 -22.60 -10.34 -25.59
N PHE C 279 -23.21 -9.32 -25.02
CA PHE C 279 -24.61 -9.03 -25.26
C PHE C 279 -24.73 -8.09 -26.45
N ASN C 280 -25.92 -8.06 -27.04
CA ASN C 280 -26.21 -7.11 -28.10
C ASN C 280 -26.69 -5.81 -27.48
N GLN C 281 -27.28 -4.94 -28.29
CA GLN C 281 -27.93 -3.75 -27.73
C GLN C 281 -29.33 -4.04 -27.20
N LYS C 282 -29.82 -5.27 -27.33
CA LYS C 282 -31.12 -5.62 -26.79
C LYS C 282 -31.03 -6.51 -25.57
N GLY C 283 -29.85 -6.98 -25.19
CA GLY C 283 -29.75 -7.89 -24.08
C GLY C 283 -29.89 -9.35 -24.46
N VAL C 284 -29.61 -9.68 -25.71
CA VAL C 284 -29.62 -11.05 -26.18
C VAL C 284 -28.17 -11.52 -26.31
N ILE C 285 -27.89 -12.72 -25.79
CA ILE C 285 -26.53 -13.23 -25.81
C ILE C 285 -26.13 -13.57 -27.23
N THR C 286 -25.07 -12.92 -27.70
CA THR C 286 -24.67 -13.06 -29.09
C THR C 286 -23.69 -14.20 -29.31
N SER C 287 -22.53 -14.12 -28.67
CA SER C 287 -21.44 -15.03 -28.97
C SER C 287 -20.54 -15.14 -27.76
N ALA C 288 -20.75 -16.19 -26.97
CA ALA C 288 -19.99 -16.41 -25.75
C ALA C 288 -18.80 -17.29 -26.05
N VAL C 289 -17.84 -17.29 -25.14
CA VAL C 289 -16.62 -18.05 -25.31
C VAL C 289 -16.30 -18.74 -23.99
N ASP C 290 -16.18 -20.07 -24.05
CA ASP C 290 -15.54 -20.83 -22.98
C ASP C 290 -14.06 -20.61 -23.16
N CYS C 291 -13.53 -19.61 -22.46
CA CYS C 291 -12.18 -19.16 -22.75
C CYS C 291 -11.11 -20.12 -22.30
N ALA C 292 -11.39 -20.97 -21.32
CA ALA C 292 -10.39 -21.92 -20.86
C ALA C 292 -10.44 -23.24 -21.61
N SER C 293 -10.80 -23.24 -22.89
CA SER C 293 -10.73 -24.43 -23.71
C SER C 293 -9.47 -24.45 -24.55
N SER C 294 -9.31 -23.44 -25.40
CA SER C 294 -8.23 -23.43 -26.37
C SER C 294 -7.70 -22.00 -26.48
N TYR C 295 -6.70 -21.83 -27.34
CA TYR C 295 -6.02 -20.54 -27.37
C TYR C 295 -6.78 -19.52 -28.18
N THR C 296 -7.49 -19.98 -29.23
CA THR C 296 -8.53 -19.16 -29.85
C THR C 296 -9.52 -18.64 -28.81
N SER C 297 -9.87 -19.48 -27.86
CA SER C 297 -10.74 -19.07 -26.77
C SER C 297 -10.03 -18.24 -25.71
N GLU C 298 -8.75 -18.51 -25.45
CA GLU C 298 -8.11 -17.90 -24.28
C GLU C 298 -7.54 -16.52 -24.58
N ILE C 299 -7.16 -16.26 -25.83
CA ILE C 299 -6.73 -14.91 -26.18
C ILE C 299 -7.94 -13.98 -26.26
N LYS C 300 -9.10 -14.56 -26.56
CA LYS C 300 -10.35 -13.81 -26.40
C LYS C 300 -10.65 -13.54 -24.93
N CYS C 301 -10.24 -14.45 -24.05
CA CYS C 301 -10.45 -14.26 -22.62
C CYS C 301 -9.58 -13.15 -22.03
N LYS C 302 -8.49 -12.82 -22.69
CA LYS C 302 -7.56 -11.83 -22.15
C LYS C 302 -7.93 -10.41 -22.58
N THR C 303 -8.21 -10.20 -23.85
CA THR C 303 -8.42 -8.86 -24.37
C THR C 303 -9.82 -8.33 -24.09
N GLN C 304 -10.71 -9.16 -23.53
CA GLN C 304 -12.10 -8.80 -23.20
C GLN C 304 -12.85 -8.26 -24.39
N SER C 305 -12.67 -8.89 -25.55
CA SER C 305 -13.22 -8.36 -26.79
C SER C 305 -13.30 -9.50 -27.80
N MET C 306 -14.45 -9.64 -28.43
CA MET C 306 -14.62 -10.66 -29.45
C MET C 306 -13.77 -10.34 -30.66
N LEU C 307 -13.04 -11.36 -31.14
CA LEU C 307 -12.15 -11.32 -32.30
C LEU C 307 -11.10 -10.24 -32.14
N PRO C 308 -10.12 -10.40 -31.26
CA PRO C 308 -9.17 -9.33 -30.99
C PRO C 308 -8.17 -9.16 -32.12
N SER C 309 -7.37 -8.12 -32.00
CA SER C 309 -6.49 -7.71 -33.07
C SER C 309 -5.24 -8.58 -33.11
N THR C 310 -4.36 -8.25 -34.05
CA THR C 310 -3.13 -8.99 -34.24
C THR C 310 -2.14 -8.69 -33.13
N GLY C 311 -1.00 -9.34 -33.20
CA GLY C 311 0.09 -9.07 -32.27
C GLY C 311 0.54 -10.34 -31.60
N VAL C 312 1.25 -10.16 -30.49
CA VAL C 312 1.76 -11.27 -29.69
C VAL C 312 1.13 -11.13 -28.30
N TYR C 313 0.75 -12.26 -27.72
CA TYR C 313 -0.01 -12.25 -26.48
C TYR C 313 0.57 -13.29 -25.55
N GLU C 314 1.13 -12.87 -24.42
CA GLU C 314 1.60 -13.85 -23.45
C GLU C 314 0.42 -14.37 -22.65
N LEU C 315 0.33 -15.69 -22.54
CA LEU C 315 -0.77 -16.33 -21.83
C LEU C 315 -0.39 -16.50 -20.37
N SER C 316 -1.14 -17.34 -19.65
CA SER C 316 -0.91 -17.55 -18.23
C SER C 316 0.40 -18.30 -17.98
N GLY C 317 0.50 -19.52 -18.50
CA GLY C 317 1.74 -20.26 -18.42
C GLY C 317 1.63 -21.76 -18.25
N TYR C 318 0.64 -22.23 -17.49
CA TYR C 318 0.20 -23.64 -17.43
C TYR C 318 1.35 -24.57 -16.98
N THR C 319 1.68 -24.44 -15.70
CA THR C 319 2.71 -25.27 -15.08
C THR C 319 2.41 -26.76 -15.18
N VAL C 320 3.45 -27.56 -14.98
CA VAL C 320 3.34 -29.01 -15.12
C VAL C 320 2.48 -29.55 -14.00
N GLN C 321 1.53 -30.37 -14.35
CA GLN C 321 0.66 -30.87 -13.30
C GLN C 321 1.31 -32.06 -12.60
N PRO C 322 1.41 -32.02 -11.27
CA PRO C 322 2.03 -33.13 -10.55
C PRO C 322 1.10 -34.34 -10.49
N VAL C 323 1.70 -35.50 -10.22
CA VAL C 323 1.00 -36.77 -10.38
C VAL C 323 0.77 -37.53 -9.08
N GLY C 324 1.59 -37.40 -8.06
CA GLY C 324 1.46 -38.28 -6.90
C GLY C 324 1.28 -37.58 -5.57
N VAL C 325 0.63 -38.26 -4.62
CA VAL C 325 0.36 -37.70 -3.31
C VAL C 325 1.41 -38.17 -2.30
N VAL C 326 2.58 -38.57 -2.78
CA VAL C 326 3.63 -39.12 -1.91
C VAL C 326 4.09 -38.10 -0.87
N TYR C 327 3.97 -38.48 0.39
CA TYR C 327 4.48 -37.67 1.47
C TYR C 327 4.99 -38.59 2.56
N ARG C 328 6.05 -38.15 3.22
CA ARG C 328 6.85 -38.99 4.07
C ARG C 328 6.92 -38.40 5.46
N ARG C 329 6.63 -39.22 6.46
CA ARG C 329 6.71 -38.76 7.83
C ARG C 329 7.67 -39.65 8.58
N VAL C 330 7.97 -39.23 9.80
CA VAL C 330 8.71 -40.08 10.71
C VAL C 330 7.84 -41.29 11.05
N ALA C 331 8.49 -42.44 11.20
CA ALA C 331 7.81 -43.69 11.51
C ALA C 331 7.25 -43.67 12.93
N ASN C 332 6.72 -44.83 13.34
CA ASN C 332 5.81 -44.95 14.48
C ASN C 332 6.44 -44.51 15.80
N LEU C 333 5.70 -43.68 16.52
CA LEU C 333 6.13 -43.01 17.75
C LEU C 333 5.11 -43.28 18.84
N PRO C 334 5.47 -43.17 20.11
CA PRO C 334 4.49 -43.34 21.18
C PRO C 334 3.50 -42.18 21.23
N ALA C 335 2.42 -42.41 21.96
CA ALA C 335 1.42 -41.37 22.17
C ALA C 335 1.77 -40.57 23.42
N CYS C 336 2.11 -39.29 23.22
CA CYS C 336 2.55 -38.46 24.34
C CYS C 336 1.40 -38.07 25.25
N ASN C 337 0.18 -38.03 24.72
CA ASN C 337 -1.05 -37.90 25.51
C ASN C 337 -1.08 -36.60 26.33
N ILE C 338 -1.20 -35.49 25.61
CA ILE C 338 -1.38 -34.17 26.21
C ILE C 338 -2.57 -34.12 27.15
N GLU C 339 -3.59 -34.95 26.89
CA GLU C 339 -4.73 -35.04 27.80
C GLU C 339 -4.33 -35.60 29.16
N GLU C 340 -3.26 -36.39 29.21
CA GLU C 340 -2.80 -36.89 30.50
C GLU C 340 -2.08 -35.82 31.28
N TRP C 341 -1.77 -34.69 30.64
CA TRP C 341 -1.10 -33.61 31.35
C TRP C 341 -2.01 -32.41 31.55
N LEU C 342 -2.95 -32.19 30.63
CA LEU C 342 -3.90 -31.10 30.81
C LEU C 342 -4.89 -31.42 31.93
N THR C 343 -5.41 -32.63 31.94
CA THR C 343 -6.40 -33.01 32.94
C THR C 343 -5.78 -33.65 34.17
N ALA C 344 -4.55 -33.29 34.50
CA ALA C 344 -3.94 -33.86 35.70
C ALA C 344 -4.51 -33.19 36.95
N ARG C 345 -4.23 -33.79 38.10
CA ARG C 345 -4.71 -33.23 39.35
C ARG C 345 -3.88 -32.02 39.79
N SER C 346 -2.62 -31.98 39.42
CA SER C 346 -1.77 -30.87 39.82
C SER C 346 -2.08 -29.66 38.97
N VAL C 347 -2.98 -28.82 39.47
CA VAL C 347 -3.37 -27.62 38.77
C VAL C 347 -2.66 -26.46 39.45
N PRO C 348 -1.58 -25.96 38.88
CA PRO C 348 -0.69 -25.09 39.64
C PRO C 348 -1.18 -23.66 39.71
N SER C 349 -0.73 -22.96 40.74
CA SER C 349 -0.99 -21.55 40.89
C SER C 349 -0.24 -20.79 39.79
N PRO C 350 -0.72 -19.60 39.42
CA PRO C 350 0.00 -18.80 38.42
C PRO C 350 1.28 -18.19 38.93
N LEU C 351 1.60 -18.34 40.20
CA LEU C 351 2.91 -17.93 40.64
C LEU C 351 3.97 -18.89 40.13
N ASN C 352 3.64 -20.17 40.06
CA ASN C 352 4.55 -21.21 39.58
C ASN C 352 3.83 -22.06 38.56
N TRP C 353 4.07 -21.77 37.30
CA TRP C 353 3.37 -22.42 36.21
C TRP C 353 4.34 -23.34 35.52
N GLU C 354 3.90 -24.53 35.18
CA GLU C 354 4.81 -25.56 34.71
C GLU C 354 4.66 -25.77 33.23
N ARG C 355 5.76 -25.70 32.52
CA ARG C 355 5.80 -25.97 31.10
C ARG C 355 6.37 -27.36 30.93
N LYS C 356 5.61 -28.24 30.30
CA LYS C 356 6.05 -29.61 30.06
C LYS C 356 6.14 -29.79 28.56
N THR C 357 7.35 -29.59 28.03
CA THR C 357 7.56 -29.67 26.59
C THR C 357 7.35 -31.10 26.09
N PHE C 358 6.76 -31.21 24.92
CA PHE C 358 6.59 -32.50 24.26
C PHE C 358 7.32 -32.48 22.92
N GLN C 359 8.07 -33.54 22.66
CA GLN C 359 8.59 -33.76 21.32
C GLN C 359 8.73 -35.26 21.12
N ASN C 360 8.79 -35.65 19.85
CA ASN C 360 8.79 -37.04 19.39
C ASN C 360 7.58 -37.81 19.93
N CYS C 361 6.39 -37.37 19.53
CA CYS C 361 5.18 -38.09 19.88
C CYS C 361 4.14 -37.89 18.78
N ASN C 362 3.01 -38.57 18.93
CA ASN C 362 1.85 -38.35 18.10
C ASN C 362 0.74 -37.80 18.97
N PHE C 363 -0.03 -36.87 18.41
CA PHE C 363 -1.05 -36.14 19.13
C PHE C 363 -2.18 -35.85 18.16
N ASN C 364 -3.39 -35.73 18.67
CA ASN C 364 -4.56 -35.60 17.81
C ASN C 364 -5.52 -34.59 18.43
N LEU C 365 -5.91 -33.60 17.63
CA LEU C 365 -6.81 -32.56 18.14
C LEU C 365 -8.23 -33.05 18.30
N SER C 366 -8.59 -34.16 17.67
CA SER C 366 -9.90 -34.76 17.91
C SER C 366 -9.98 -35.27 19.34
N SER C 367 -9.00 -36.07 19.75
CA SER C 367 -8.98 -36.61 21.09
C SER C 367 -8.72 -35.54 22.13
N LEU C 368 -7.95 -34.51 21.74
CA LEU C 368 -7.66 -33.41 22.65
C LEU C 368 -8.93 -32.64 22.99
N LEU C 369 -9.68 -32.26 21.96
CA LEU C 369 -10.87 -31.43 22.18
C LEU C 369 -12.01 -32.25 22.76
N ARG C 370 -11.93 -33.57 22.66
CA ARG C 370 -13.01 -34.41 23.16
C ARG C 370 -13.01 -34.45 24.68
N TYR C 371 -11.84 -34.61 25.30
CA TYR C 371 -11.81 -34.94 26.72
C TYR C 371 -11.81 -33.70 27.59
N VAL C 372 -11.38 -32.57 27.07
CA VAL C 372 -11.38 -31.31 27.80
C VAL C 372 -12.77 -30.71 27.77
N GLN C 373 -12.98 -29.67 28.58
CA GLN C 373 -14.23 -28.90 28.53
C GLN C 373 -13.90 -27.49 28.04
N ALA C 374 -13.88 -27.35 26.73
CA ALA C 374 -13.31 -26.14 26.13
C ALA C 374 -14.31 -24.99 26.16
N GLU C 375 -13.79 -23.76 26.12
CA GLU C 375 -14.63 -22.58 26.16
C GLU C 375 -14.19 -21.51 25.16
N SER C 376 -12.91 -21.49 24.79
CA SER C 376 -12.43 -20.60 23.74
C SER C 376 -11.12 -21.13 23.19
N LEU C 377 -10.86 -20.85 21.93
CA LEU C 377 -9.63 -21.30 21.31
C LEU C 377 -9.10 -20.20 20.39
N PHE C 378 -9.09 -18.97 20.87
CA PHE C 378 -8.63 -17.86 20.07
C PHE C 378 -7.13 -17.94 19.82
N CYS C 379 -6.70 -17.80 18.57
CA CYS C 379 -5.28 -17.60 18.33
C CYS C 379 -4.93 -16.70 17.18
N ASN C 380 -3.65 -16.34 17.21
CA ASN C 380 -2.98 -15.55 16.20
C ASN C 380 -2.04 -16.47 15.44
N ASN C 381 -1.90 -16.21 14.14
CA ASN C 381 -0.91 -16.77 13.21
C ASN C 381 -1.11 -18.24 12.91
N ILE C 382 -1.97 -18.94 13.65
CA ILE C 382 -2.29 -20.36 13.50
C ILE C 382 -3.72 -20.52 13.98
N ASP C 383 -4.52 -21.25 13.22
CA ASP C 383 -5.89 -21.55 13.60
C ASP C 383 -6.02 -23.05 13.79
N ALA C 384 -7.23 -23.50 14.11
CA ALA C 384 -7.42 -24.93 14.34
C ALA C 384 -7.47 -25.70 13.03
N SER C 385 -7.65 -25.01 11.90
CA SER C 385 -7.69 -25.70 10.62
C SER C 385 -6.29 -26.04 10.13
N LYS C 386 -5.26 -25.51 10.78
CA LYS C 386 -3.90 -25.72 10.29
C LYS C 386 -3.24 -26.91 10.94
N VAL C 387 -3.60 -27.24 12.18
CA VAL C 387 -2.88 -28.27 12.91
C VAL C 387 -3.24 -29.65 12.41
N TYR C 388 -4.33 -29.79 11.69
CA TYR C 388 -4.75 -31.09 11.20
C TYR C 388 -3.84 -31.53 10.07
N GLY C 389 -2.91 -32.43 10.39
CA GLY C 389 -1.98 -32.91 9.39
C GLY C 389 -0.91 -31.91 9.07
N ARG C 390 -0.15 -31.52 10.08
CA ARG C 390 0.96 -30.58 9.91
C ARG C 390 1.90 -30.79 11.08
N CYS C 391 3.20 -30.67 10.82
CA CYS C 391 4.17 -31.24 11.73
C CYS C 391 5.02 -30.18 12.41
N PHE C 392 5.27 -30.39 13.70
CA PHE C 392 5.82 -29.39 14.59
C PHE C 392 7.16 -29.81 15.15
N GLY C 393 8.01 -28.82 15.45
CA GLY C 393 9.27 -29.12 16.08
C GLY C 393 9.12 -29.53 17.53
N SER C 394 8.45 -28.69 18.33
CA SER C 394 8.27 -29.01 19.73
C SER C 394 7.05 -28.30 20.27
N ILE C 395 6.16 -29.06 20.88
CA ILE C 395 4.96 -28.54 21.51
C ILE C 395 5.25 -28.38 22.99
N SER C 396 4.92 -27.20 23.53
CA SER C 396 4.99 -26.97 24.96
C SER C 396 3.68 -26.35 25.43
N VAL C 397 3.05 -26.98 26.40
CA VAL C 397 1.82 -26.48 26.98
C VAL C 397 2.10 -26.17 28.44
N ASP C 398 1.62 -25.04 28.91
CA ASP C 398 1.69 -24.70 30.32
C ASP C 398 0.31 -24.30 30.78
N LYS C 399 0.12 -24.29 32.08
CA LYS C 399 -1.23 -24.08 32.56
C LYS C 399 -1.21 -23.45 33.93
N PHE C 400 -2.20 -22.61 34.19
CA PHE C 400 -2.39 -22.09 35.52
C PHE C 400 -3.84 -21.72 35.69
N ALA C 401 -4.43 -22.10 36.82
CA ALA C 401 -5.82 -21.82 37.12
C ALA C 401 -5.97 -20.33 37.40
N VAL C 402 -6.46 -19.60 36.42
CA VAL C 402 -6.62 -18.15 36.55
C VAL C 402 -7.70 -17.85 37.57
N PRO C 403 -7.56 -16.83 38.40
CA PRO C 403 -8.64 -16.51 39.33
C PRO C 403 -9.68 -15.66 38.62
N ARG C 404 -10.83 -15.50 39.28
CA ARG C 404 -11.94 -14.83 38.63
C ARG C 404 -11.70 -13.34 38.50
N SER C 405 -11.13 -12.73 39.56
CA SER C 405 -11.02 -11.28 39.61
C SER C 405 -10.01 -10.72 38.64
N ARG C 406 -9.13 -11.54 38.11
CA ARG C 406 -8.17 -11.07 37.13
C ARG C 406 -8.46 -11.61 35.75
N GLN C 407 -9.72 -11.90 35.44
CA GLN C 407 -10.04 -12.56 34.18
C GLN C 407 -9.85 -11.66 32.98
N VAL C 408 -9.71 -10.35 33.20
CA VAL C 408 -9.54 -9.44 32.07
C VAL C 408 -8.13 -9.48 31.53
N ASP C 409 -7.18 -9.98 32.30
CA ASP C 409 -5.80 -9.89 31.87
C ASP C 409 -5.37 -11.04 30.99
N LEU C 410 -6.29 -11.71 30.34
CA LEU C 410 -5.94 -12.72 29.36
C LEU C 410 -6.39 -12.37 27.96
N GLN C 411 -7.23 -11.35 27.80
CA GLN C 411 -7.73 -10.98 26.49
C GLN C 411 -6.63 -10.35 25.64
N LEU C 412 -7.00 -10.03 24.40
CA LEU C 412 -6.10 -9.31 23.53
C LEU C 412 -6.02 -7.85 23.95
N GLY C 413 -4.79 -7.39 24.21
CA GLY C 413 -4.56 -5.97 24.35
C GLY C 413 -4.86 -5.38 25.71
N ASN C 414 -4.55 -6.10 26.79
CA ASN C 414 -4.72 -5.55 28.12
C ASN C 414 -3.74 -6.24 29.05
N SER C 415 -3.25 -5.48 30.02
CA SER C 415 -2.17 -5.95 30.87
C SER C 415 -2.35 -5.31 32.23
N GLY C 416 -3.01 -6.02 33.14
CA GLY C 416 -3.19 -5.49 34.46
C GLY C 416 -2.18 -6.10 35.40
N PHE C 417 -2.58 -7.12 36.15
CA PHE C 417 -1.64 -7.75 37.06
C PHE C 417 -0.92 -8.91 36.39
N LEU C 418 -1.68 -9.85 35.83
CA LEU C 418 -1.11 -11.14 35.44
C LEU C 418 -0.15 -11.03 34.27
N GLN C 419 -0.34 -10.03 33.41
CA GLN C 419 0.60 -9.83 32.33
C GLN C 419 1.87 -9.11 32.76
N THR C 420 1.93 -8.60 33.99
CA THR C 420 3.13 -7.95 34.48
C THR C 420 3.69 -8.58 35.73
N ALA C 421 3.03 -9.56 36.30
CA ALA C 421 3.49 -10.15 37.54
C ALA C 421 3.68 -11.65 37.48
N ASN C 422 3.05 -12.34 36.55
CA ASN C 422 3.13 -13.78 36.63
C ASN C 422 3.39 -14.50 35.33
N TYR C 423 3.01 -13.90 34.22
CA TYR C 423 3.10 -14.57 32.94
C TYR C 423 3.00 -13.55 31.83
N LYS C 424 3.96 -13.55 30.93
CA LYS C 424 3.83 -12.74 29.75
C LYS C 424 3.48 -13.64 28.58
N ILE C 425 2.68 -13.11 27.66
CA ILE C 425 2.27 -13.83 26.47
C ILE C 425 2.76 -13.05 25.26
N ASP C 426 3.63 -13.66 24.48
CA ASP C 426 4.32 -12.97 23.41
C ASP C 426 3.47 -12.94 22.15
N THR C 427 3.78 -11.98 21.27
CA THR C 427 3.09 -11.88 20.00
C THR C 427 3.84 -12.54 18.86
N ALA C 428 5.13 -12.82 19.04
CA ALA C 428 5.94 -13.31 17.94
C ALA C 428 5.70 -14.80 17.71
N ALA C 429 5.72 -15.58 18.78
CA ALA C 429 5.64 -17.02 18.64
C ALA C 429 4.21 -17.48 18.44
N THR C 430 4.04 -18.40 17.48
CA THR C 430 2.72 -18.84 17.04
C THR C 430 2.13 -19.77 18.09
N SER C 431 1.24 -19.22 18.90
CA SER C 431 0.62 -19.96 19.97
C SER C 431 -0.87 -19.76 19.97
N CYS C 432 -1.58 -20.62 20.70
CA CYS C 432 -2.85 -20.15 21.24
C CYS C 432 -3.21 -20.67 22.60
N GLN C 433 -4.06 -19.88 23.23
CA GLN C 433 -4.57 -20.05 24.57
C GLN C 433 -5.84 -20.87 24.48
N LEU C 434 -6.10 -21.65 25.51
CA LEU C 434 -7.21 -22.59 25.47
C LEU C 434 -7.89 -22.48 26.81
N HIS C 435 -8.83 -21.54 26.94
CA HIS C 435 -9.56 -21.38 28.18
C HIS C 435 -10.47 -22.58 28.29
N TYR C 436 -10.08 -23.57 29.05
CA TYR C 436 -10.97 -24.66 29.33
C TYR C 436 -11.27 -24.68 30.81
N THR C 437 -12.10 -25.63 31.21
CA THR C 437 -12.31 -25.84 32.62
C THR C 437 -12.40 -27.33 32.90
N LEU C 438 -12.49 -27.63 34.20
CA LEU C 438 -12.55 -28.99 34.69
C LEU C 438 -13.52 -29.02 35.84
N PRO C 439 -14.10 -30.18 36.15
CA PRO C 439 -15.01 -30.25 37.30
C PRO C 439 -14.28 -30.07 38.62
N LYS C 440 -15.06 -29.95 39.69
CA LYS C 440 -14.51 -29.59 40.99
C LYS C 440 -13.72 -30.74 41.62
N ASN C 441 -14.12 -31.99 41.34
CA ASN C 441 -13.50 -33.11 42.04
C ASN C 441 -12.11 -33.41 41.51
N ASN C 442 -11.85 -33.13 40.24
CA ASN C 442 -10.53 -33.35 39.68
C ASN C 442 -9.54 -32.30 40.15
N VAL C 443 -9.97 -31.05 40.17
CA VAL C 443 -9.04 -29.94 40.34
C VAL C 443 -8.57 -29.88 41.79
N THR C 444 -7.26 -29.71 41.96
CA THR C 444 -6.63 -29.43 43.24
C THR C 444 -5.57 -28.37 43.02
N ILE C 445 -5.44 -27.47 43.94
CA ILE C 445 -4.63 -26.29 43.73
C ILE C 445 -3.32 -26.44 44.49
N ASN C 446 -2.22 -26.21 43.78
CA ASN C 446 -0.87 -26.38 44.30
C ASN C 446 -0.30 -24.98 44.55
N ASN C 447 -0.53 -24.45 45.75
CA ASN C 447 0.04 -23.18 46.14
C ASN C 447 1.46 -23.38 46.65
N HIS C 448 2.42 -22.76 45.96
CA HIS C 448 3.82 -22.96 46.24
C HIS C 448 4.58 -21.85 45.53
N ASN C 449 5.78 -21.55 46.02
CA ASN C 449 6.50 -20.41 45.52
C ASN C 449 7.74 -20.85 44.76
N PRO C 450 8.00 -20.31 43.60
CA PRO C 450 9.17 -20.72 42.84
C PRO C 450 10.34 -19.78 43.02
N SER C 451 10.12 -18.70 43.75
CA SER C 451 11.11 -17.63 43.75
C SER C 451 12.28 -17.99 44.64
N SER C 452 13.46 -17.47 44.30
CA SER C 452 14.67 -17.94 44.94
C SER C 452 14.85 -17.36 46.32
N TRP C 453 15.11 -16.05 46.39
CA TRP C 453 15.58 -15.47 47.62
C TRP C 453 14.45 -15.33 48.61
N ASN C 454 13.23 -15.20 48.10
CA ASN C 454 12.07 -15.23 48.96
C ASN C 454 11.90 -16.60 49.60
N ARG C 455 12.34 -17.66 48.92
CA ARG C 455 12.35 -18.97 49.57
C ARG C 455 13.51 -19.07 50.55
N ARG C 456 14.55 -18.29 50.33
CA ARG C 456 15.75 -18.44 51.14
C ARG C 456 15.56 -17.88 52.54
N TYR C 457 14.96 -16.71 52.66
CA TYR C 457 15.03 -16.03 53.95
C TYR C 457 14.06 -16.60 54.95
N GLY C 458 12.78 -16.44 54.73
CA GLY C 458 11.86 -16.75 55.80
C GLY C 458 10.60 -17.45 55.37
N PHE C 459 10.67 -18.18 54.27
CA PHE C 459 9.43 -18.62 53.66
C PHE C 459 8.82 -19.80 54.42
N ASN C 460 7.53 -19.98 54.20
CA ASN C 460 6.77 -21.05 54.81
C ASN C 460 6.02 -21.75 53.71
N ASP C 461 6.00 -23.08 53.78
CA ASP C 461 5.17 -23.86 52.88
C ASP C 461 3.71 -23.64 53.22
N ALA C 462 3.03 -22.80 52.43
CA ALA C 462 1.60 -22.48 52.53
C ALA C 462 1.21 -21.89 53.89
N GLY C 463 2.17 -21.40 54.66
CA GLY C 463 1.84 -20.69 55.86
C GLY C 463 1.45 -19.29 55.47
N VAL C 464 2.14 -18.77 54.46
CA VAL C 464 1.84 -17.42 53.99
C VAL C 464 0.72 -17.40 52.98
N PHE C 465 0.22 -18.57 52.54
CA PHE C 465 -0.76 -18.63 51.46
C PHE C 465 -2.02 -19.39 51.85
N GLY C 466 -2.38 -19.37 53.12
CA GLY C 466 -3.70 -19.85 53.51
C GLY C 466 -3.82 -21.34 53.76
N LYS C 467 -3.11 -22.16 52.97
CA LYS C 467 -3.15 -23.63 53.03
C LYS C 467 -4.58 -24.15 52.88
N ASN C 468 -5.30 -23.62 51.90
CA ASN C 468 -6.68 -23.98 51.66
C ASN C 468 -6.89 -24.13 50.16
N GLN C 469 -7.70 -25.11 49.78
CA GLN C 469 -7.79 -25.53 48.39
C GLN C 469 -8.68 -24.58 47.58
N HIS C 470 -8.51 -24.67 46.25
CA HIS C 470 -9.25 -23.90 45.25
C HIS C 470 -9.09 -22.39 45.47
N ASP C 471 -7.91 -21.99 45.92
CA ASP C 471 -7.63 -20.60 46.23
C ASP C 471 -6.37 -20.19 45.48
N VAL C 472 -6.57 -19.45 44.40
CA VAL C 472 -5.46 -19.11 43.54
C VAL C 472 -4.63 -18.00 44.17
N VAL C 473 -3.31 -18.08 44.01
CA VAL C 473 -2.38 -17.10 44.56
C VAL C 473 -1.75 -16.36 43.39
N TYR C 474 -2.02 -15.07 43.27
CA TYR C 474 -1.46 -14.26 42.20
C TYR C 474 -0.68 -13.10 42.81
N ALA C 475 0.49 -12.85 42.28
CA ALA C 475 1.32 -11.78 42.82
C ALA C 475 0.81 -10.45 42.30
N GLN C 476 1.13 -9.38 43.02
CA GLN C 476 0.83 -8.05 42.52
C GLN C 476 2.06 -7.35 42.00
N GLN C 477 3.12 -7.30 42.80
CA GLN C 477 4.37 -6.70 42.37
C GLN C 477 5.48 -7.48 43.03
N CYS C 478 6.43 -7.96 42.25
CA CYS C 478 7.53 -8.74 42.80
C CYS C 478 8.86 -8.20 42.33
N PHE C 479 9.90 -8.57 43.07
CA PHE C 479 11.14 -7.80 43.19
C PHE C 479 12.34 -8.65 42.83
N THR C 480 13.32 -8.06 42.14
CA THR C 480 14.54 -8.74 41.74
C THR C 480 15.74 -8.13 42.46
N VAL C 481 16.26 -8.84 43.42
CA VAL C 481 17.33 -8.30 44.25
C VAL C 481 18.68 -8.53 43.60
N ARG C 482 19.68 -7.84 44.12
CA ARG C 482 21.08 -8.05 43.76
C ARG C 482 21.67 -9.20 44.55
N SER C 483 23.00 -9.25 44.63
CA SER C 483 23.76 -10.28 45.31
C SER C 483 23.27 -10.63 46.71
N SER C 484 23.11 -9.62 47.57
CA SER C 484 22.64 -9.90 48.92
C SER C 484 21.87 -8.71 49.44
N PHE C 485 20.58 -8.91 49.68
CA PHE C 485 19.76 -7.96 50.42
C PHE C 485 19.75 -8.42 51.86
N CYS C 486 20.21 -7.58 52.76
CA CYS C 486 20.14 -7.90 54.17
C CYS C 486 18.76 -7.55 54.71
N PRO C 487 17.96 -8.51 55.16
CA PRO C 487 16.69 -8.17 55.79
C PRO C 487 16.85 -7.64 57.20
N CYS C 488 17.95 -8.00 57.88
CA CYS C 488 18.20 -7.58 59.25
C CYS C 488 19.57 -6.93 59.34
N ALA C 489 19.76 -6.09 60.35
CA ALA C 489 21.03 -5.41 60.56
C ALA C 489 21.96 -6.24 61.43
N THR C 501 21.36 -4.92 49.02
CA THR C 501 20.78 -3.58 48.94
C THR C 501 19.27 -3.65 48.73
N LYS C 502 18.67 -2.50 48.41
CA LYS C 502 17.23 -2.38 48.30
C LYS C 502 16.70 -3.20 47.12
N PRO C 503 15.46 -3.69 47.22
CA PRO C 503 15.05 -4.78 46.30
C PRO C 503 14.82 -4.38 44.85
N LYS C 504 14.30 -3.19 44.56
CA LYS C 504 14.17 -2.65 43.20
C LYS C 504 13.29 -3.53 42.31
N SER C 505 11.98 -3.45 42.56
CA SER C 505 10.96 -4.15 41.78
C SER C 505 11.09 -3.91 40.28
N ALA C 506 10.68 -4.91 39.52
CA ALA C 506 10.72 -4.83 38.07
C ALA C 506 9.70 -5.80 37.49
N PHE C 507 9.53 -5.72 36.17
CA PHE C 507 8.54 -6.51 35.49
C PHE C 507 9.05 -7.92 35.25
N VAL C 508 8.23 -8.73 34.60
CA VAL C 508 8.56 -10.13 34.33
C VAL C 508 8.90 -10.29 32.86
N ASN C 509 10.03 -10.93 32.60
CA ASN C 509 10.48 -11.20 31.24
C ASN C 509 9.68 -12.38 30.67
N VAL C 510 9.93 -12.70 29.41
CA VAL C 510 9.08 -13.62 28.63
C VAL C 510 9.21 -15.04 29.19
N GLY C 511 8.12 -15.54 29.74
CA GLY C 511 8.04 -16.94 30.11
C GLY C 511 8.88 -17.32 31.29
N ASP C 512 8.71 -16.62 32.40
CA ASP C 512 9.50 -16.85 33.59
C ASP C 512 8.60 -16.95 34.81
N HIS C 513 9.09 -17.58 35.86
CA HIS C 513 8.52 -17.26 37.16
C HIS C 513 8.98 -15.87 37.55
N CYS C 514 8.31 -15.26 38.51
CA CYS C 514 8.74 -13.93 38.87
C CYS C 514 9.60 -14.00 40.11
N GLU C 515 10.41 -12.96 40.32
CA GLU C 515 11.62 -13.12 41.11
C GLU C 515 11.35 -13.16 42.60
N GLY C 516 10.21 -12.62 43.04
CA GLY C 516 9.93 -12.77 44.45
C GLY C 516 9.14 -11.67 45.12
N LEU C 517 8.20 -12.07 45.97
CA LEU C 517 7.28 -11.14 46.61
C LEU C 517 8.03 -10.24 47.57
N GLY C 518 7.50 -9.03 47.75
CA GLY C 518 8.22 -8.04 48.54
C GLY C 518 8.21 -8.37 50.02
N VAL C 519 9.18 -7.81 50.73
CA VAL C 519 9.36 -8.06 52.15
C VAL C 519 9.15 -6.77 52.92
N LEU C 520 8.39 -6.86 54.00
CA LEU C 520 8.36 -5.78 54.99
C LEU C 520 9.61 -5.86 55.83
N GLU C 521 10.44 -4.81 55.77
CA GLU C 521 11.74 -4.85 56.42
C GLU C 521 11.63 -4.81 57.93
N ASP C 522 10.48 -4.36 58.46
CA ASP C 522 10.34 -4.22 59.90
C ASP C 522 10.14 -5.59 60.56
N ASN C 523 9.47 -6.51 59.89
CA ASN C 523 9.16 -7.80 60.50
C ASN C 523 10.25 -8.81 60.13
N CYS C 524 11.38 -8.67 60.80
CA CYS C 524 12.48 -9.64 60.69
C CYS C 524 13.00 -9.95 62.08
N GLY C 525 13.20 -11.24 62.35
CA GLY C 525 13.63 -11.67 63.66
C GLY C 525 14.89 -12.48 63.66
N ASN C 526 15.87 -12.08 64.47
CA ASN C 526 17.15 -12.77 64.62
C ASN C 526 17.20 -13.57 65.90
N ALA C 527 16.09 -14.23 66.25
CA ALA C 527 15.99 -14.93 67.53
C ALA C 527 16.93 -16.12 67.59
N ASP C 528 16.76 -17.07 66.69
CA ASP C 528 17.65 -18.22 66.77
C ASP C 528 18.94 -17.91 66.02
N PRO C 529 20.10 -18.17 66.63
CA PRO C 529 21.36 -17.88 65.94
C PRO C 529 21.73 -18.91 64.89
N HIS C 530 20.99 -20.01 64.81
CA HIS C 530 21.32 -21.06 63.85
C HIS C 530 21.02 -20.61 62.43
N LYS C 531 19.75 -20.36 62.14
CA LYS C 531 19.36 -19.90 60.82
C LYS C 531 19.81 -18.46 60.62
N GLY C 532 20.19 -18.13 59.38
CA GLY C 532 20.80 -16.84 59.12
C GLY C 532 19.82 -15.69 59.21
N CYS C 533 18.67 -15.84 58.57
CA CYS C 533 17.60 -14.85 58.68
C CYS C 533 16.28 -15.60 58.79
N ILE C 534 15.32 -15.00 59.51
CA ILE C 534 13.98 -15.55 59.58
C ILE C 534 13.00 -14.41 59.44
N CYS C 535 12.11 -14.50 58.46
CA CYS C 535 10.99 -13.57 58.36
C CYS C 535 9.79 -14.16 59.08
N ALA C 536 8.87 -13.28 59.46
CA ALA C 536 7.63 -13.76 60.04
C ALA C 536 6.73 -14.33 58.95
N ASN C 537 5.71 -15.09 59.37
CA ASN C 537 4.79 -15.69 58.41
C ASN C 537 3.86 -14.64 57.81
N ASN C 538 3.76 -13.46 58.39
CA ASN C 538 2.97 -12.38 57.86
C ASN C 538 3.79 -11.23 57.30
N SER C 539 4.98 -11.51 56.77
CA SER C 539 5.92 -10.44 56.48
C SER C 539 5.81 -9.96 55.04
N PHE C 540 5.17 -10.72 54.17
CA PHE C 540 5.27 -10.45 52.75
C PHE C 540 4.02 -9.78 52.22
N ILE C 541 4.22 -8.89 51.26
CA ILE C 541 3.13 -8.14 50.66
C ILE C 541 3.44 -7.94 49.18
N GLY C 542 2.40 -7.66 48.41
CA GLY C 542 2.53 -7.54 46.97
C GLY C 542 1.86 -8.72 46.28
N TRP C 543 0.83 -9.26 46.91
CA TRP C 543 0.12 -10.43 46.40
C TRP C 543 -1.27 -10.46 46.99
N SER C 544 -2.23 -10.94 46.21
CA SER C 544 -3.60 -11.12 46.66
C SER C 544 -4.06 -12.48 46.22
N HIS C 545 -5.13 -12.97 46.82
CA HIS C 545 -5.59 -14.31 46.51
C HIS C 545 -7.09 -14.32 46.26
N ASP C 546 -7.52 -15.31 45.50
CA ASP C 546 -8.86 -15.31 44.93
C ASP C 546 -9.24 -16.74 44.55
N THR C 547 -10.54 -16.98 44.44
CA THR C 547 -11.05 -18.28 44.03
C THR C 547 -11.17 -18.37 42.51
N CYS C 548 -11.38 -19.60 42.02
CA CYS C 548 -11.57 -19.85 40.60
C CYS C 548 -12.94 -20.37 40.27
N LEU C 549 -13.81 -20.54 41.26
CA LEU C 549 -15.05 -21.30 41.09
C LEU C 549 -16.06 -20.47 40.33
N VAL C 550 -16.25 -20.80 39.04
CA VAL C 550 -17.27 -20.20 38.20
C VAL C 550 -18.24 -21.31 37.82
N ASN C 551 -19.41 -21.29 38.47
CA ASN C 551 -20.49 -22.27 38.28
C ASN C 551 -19.97 -23.69 38.54
N ASP C 552 -19.28 -23.83 39.67
CA ASP C 552 -18.64 -25.06 40.15
C ASP C 552 -17.60 -25.61 39.16
N ARG C 553 -17.06 -24.76 38.31
CA ARG C 553 -15.98 -25.11 37.41
C ARG C 553 -14.88 -24.08 37.58
N CYS C 554 -13.63 -24.53 37.63
CA CYS C 554 -12.50 -23.62 37.76
C CYS C 554 -11.84 -23.47 36.40
N GLN C 555 -11.66 -22.22 35.98
CA GLN C 555 -11.02 -21.97 34.70
C GLN C 555 -9.56 -22.38 34.75
N ILE C 556 -9.09 -22.89 33.63
CA ILE C 556 -7.67 -23.20 33.48
C ILE C 556 -7.19 -22.58 32.18
N PHE C 557 -6.45 -21.50 32.29
CA PHE C 557 -5.74 -20.95 31.14
C PHE C 557 -4.70 -21.97 30.70
N ALA C 558 -4.44 -22.02 29.40
CA ALA C 558 -3.48 -22.97 28.89
C ALA C 558 -2.90 -22.42 27.60
N ASN C 559 -1.71 -21.82 27.69
CA ASN C 559 -1.02 -21.42 26.48
C ASN C 559 -0.44 -22.66 25.82
N ILE C 560 -0.53 -22.72 24.50
CA ILE C 560 0.04 -23.83 23.73
C ILE C 560 1.07 -23.21 22.80
N LEU C 561 2.32 -23.18 23.24
CA LEU C 561 3.39 -22.66 22.41
C LEU C 561 3.82 -23.71 21.39
N LEU C 562 4.12 -23.26 20.19
CA LEU C 562 4.54 -24.16 19.13
C LEU C 562 5.97 -23.80 18.73
N ASN C 563 6.92 -24.38 19.44
CA ASN C 563 8.34 -24.13 19.17
C ASN C 563 8.76 -24.82 17.89
N GLY C 564 9.36 -24.06 16.99
CA GLY C 564 9.91 -24.64 15.78
C GLY C 564 8.86 -25.09 14.80
N ILE C 565 8.17 -24.14 14.18
CA ILE C 565 7.22 -24.49 13.14
C ILE C 565 7.98 -24.82 11.85
N ASN C 566 7.27 -25.49 10.92
CA ASN C 566 7.72 -25.86 9.58
C ASN C 566 8.84 -26.89 9.57
N SER C 567 8.93 -27.72 10.61
CA SER C 567 9.86 -28.84 10.66
C SER C 567 9.37 -29.78 11.75
N GLY C 568 10.22 -30.72 12.12
CA GLY C 568 10.01 -31.48 13.34
C GLY C 568 9.37 -32.83 13.08
N THR C 569 9.15 -33.54 14.19
CA THR C 569 8.67 -34.91 14.16
C THR C 569 7.23 -35.03 14.65
N THR C 570 6.82 -34.16 15.56
CA THR C 570 5.48 -34.25 16.12
C THR C 570 4.44 -33.78 15.13
N CYS C 571 3.56 -34.69 14.72
CA CYS C 571 2.42 -34.37 13.88
C CYS C 571 1.28 -35.31 14.19
N SER C 572 0.21 -35.17 13.41
CA SER C 572 -1.11 -35.67 13.77
C SER C 572 -1.53 -36.79 12.84
N THR C 573 -2.10 -37.84 13.44
CA THR C 573 -2.61 -38.97 12.70
C THR C 573 -4.12 -38.88 12.51
N ASP C 574 -4.66 -37.67 12.45
CA ASP C 574 -6.09 -37.53 12.18
C ASP C 574 -6.39 -37.65 10.70
N LEU C 575 -5.75 -36.82 9.88
CA LEU C 575 -5.82 -36.94 8.43
C LEU C 575 -4.90 -38.09 8.03
N GLN C 576 -5.38 -39.32 8.25
CA GLN C 576 -4.53 -40.48 8.19
C GLN C 576 -4.35 -40.95 6.74
N LEU C 577 -3.15 -40.79 6.23
CA LEU C 577 -2.74 -41.42 4.99
C LEU C 577 -1.33 -41.95 5.21
N PRO C 578 -1.10 -43.25 5.03
CA PRO C 578 0.20 -43.81 5.37
C PRO C 578 1.30 -43.37 4.42
N ASN C 579 2.52 -43.76 4.77
CA ASN C 579 3.73 -43.34 4.08
C ASN C 579 3.76 -43.83 2.64
N THR C 580 4.57 -43.16 1.82
CA THR C 580 4.74 -43.53 0.43
C THR C 580 6.17 -43.27 0.05
N GLU C 581 6.76 -44.20 -0.71
CA GLU C 581 8.15 -44.09 -1.09
C GLU C 581 8.33 -43.00 -2.14
N VAL C 582 9.54 -42.44 -2.17
CA VAL C 582 9.83 -41.26 -2.99
C VAL C 582 9.80 -41.61 -4.47
N VAL C 583 9.66 -40.58 -5.30
CA VAL C 583 9.59 -40.71 -6.75
C VAL C 583 10.58 -39.74 -7.35
N THR C 584 11.45 -40.25 -8.22
CA THR C 584 12.44 -39.42 -8.88
C THR C 584 11.97 -39.07 -10.29
N GLY C 585 12.55 -38.00 -10.83
CA GLY C 585 12.30 -37.58 -12.19
C GLY C 585 11.01 -36.82 -12.42
N ILE C 586 9.87 -37.39 -12.05
CA ILE C 586 8.56 -36.79 -12.33
C ILE C 586 8.25 -35.81 -11.22
N CYS C 587 7.88 -34.58 -11.59
CA CYS C 587 7.60 -33.60 -10.55
C CYS C 587 6.22 -33.87 -9.95
N VAL C 588 6.13 -33.68 -8.64
CA VAL C 588 5.15 -34.40 -7.84
C VAL C 588 4.89 -33.59 -6.58
N LYS C 589 3.66 -33.68 -6.07
CA LYS C 589 3.34 -33.11 -4.77
C LYS C 589 4.14 -33.82 -3.68
N TYR C 590 4.40 -33.08 -2.60
CA TYR C 590 4.95 -33.69 -1.40
C TYR C 590 4.45 -32.97 -0.18
N ASP C 591 4.56 -33.65 0.96
CA ASP C 591 4.46 -33.04 2.28
C ASP C 591 5.57 -33.70 3.09
N LEU C 592 6.76 -33.12 3.05
CA LEU C 592 7.92 -33.69 3.71
C LEU C 592 8.01 -33.13 5.11
N TYR C 593 7.60 -33.95 6.08
CA TYR C 593 7.66 -33.64 7.51
C TYR C 593 6.94 -32.35 7.86
N GLY C 594 5.89 -32.02 7.14
CA GLY C 594 5.21 -30.77 7.39
C GLY C 594 5.42 -29.72 6.32
N ILE C 595 6.60 -29.72 5.71
CA ILE C 595 6.87 -28.74 4.66
C ILE C 595 6.06 -29.11 3.43
N THR C 596 5.27 -28.17 2.94
CA THR C 596 4.45 -28.38 1.76
C THR C 596 5.13 -27.78 0.53
N GLY C 597 5.06 -28.52 -0.58
CA GLY C 597 5.59 -28.02 -1.83
C GLY C 597 5.51 -29.10 -2.89
N GLN C 598 5.93 -28.73 -4.09
CA GLN C 598 5.89 -29.66 -5.20
C GLN C 598 7.12 -29.47 -6.07
N GLY C 599 7.59 -30.56 -6.68
CA GLY C 599 8.78 -30.53 -7.50
C GLY C 599 9.35 -31.91 -7.77
N VAL C 600 10.60 -31.98 -8.20
CA VAL C 600 11.23 -33.24 -8.54
C VAL C 600 12.05 -33.70 -7.34
N PHE C 601 12.49 -34.95 -7.39
CA PHE C 601 13.47 -35.45 -6.45
C PHE C 601 14.61 -36.08 -7.24
N LYS C 602 15.84 -35.72 -6.89
CA LYS C 602 17.03 -36.23 -7.56
C LYS C 602 17.99 -36.69 -6.49
N GLU C 603 18.27 -37.99 -6.45
CA GLU C 603 19.10 -38.52 -5.38
C GLU C 603 20.57 -38.27 -5.66
N VAL C 604 21.21 -37.53 -4.76
CA VAL C 604 22.63 -37.20 -4.87
C VAL C 604 23.25 -37.45 -3.50
N LYS C 605 24.40 -38.13 -3.49
CA LYS C 605 25.10 -38.48 -2.25
C LYS C 605 25.72 -37.22 -1.66
N ALA C 606 24.96 -36.58 -0.77
CA ALA C 606 25.42 -35.34 -0.14
C ALA C 606 26.29 -35.67 1.07
N ASP C 607 26.54 -34.65 1.88
CA ASP C 607 27.48 -34.76 2.99
C ASP C 607 27.20 -33.68 4.02
N TYR C 608 27.71 -33.92 5.24
CA TYR C 608 27.84 -32.93 6.31
C TYR C 608 26.50 -32.41 6.81
N TYR C 609 25.50 -33.28 6.83
CA TYR C 609 24.30 -33.03 7.63
C TYR C 609 24.52 -33.64 9.00
N ASN C 610 24.84 -32.78 10.00
CA ASN C 610 25.62 -33.24 11.15
C ASN C 610 24.87 -34.26 12.02
N SER C 611 23.94 -33.81 12.83
CA SER C 611 23.02 -34.76 13.44
C SER C 611 21.62 -34.19 13.49
N TRP C 612 21.54 -32.92 13.82
CA TRP C 612 20.25 -32.26 13.97
C TRP C 612 19.83 -31.55 12.71
N GLN C 613 20.79 -30.96 12.02
CA GLN C 613 20.48 -30.19 10.83
C GLN C 613 20.13 -31.14 9.70
N THR C 614 18.89 -31.07 9.24
CA THR C 614 18.40 -31.99 8.23
C THR C 614 17.94 -31.33 6.94
N LEU C 615 17.22 -30.22 6.99
CA LEU C 615 16.60 -29.64 5.82
C LEU C 615 17.49 -28.52 5.29
N LEU C 616 17.79 -28.59 4.00
CA LEU C 616 18.73 -27.67 3.37
C LEU C 616 17.95 -26.58 2.66
N TYR C 617 17.91 -25.41 3.28
CA TYR C 617 17.32 -24.24 2.64
C TYR C 617 18.35 -23.50 1.83
N ASP C 618 17.88 -22.69 0.88
CA ASP C 618 18.77 -21.81 0.15
C ASP C 618 18.79 -20.43 0.79
N VAL C 619 19.31 -19.44 0.06
CA VAL C 619 19.38 -18.07 0.58
C VAL C 619 17.99 -17.44 0.68
N ASN C 620 17.05 -17.82 -0.20
CA ASN C 620 15.77 -17.13 -0.31
C ASN C 620 14.63 -17.81 0.42
N GLY C 621 14.90 -18.70 1.36
CA GLY C 621 13.84 -19.35 2.10
C GLY C 621 13.06 -20.38 1.30
N ASN C 622 13.56 -20.80 0.16
CA ASN C 622 12.99 -21.94 -0.55
C ASN C 622 13.60 -23.20 0.03
N LEU C 623 12.95 -24.34 -0.22
CA LEU C 623 13.55 -25.60 0.17
C LEU C 623 14.40 -26.11 -0.99
N ASN C 624 15.68 -26.36 -0.73
CA ASN C 624 16.61 -26.73 -1.78
C ASN C 624 17.27 -28.08 -1.52
N GLY C 625 16.94 -28.73 -0.41
CA GLY C 625 17.57 -29.99 -0.10
C GLY C 625 17.03 -30.62 1.16
N PHE C 626 17.03 -31.95 1.23
CA PHE C 626 16.22 -32.66 2.20
C PHE C 626 16.90 -33.96 2.57
N ARG C 627 16.79 -34.35 3.83
CA ARG C 627 17.27 -35.63 4.31
C ARG C 627 16.12 -36.35 4.98
N ASP C 628 15.88 -37.60 4.59
CA ASP C 628 14.84 -38.39 5.24
C ASP C 628 15.37 -38.93 6.56
N LEU C 629 14.52 -38.91 7.59
CA LEU C 629 14.94 -39.43 8.89
C LEU C 629 14.82 -40.94 8.99
N THR C 630 14.07 -41.58 8.09
CA THR C 630 13.86 -43.01 8.22
C THR C 630 14.76 -43.84 7.32
N THR C 631 15.51 -43.21 6.41
CA THR C 631 16.37 -43.96 5.52
C THR C 631 17.82 -43.50 5.50
N ASN C 632 18.15 -42.38 6.15
CA ASN C 632 19.47 -41.75 6.12
C ASN C 632 19.95 -41.49 4.70
N LYS C 633 19.05 -41.07 3.83
CA LYS C 633 19.39 -40.77 2.44
C LYS C 633 19.23 -39.28 2.17
N THR C 634 19.77 -38.84 1.03
CA THR C 634 19.82 -37.43 0.70
C THR C 634 19.15 -37.18 -0.64
N TYR C 635 18.63 -35.97 -0.81
CA TYR C 635 17.94 -35.57 -2.03
C TYR C 635 18.17 -34.09 -2.29
N THR C 636 17.81 -33.65 -3.49
CA THR C 636 17.93 -32.26 -3.88
C THR C 636 16.74 -31.91 -4.77
N ILE C 637 16.05 -30.83 -4.44
CA ILE C 637 14.70 -30.57 -4.91
C ILE C 637 14.71 -29.40 -5.88
N ARG C 638 14.03 -29.58 -7.00
CA ARG C 638 13.90 -28.58 -8.04
C ARG C 638 12.48 -28.66 -8.59
N SER C 639 11.88 -27.51 -8.85
CA SER C 639 10.49 -27.54 -9.28
C SER C 639 10.37 -27.62 -10.79
N CYS C 640 9.15 -27.90 -11.25
CA CYS C 640 8.82 -27.93 -12.67
C CYS C 640 8.04 -26.66 -13.02
N TYR C 641 7.91 -26.40 -14.32
CA TYR C 641 7.56 -25.06 -14.77
C TYR C 641 6.95 -25.11 -16.16
N SER C 642 6.36 -23.99 -16.56
CA SER C 642 6.05 -23.66 -17.96
C SER C 642 5.69 -22.19 -18.07
N GLY C 643 5.65 -21.72 -19.30
CA GLY C 643 5.15 -20.39 -19.66
C GLY C 643 5.09 -20.29 -21.17
N ARG C 644 3.96 -19.85 -21.72
CA ARG C 644 3.71 -19.95 -23.15
C ARG C 644 3.42 -18.59 -23.76
N VAL C 645 3.74 -18.44 -25.03
CA VAL C 645 3.59 -17.20 -25.77
C VAL C 645 2.98 -17.58 -27.12
N SER C 646 2.11 -16.73 -27.65
CA SER C 646 1.47 -17.04 -28.92
C SER C 646 1.52 -15.86 -29.86
N ALA C 647 2.03 -16.09 -31.07
CA ALA C 647 1.88 -15.15 -32.19
C ALA C 647 0.57 -15.45 -32.91
N ALA C 648 -0.51 -14.92 -32.34
CA ALA C 648 -1.80 -15.56 -32.49
C ALA C 648 -2.45 -15.26 -33.81
N PHE C 649 -2.85 -14.02 -34.02
CA PHE C 649 -4.03 -13.78 -34.82
C PHE C 649 -3.76 -12.88 -36.00
N HIS C 650 -4.67 -12.95 -36.94
CA HIS C 650 -5.05 -11.83 -37.78
C HIS C 650 -6.55 -11.74 -37.72
N LYS C 651 -7.11 -10.81 -38.48
CA LYS C 651 -8.56 -10.64 -38.52
C LYS C 651 -9.18 -11.83 -39.24
N ASP C 652 -8.40 -12.51 -40.06
CA ASP C 652 -8.87 -13.67 -40.79
C ASP C 652 -8.52 -14.99 -40.12
N ALA C 653 -7.82 -14.96 -38.99
CA ALA C 653 -7.34 -16.19 -38.42
C ALA C 653 -8.37 -16.80 -37.49
N PRO C 654 -8.74 -18.05 -37.66
CA PRO C 654 -9.58 -18.70 -36.66
C PRO C 654 -8.76 -19.35 -35.55
N GLU C 655 -7.52 -19.67 -35.85
CA GLU C 655 -6.65 -20.44 -34.98
C GLU C 655 -5.32 -19.73 -34.80
N PRO C 656 -4.75 -19.78 -33.61
CA PRO C 656 -3.51 -19.07 -33.37
C PRO C 656 -2.31 -19.92 -33.71
N ALA C 657 -1.12 -19.40 -33.46
CA ALA C 657 0.11 -20.16 -33.58
C ALA C 657 0.81 -20.19 -32.23
N LEU C 658 1.02 -21.38 -31.70
CA LEU C 658 1.67 -21.47 -30.41
C LEU C 658 3.16 -21.20 -30.53
N LEU C 659 3.79 -21.00 -29.39
CA LEU C 659 5.24 -20.91 -29.31
C LEU C 659 5.65 -21.25 -27.89
N TYR C 660 6.47 -22.27 -27.73
CA TYR C 660 7.06 -22.55 -26.43
C TYR C 660 8.52 -22.11 -26.49
N ARG C 661 8.90 -21.19 -25.63
CA ARG C 661 10.24 -20.64 -25.67
C ARG C 661 11.20 -21.57 -24.93
N ASN C 662 12.26 -21.97 -25.63
CA ASN C 662 13.47 -22.56 -25.04
C ASN C 662 13.19 -23.92 -24.38
N ILE C 663 12.39 -24.74 -25.07
CA ILE C 663 12.09 -26.11 -24.67
C ILE C 663 12.19 -26.98 -25.91
N ASN C 664 12.87 -28.13 -25.80
CA ASN C 664 12.83 -29.12 -26.87
C ASN C 664 11.42 -29.69 -27.00
N CYS C 665 11.06 -30.05 -28.23
CA CYS C 665 9.71 -30.55 -28.51
C CYS C 665 9.48 -31.90 -27.85
N SER C 666 10.54 -32.70 -27.70
CA SER C 666 10.39 -33.99 -27.04
C SER C 666 10.09 -33.82 -25.56
N TYR C 667 10.54 -32.72 -24.98
CA TYR C 667 10.19 -32.43 -23.60
C TYR C 667 8.75 -31.99 -23.45
N VAL C 668 8.13 -31.50 -24.52
CA VAL C 668 6.78 -30.98 -24.43
C VAL C 668 5.78 -32.12 -24.26
N PHE C 669 5.68 -32.98 -25.26
CA PHE C 669 4.59 -33.94 -25.29
C PHE C 669 4.84 -35.11 -24.36
N SER C 670 6.07 -35.27 -23.87
CA SER C 670 6.34 -36.30 -22.88
C SER C 670 5.74 -35.95 -21.52
N ASN C 671 5.76 -34.67 -21.16
CA ASN C 671 5.25 -34.25 -19.87
C ASN C 671 3.75 -33.99 -19.87
N ASN C 672 3.09 -34.17 -21.03
CA ASN C 672 1.75 -33.65 -21.29
C ASN C 672 1.67 -32.16 -20.98
N ILE C 673 2.53 -31.39 -21.63
CA ILE C 673 2.58 -29.95 -21.41
C ILE C 673 1.38 -29.28 -22.05
N SER C 674 1.21 -29.48 -23.35
CA SER C 674 0.29 -28.69 -24.14
C SER C 674 -1.16 -29.02 -23.81
N ARG C 675 -1.93 -28.00 -23.45
CA ARG C 675 -3.35 -28.21 -23.22
C ARG C 675 -4.11 -28.43 -24.51
N GLU C 676 -3.51 -28.11 -25.65
CA GLU C 676 -4.07 -28.38 -26.96
C GLU C 676 -3.60 -29.75 -27.41
N GLU C 677 -4.49 -30.47 -28.11
CA GLU C 677 -4.08 -31.69 -28.77
C GLU C 677 -3.08 -31.37 -29.87
N ASN C 678 -2.22 -32.34 -30.15
CA ASN C 678 -1.15 -32.16 -31.11
C ASN C 678 -1.68 -32.01 -32.52
N PRO C 679 -1.55 -30.85 -33.12
CA PRO C 679 -2.00 -30.68 -34.50
C PRO C 679 -0.90 -31.09 -35.44
N LEU C 680 -1.09 -30.80 -36.72
CA LEU C 680 -0.08 -31.17 -37.69
C LEU C 680 1.12 -30.24 -37.58
N ASN C 681 2.30 -30.84 -37.81
CA ASN C 681 3.57 -30.14 -38.03
C ASN C 681 4.00 -29.27 -36.85
N TYR C 682 4.38 -29.93 -35.77
CA TYR C 682 5.21 -29.30 -34.76
C TYR C 682 6.67 -29.57 -35.06
N PHE C 683 7.52 -28.63 -34.71
CA PHE C 683 8.96 -28.83 -34.88
C PHE C 683 9.71 -27.93 -33.91
N ASP C 684 10.93 -28.33 -33.59
CA ASP C 684 11.86 -27.51 -32.84
C ASP C 684 12.58 -26.52 -33.74
N SER C 685 12.83 -25.32 -33.20
CA SER C 685 13.58 -24.30 -33.89
C SER C 685 14.50 -23.64 -32.88
N TYR C 686 15.02 -22.47 -33.25
CA TYR C 686 16.03 -21.81 -32.43
C TYR C 686 15.42 -21.24 -31.15
N LEU C 687 14.17 -20.79 -31.20
CA LEU C 687 13.52 -20.27 -30.01
C LEU C 687 13.00 -21.35 -29.09
N GLY C 688 12.77 -22.54 -29.61
CA GLY C 688 12.17 -23.60 -28.84
C GLY C 688 11.17 -24.34 -29.68
N CYS C 689 10.32 -25.11 -29.00
CA CYS C 689 9.33 -25.92 -29.67
C CYS C 689 8.21 -25.05 -30.21
N VAL C 690 7.97 -25.13 -31.51
CA VAL C 690 6.94 -24.34 -32.18
C VAL C 690 5.84 -25.28 -32.62
N VAL C 691 4.64 -25.06 -32.09
CA VAL C 691 3.49 -25.88 -32.39
C VAL C 691 2.64 -25.12 -33.40
N ASN C 692 1.99 -25.88 -34.28
CA ASN C 692 0.96 -25.39 -35.21
C ASN C 692 1.52 -24.37 -36.18
N ALA C 693 2.78 -24.56 -36.57
CA ALA C 693 3.39 -23.74 -37.61
C ALA C 693 3.49 -24.55 -38.88
N ASP C 694 3.12 -23.93 -40.00
CA ASP C 694 3.01 -24.66 -41.26
C ASP C 694 4.34 -25.00 -41.89
N ASN C 695 5.41 -24.34 -41.47
CA ASN C 695 6.68 -24.46 -42.19
C ASN C 695 7.80 -23.94 -41.33
N ARG C 696 8.87 -24.72 -41.25
CA ARG C 696 10.17 -24.17 -40.90
C ARG C 696 10.67 -23.41 -42.12
N THR C 697 10.67 -22.09 -42.04
CA THR C 697 10.87 -21.29 -43.24
C THR C 697 12.15 -20.49 -43.11
N ASP C 698 12.95 -20.52 -44.16
CA ASP C 698 14.10 -19.65 -44.32
C ASP C 698 13.94 -18.70 -45.49
N GLU C 699 12.71 -18.44 -45.91
CA GLU C 699 12.44 -17.39 -46.87
C GLU C 699 12.60 -16.02 -46.22
N ALA C 700 12.58 -14.98 -47.04
CA ALA C 700 12.69 -13.61 -46.53
C ALA C 700 11.42 -12.83 -46.87
N LEU C 701 10.76 -12.33 -45.83
CA LEU C 701 9.64 -11.42 -45.99
C LEU C 701 9.96 -10.11 -45.27
N PRO C 702 9.87 -8.98 -45.95
CA PRO C 702 10.47 -7.73 -45.43
C PRO C 702 9.54 -6.82 -44.66
N ASN C 703 8.26 -7.14 -44.52
CA ASN C 703 7.32 -6.24 -43.87
C ASN C 703 6.44 -7.01 -42.91
N CYS C 704 7.08 -7.80 -42.05
CA CYS C 704 6.34 -8.56 -41.06
C CYS C 704 5.73 -7.64 -40.01
N ASP C 705 4.68 -8.12 -39.37
CA ASP C 705 4.06 -7.41 -38.27
C ASP C 705 4.15 -8.18 -36.97
N LEU C 706 3.76 -9.45 -36.95
CA LEU C 706 3.88 -10.27 -35.76
C LEU C 706 5.34 -10.69 -35.63
N ARG C 707 6.12 -9.85 -34.96
CA ARG C 707 7.50 -10.18 -34.69
C ARG C 707 7.58 -11.01 -33.41
N MET C 708 8.49 -11.98 -33.41
CA MET C 708 8.53 -12.94 -32.33
C MET C 708 9.95 -13.48 -32.23
N GLY C 709 10.62 -13.20 -31.13
CA GLY C 709 11.95 -13.74 -30.89
C GLY C 709 12.99 -13.17 -31.83
N ALA C 710 14.12 -13.87 -31.88
CA ALA C 710 15.26 -13.40 -32.63
C ALA C 710 15.06 -13.54 -34.13
N GLY C 711 14.53 -12.49 -34.76
CA GLY C 711 14.42 -12.46 -36.19
C GLY C 711 13.34 -13.31 -36.80
N LEU C 712 12.54 -14.01 -36.01
CA LEU C 712 11.53 -14.90 -36.56
C LEU C 712 10.20 -14.18 -36.69
N CYS C 713 9.50 -14.46 -37.78
CA CYS C 713 8.22 -13.79 -38.04
C CYS C 713 7.10 -14.79 -38.24
N VAL C 714 5.90 -14.29 -38.03
CA VAL C 714 4.66 -15.05 -38.21
C VAL C 714 3.73 -14.18 -39.05
N ASP C 715 3.25 -14.73 -40.17
CA ASP C 715 2.23 -14.04 -40.95
C ASP C 715 1.38 -15.10 -41.65
N TYR C 716 0.08 -15.05 -41.37
CA TYR C 716 -0.83 -16.12 -41.74
C TYR C 716 -1.57 -15.79 -43.02
N SER C 717 -1.61 -16.77 -43.92
CA SER C 717 -2.24 -16.59 -45.23
C SER C 717 -3.25 -17.71 -45.43
N LYS C 718 -4.48 -17.34 -45.80
CA LYS C 718 -5.54 -18.31 -45.97
C LYS C 718 -5.27 -19.25 -47.14
N SER C 719 -4.53 -18.78 -48.13
CA SER C 719 -4.33 -19.58 -49.34
C SER C 719 -3.33 -20.69 -49.09
N ARG C 720 -2.51 -20.57 -48.04
CA ARG C 720 -1.55 -21.64 -47.77
C ARG C 720 -2.23 -22.86 -47.17
N ARG C 721 -3.33 -22.68 -46.45
CA ARG C 721 -3.96 -23.81 -45.79
C ARG C 721 -5.46 -23.64 -45.65
N ALA C 722 -6.19 -24.69 -45.99
CA ALA C 722 -7.61 -24.82 -45.75
C ALA C 722 -7.89 -26.26 -45.39
N HIS C 723 -8.94 -26.46 -44.57
CA HIS C 723 -9.41 -27.76 -44.10
C HIS C 723 -8.36 -28.56 -43.33
N ARG C 724 -7.39 -27.87 -42.71
CA ARG C 724 -6.43 -28.45 -41.78
C ARG C 724 -5.59 -29.56 -42.42
N SER C 725 -4.78 -29.19 -43.40
CA SER C 725 -3.78 -30.10 -43.93
C SER C 725 -2.40 -29.48 -44.00
N VAL C 726 -2.31 -28.16 -44.10
CA VAL C 726 -1.04 -27.45 -44.14
C VAL C 726 -1.04 -26.59 -42.87
N SER C 727 -1.62 -27.15 -41.80
CA SER C 727 -1.41 -26.72 -40.42
C SER C 727 -1.93 -25.31 -40.14
N THR C 728 -3.02 -24.92 -40.80
CA THR C 728 -3.64 -23.60 -40.73
C THR C 728 -2.68 -22.46 -41.04
N GLY C 729 -1.67 -22.71 -41.88
CA GLY C 729 -0.97 -21.67 -42.62
C GLY C 729 -0.20 -20.65 -41.83
N TYR C 730 0.68 -21.09 -40.95
CA TYR C 730 1.54 -20.21 -40.19
C TYR C 730 2.99 -20.46 -40.59
N ARG C 731 3.60 -19.49 -41.25
CA ARG C 731 4.94 -19.65 -41.77
C ARG C 731 5.93 -18.95 -40.85
N LEU C 732 6.85 -19.73 -40.27
CA LEU C 732 7.88 -19.12 -39.44
C LEU C 732 8.99 -18.54 -40.30
N THR C 733 8.77 -17.37 -40.87
CA THR C 733 9.77 -16.80 -41.74
C THR C 733 10.70 -15.88 -40.96
N THR C 734 11.83 -15.56 -41.58
CA THR C 734 12.87 -14.77 -40.96
C THR C 734 12.64 -13.30 -41.24
N PHE C 735 12.60 -12.49 -40.19
CA PHE C 735 12.36 -11.06 -40.36
C PHE C 735 13.62 -10.37 -40.84
N GLU C 736 13.46 -9.51 -41.83
CA GLU C 736 14.58 -8.80 -42.44
C GLU C 736 14.09 -7.53 -43.09
N PRO C 737 14.26 -6.35 -42.45
CA PRO C 737 13.64 -5.12 -42.98
C PRO C 737 14.18 -4.66 -44.33
N TYR C 738 15.49 -4.56 -44.49
CA TYR C 738 16.05 -4.24 -45.79
C TYR C 738 17.34 -5.00 -46.03
N THR C 739 17.65 -5.19 -47.31
CA THR C 739 18.97 -5.66 -47.75
C THR C 739 19.14 -5.22 -49.19
N PRO C 740 20.15 -4.43 -49.48
CA PRO C 740 20.37 -3.97 -50.86
C PRO C 740 21.08 -5.03 -51.69
N MET C 741 21.16 -4.78 -52.99
CA MET C 741 21.86 -5.67 -53.93
C MET C 741 22.14 -4.92 -55.22
N LEU C 742 23.34 -5.14 -55.78
CA LEU C 742 23.78 -4.61 -57.07
C LEU C 742 25.00 -5.44 -57.51
N VAL C 743 25.74 -4.96 -58.52
CA VAL C 743 26.73 -5.77 -59.22
C VAL C 743 28.10 -5.08 -59.23
N ASN C 744 29.10 -5.83 -59.73
CA ASN C 744 30.41 -5.35 -60.22
C ASN C 744 31.27 -4.68 -59.13
N ASP C 745 31.76 -5.52 -58.22
CA ASP C 745 32.60 -5.10 -57.11
C ASP C 745 34.09 -5.16 -57.43
N SER C 746 34.85 -4.27 -56.79
CA SER C 746 36.29 -4.42 -56.49
C SER C 746 37.16 -4.67 -57.72
N VAL C 747 36.88 -3.95 -58.79
CA VAL C 747 37.60 -4.09 -60.05
C VAL C 747 38.88 -3.26 -59.90
N GLN C 748 39.77 -3.31 -60.89
CA GLN C 748 41.14 -2.78 -60.88
C GLN C 748 41.20 -1.26 -60.93
N SER C 749 42.37 -0.74 -61.37
CA SER C 749 42.71 0.68 -61.46
C SER C 749 41.58 1.58 -61.96
N VAL C 750 40.83 1.13 -62.96
CA VAL C 750 39.57 1.79 -63.30
C VAL C 750 38.53 1.22 -62.34
N ASP C 751 38.31 1.92 -61.22
CA ASP C 751 37.64 1.29 -60.08
C ASP C 751 36.16 1.10 -60.32
N GLY C 752 35.78 -0.15 -60.49
CA GLY C 752 34.41 -0.59 -60.47
C GLY C 752 33.52 -0.02 -61.54
N LEU C 753 32.23 -0.28 -61.40
CA LEU C 753 31.25 0.28 -62.30
C LEU C 753 30.17 0.91 -61.46
N TYR C 754 29.86 2.15 -61.77
CA TYR C 754 28.90 2.89 -60.98
C TYR C 754 27.49 2.44 -61.31
N GLU C 755 26.79 1.97 -60.29
CA GLU C 755 25.39 1.65 -60.44
C GLU C 755 24.52 2.89 -60.47
N MET C 756 24.96 3.98 -59.86
CA MET C 756 24.15 5.19 -59.67
C MET C 756 24.67 6.39 -60.44
N GLN C 757 25.03 6.19 -61.70
CA GLN C 757 25.22 7.35 -62.57
C GLN C 757 23.90 7.60 -63.27
N ILE C 758 22.97 8.18 -62.54
CA ILE C 758 21.57 8.13 -62.97
C ILE C 758 21.23 9.35 -63.82
N PRO C 759 20.80 9.20 -65.07
CA PRO C 759 20.28 10.33 -65.83
C PRO C 759 18.78 10.56 -65.69
N THR C 760 18.16 10.04 -64.63
CA THR C 760 16.72 9.84 -64.58
C THR C 760 15.94 11.15 -64.58
N ASN C 761 14.65 10.99 -64.80
CA ASN C 761 13.68 11.93 -64.26
C ASN C 761 13.59 11.70 -62.76
N PHE C 762 13.86 12.75 -61.98
CA PHE C 762 13.94 12.65 -60.52
C PHE C 762 12.52 12.58 -60.00
N THR C 763 12.14 11.42 -59.50
CA THR C 763 10.93 11.42 -58.71
C THR C 763 11.25 11.97 -57.33
N ILE C 764 10.22 12.36 -56.60
CA ILE C 764 10.39 12.93 -55.28
C ILE C 764 9.43 12.20 -54.35
N GLY C 765 9.99 11.37 -53.48
CA GLY C 765 9.19 10.61 -52.55
C GLY C 765 8.59 11.53 -51.53
N HIS C 766 7.30 11.37 -51.27
CA HIS C 766 6.61 12.22 -50.33
C HIS C 766 7.09 11.96 -48.91
N HIS C 767 6.89 10.72 -48.44
CA HIS C 767 7.59 10.16 -47.28
C HIS C 767 7.28 10.95 -46.00
N GLU C 768 6.01 10.97 -45.64
CA GLU C 768 5.57 11.76 -44.51
C GLU C 768 6.05 11.13 -43.20
N GLU C 769 6.56 11.98 -42.31
CA GLU C 769 7.08 11.55 -41.02
C GLU C 769 6.35 12.32 -39.93
N PHE C 770 5.69 11.61 -39.03
CA PHE C 770 4.98 12.28 -37.95
C PHE C 770 5.83 12.28 -36.70
N ILE C 771 5.75 13.36 -35.94
CA ILE C 771 6.54 13.53 -34.73
C ILE C 771 5.66 14.10 -33.64
N GLN C 772 5.67 13.46 -32.47
CA GLN C 772 4.92 13.92 -31.31
C GLN C 772 5.46 15.26 -30.83
N THR C 773 4.59 16.10 -30.26
CA THR C 773 5.11 17.24 -29.51
C THR C 773 4.40 17.50 -28.20
N ARG C 774 3.24 16.91 -27.97
CA ARG C 774 2.52 17.15 -26.73
C ARG C 774 1.56 16.00 -26.49
N SER C 775 1.38 15.64 -25.24
CA SER C 775 0.39 14.65 -24.88
C SER C 775 -0.93 15.38 -24.74
N PRO C 776 -2.05 14.68 -24.69
CA PRO C 776 -3.25 15.23 -24.05
C PRO C 776 -2.93 15.72 -22.64
N LYS C 777 -3.20 17.00 -22.39
CA LYS C 777 -3.01 17.55 -21.05
C LYS C 777 -3.99 16.89 -20.09
N VAL C 778 -3.47 16.37 -19.01
CA VAL C 778 -4.30 15.65 -18.05
C VAL C 778 -4.23 16.39 -16.73
N THR C 779 -5.39 16.66 -16.15
CA THR C 779 -5.47 17.01 -14.74
C THR C 779 -6.28 15.96 -14.03
N ILE C 780 -6.00 15.82 -12.74
CA ILE C 780 -6.72 14.89 -11.88
C ILE C 780 -6.90 15.58 -10.55
N ASP C 781 -8.15 15.81 -10.18
CA ASP C 781 -8.44 16.28 -8.84
C ASP C 781 -8.25 15.10 -7.92
N CYS C 782 -7.54 15.31 -6.82
CA CYS C 782 -7.30 14.22 -5.89
C CYS C 782 -8.58 13.81 -5.19
N ALA C 783 -9.44 14.78 -4.88
CA ALA C 783 -10.60 14.47 -4.04
C ALA C 783 -11.69 13.78 -4.85
N ALA C 784 -11.92 14.23 -6.08
CA ALA C 784 -13.02 13.68 -6.86
C ALA C 784 -12.72 12.27 -7.33
N PHE C 785 -11.46 11.92 -7.46
CA PHE C 785 -11.13 10.62 -8.02
C PHE C 785 -11.14 9.55 -6.95
N VAL C 786 -10.50 9.79 -5.83
CA VAL C 786 -10.38 8.73 -4.83
C VAL C 786 -11.64 8.63 -4.01
N CYS C 787 -12.37 9.74 -3.89
CA CYS C 787 -13.57 9.77 -3.07
C CYS C 787 -14.78 10.15 -3.91
N GLY C 788 -15.95 9.77 -3.41
CA GLY C 788 -17.19 10.33 -3.91
C GLY C 788 -17.43 11.70 -3.31
N ASP C 789 -18.65 12.19 -3.50
CA ASP C 789 -19.01 13.48 -2.95
C ASP C 789 -19.41 13.40 -1.49
N ASN C 790 -19.50 12.19 -0.94
CA ASN C 790 -19.90 12.00 0.45
C ASN C 790 -18.83 12.52 1.39
N THR C 791 -19.26 13.08 2.51
CA THR C 791 -18.34 13.75 3.42
C THR C 791 -17.55 12.76 4.26
N ALA C 792 -17.90 11.48 4.25
CA ALA C 792 -17.14 10.52 5.04
C ALA C 792 -15.82 10.15 4.40
N CYS C 793 -15.64 10.47 3.13
CA CYS C 793 -14.35 10.19 2.49
C CYS C 793 -13.45 11.40 2.48
N ARG C 794 -14.02 12.61 2.56
CA ARG C 794 -13.20 13.80 2.63
C ARG C 794 -12.44 13.87 3.95
N GLN C 795 -13.03 13.37 5.03
CA GLN C 795 -12.36 13.40 6.32
C GLN C 795 -11.20 12.42 6.36
N GLN C 796 -11.35 11.27 5.73
CA GLN C 796 -10.27 10.31 5.70
C GLN C 796 -9.20 10.73 4.71
N LEU C 797 -9.57 11.52 3.71
CA LEU C 797 -8.59 11.92 2.72
C LEU C 797 -7.64 12.98 3.27
N VAL C 798 -8.10 13.82 4.20
CA VAL C 798 -7.26 14.91 4.66
C VAL C 798 -6.13 14.39 5.55
N GLU C 799 -6.25 13.15 6.05
CA GLU C 799 -5.11 12.52 6.69
C GLU C 799 -4.10 12.01 5.66
N TYR C 800 -4.50 11.85 4.41
CA TYR C 800 -3.55 11.54 3.35
C TYR C 800 -3.20 12.78 2.56
N GLY C 801 -3.26 13.95 3.20
CA GLY C 801 -3.31 15.20 2.47
C GLY C 801 -2.02 15.56 1.77
N SER C 802 -0.92 14.91 2.14
CA SER C 802 0.32 15.14 1.42
C SER C 802 0.32 14.44 0.06
N PHE C 803 -0.48 13.38 -0.10
CA PHE C 803 -0.60 12.74 -1.40
C PHE C 803 -1.29 13.65 -2.39
N CYS C 804 -2.34 14.34 -1.95
CA CYS C 804 -3.14 15.15 -2.85
C CYS C 804 -2.40 16.39 -3.29
N VAL C 805 -1.52 16.90 -2.44
CA VAL C 805 -0.71 18.04 -2.83
C VAL C 805 0.50 17.55 -3.61
N ASN C 806 0.78 16.25 -3.55
CA ASN C 806 1.84 15.71 -4.40
C ASN C 806 1.36 15.53 -5.83
N VAL C 807 0.18 14.91 -5.99
CA VAL C 807 -0.30 14.54 -7.31
C VAL C 807 -0.73 15.78 -8.09
N ASN C 808 -1.16 16.81 -7.38
CA ASN C 808 -1.46 18.07 -8.05
C ASN C 808 -0.20 18.84 -8.38
N ALA C 809 0.91 18.55 -7.69
CA ALA C 809 2.15 19.23 -8.02
C ALA C 809 2.86 18.55 -9.19
N ILE C 810 2.77 17.23 -9.26
CA ILE C 810 3.49 16.49 -10.28
C ILE C 810 2.90 16.75 -11.65
N LEU C 811 1.57 16.69 -11.75
CA LEU C 811 0.91 16.96 -13.02
C LEU C 811 1.02 18.42 -13.41
N ASN C 812 1.19 19.31 -12.43
CA ASN C 812 1.49 20.70 -12.76
C ASN C 812 2.88 20.83 -13.37
N GLU C 813 3.80 19.97 -12.94
CA GLU C 813 5.11 19.92 -13.61
C GLU C 813 4.98 19.33 -15.00
N VAL C 814 4.03 18.41 -15.20
CA VAL C 814 3.78 17.89 -16.54
C VAL C 814 3.19 18.96 -17.44
N ASN C 815 2.20 19.69 -16.94
CA ASN C 815 1.55 20.71 -17.74
C ASN C 815 2.48 21.89 -18.00
N ASN C 816 3.40 22.15 -17.09
CA ASN C 816 4.37 23.21 -17.35
C ASN C 816 5.40 22.76 -18.38
N LEU C 817 5.64 21.46 -18.51
CA LEU C 817 6.54 20.98 -19.55
C LEU C 817 5.87 21.04 -20.92
N LEU C 818 4.58 20.77 -20.99
CA LEU C 818 3.87 20.90 -22.26
C LEU C 818 3.68 22.36 -22.62
N ASP C 819 3.65 23.24 -21.62
CA ASP C 819 3.64 24.67 -21.88
C ASP C 819 4.94 25.09 -22.52
N ASN C 820 6.06 24.86 -21.84
CA ASN C 820 7.33 25.41 -22.28
C ASN C 820 7.88 24.69 -23.50
N MET C 821 7.31 23.53 -23.85
CA MET C 821 7.70 22.92 -25.11
C MET C 821 6.90 23.49 -26.27
N GLN C 822 5.57 23.48 -26.14
CA GLN C 822 4.71 23.92 -27.24
C GLN C 822 4.89 25.40 -27.54
N LEU C 823 5.17 26.19 -26.51
CA LEU C 823 5.54 27.58 -26.72
C LEU C 823 6.85 27.68 -27.49
N GLN C 824 7.77 26.76 -27.25
CA GLN C 824 9.01 26.77 -28.00
C GLN C 824 8.81 26.23 -29.41
N VAL C 825 7.85 25.31 -29.58
CA VAL C 825 7.41 24.90 -30.91
C VAL C 825 6.88 26.10 -31.67
N ALA C 826 6.15 26.97 -30.98
CA ALA C 826 5.80 28.25 -31.58
C ALA C 826 7.04 29.09 -31.83
N SER C 827 7.86 29.28 -30.80
CA SER C 827 8.87 30.33 -30.83
C SER C 827 10.01 30.03 -31.80
N ALA C 828 10.04 28.82 -32.35
CA ALA C 828 10.89 28.58 -33.50
C ALA C 828 10.18 29.00 -34.79
N LEU C 829 8.92 28.60 -34.95
CA LEU C 829 8.19 28.94 -36.15
C LEU C 829 7.77 30.40 -36.15
N MET C 830 7.24 30.85 -35.01
CA MET C 830 6.69 32.20 -34.91
C MET C 830 7.77 33.26 -35.00
N GLN C 831 9.03 32.87 -34.72
CA GLN C 831 10.19 33.71 -34.98
C GLN C 831 10.30 34.12 -36.44
N GLY C 832 9.74 33.32 -37.35
CA GLY C 832 9.54 33.68 -38.73
C GLY C 832 8.85 35.01 -38.93
N VAL C 833 9.25 35.71 -39.98
CA VAL C 833 8.99 37.12 -40.24
C VAL C 833 8.33 37.12 -41.62
N THR C 834 8.26 38.29 -42.26
CA THR C 834 7.95 38.55 -43.67
C THR C 834 6.45 38.45 -43.94
N ILE C 835 5.64 38.34 -42.90
CA ILE C 835 4.20 38.30 -43.09
C ILE C 835 3.77 39.75 -43.32
N SER C 836 3.77 40.15 -44.58
CA SER C 836 3.52 41.53 -44.97
C SER C 836 2.17 41.62 -45.65
N SER C 837 1.30 42.49 -45.13
CA SER C 837 -0.11 42.44 -45.48
C SER C 837 -0.36 43.03 -46.86
N ARG C 838 0.42 44.03 -47.25
CA ARG C 838 0.22 44.68 -48.53
C ARG C 838 0.67 43.80 -49.68
N SER C 861 -1.08 40.13 -47.99
CA SER C 861 -1.46 38.73 -48.01
C SER C 861 -2.53 38.48 -49.07
N THR C 862 -2.17 37.77 -50.13
CA THR C 862 -3.10 37.36 -51.17
C THR C 862 -3.11 35.83 -51.26
N CYS C 863 -4.27 35.28 -51.61
CA CYS C 863 -4.54 33.86 -51.54
C CYS C 863 -4.38 33.15 -52.88
N ALA C 864 -3.40 33.53 -53.67
CA ALA C 864 -3.07 32.81 -54.89
C ALA C 864 -1.55 32.68 -54.99
N GLU C 865 -1.10 31.72 -55.78
CA GLU C 865 0.33 31.48 -55.92
C GLU C 865 0.93 32.47 -56.89
N ASP C 866 2.20 32.82 -56.66
CA ASP C 866 2.96 33.69 -57.54
C ASP C 866 4.23 33.01 -58.05
N GLY C 867 4.99 32.39 -57.15
CA GLY C 867 6.02 31.48 -57.58
C GLY C 867 5.44 30.26 -58.28
N ASN C 868 6.24 29.65 -59.13
CA ASN C 868 5.70 28.60 -59.98
C ASN C 868 5.47 27.29 -59.24
N GLY C 869 6.05 27.11 -58.06
CA GLY C 869 5.83 25.93 -57.26
C GLY C 869 4.38 25.86 -56.81
N PRO C 870 3.63 24.94 -57.41
CA PRO C 870 2.17 25.04 -57.39
C PRO C 870 1.60 24.53 -56.07
N SER C 871 0.32 24.85 -55.88
CA SER C 871 -0.55 24.38 -54.78
C SER C 871 -0.04 24.76 -53.40
N ALA C 872 0.99 25.60 -53.30
CA ALA C 872 1.47 25.97 -51.98
C ALA C 872 0.55 26.98 -51.33
N ILE C 873 -0.41 27.52 -52.09
CA ILE C 873 -1.58 28.14 -51.50
C ILE C 873 -2.66 27.11 -51.24
N ARG C 874 -2.78 26.10 -52.12
CA ARG C 874 -3.81 25.09 -51.94
C ARG C 874 -3.42 24.11 -50.84
N GLY C 875 -2.29 23.44 -50.99
CA GLY C 875 -1.84 22.52 -49.97
C GLY C 875 -1.23 23.14 -48.74
N ARG C 876 -1.39 24.45 -48.54
CA ARG C 876 -0.91 25.07 -47.31
C ARG C 876 -1.79 24.67 -46.12
N SER C 877 -3.11 24.61 -46.33
CA SER C 877 -4.03 24.21 -45.27
C SER C 877 -5.09 23.23 -45.77
N ALA C 878 -4.96 22.69 -46.98
CA ALA C 878 -5.85 21.61 -47.38
C ALA C 878 -5.50 20.33 -46.65
N ILE C 879 -4.22 20.16 -46.31
CA ILE C 879 -3.81 18.97 -45.58
C ILE C 879 -4.25 19.06 -44.12
N GLU C 880 -4.59 20.27 -43.66
CA GLU C 880 -5.12 20.46 -42.31
C GLU C 880 -6.41 19.70 -42.11
N ASP C 881 -7.43 19.98 -42.93
CA ASP C 881 -8.76 19.43 -42.68
C ASP C 881 -8.83 17.95 -42.99
N LEU C 882 -7.91 17.43 -43.79
CA LEU C 882 -7.86 16.00 -44.01
C LEU C 882 -7.35 15.27 -42.78
N LEU C 883 -6.45 15.90 -42.03
CA LEU C 883 -5.98 15.32 -40.77
C LEU C 883 -7.08 15.29 -39.72
N PHE C 884 -7.80 16.39 -39.60
CA PHE C 884 -8.81 16.47 -38.55
C PHE C 884 -10.05 15.65 -38.88
N ASP C 885 -10.22 15.29 -40.15
CA ASP C 885 -11.37 14.49 -40.54
C ASP C 885 -11.24 13.06 -40.04
N LYS C 886 -10.01 12.55 -40.00
CA LYS C 886 -9.82 11.15 -39.65
C LYS C 886 -9.95 10.93 -38.14
N VAL C 887 -9.14 11.63 -37.36
CA VAL C 887 -9.17 11.47 -35.92
C VAL C 887 -10.43 12.12 -35.36
N LYS C 888 -11.15 11.36 -34.54
CA LYS C 888 -12.35 11.91 -33.92
C LYS C 888 -11.99 12.81 -32.75
N LEU C 889 -11.16 12.31 -31.83
CA LEU C 889 -10.83 13.05 -30.62
C LEU C 889 -9.62 13.94 -30.84
N SER C 890 -9.75 14.87 -31.77
CA SER C 890 -8.70 15.85 -31.99
C SER C 890 -8.75 16.91 -30.90
N ASP C 891 -7.87 17.91 -31.04
CA ASP C 891 -7.65 18.89 -29.98
C ASP C 891 -8.85 19.81 -29.81
N VAL C 892 -9.37 20.34 -30.91
CA VAL C 892 -10.54 21.21 -30.79
C VAL C 892 -11.79 20.38 -30.57
N GLY C 893 -11.75 19.09 -30.89
CA GLY C 893 -12.93 18.26 -30.76
C GLY C 893 -13.22 17.82 -29.34
N PHE C 894 -12.27 18.01 -28.43
CA PHE C 894 -12.47 17.55 -27.06
C PHE C 894 -13.54 18.36 -26.36
N VAL C 895 -13.47 19.69 -26.48
CA VAL C 895 -14.45 20.54 -25.81
C VAL C 895 -15.80 20.43 -26.48
N GLU C 896 -15.82 20.10 -27.77
CA GLU C 896 -17.06 19.72 -28.42
C GLU C 896 -17.57 18.39 -27.86
N ALA C 897 -16.65 17.47 -27.57
CA ALA C 897 -17.07 16.21 -26.97
C ALA C 897 -17.46 16.39 -25.52
N TYR C 898 -16.98 17.45 -24.88
CA TYR C 898 -17.41 17.71 -23.52
C TYR C 898 -18.71 18.49 -23.47
N ASN C 899 -19.08 19.17 -24.55
CA ASN C 899 -20.25 20.02 -24.49
C ASN C 899 -21.53 19.20 -24.66
N ASN C 900 -21.45 18.04 -25.31
CA ASN C 900 -22.61 17.17 -25.38
C ASN C 900 -22.79 16.37 -24.09
N CYS C 901 -21.84 16.49 -23.16
CA CYS C 901 -21.91 15.73 -21.91
C CYS C 901 -22.92 16.32 -20.94
N THR C 902 -23.02 17.65 -20.89
CA THR C 902 -23.80 18.29 -19.82
C THR C 902 -25.30 18.19 -20.06
N GLY C 903 -25.72 18.16 -21.32
CA GLY C 903 -27.13 18.32 -21.64
C GLY C 903 -27.96 17.12 -21.27
N GLY C 904 -27.34 15.95 -21.22
CA GLY C 904 -28.09 14.75 -20.88
C GLY C 904 -28.70 14.10 -22.09
N GLN C 905 -28.07 14.25 -23.25
CA GLN C 905 -28.56 13.66 -24.49
C GLN C 905 -27.47 12.78 -25.08
N GLU C 906 -27.87 11.55 -25.47
CA GLU C 906 -26.99 10.55 -26.08
C GLU C 906 -25.78 10.24 -25.20
N VAL C 907 -25.98 10.26 -23.88
CA VAL C 907 -24.88 10.11 -22.94
C VAL C 907 -24.66 8.62 -22.77
N ARG C 908 -23.92 8.06 -23.72
CA ARG C 908 -23.51 6.68 -23.71
C ARG C 908 -22.01 6.56 -23.91
N ASP C 909 -21.35 7.62 -24.35
CA ASP C 909 -19.92 7.60 -24.59
C ASP C 909 -19.16 7.60 -23.27
N LEU C 910 -17.88 7.28 -23.37
CA LEU C 910 -17.03 7.12 -22.19
C LEU C 910 -16.37 8.42 -21.75
N LEU C 911 -16.30 9.43 -22.62
CA LEU C 911 -15.57 10.65 -22.28
C LEU C 911 -16.31 11.46 -21.23
N CYS C 912 -17.65 11.44 -21.27
CA CYS C 912 -18.44 12.16 -20.29
C CYS C 912 -18.33 11.51 -18.92
N VAL C 913 -18.07 10.21 -18.89
CA VAL C 913 -17.92 9.52 -17.61
C VAL C 913 -16.60 9.89 -16.96
N GLN C 914 -15.57 10.14 -17.75
CA GLN C 914 -14.27 10.47 -17.18
C GLN C 914 -14.28 11.86 -16.55
N SER C 915 -15.05 12.78 -17.13
CA SER C 915 -15.14 14.11 -16.55
C SER C 915 -15.97 14.10 -15.28
N PHE C 916 -16.83 13.11 -15.11
CA PHE C 916 -17.66 13.07 -13.91
C PHE C 916 -16.85 12.62 -12.70
N ASN C 917 -15.70 12.00 -12.91
CA ASN C 917 -14.82 11.64 -11.81
C ASN C 917 -13.52 12.41 -11.85
N GLY C 918 -13.52 13.61 -12.42
CA GLY C 918 -12.40 14.51 -12.31
C GLY C 918 -11.31 14.32 -13.35
N ILE C 919 -11.28 13.18 -14.03
CA ILE C 919 -10.24 12.99 -15.03
C ILE C 919 -10.74 13.62 -16.31
N LYS C 920 -10.50 14.91 -16.48
CA LYS C 920 -10.89 15.56 -17.71
C LYS C 920 -9.66 16.08 -18.43
N VAL C 921 -9.72 15.99 -19.76
CA VAL C 921 -8.63 16.52 -20.56
C VAL C 921 -8.75 18.03 -20.59
N LEU C 922 -7.62 18.70 -20.44
CA LEU C 922 -7.66 20.14 -20.56
C LEU C 922 -7.19 20.52 -21.96
N PRO C 923 -7.64 21.65 -22.47
CA PRO C 923 -7.07 22.17 -23.70
C PRO C 923 -5.65 22.63 -23.46
N PRO C 924 -4.83 22.71 -24.50
CA PRO C 924 -3.47 23.25 -24.33
C PRO C 924 -3.48 24.76 -24.25
N VAL C 925 -2.30 25.38 -24.19
CA VAL C 925 -2.24 26.82 -24.03
C VAL C 925 -2.62 27.52 -25.33
N LEU C 926 -1.87 27.26 -26.38
CA LEU C 926 -2.20 27.83 -27.68
C LEU C 926 -3.39 27.09 -28.27
N SER C 927 -4.28 27.85 -28.93
CA SER C 927 -5.34 27.22 -29.68
C SER C 927 -4.79 26.57 -30.94
N GLU C 928 -5.56 25.64 -31.49
CA GLU C 928 -5.12 25.01 -32.72
C GLU C 928 -5.30 25.92 -33.91
N SER C 929 -6.17 26.92 -33.80
CA SER C 929 -6.21 27.95 -34.82
C SER C 929 -4.93 28.77 -34.82
N GLN C 930 -4.35 28.99 -33.65
CA GLN C 930 -3.18 29.86 -33.54
C GLN C 930 -1.94 29.18 -34.12
N ILE C 931 -1.76 27.90 -33.82
CA ILE C 931 -0.61 27.18 -34.36
C ILE C 931 -0.74 27.05 -35.86
N SER C 932 -1.98 26.91 -36.35
CA SER C 932 -2.21 26.83 -37.78
C SER C 932 -1.84 28.13 -38.47
N GLY C 933 -1.95 29.25 -37.77
CA GLY C 933 -1.45 30.50 -38.32
C GLY C 933 0.06 30.55 -38.35
N TYR C 934 0.71 30.01 -37.32
CA TYR C 934 2.16 30.06 -37.25
C TYR C 934 2.80 29.14 -38.27
N THR C 935 2.17 27.98 -38.50
CA THR C 935 2.67 27.06 -39.52
C THR C 935 2.55 27.68 -40.89
N THR C 936 1.40 28.30 -41.16
CA THR C 936 1.26 29.14 -42.35
C THR C 936 2.28 30.27 -42.35
N GLY C 937 2.50 30.88 -41.19
CA GLY C 937 3.56 31.85 -41.04
C GLY C 937 4.92 31.22 -41.29
N ALA C 938 5.08 29.97 -40.87
CA ALA C 938 6.34 29.29 -41.14
C ALA C 938 6.46 28.92 -42.61
N THR C 939 5.36 28.49 -43.23
CA THR C 939 5.43 28.02 -44.59
C THR C 939 5.56 29.18 -45.57
N ALA C 940 4.75 30.21 -45.37
CA ALA C 940 4.83 31.38 -46.25
C ALA C 940 6.06 32.21 -45.97
N ALA C 941 6.79 31.92 -44.91
CA ALA C 941 8.11 32.50 -44.72
C ALA C 941 9.08 32.08 -45.81
N ALA C 942 8.80 30.96 -46.47
CA ALA C 942 9.53 30.57 -47.67
C ALA C 942 8.78 30.88 -48.95
N MET C 943 7.47 31.13 -48.90
CA MET C 943 6.69 31.20 -50.13
C MET C 943 6.66 32.60 -50.74
N PHE C 944 7.45 33.54 -50.23
CA PHE C 944 7.58 34.84 -50.88
C PHE C 944 9.03 35.06 -51.26
N PRO C 945 9.47 34.55 -52.41
CA PRO C 945 10.88 34.68 -52.82
C PRO C 945 11.32 36.12 -53.04
N PRO C 946 10.40 37.09 -53.28
CA PRO C 946 10.77 38.47 -52.96
C PRO C 946 11.29 38.63 -51.56
N TRP C 947 10.50 38.40 -50.53
CA TRP C 947 11.04 38.63 -49.21
C TRP C 947 10.65 37.48 -48.29
N SER C 948 11.68 36.78 -47.84
CA SER C 948 11.56 35.44 -47.31
C SER C 948 12.31 35.34 -45.99
N ALA C 949 11.84 34.47 -45.11
CA ALA C 949 12.49 34.28 -43.82
C ALA C 949 13.18 32.93 -43.73
N ALA C 950 13.46 32.30 -44.86
CA ALA C 950 14.22 31.06 -44.91
C ALA C 950 15.61 31.42 -45.43
N ALA C 951 16.47 31.85 -44.52
CA ALA C 951 17.82 32.35 -44.75
C ALA C 951 17.89 33.53 -45.71
N GLY C 952 16.77 34.23 -45.94
CA GLY C 952 16.75 35.33 -46.87
C GLY C 952 16.80 34.96 -48.33
N VAL C 953 16.87 33.68 -48.67
CA VAL C 953 17.12 33.30 -50.06
C VAL C 953 15.78 33.01 -50.73
N PRO C 954 15.61 33.40 -52.00
CA PRO C 954 14.36 33.12 -52.71
C PRO C 954 14.13 31.63 -52.93
N PHE C 955 12.85 31.26 -53.00
CA PHE C 955 12.45 29.85 -52.92
C PHE C 955 12.74 29.10 -54.21
N SER C 956 12.39 29.69 -55.36
CA SER C 956 12.68 29.05 -56.63
C SER C 956 14.18 28.96 -56.88
N LEU C 957 14.94 29.87 -56.27
CA LEU C 957 16.37 29.66 -56.16
C LEU C 957 16.70 28.55 -55.18
N SER C 958 15.93 28.44 -54.09
CA SER C 958 16.33 27.58 -52.97
C SER C 958 16.18 26.11 -53.31
N VAL C 959 15.31 25.77 -54.27
CA VAL C 959 15.21 24.39 -54.71
C VAL C 959 16.46 23.99 -55.48
N GLN C 960 17.15 24.96 -56.07
CA GLN C 960 18.32 24.62 -56.84
C GLN C 960 19.58 24.64 -56.00
N TYR C 961 19.45 24.74 -54.67
CA TYR C 961 20.66 24.78 -53.87
C TYR C 961 20.80 23.63 -52.89
N ARG C 962 19.71 23.12 -52.32
CA ARG C 962 19.86 21.91 -51.53
C ARG C 962 20.12 20.69 -52.42
N ILE C 963 19.67 20.74 -53.67
CA ILE C 963 20.15 19.79 -54.67
C ILE C 963 21.63 19.99 -54.96
N ASN C 964 22.11 21.23 -54.93
CA ASN C 964 23.45 21.50 -55.43
C ASN C 964 24.55 21.07 -54.49
N GLY C 965 24.20 20.53 -53.33
CA GLY C 965 25.16 19.72 -52.60
C GLY C 965 25.37 18.38 -53.28
N LEU C 966 24.35 17.87 -53.97
CA LEU C 966 24.41 16.58 -54.63
C LEU C 966 24.31 16.69 -56.14
N GLY C 967 23.23 17.29 -56.66
CA GLY C 967 23.10 17.49 -58.08
C GLY C 967 23.90 18.68 -58.55
N VAL C 968 23.87 18.92 -59.83
CA VAL C 968 24.69 19.98 -60.41
C VAL C 968 23.77 21.09 -60.95
N THR C 969 24.21 22.35 -60.82
CA THR C 969 23.37 23.48 -61.22
C THR C 969 23.21 23.52 -62.73
N MET C 970 24.26 23.15 -63.45
CA MET C 970 24.16 23.00 -64.89
C MET C 970 23.18 21.91 -65.24
N ASN C 971 23.06 20.90 -64.39
CA ASN C 971 22.32 19.70 -64.73
C ASN C 971 20.82 19.92 -64.65
N VAL C 972 20.37 20.71 -63.66
CA VAL C 972 18.95 21.02 -63.61
C VAL C 972 18.57 21.95 -64.76
N LEU C 973 19.56 22.62 -65.36
CA LEU C 973 19.49 23.36 -66.63
C LEU C 973 18.56 24.55 -66.58
N SER C 974 17.95 24.82 -65.43
CA SER C 974 16.62 25.40 -65.18
C SER C 974 15.49 24.58 -65.81
N GLU C 975 15.78 23.40 -66.38
CA GLU C 975 14.73 22.60 -67.00
C GLU C 975 13.95 21.83 -65.96
N ASN C 976 14.66 21.04 -65.16
CA ASN C 976 14.00 20.19 -64.18
C ASN C 976 13.38 20.97 -63.03
N GLN C 977 13.68 22.27 -62.91
CA GLN C 977 12.99 23.14 -61.96
C GLN C 977 11.48 23.14 -62.23
N LYS C 978 11.11 23.25 -63.50
CA LYS C 978 9.70 23.10 -63.85
C LYS C 978 9.27 21.66 -63.67
N MET C 979 10.18 20.71 -63.89
CA MET C 979 9.82 19.30 -63.75
C MET C 979 9.77 18.90 -62.29
N ILE C 980 10.59 19.51 -61.43
CA ILE C 980 10.47 19.19 -60.02
C ILE C 980 9.22 19.83 -59.45
N ALA C 981 8.86 21.02 -59.94
CA ALA C 981 7.67 21.70 -59.43
C ALA C 981 6.42 21.00 -59.91
N SER C 982 6.45 20.51 -61.14
CA SER C 982 5.36 19.67 -61.62
C SER C 982 5.33 18.36 -60.86
N ALA C 983 6.50 17.85 -60.48
CA ALA C 983 6.53 16.69 -59.59
C ALA C 983 6.11 17.09 -58.19
N PHE C 984 6.46 18.31 -57.78
CA PHE C 984 6.00 18.83 -56.49
C PHE C 984 4.49 19.01 -56.51
N ASN C 985 3.96 19.46 -57.64
CA ASN C 985 2.51 19.44 -57.88
C ASN C 985 2.00 18.01 -57.82
N ASN C 986 2.69 17.10 -58.52
CA ASN C 986 2.35 15.69 -58.48
C ASN C 986 2.61 15.10 -57.10
N ALA C 987 3.51 15.69 -56.33
CA ALA C 987 3.64 15.28 -54.94
C ALA C 987 2.41 15.67 -54.15
N LEU C 988 2.07 16.97 -54.17
CA LEU C 988 1.12 17.52 -53.21
C LEU C 988 -0.29 17.01 -53.44
N GLY C 989 -0.65 16.74 -54.69
CA GLY C 989 -1.92 16.09 -54.96
C GLY C 989 -1.93 14.65 -54.47
N ALA C 990 -0.84 13.91 -54.77
CA ALA C 990 -0.73 12.55 -54.26
C ALA C 990 -0.48 12.55 -52.77
N ILE C 991 0.08 13.64 -52.23
CA ILE C 991 0.11 13.81 -50.78
C ILE C 991 -1.31 13.90 -50.25
N GLN C 992 -2.18 14.61 -50.97
CA GLN C 992 -3.59 14.64 -50.61
C GLN C 992 -4.25 13.30 -50.92
N ASP C 993 -3.95 12.72 -52.07
CA ASP C 993 -4.67 11.52 -52.50
C ASP C 993 -4.19 10.29 -51.75
N GLY C 994 -2.90 10.19 -51.47
CA GLY C 994 -2.40 9.05 -50.73
C GLY C 994 -2.73 9.11 -49.25
N PHE C 995 -3.18 10.27 -48.77
CA PHE C 995 -3.46 10.43 -47.36
C PHE C 995 -4.75 9.74 -46.93
N ASP C 996 -5.70 9.58 -47.86
CA ASP C 996 -7.00 9.00 -47.51
C ASP C 996 -6.87 7.52 -47.17
N ALA C 997 -5.88 6.84 -47.73
CA ALA C 997 -5.62 5.47 -47.36
C ALA C 997 -4.99 5.40 -45.98
N THR C 998 -4.90 4.19 -45.44
CA THR C 998 -4.24 4.00 -44.15
C THR C 998 -2.75 4.21 -44.30
N ASN C 999 -2.28 5.39 -43.88
CA ASN C 999 -0.93 5.85 -44.09
C ASN C 999 -0.15 5.75 -42.78
N SER C 1000 1.17 5.76 -42.91
CA SER C 1000 2.05 5.71 -41.74
C SER C 1000 1.89 6.97 -40.89
N ALA C 1001 1.64 8.11 -41.53
CA ALA C 1001 1.49 9.37 -40.80
C ALA C 1001 0.22 9.36 -39.96
N LEU C 1002 -0.83 8.73 -40.46
CA LEU C 1002 -2.02 8.58 -39.63
C LEU C 1002 -1.82 7.52 -38.57
N GLY C 1003 -0.89 6.59 -38.80
CA GLY C 1003 -0.71 5.43 -37.97
C GLY C 1003 -0.36 5.72 -36.53
N LYS C 1004 0.68 6.54 -36.31
CA LYS C 1004 1.08 6.85 -34.96
C LYS C 1004 0.09 7.81 -34.30
N ILE C 1005 -0.60 8.62 -35.11
CA ILE C 1005 -1.54 9.59 -34.58
C ILE C 1005 -2.75 8.90 -34.00
N GLN C 1006 -3.27 7.91 -34.71
CA GLN C 1006 -4.35 7.09 -34.18
C GLN C 1006 -3.86 6.24 -33.02
N SER C 1007 -2.56 5.97 -32.96
CA SER C 1007 -2.02 5.21 -31.85
C SER C 1007 -2.01 6.03 -30.58
N VAL C 1008 -1.50 7.27 -30.65
CA VAL C 1008 -1.23 8.03 -29.43
C VAL C 1008 -2.54 8.52 -28.81
N VAL C 1009 -3.54 8.78 -29.64
CA VAL C 1009 -4.84 9.16 -29.10
C VAL C 1009 -5.54 7.92 -28.56
N ASN C 1010 -5.14 6.73 -29.04
CA ASN C 1010 -5.59 5.51 -28.40
C ASN C 1010 -4.74 5.22 -27.18
N ALA C 1011 -3.43 5.48 -27.26
CA ALA C 1011 -2.54 5.26 -26.13
C ALA C 1011 -2.90 6.17 -24.96
N ASN C 1012 -3.43 7.34 -25.25
CA ASN C 1012 -4.14 8.10 -24.23
C ASN C 1012 -5.35 7.35 -23.74
N ALA C 1013 -6.19 6.90 -24.68
CA ALA C 1013 -7.51 6.38 -24.32
C ALA C 1013 -7.41 5.05 -23.59
N GLU C 1014 -6.42 4.22 -23.95
CA GLU C 1014 -6.24 2.98 -23.22
C GLU C 1014 -5.71 3.24 -21.82
N ALA C 1015 -4.95 4.32 -21.66
CA ALA C 1015 -4.44 4.67 -20.34
C ALA C 1015 -5.57 5.12 -19.43
N LEU C 1016 -6.44 5.98 -19.94
CA LEU C 1016 -7.49 6.55 -19.10
C LEU C 1016 -8.56 5.52 -18.78
N ASN C 1017 -8.81 4.60 -19.71
CA ASN C 1017 -9.77 3.53 -19.44
C ASN C 1017 -9.22 2.58 -18.38
N ASN C 1018 -7.92 2.32 -18.43
CA ASN C 1018 -7.27 1.60 -17.35
C ASN C 1018 -7.30 2.42 -16.07
N LEU C 1019 -7.28 3.73 -16.22
CA LEU C 1019 -7.41 4.57 -15.04
C LEU C 1019 -8.85 4.64 -14.57
N LEU C 1020 -9.82 4.56 -15.50
CA LEU C 1020 -11.20 4.67 -15.07
C LEU C 1020 -11.74 3.35 -14.53
N ASN C 1021 -11.36 2.22 -15.15
CA ASN C 1021 -11.77 0.91 -14.64
C ASN C 1021 -11.14 0.63 -13.29
N GLN C 1022 -10.03 1.30 -12.99
CA GLN C 1022 -9.39 1.22 -11.69
C GLN C 1022 -10.31 1.67 -10.57
N LEU C 1023 -11.21 2.62 -10.86
CA LEU C 1023 -12.06 3.20 -9.82
C LEU C 1023 -13.00 2.18 -9.21
N SER C 1024 -13.42 1.19 -9.99
CA SER C 1024 -14.41 0.23 -9.53
C SER C 1024 -13.83 -1.17 -9.41
N ASN C 1025 -12.65 -1.31 -8.82
CA ASN C 1025 -12.00 -2.60 -8.86
C ASN C 1025 -12.14 -3.43 -7.60
N ARG C 1026 -12.63 -2.86 -6.50
CA ARG C 1026 -12.79 -3.55 -5.20
C ARG C 1026 -11.46 -4.10 -4.69
N PHE C 1027 -10.56 -3.19 -4.33
CA PHE C 1027 -9.33 -3.58 -3.65
C PHE C 1027 -9.65 -4.26 -2.33
N GLY C 1028 -10.29 -3.52 -1.42
CA GLY C 1028 -10.81 -4.13 -0.23
C GLY C 1028 -12.00 -5.01 -0.52
N ALA C 1029 -12.43 -5.74 0.50
CA ALA C 1029 -13.25 -6.91 0.26
C ALA C 1029 -14.73 -6.62 0.12
N ILE C 1030 -15.20 -5.42 0.47
CA ILE C 1030 -16.64 -5.23 0.58
C ILE C 1030 -17.24 -4.92 -0.78
N SER C 1031 -16.93 -3.76 -1.33
CA SER C 1031 -17.43 -3.32 -2.63
C SER C 1031 -16.61 -2.12 -3.08
N ALA C 1032 -16.92 -1.63 -4.27
CA ALA C 1032 -16.11 -0.60 -4.91
C ALA C 1032 -16.62 0.80 -4.60
N SER C 1033 -17.92 1.02 -4.72
CA SER C 1033 -18.47 2.36 -4.63
C SER C 1033 -18.50 2.83 -3.18
N LEU C 1034 -18.00 4.05 -2.97
CA LEU C 1034 -17.85 4.56 -1.61
C LEU C 1034 -19.19 4.89 -0.99
N GLN C 1035 -20.15 5.32 -1.80
CA GLN C 1035 -21.50 5.50 -1.30
C GLN C 1035 -22.11 4.16 -0.94
N GLU C 1036 -21.76 3.12 -1.69
CA GLU C 1036 -22.32 1.81 -1.41
C GLU C 1036 -21.66 1.18 -0.19
N ILE C 1037 -20.37 1.46 0.01
CA ILE C 1037 -19.68 0.82 1.14
C ILE C 1037 -20.04 1.53 2.44
N LEU C 1038 -20.53 2.75 2.37
CA LEU C 1038 -20.76 3.51 3.59
C LEU C 1038 -22.06 3.09 4.26
N THR C 1039 -23.05 2.69 3.47
CA THR C 1039 -24.32 2.29 4.07
C THR C 1039 -24.25 0.86 4.59
N ARG C 1040 -23.27 0.10 4.13
CA ARG C 1040 -23.23 -1.31 4.52
C ARG C 1040 -22.43 -1.52 5.79
N LEU C 1041 -21.68 -0.51 6.24
CA LEU C 1041 -20.89 -0.61 7.45
C LEU C 1041 -21.19 0.56 8.36
N GLU C 1042 -20.91 0.40 9.65
CA GLU C 1042 -20.97 1.55 10.55
C GLU C 1042 -19.62 2.26 10.56
N ALA C 1043 -19.48 3.20 11.50
CA ALA C 1043 -18.38 4.16 11.40
C ALA C 1043 -17.05 3.61 11.89
N VAL C 1044 -17.05 2.54 12.69
CA VAL C 1044 -15.79 2.03 13.22
C VAL C 1044 -15.01 1.30 12.13
N GLU C 1045 -15.59 0.23 11.59
CA GLU C 1045 -14.86 -0.64 10.67
C GLU C 1045 -14.65 0.04 9.33
N ALA C 1046 -15.58 0.89 8.92
CA ALA C 1046 -15.44 1.59 7.65
C ALA C 1046 -14.30 2.60 7.71
N LYS C 1047 -13.99 3.09 8.91
CA LYS C 1047 -12.81 3.91 9.07
C LYS C 1047 -11.54 3.11 8.79
N ALA C 1048 -11.59 1.80 9.02
CA ALA C 1048 -10.52 0.93 8.56
C ALA C 1048 -10.76 0.45 7.14
N GLN C 1049 -12.03 0.23 6.77
CA GLN C 1049 -12.32 -0.45 5.51
C GLN C 1049 -12.09 0.46 4.32
N ILE C 1050 -12.45 1.74 4.43
CA ILE C 1050 -12.26 2.69 3.34
C ILE C 1050 -10.77 2.90 3.11
N ASP C 1051 -9.97 2.79 4.17
CA ASP C 1051 -8.54 3.08 4.06
C ASP C 1051 -7.82 2.08 3.18
N ARG C 1052 -8.32 0.86 3.09
CA ARG C 1052 -7.77 -0.07 2.11
C ARG C 1052 -8.16 0.35 0.70
N LEU C 1053 -9.35 0.90 0.54
CA LEU C 1053 -9.78 1.33 -0.79
C LEU C 1053 -9.02 2.57 -1.23
N ILE C 1054 -8.66 3.44 -0.29
CA ILE C 1054 -7.89 4.62 -0.67
C ILE C 1054 -6.46 4.23 -1.03
N ASN C 1055 -5.91 3.24 -0.33
CA ASN C 1055 -4.53 2.82 -0.56
C ASN C 1055 -4.35 2.24 -1.94
N GLY C 1056 -5.39 1.60 -2.46
CA GLY C 1056 -5.29 1.06 -3.81
C GLY C 1056 -5.33 2.14 -4.87
N ARG C 1057 -6.32 3.04 -4.77
CA ARG C 1057 -6.50 4.03 -5.81
C ARG C 1057 -5.37 5.05 -5.81
N LEU C 1058 -4.84 5.37 -4.63
CA LEU C 1058 -3.73 6.29 -4.55
C LEU C 1058 -2.45 5.65 -5.09
N THR C 1059 -2.37 4.32 -5.00
CA THR C 1059 -1.22 3.64 -5.60
C THR C 1059 -1.29 3.70 -7.11
N ALA C 1060 -2.47 3.48 -7.67
CA ALA C 1060 -2.60 3.51 -9.12
C ALA C 1060 -2.50 4.92 -9.65
N LEU C 1061 -2.96 5.89 -8.87
CA LEU C 1061 -2.76 7.28 -9.24
C LEU C 1061 -1.29 7.64 -9.23
N ASN C 1062 -0.55 7.11 -8.26
CA ASN C 1062 0.90 7.21 -8.28
C ASN C 1062 1.48 6.43 -9.45
N ALA C 1063 0.87 5.28 -9.75
CA ALA C 1063 1.33 4.50 -10.90
C ALA C 1063 1.00 5.21 -12.19
N TYR C 1064 -0.07 6.00 -12.20
CA TYR C 1064 -0.44 6.69 -13.42
C TYR C 1064 0.53 7.85 -13.71
N ILE C 1065 0.85 8.63 -12.69
CA ILE C 1065 1.62 9.85 -12.93
C ILE C 1065 3.07 9.51 -13.21
N SER C 1066 3.57 8.39 -12.68
CA SER C 1066 4.90 7.93 -13.01
C SER C 1066 4.97 7.53 -14.47
N LYS C 1067 3.92 6.85 -14.94
CA LYS C 1067 3.77 6.61 -16.37
C LYS C 1067 3.59 7.93 -17.12
N GLN C 1068 2.89 8.88 -16.51
CA GLN C 1068 2.69 10.17 -17.15
C GLN C 1068 3.98 10.99 -17.15
N LEU C 1069 4.82 10.82 -16.13
CA LEU C 1069 6.11 11.49 -16.14
C LEU C 1069 7.02 10.93 -17.21
N SER C 1070 7.05 9.62 -17.35
CA SER C 1070 7.95 8.99 -18.30
C SER C 1070 7.50 9.26 -19.73
N ASP C 1071 6.19 9.35 -19.94
CA ASP C 1071 5.71 9.68 -21.28
C ASP C 1071 6.08 11.12 -21.63
N SER C 1072 6.03 12.02 -20.64
CA SER C 1072 6.31 13.42 -20.91
C SER C 1072 7.78 13.65 -21.23
N THR C 1073 8.65 12.80 -20.68
CA THR C 1073 10.06 12.90 -20.99
C THR C 1073 10.35 12.48 -22.42
N LEU C 1074 9.73 11.38 -22.87
CA LEU C 1074 9.90 10.92 -24.25
C LEU C 1074 9.34 11.92 -25.25
N ILE C 1075 8.35 12.71 -24.83
CA ILE C 1075 7.90 13.83 -25.65
C ILE C 1075 9.03 14.85 -25.80
N LYS C 1076 9.59 15.28 -24.66
CA LYS C 1076 10.57 16.37 -24.70
C LYS C 1076 11.87 15.96 -25.37
N VAL C 1077 12.16 14.66 -25.41
CA VAL C 1077 13.23 14.18 -26.29
C VAL C 1077 12.84 14.41 -27.74
N SER C 1078 11.63 14.01 -28.10
CA SER C 1078 11.21 14.13 -29.49
C SER C 1078 10.81 15.56 -29.82
N ALA C 1079 10.35 16.33 -28.84
CA ALA C 1079 9.99 17.71 -29.13
C ALA C 1079 11.24 18.54 -29.36
N ALA C 1080 12.28 18.29 -28.57
CA ALA C 1080 13.57 18.94 -28.85
C ALA C 1080 14.16 18.40 -30.14
N GLN C 1081 13.89 17.14 -30.46
CA GLN C 1081 14.18 16.64 -31.80
C GLN C 1081 13.34 17.38 -32.84
N ALA C 1082 12.09 17.68 -32.49
CA ALA C 1082 11.24 18.46 -33.39
C ALA C 1082 11.70 19.91 -33.43
N ILE C 1083 12.09 20.46 -32.28
CA ILE C 1083 12.67 21.81 -32.24
C ILE C 1083 13.91 21.89 -33.10
N GLU C 1084 14.73 20.85 -33.06
CA GLU C 1084 15.89 20.80 -33.92
C GLU C 1084 15.49 20.70 -35.38
N LYS C 1085 14.40 19.99 -35.68
CA LYS C 1085 14.01 19.84 -37.07
C LYS C 1085 13.32 21.10 -37.59
N VAL C 1086 12.56 21.80 -36.73
CA VAL C 1086 11.89 22.98 -37.24
C VAL C 1086 12.85 24.15 -37.29
N ASN C 1087 13.97 24.05 -36.57
CA ASN C 1087 14.97 25.10 -36.66
C ASN C 1087 15.96 24.80 -37.78
N GLU C 1088 16.31 23.53 -37.98
CA GLU C 1088 17.36 23.21 -38.93
C GLU C 1088 16.87 22.57 -40.21
N CYS C 1089 15.84 21.74 -40.17
CA CYS C 1089 15.34 21.18 -41.42
C CYS C 1089 14.32 22.10 -42.07
N VAL C 1090 13.42 22.69 -41.29
CA VAL C 1090 12.32 23.47 -41.85
C VAL C 1090 12.76 24.88 -42.20
N LYS C 1091 13.21 25.63 -41.20
CA LYS C 1091 13.44 27.07 -41.36
C LYS C 1091 14.64 27.34 -42.26
N SER C 1092 15.80 26.88 -41.85
CA SER C 1092 17.02 27.12 -42.60
C SER C 1092 17.39 25.89 -43.41
N GLN C 1093 18.50 26.01 -44.12
CA GLN C 1093 19.02 24.90 -44.89
C GLN C 1093 20.03 24.10 -44.07
N THR C 1094 20.58 23.07 -44.69
CA THR C 1094 21.35 22.06 -43.99
C THR C 1094 22.77 22.00 -44.52
N THR C 1095 23.72 21.82 -43.62
CA THR C 1095 25.06 21.42 -44.03
C THR C 1095 25.36 19.99 -43.59
N ARG C 1096 24.85 19.59 -42.44
CA ARG C 1096 24.82 18.19 -42.06
C ARG C 1096 23.99 17.39 -43.05
N ILE C 1097 24.36 16.14 -43.25
CA ILE C 1097 23.84 15.36 -44.36
C ILE C 1097 22.65 14.51 -43.94
N ASN C 1098 22.84 13.58 -43.01
CA ASN C 1098 21.89 12.50 -42.85
C ASN C 1098 20.88 12.80 -41.76
N PHE C 1099 20.45 14.05 -41.67
CA PHE C 1099 19.56 14.44 -40.60
C PHE C 1099 18.12 14.45 -41.08
N CYS C 1100 17.22 14.04 -40.19
CA CYS C 1100 15.77 14.13 -40.31
C CYS C 1100 15.22 13.42 -41.55
N GLY C 1101 15.79 12.28 -41.89
CA GLY C 1101 15.28 11.47 -42.98
C GLY C 1101 16.37 10.55 -43.52
N ASN C 1102 16.57 10.60 -44.83
CA ASN C 1102 17.54 9.77 -45.52
C ASN C 1102 17.86 10.33 -46.89
N GLY C 1103 18.97 9.87 -47.45
CA GLY C 1103 19.36 10.31 -48.77
C GLY C 1103 19.78 11.76 -48.73
N ASN C 1104 19.14 12.56 -49.57
CA ASN C 1104 19.28 14.00 -49.48
C ASN C 1104 18.03 14.60 -48.86
N HIS C 1105 17.95 15.92 -48.81
CA HIS C 1105 16.73 16.61 -48.39
C HIS C 1105 16.53 17.80 -49.32
N ILE C 1106 15.56 17.67 -50.22
CA ILE C 1106 15.38 18.69 -51.23
C ILE C 1106 14.69 19.90 -50.63
N LEU C 1107 13.51 19.71 -50.07
CA LEU C 1107 12.85 20.77 -49.35
C LEU C 1107 12.48 20.25 -47.98
N SER C 1108 11.69 21.03 -47.27
CA SER C 1108 11.02 20.56 -46.07
C SER C 1108 9.77 21.40 -45.92
N LEU C 1109 8.70 20.80 -45.42
CA LEU C 1109 7.48 21.52 -45.16
C LEU C 1109 7.02 21.19 -43.75
N VAL C 1110 5.93 21.81 -43.36
CA VAL C 1110 5.38 21.62 -42.03
C VAL C 1110 3.89 21.92 -42.06
N GLN C 1111 3.10 21.02 -41.48
CA GLN C 1111 1.69 21.28 -41.31
C GLN C 1111 1.32 20.88 -39.90
N ASN C 1112 0.50 21.71 -39.25
CA ASN C 1112 0.04 21.38 -37.91
C ASN C 1112 -0.95 20.23 -37.96
N ALA C 1113 -0.66 19.21 -37.18
CA ALA C 1113 -1.48 18.01 -37.10
C ALA C 1113 -1.96 17.88 -35.67
N PRO C 1114 -3.03 17.11 -35.43
CA PRO C 1114 -3.49 16.90 -34.06
C PRO C 1114 -2.47 16.12 -33.26
N TYR C 1115 -2.18 16.61 -32.06
CA TYR C 1115 -1.25 16.02 -31.10
C TYR C 1115 0.15 15.89 -31.69
N GLY C 1116 0.70 17.02 -32.12
CA GLY C 1116 2.03 17.00 -32.67
C GLY C 1116 2.04 17.35 -34.13
N LEU C 1117 2.98 18.20 -34.53
CA LEU C 1117 3.10 18.61 -35.91
C LEU C 1117 3.75 17.51 -36.74
N TYR C 1118 3.54 17.55 -38.05
CA TYR C 1118 4.16 16.55 -38.91
C TYR C 1118 4.56 17.17 -40.23
N PHE C 1119 5.62 16.62 -40.82
CA PHE C 1119 6.32 17.24 -41.94
C PHE C 1119 6.12 16.43 -43.20
N ILE C 1120 6.71 16.92 -44.28
CA ILE C 1120 6.78 16.17 -45.53
C ILE C 1120 8.23 16.25 -46.00
N HIS C 1121 9.04 15.26 -45.67
CA HIS C 1121 10.43 15.28 -46.08
C HIS C 1121 10.48 14.86 -47.54
N PHE C 1122 10.59 15.84 -48.43
CA PHE C 1122 10.63 15.57 -49.86
C PHE C 1122 11.96 14.95 -50.26
N SER C 1123 12.07 13.64 -50.11
CA SER C 1123 13.32 12.97 -50.42
C SER C 1123 13.54 12.91 -51.92
N TYR C 1124 14.79 12.68 -52.29
CA TYR C 1124 15.21 12.68 -53.69
C TYR C 1124 15.55 11.25 -54.08
N VAL C 1125 14.77 10.68 -54.99
CA VAL C 1125 14.92 9.28 -55.39
C VAL C 1125 15.17 9.25 -56.89
N PRO C 1126 16.25 8.63 -57.35
CA PRO C 1126 16.46 8.45 -58.79
C PRO C 1126 15.83 7.16 -59.28
N ILE C 1127 15.61 7.08 -60.59
CA ILE C 1127 14.99 5.88 -61.15
C ILE C 1127 15.91 5.14 -62.12
N SER C 1128 16.22 5.75 -63.26
CA SER C 1128 16.72 5.00 -64.41
C SER C 1128 18.25 4.93 -64.38
N PHE C 1129 18.78 3.90 -63.73
CA PHE C 1129 20.21 3.78 -63.51
C PHE C 1129 20.96 3.49 -64.80
N THR C 1130 22.23 3.91 -64.83
CA THR C 1130 23.15 3.57 -65.90
C THR C 1130 24.50 3.19 -65.30
N THR C 1131 25.50 3.11 -66.16
CA THR C 1131 26.84 2.75 -65.75
C THR C 1131 27.87 3.42 -66.64
N ALA C 1132 29.08 3.53 -66.09
CA ALA C 1132 30.24 4.11 -66.78
C ALA C 1132 31.49 3.73 -66.00
N ASN C 1133 32.61 3.69 -66.71
CA ASN C 1133 33.89 3.47 -66.07
C ASN C 1133 34.26 4.66 -65.21
N VAL C 1134 34.91 4.38 -64.08
CA VAL C 1134 35.34 5.44 -63.17
C VAL C 1134 36.64 5.02 -62.50
N SER C 1135 37.58 5.97 -62.39
CA SER C 1135 38.89 5.84 -61.76
C SER C 1135 39.15 7.06 -60.87
N PRO C 1136 38.81 7.01 -59.58
CA PRO C 1136 38.78 8.24 -58.77
C PRO C 1136 40.10 8.93 -58.50
N GLY C 1137 41.10 8.19 -58.05
CA GLY C 1137 42.26 8.83 -57.46
C GLY C 1137 43.23 9.46 -58.44
N LEU C 1138 42.96 9.38 -59.74
CA LEU C 1138 43.90 9.73 -60.81
C LEU C 1138 45.25 9.04 -60.59
N CYS C 1139 45.19 7.73 -60.40
CA CYS C 1139 46.38 6.91 -60.42
C CYS C 1139 46.80 6.58 -61.85
N ILE C 1140 46.06 7.05 -62.84
CA ILE C 1140 46.19 6.59 -64.21
C ILE C 1140 46.27 7.79 -65.13
N SER C 1141 47.33 7.83 -65.95
CA SER C 1141 47.38 8.58 -67.22
C SER C 1141 47.21 10.09 -67.05
N GLY C 1142 48.21 10.72 -66.44
CA GLY C 1142 48.27 12.16 -66.42
C GLY C 1142 48.44 12.72 -67.83
N ASP C 1143 47.47 13.54 -68.28
CA ASP C 1143 47.59 14.23 -69.55
C ASP C 1143 48.01 15.69 -69.36
N ARG C 1144 47.25 16.45 -68.58
CA ARG C 1144 47.77 17.71 -68.09
C ARG C 1144 48.92 17.43 -67.13
N GLY C 1145 50.07 18.02 -67.43
CA GLY C 1145 51.39 17.60 -66.93
C GLY C 1145 51.59 17.41 -65.44
N LEU C 1146 51.88 16.17 -65.04
CA LEU C 1146 51.98 15.74 -63.63
C LEU C 1146 50.69 16.05 -62.88
N ALA C 1147 49.68 15.26 -63.19
CA ALA C 1147 48.42 15.38 -62.48
C ALA C 1147 48.20 14.27 -61.46
N PRO C 1148 48.56 14.47 -60.18
CA PRO C 1148 47.92 13.70 -59.11
C PRO C 1148 46.72 14.44 -58.52
N LYS C 1149 45.78 14.84 -59.39
CA LYS C 1149 44.56 15.47 -58.91
C LYS C 1149 43.67 14.43 -58.26
N ALA C 1150 42.66 14.88 -57.53
CA ALA C 1150 41.80 13.97 -56.83
C ALA C 1150 40.43 14.58 -56.60
N GLY C 1151 39.68 13.94 -55.71
CA GLY C 1151 38.41 14.50 -55.26
C GLY C 1151 37.35 14.53 -56.34
N TYR C 1152 37.53 13.72 -57.37
CA TYR C 1152 36.79 13.92 -58.60
C TYR C 1152 36.39 12.57 -59.18
N PHE C 1153 35.15 12.48 -59.66
CA PHE C 1153 34.70 11.25 -60.27
C PHE C 1153 35.22 11.15 -61.70
N VAL C 1154 34.91 10.07 -62.37
CA VAL C 1154 35.47 9.84 -63.70
C VAL C 1154 34.40 9.25 -64.61
N GLN C 1155 34.27 9.83 -65.79
CA GLN C 1155 33.72 9.12 -66.93
C GLN C 1155 34.64 9.39 -68.10
N ASP C 1156 34.65 8.47 -69.06
CA ASP C 1156 35.61 8.56 -70.15
C ASP C 1156 35.00 9.27 -71.36
N ASP C 1157 35.68 9.14 -72.51
CA ASP C 1157 35.34 9.60 -73.86
C ASP C 1157 35.53 11.10 -74.02
N GLY C 1158 35.63 11.81 -72.92
CA GLY C 1158 36.16 13.15 -72.98
C GLY C 1158 37.66 13.06 -72.85
N GLU C 1159 38.19 13.80 -71.89
CA GLU C 1159 39.55 13.54 -71.47
C GLU C 1159 39.55 12.86 -70.12
N TRP C 1160 39.02 13.54 -69.11
CA TRP C 1160 38.47 12.97 -67.89
C TRP C 1160 37.41 13.95 -67.44
N LYS C 1161 36.29 13.43 -66.95
CA LYS C 1161 35.19 14.31 -66.61
C LYS C 1161 34.75 14.02 -65.19
N PHE C 1162 34.19 15.04 -64.54
CA PHE C 1162 33.68 14.91 -63.19
C PHE C 1162 32.16 14.81 -63.21
N THR C 1163 31.63 13.90 -62.39
CA THR C 1163 30.19 13.79 -62.21
C THR C 1163 29.87 13.88 -60.74
N GLY C 1164 28.78 14.56 -60.43
CA GLY C 1164 28.22 14.50 -59.11
C GLY C 1164 27.59 13.15 -58.88
N SER C 1165 27.32 12.86 -57.62
CA SER C 1165 26.81 11.55 -57.26
C SER C 1165 25.30 11.43 -57.39
N SER C 1166 24.67 12.26 -58.20
CA SER C 1166 23.27 12.08 -58.55
C SER C 1166 23.04 11.95 -60.04
N TYR C 1167 23.52 12.88 -60.83
CA TYR C 1167 23.22 12.93 -62.25
C TYR C 1167 24.49 12.71 -63.05
N TYR C 1168 24.44 11.75 -63.96
CA TYR C 1168 25.59 11.39 -64.78
C TYR C 1168 25.82 12.50 -65.78
N TYR C 1169 26.85 13.31 -65.56
CA TYR C 1169 27.10 14.39 -66.50
C TYR C 1169 28.54 14.82 -66.56
N PRO C 1170 29.12 14.88 -67.76
CA PRO C 1170 30.48 15.39 -67.92
C PRO C 1170 30.55 16.89 -67.67
N GLU C 1171 31.55 17.30 -66.90
CA GLU C 1171 31.86 18.70 -66.70
C GLU C 1171 32.70 19.20 -67.87
N PRO C 1172 33.06 20.48 -67.90
CA PRO C 1172 34.14 20.88 -68.80
C PRO C 1172 35.45 20.23 -68.41
N ILE C 1173 35.86 20.47 -67.17
CA ILE C 1173 37.08 19.94 -66.62
C ILE C 1173 36.82 19.59 -65.16
N THR C 1174 37.88 19.24 -64.45
CA THR C 1174 37.78 19.10 -63.01
C THR C 1174 37.49 20.47 -62.37
N ASP C 1175 37.06 20.42 -61.10
CA ASP C 1175 36.38 21.54 -60.44
C ASP C 1175 37.24 22.80 -60.38
N LYS C 1176 38.38 22.71 -59.74
CA LYS C 1176 39.27 23.85 -59.63
C LYS C 1176 40.69 23.38 -59.44
N GLU D 1 -51.67 -73.97 1.52
CA GLU D 1 -50.91 -72.93 0.83
C GLU D 1 -50.61 -73.32 -0.60
N VAL D 2 -49.81 -72.49 -1.28
CA VAL D 2 -49.49 -72.74 -2.68
C VAL D 2 -48.58 -73.95 -2.79
N THR D 3 -48.92 -74.85 -3.71
CA THR D 3 -48.09 -76.01 -3.99
C THR D 3 -47.92 -76.15 -5.49
N ILE D 4 -46.74 -76.59 -5.89
CA ILE D 4 -46.34 -76.68 -7.29
C ILE D 4 -45.93 -78.12 -7.57
N GLU D 5 -46.34 -78.64 -8.72
CA GLU D 5 -46.03 -80.00 -9.11
C GLU D 5 -45.49 -80.02 -10.53
N ALA D 6 -44.52 -80.90 -10.78
CA ALA D 6 -44.08 -81.20 -12.12
C ALA D 6 -44.77 -82.47 -12.60
N VAL D 7 -45.43 -82.40 -13.76
CA VAL D 7 -46.11 -83.53 -14.36
C VAL D 7 -45.55 -83.78 -15.75
N PRO D 8 -44.74 -84.83 -15.97
CA PRO D 8 -44.21 -85.73 -14.95
C PRO D 8 -42.96 -85.16 -14.30
N PRO D 9 -42.61 -85.62 -13.09
CA PRO D 9 -41.38 -85.14 -12.46
C PRO D 9 -40.12 -85.57 -13.18
N GLN D 10 -40.20 -86.60 -14.01
CA GLN D 10 -39.11 -87.00 -14.88
C GLN D 10 -39.62 -87.05 -16.31
N VAL D 11 -39.01 -86.25 -17.17
CA VAL D 11 -39.46 -86.08 -18.55
C VAL D 11 -38.33 -86.54 -19.44
N ALA D 12 -38.67 -87.17 -20.57
CA ALA D 12 -37.65 -87.49 -21.54
C ALA D 12 -37.21 -86.24 -22.31
N GLU D 13 -36.36 -86.45 -23.30
CA GLU D 13 -35.86 -85.34 -24.08
C GLU D 13 -36.95 -84.79 -24.99
N ASP D 14 -37.03 -83.45 -25.06
CA ASP D 14 -37.82 -82.70 -26.03
C ASP D 14 -39.32 -82.97 -25.92
N ASN D 15 -39.83 -83.10 -24.71
CA ASN D 15 -41.23 -83.41 -24.46
C ASN D 15 -41.86 -82.30 -23.62
N ASN D 16 -43.07 -82.58 -23.12
CA ASN D 16 -43.87 -81.58 -22.42
C ASN D 16 -43.95 -81.88 -20.94
N VAL D 17 -43.74 -80.86 -20.11
CA VAL D 17 -44.01 -80.91 -18.68
C VAL D 17 -44.90 -79.72 -18.35
N LEU D 18 -45.71 -79.84 -17.31
CA LEU D 18 -46.59 -78.77 -16.87
C LEU D 18 -46.26 -78.40 -15.44
N LEU D 19 -45.81 -77.16 -15.24
CA LEU D 19 -45.50 -76.64 -13.91
C LEU D 19 -46.83 -76.28 -13.25
N LEU D 20 -47.49 -77.28 -12.68
CA LEU D 20 -48.88 -77.14 -12.26
C LEU D 20 -48.94 -76.49 -10.88
N VAL D 21 -49.49 -75.28 -10.83
CA VAL D 21 -49.69 -74.55 -9.59
C VAL D 21 -50.99 -75.04 -8.94
N HIS D 22 -50.93 -75.29 -7.63
CA HIS D 22 -52.12 -75.66 -6.88
C HIS D 22 -52.32 -74.69 -5.74
N ASN D 23 -53.59 -74.37 -5.48
CA ASN D 23 -54.03 -73.50 -4.39
C ASN D 23 -53.42 -72.10 -4.46
N LEU D 24 -53.32 -71.55 -5.66
CA LEU D 24 -52.87 -70.18 -5.80
C LEU D 24 -53.97 -69.24 -5.30
N PRO D 25 -53.61 -68.08 -4.75
CA PRO D 25 -54.64 -67.16 -4.26
C PRO D 25 -55.22 -66.30 -5.37
N LEU D 26 -56.05 -65.32 -5.02
CA LEU D 26 -56.88 -64.63 -5.99
C LEU D 26 -56.46 -63.21 -6.30
N ALA D 27 -56.25 -62.36 -5.29
CA ALA D 27 -56.02 -60.94 -5.52
C ALA D 27 -54.52 -60.67 -5.54
N LEU D 28 -53.88 -61.13 -6.61
CA LEU D 28 -52.44 -61.02 -6.74
C LEU D 28 -52.12 -59.80 -7.58
N GLY D 29 -51.01 -59.13 -7.25
CA GLY D 29 -50.57 -58.04 -8.08
C GLY D 29 -50.07 -58.52 -9.43
N ALA D 30 -49.19 -59.50 -9.41
CA ALA D 30 -48.62 -60.15 -10.60
C ALA D 30 -47.94 -61.42 -10.14
N PHE D 31 -47.37 -62.15 -11.10
CA PHE D 31 -46.48 -63.25 -10.79
C PHE D 31 -45.58 -63.51 -11.98
N ALA D 32 -44.44 -64.14 -11.70
CA ALA D 32 -43.48 -64.49 -12.74
C ALA D 32 -42.68 -65.70 -12.30
N TRP D 33 -42.10 -66.38 -13.28
CA TRP D 33 -41.30 -67.57 -13.05
C TRP D 33 -39.82 -67.23 -13.08
N TYR D 34 -39.04 -67.85 -12.20
CA TYR D 34 -37.64 -67.51 -12.01
C TYR D 34 -36.77 -68.75 -12.16
N LYS D 35 -35.77 -68.66 -13.02
CA LYS D 35 -34.78 -69.72 -13.11
C LYS D 35 -33.89 -69.71 -11.88
N GLY D 36 -33.55 -70.90 -11.40
CA GLY D 36 -32.64 -71.01 -10.28
C GLY D 36 -33.27 -70.61 -8.97
N ASN D 37 -32.48 -70.65 -7.89
CA ASN D 37 -32.94 -70.20 -6.58
C ASN D 37 -32.46 -68.78 -6.33
N THR D 38 -32.95 -67.88 -7.18
CA THR D 38 -32.57 -66.48 -7.11
C THR D 38 -33.77 -65.63 -7.52
N THR D 39 -33.72 -64.36 -7.17
CA THR D 39 -34.80 -63.43 -7.51
C THR D 39 -34.29 -62.24 -8.31
N ALA D 40 -33.03 -62.29 -8.75
CA ALA D 40 -32.55 -61.28 -9.69
C ALA D 40 -33.28 -61.44 -11.01
N ILE D 41 -33.62 -60.31 -11.64
CA ILE D 41 -34.60 -60.31 -12.71
C ILE D 41 -34.06 -60.93 -14.00
N ASP D 42 -32.74 -61.08 -14.12
CA ASP D 42 -32.19 -61.70 -15.31
C ASP D 42 -32.43 -63.20 -15.37
N LYS D 43 -32.93 -63.82 -14.29
CA LYS D 43 -33.39 -65.19 -14.34
C LYS D 43 -34.91 -65.29 -14.32
N GLU D 44 -35.62 -64.16 -14.31
CA GLU D 44 -37.05 -64.16 -14.48
C GLU D 44 -37.39 -64.50 -15.91
N ILE D 45 -38.34 -65.40 -16.12
CA ILE D 45 -38.59 -65.92 -17.47
C ILE D 45 -39.74 -65.19 -18.12
N ALA D 46 -40.93 -65.31 -17.54
CA ALA D 46 -42.13 -64.74 -18.13
C ALA D 46 -43.00 -64.19 -17.02
N ARG D 47 -43.56 -63.00 -17.26
CA ARG D 47 -44.28 -62.27 -16.23
C ARG D 47 -45.68 -61.97 -16.74
N PHE D 48 -46.68 -62.55 -16.07
CA PHE D 48 -48.09 -62.36 -16.42
C PHE D 48 -48.83 -61.83 -15.21
N VAL D 49 -49.76 -60.92 -15.44
CA VAL D 49 -50.47 -60.23 -14.38
C VAL D 49 -51.90 -60.72 -14.36
N PRO D 50 -52.60 -60.68 -13.22
CA PRO D 50 -53.99 -61.13 -13.21
C PRO D 50 -54.98 -60.02 -13.50
N ASN D 51 -54.60 -58.77 -13.30
CA ASN D 51 -55.58 -57.70 -13.31
C ASN D 51 -55.54 -56.86 -14.58
N SER D 52 -54.57 -57.10 -15.46
CA SER D 52 -54.54 -56.46 -16.77
C SER D 52 -54.37 -57.45 -17.91
N ASN D 53 -54.14 -58.74 -17.60
CA ASN D 53 -54.25 -59.86 -18.53
C ASN D 53 -53.28 -59.76 -19.70
N MET D 54 -52.07 -59.31 -19.40
CA MET D 54 -50.99 -59.30 -20.37
C MET D 54 -49.82 -60.08 -19.81
N ASN D 55 -49.13 -60.82 -20.68
CA ASN D 55 -47.93 -61.51 -20.28
C ASN D 55 -46.72 -60.91 -20.98
N PHE D 56 -45.60 -60.89 -20.29
CA PHE D 56 -44.36 -60.36 -20.85
C PHE D 56 -43.20 -61.21 -20.38
N THR D 57 -42.14 -61.19 -21.16
CA THR D 57 -41.04 -62.13 -21.01
C THR D 57 -39.85 -61.48 -20.32
N GLY D 58 -38.94 -62.31 -19.83
CA GLY D 58 -37.71 -61.86 -19.26
C GLY D 58 -36.53 -62.12 -20.18
N GLN D 59 -35.33 -62.07 -19.60
CA GLN D 59 -34.14 -62.34 -20.38
C GLN D 59 -34.02 -63.82 -20.73
N ALA D 60 -34.31 -64.72 -19.79
CA ALA D 60 -34.10 -66.14 -19.99
C ALA D 60 -35.27 -66.85 -20.67
N TYR D 61 -36.14 -66.12 -21.35
CA TYR D 61 -37.21 -66.76 -22.12
C TYR D 61 -36.63 -67.39 -23.37
N SER D 62 -36.54 -68.72 -23.39
CA SER D 62 -36.02 -69.41 -24.57
C SER D 62 -37.04 -69.47 -25.70
N GLY D 63 -38.28 -69.07 -25.46
CA GLY D 63 -39.26 -68.96 -26.52
C GLY D 63 -40.29 -70.07 -26.58
N ARG D 64 -40.12 -71.13 -25.81
CA ARG D 64 -40.97 -72.31 -25.88
C ARG D 64 -41.67 -72.57 -24.55
N GLU D 65 -41.98 -71.51 -23.82
CA GLU D 65 -42.54 -71.66 -22.49
C GLU D 65 -43.82 -70.84 -22.40
N ILE D 66 -44.94 -71.52 -22.21
CA ILE D 66 -46.25 -70.89 -22.24
C ILE D 66 -46.70 -70.65 -20.81
N ILE D 67 -47.12 -69.41 -20.53
CA ILE D 67 -47.61 -69.02 -19.22
C ILE D 67 -49.13 -68.91 -19.28
N TYR D 68 -49.80 -69.46 -18.27
CA TYR D 68 -51.25 -69.54 -18.24
C TYR D 68 -51.82 -68.67 -17.14
N SER D 69 -53.16 -68.58 -17.13
CA SER D 69 -53.85 -67.74 -16.17
C SER D 69 -53.83 -68.33 -14.77
N ASN D 70 -53.82 -69.66 -14.65
CA ASN D 70 -53.78 -70.29 -13.34
C ASN D 70 -52.37 -70.37 -12.78
N GLY D 71 -51.42 -69.61 -13.32
CA GLY D 71 -50.05 -69.63 -12.89
C GLY D 71 -49.21 -70.74 -13.48
N SER D 72 -49.82 -71.67 -14.21
CA SER D 72 -49.09 -72.82 -14.70
C SER D 72 -48.15 -72.43 -15.83
N LEU D 73 -47.05 -73.16 -15.94
CA LEU D 73 -46.05 -72.93 -16.96
C LEU D 73 -45.89 -74.21 -17.77
N LEU D 74 -46.17 -74.11 -19.08
CA LEU D 74 -46.11 -75.24 -19.98
C LEU D 74 -44.85 -75.16 -20.81
N PHE D 75 -44.08 -76.25 -20.84
CA PHE D 75 -42.88 -76.35 -21.65
C PHE D 75 -43.19 -77.13 -22.92
N GLN D 76 -42.54 -76.74 -24.01
CA GLN D 76 -42.72 -77.41 -25.29
C GLN D 76 -41.62 -78.44 -25.57
N MET D 77 -40.37 -78.02 -25.50
CA MET D 77 -39.22 -78.90 -25.74
C MET D 77 -38.35 -78.88 -24.49
N ILE D 78 -38.39 -79.96 -23.71
CA ILE D 78 -37.50 -80.05 -22.56
C ILE D 78 -36.07 -80.26 -23.04
N THR D 79 -35.19 -79.36 -22.63
CA THR D 79 -33.79 -79.43 -22.97
C THR D 79 -33.03 -79.91 -21.74
N MET D 80 -31.80 -80.39 -21.96
CA MET D 80 -30.99 -80.90 -20.87
C MET D 80 -30.54 -79.79 -19.92
N LYS D 81 -30.44 -78.55 -20.42
CA LYS D 81 -29.99 -77.45 -19.57
C LYS D 81 -31.07 -77.05 -18.58
N ASP D 82 -32.33 -77.33 -18.89
CA ASP D 82 -33.44 -76.89 -18.06
C ASP D 82 -33.65 -77.76 -16.83
N MET D 83 -32.82 -78.77 -16.62
CA MET D 83 -32.80 -79.45 -15.34
C MET D 83 -32.26 -78.51 -14.27
N GLY D 84 -32.88 -78.54 -13.11
CA GLY D 84 -32.51 -77.67 -12.03
C GLY D 84 -33.73 -77.14 -11.32
N VAL D 85 -33.53 -76.10 -10.55
CA VAL D 85 -34.58 -75.56 -9.70
C VAL D 85 -35.24 -74.37 -10.37
N TYR D 86 -36.51 -74.18 -10.07
CA TYR D 86 -37.30 -73.08 -10.60
C TYR D 86 -38.14 -72.50 -9.48
N THR D 87 -38.16 -71.18 -9.38
CA THR D 87 -38.83 -70.48 -8.29
C THR D 87 -39.94 -69.61 -8.90
N LEU D 88 -41.12 -69.62 -8.27
CA LEU D 88 -42.26 -68.86 -8.78
C LEU D 88 -42.53 -67.70 -7.83
N ASP D 89 -42.32 -66.49 -8.32
CA ASP D 89 -42.49 -65.27 -7.55
C ASP D 89 -43.93 -64.79 -7.64
N MET D 90 -44.45 -64.29 -6.53
CA MET D 90 -45.76 -63.65 -6.52
C MET D 90 -45.66 -62.35 -5.73
N THR D 91 -46.45 -61.37 -6.14
CA THR D 91 -46.43 -60.03 -5.54
C THR D 91 -47.86 -59.59 -5.23
N ASP D 92 -48.04 -58.93 -4.09
CA ASP D 92 -49.35 -58.40 -3.72
C ASP D 92 -49.21 -57.16 -2.85
N GLU D 93 -49.86 -56.07 -3.31
CA GLU D 93 -49.91 -54.76 -2.62
C GLU D 93 -48.51 -54.19 -2.40
N ASN D 94 -47.69 -54.26 -3.45
CA ASN D 94 -46.27 -53.88 -3.45
C ASN D 94 -45.48 -54.58 -2.34
N TYR D 95 -45.80 -55.85 -2.12
CA TYR D 95 -45.12 -56.71 -1.17
C TYR D 95 -45.04 -58.09 -1.82
N ARG D 96 -43.95 -58.81 -1.59
CA ARG D 96 -43.69 -60.01 -2.37
C ARG D 96 -43.38 -61.19 -1.48
N ARG D 97 -43.54 -62.40 -2.04
CA ARG D 97 -43.11 -63.65 -1.42
C ARG D 97 -42.63 -64.57 -2.54
N THR D 98 -41.52 -65.27 -2.29
CA THR D 98 -40.87 -66.07 -3.33
C THR D 98 -40.91 -67.56 -2.95
N GLN D 99 -41.98 -67.94 -2.28
CA GLN D 99 -42.01 -69.22 -1.59
C GLN D 99 -42.53 -70.36 -2.45
N ALA D 100 -42.40 -70.28 -3.76
CA ALA D 100 -42.88 -71.33 -4.64
C ALA D 100 -41.73 -71.84 -5.50
N THR D 101 -41.02 -72.86 -5.02
CA THR D 101 -39.83 -73.41 -5.66
C THR D 101 -40.15 -74.80 -6.21
N VAL D 102 -39.52 -75.16 -7.33
CA VAL D 102 -39.76 -76.47 -7.94
C VAL D 102 -38.51 -76.90 -8.70
N ARG D 103 -38.24 -78.21 -8.69
CA ARG D 103 -37.08 -78.80 -9.32
C ARG D 103 -37.45 -80.14 -9.95
N PHE D 104 -37.02 -80.36 -11.19
CA PHE D 104 -37.28 -81.61 -11.88
C PHE D 104 -35.99 -82.13 -12.50
N HIS D 105 -36.08 -83.31 -13.14
CA HIS D 105 -34.95 -83.90 -13.83
C HIS D 105 -35.39 -84.48 -15.16
N VAL D 106 -34.43 -84.58 -16.08
CA VAL D 106 -34.66 -85.04 -17.44
C VAL D 106 -33.79 -86.27 -17.72
N HIS D 107 -34.44 -87.33 -18.24
CA HIS D 107 -33.74 -88.55 -18.62
C HIS D 107 -34.36 -89.19 -19.86
N TYR E 22 -43.11 33.92 23.85
CA TYR E 22 -43.45 33.54 25.21
C TYR E 22 -42.44 32.55 25.75
N ILE E 23 -41.32 33.06 26.20
CA ILE E 23 -40.27 32.21 26.74
C ILE E 23 -40.66 31.78 28.13
N GLY E 24 -40.42 30.52 28.45
CA GLY E 24 -40.65 30.04 29.78
C GLY E 24 -42.09 29.63 29.99
N ASP E 25 -42.44 29.50 31.26
CA ASP E 25 -43.79 29.04 31.57
C ASP E 25 -44.41 29.73 32.77
N PHE E 26 -43.73 30.63 33.47
CA PHE E 26 -44.19 31.06 34.78
C PHE E 26 -44.66 32.51 34.76
N ARG E 27 -45.82 32.74 35.39
CA ARG E 27 -46.34 34.09 35.58
C ARG E 27 -45.68 34.76 36.78
N CYS E 28 -45.26 35.99 36.59
CA CYS E 28 -44.45 36.70 37.57
C CYS E 28 -45.05 38.05 37.85
N ILE E 29 -44.62 38.66 38.94
CA ILE E 29 -45.10 39.98 39.29
C ILE E 29 -44.28 40.98 38.51
N GLN E 30 -44.72 41.32 37.30
CA GLN E 30 -43.97 42.18 36.42
C GLN E 30 -44.17 43.62 36.83
N LEU E 31 -43.09 44.27 37.25
CA LEU E 31 -43.15 45.64 37.74
C LEU E 31 -42.80 46.66 36.67
N VAL E 32 -43.18 46.39 35.42
CA VAL E 32 -43.00 47.33 34.33
C VAL E 32 -44.30 47.40 33.54
N ASN E 33 -44.41 48.45 32.73
CA ASN E 33 -45.56 48.58 31.88
C ASN E 33 -45.44 47.65 30.68
N SER E 34 -46.57 47.40 30.01
CA SER E 34 -46.61 46.57 28.84
C SER E 34 -47.63 47.10 27.85
N ASN E 35 -47.33 46.95 26.56
CA ASN E 35 -48.25 47.36 25.50
C ASN E 35 -47.90 46.61 24.23
N GLY E 36 -48.90 46.02 23.59
CA GLY E 36 -48.67 45.44 22.29
C GLY E 36 -49.03 46.43 21.20
N ALA E 37 -48.35 47.57 21.18
CA ALA E 37 -48.70 48.64 20.25
C ALA E 37 -48.19 48.33 18.84
N ASN E 38 -46.87 48.23 18.67
CA ASN E 38 -46.30 48.03 17.36
C ASN E 38 -44.93 47.38 17.48
N VAL E 39 -44.62 46.53 16.51
CA VAL E 39 -43.34 45.82 16.44
C VAL E 39 -42.84 45.82 15.01
N SER E 40 -41.57 45.47 14.85
CA SER E 40 -40.96 45.37 13.53
C SER E 40 -40.10 44.12 13.46
N ALA E 41 -39.56 43.87 12.28
CA ALA E 41 -38.49 42.90 12.15
C ALA E 41 -37.23 43.48 12.80
N PRO E 42 -36.34 42.63 13.34
CA PRO E 42 -35.09 43.15 13.91
C PRO E 42 -34.22 43.75 12.82
N SER E 43 -33.58 44.86 13.14
CA SER E 43 -32.79 45.58 12.16
C SER E 43 -31.56 44.77 11.83
N ILE E 44 -31.65 44.01 10.74
CA ILE E 44 -30.51 43.25 10.25
C ILE E 44 -29.45 44.25 9.81
N SER E 45 -28.28 44.16 10.43
CA SER E 45 -27.35 45.27 10.38
C SER E 45 -26.68 45.35 9.03
N THR E 46 -26.27 46.57 8.67
CA THR E 46 -25.49 46.77 7.46
C THR E 46 -24.12 46.11 7.56
N GLU E 47 -23.59 45.94 8.78
CA GLU E 47 -22.31 45.27 8.91
C GLU E 47 -22.48 43.79 8.65
N THR E 48 -21.48 43.22 8.01
CA THR E 48 -21.41 41.78 7.83
C THR E 48 -20.26 41.26 8.66
N VAL E 49 -20.26 39.96 8.91
CA VAL E 49 -19.20 39.35 9.69
C VAL E 49 -17.89 39.38 8.91
N GLU E 50 -16.89 40.05 9.47
CA GLU E 50 -15.59 40.17 8.86
C GLU E 50 -14.61 39.39 9.71
N VAL E 51 -13.89 38.47 9.08
CA VAL E 51 -12.97 37.61 9.79
C VAL E 51 -11.52 37.89 9.45
N SER E 52 -11.26 38.89 8.61
CA SER E 52 -9.90 39.13 8.15
C SER E 52 -9.04 39.74 9.25
N GLN E 53 -9.65 40.30 10.29
CA GLN E 53 -8.91 40.79 11.44
C GLN E 53 -8.86 39.76 12.56
N GLY E 54 -9.17 38.51 12.26
CA GLY E 54 -9.18 37.47 13.26
C GLY E 54 -10.42 37.43 14.12
N LEU E 55 -11.33 38.39 13.94
CA LEU E 55 -12.56 38.39 14.71
C LEU E 55 -13.45 37.24 14.27
N GLY E 56 -14.12 36.61 15.22
CA GLY E 56 -14.91 35.44 14.97
C GLY E 56 -14.23 34.15 15.32
N THR E 57 -12.94 34.18 15.58
CA THR E 57 -12.22 32.96 15.89
C THR E 57 -12.03 32.84 17.39
N TYR E 58 -11.39 31.74 17.79
CA TYR E 58 -11.11 31.51 19.20
C TYR E 58 -9.89 30.62 19.29
N TYR E 59 -9.10 30.81 20.35
CA TYR E 59 -7.83 30.12 20.47
C TYR E 59 -8.04 28.64 20.71
N VAL E 60 -7.10 27.85 20.21
CA VAL E 60 -7.08 26.44 20.50
C VAL E 60 -6.74 26.28 21.97
N LEU E 61 -7.48 25.42 22.66
CA LEU E 61 -7.13 25.11 24.03
C LEU E 61 -5.82 24.34 24.07
N ASP E 62 -4.94 24.74 24.99
CA ASP E 62 -3.80 23.95 25.45
C ASP E 62 -2.75 23.73 24.36
N ARG E 63 -2.54 24.71 23.49
CA ARG E 63 -1.48 24.65 22.51
C ARG E 63 -1.07 26.07 22.16
N VAL E 64 0.17 26.21 21.69
CA VAL E 64 0.66 27.47 21.15
C VAL E 64 1.37 27.17 19.84
N TYR E 65 1.03 27.91 18.81
CA TYR E 65 1.77 27.85 17.57
C TYR E 65 2.49 29.17 17.40
N LEU E 66 3.54 29.18 16.59
CA LEU E 66 4.31 30.40 16.36
C LEU E 66 4.74 30.51 14.90
N ASN E 67 4.51 31.69 14.32
CA ASN E 67 4.98 32.09 13.00
C ASN E 67 4.53 31.12 11.91
N ALA E 68 3.31 30.63 12.04
CA ALA E 68 2.87 29.53 11.22
C ALA E 68 1.47 29.83 10.68
N THR E 69 0.97 28.93 9.83
CA THR E 69 -0.38 29.02 9.27
C THR E 69 -0.92 27.58 9.27
N LEU E 70 -2.03 27.36 9.96
CA LEU E 70 -2.58 26.02 10.07
C LEU E 70 -3.98 25.95 9.48
N LEU E 71 -4.36 24.76 9.06
CA LEU E 71 -5.72 24.47 8.64
C LEU E 71 -6.41 23.74 9.78
N LEU E 72 -7.23 24.46 10.54
CA LEU E 72 -7.86 23.87 11.71
C LEU E 72 -9.36 23.84 11.51
N THR E 73 -10.07 23.42 12.55
CA THR E 73 -11.52 23.36 12.50
C THR E 73 -12.08 23.62 13.88
N GLY E 74 -13.40 23.55 13.97
CA GLY E 74 -14.10 23.81 15.21
C GLY E 74 -15.49 24.35 14.97
N TYR E 75 -15.81 25.49 15.57
CA TYR E 75 -17.13 26.08 15.40
C TYR E 75 -16.94 27.56 15.21
N TYR E 76 -17.55 28.11 14.17
CA TYR E 76 -17.11 29.38 13.62
C TYR E 76 -18.25 30.04 12.86
N PRO E 77 -18.22 31.35 12.68
CA PRO E 77 -19.22 31.99 11.81
C PRO E 77 -18.85 31.88 10.34
N VAL E 78 -19.89 31.79 9.51
CA VAL E 78 -19.68 31.83 8.07
C VAL E 78 -19.37 33.26 7.67
N ASP E 79 -18.36 33.43 6.81
CA ASP E 79 -17.97 34.77 6.41
C ASP E 79 -18.98 35.37 5.45
N GLY E 80 -19.20 36.67 5.57
CA GLY E 80 -20.08 37.36 4.66
C GLY E 80 -21.56 37.21 4.97
N SER E 81 -21.92 36.54 6.06
CA SER E 81 -23.31 36.48 6.45
C SER E 81 -23.70 37.77 7.18
N LYS E 82 -24.93 37.82 7.63
CA LYS E 82 -25.48 39.03 8.21
C LYS E 82 -25.72 38.86 9.70
N PHE E 83 -25.43 39.93 10.44
CA PHE E 83 -25.62 39.95 11.87
C PHE E 83 -27.09 40.11 12.20
N ARG E 84 -27.39 40.24 13.49
CA ARG E 84 -28.74 40.53 13.95
C ARG E 84 -28.65 41.47 15.14
N ASN E 85 -29.67 42.31 15.30
CA ASN E 85 -29.75 43.18 16.46
C ASN E 85 -30.89 42.67 17.32
N LEU E 86 -30.56 41.86 18.31
CA LEU E 86 -31.58 41.45 19.26
C LEU E 86 -31.70 42.40 20.43
N ALA E 87 -30.90 43.47 20.46
CA ALA E 87 -30.92 44.40 21.57
C ALA E 87 -32.16 45.29 21.48
N LEU E 88 -33.27 44.75 21.95
CA LEU E 88 -34.45 45.57 22.10
C LEU E 88 -34.24 46.57 23.23
N ARG E 89 -35.07 47.60 23.24
CA ARG E 89 -34.90 48.66 24.23
C ARG E 89 -36.26 49.20 24.60
N GLY E 90 -36.30 49.86 25.75
CA GLY E 90 -37.50 50.53 26.18
C GLY E 90 -37.19 51.48 27.31
N THR E 91 -38.20 52.20 27.74
CA THR E 91 -38.06 53.09 28.88
C THR E 91 -38.81 52.57 30.09
N ASN E 92 -40.12 52.40 29.96
CA ASN E 92 -40.89 51.81 31.03
C ASN E 92 -41.92 50.79 30.57
N SER E 93 -42.24 50.72 29.29
CA SER E 93 -43.17 49.73 28.80
C SER E 93 -42.41 48.66 28.03
N VAL E 94 -42.97 47.46 28.02
CA VAL E 94 -42.36 46.30 27.39
C VAL E 94 -43.34 45.72 26.39
N SER E 95 -42.92 45.61 25.13
CA SER E 95 -43.80 45.12 24.08
C SER E 95 -44.05 43.63 24.24
N LEU E 96 -45.33 43.24 24.22
CA LEU E 96 -45.66 41.83 24.40
C LEU E 96 -45.31 41.01 23.17
N SER E 97 -45.39 41.62 21.98
CA SER E 97 -45.02 40.87 20.80
C SER E 97 -43.52 40.75 20.60
N TRP E 98 -42.72 41.25 21.55
CA TRP E 98 -41.28 40.96 21.54
C TRP E 98 -41.02 39.49 21.78
N PHE E 99 -41.82 38.85 22.63
CA PHE E 99 -41.52 37.49 23.06
C PHE E 99 -42.14 36.50 22.08
N GLN E 100 -41.53 36.43 20.90
CA GLN E 100 -41.87 35.49 19.84
C GLN E 100 -40.71 35.44 18.86
N PRO E 101 -40.60 34.41 18.03
CA PRO E 101 -39.67 34.46 16.91
C PRO E 101 -40.10 35.53 15.93
N PRO E 102 -39.17 36.15 15.20
CA PRO E 102 -37.73 35.89 15.15
C PRO E 102 -36.91 36.67 16.15
N TYR E 103 -37.49 37.04 17.30
CA TYR E 103 -36.65 37.46 18.41
C TYR E 103 -36.15 36.24 19.17
N LEU E 104 -36.95 35.20 19.23
CA LEU E 104 -36.45 33.86 19.50
C LEU E 104 -35.62 33.40 18.30
N ASN E 105 -34.81 32.38 18.50
CA ASN E 105 -33.91 31.95 17.43
C ASN E 105 -33.69 30.45 17.55
N GLN E 106 -32.64 29.95 16.91
CA GLN E 106 -32.27 28.54 16.96
C GLN E 106 -30.77 28.42 17.19
N PHE E 107 -30.40 27.69 18.24
CA PHE E 107 -29.01 27.53 18.69
C PHE E 107 -28.40 26.25 18.15
N ASN E 108 -28.69 25.96 16.89
CA ASN E 108 -28.26 24.73 16.23
C ASN E 108 -26.77 24.45 16.32
N ASP E 109 -25.93 25.45 16.08
CA ASP E 109 -24.50 25.25 16.17
C ASP E 109 -23.73 26.37 16.84
N GLY E 110 -24.40 27.36 17.39
CA GLY E 110 -23.63 28.33 18.15
C GLY E 110 -23.86 29.79 17.86
N ILE E 111 -23.30 30.64 18.69
CA ILE E 111 -23.36 32.08 18.52
C ILE E 111 -21.95 32.62 18.60
N PHE E 112 -21.60 33.51 17.68
CA PHE E 112 -20.47 34.40 17.85
C PHE E 112 -21.07 35.77 18.13
N ALA E 113 -21.10 36.17 19.39
CA ALA E 113 -21.80 37.37 19.80
C ALA E 113 -20.84 38.54 19.92
N LYS E 114 -21.25 39.69 19.41
CA LYS E 114 -20.55 40.94 19.60
C LYS E 114 -21.49 41.87 20.36
N VAL E 115 -21.09 42.26 21.56
CA VAL E 115 -21.92 43.06 22.45
C VAL E 115 -21.22 44.37 22.68
N GLN E 116 -21.73 45.45 22.09
CA GLN E 116 -21.19 46.77 22.34
C GLN E 116 -21.57 47.24 23.72
N ASN E 117 -20.60 47.73 24.49
CA ASN E 117 -20.86 48.13 25.86
C ASN E 117 -21.55 49.48 25.90
N LEU E 118 -22.50 49.60 26.82
CA LEU E 118 -23.25 50.84 26.98
C LEU E 118 -23.21 51.37 28.40
N LYS E 119 -22.09 51.19 29.11
CA LYS E 119 -21.96 51.81 30.43
C LYS E 119 -21.87 53.32 30.32
N THR E 120 -21.23 53.81 29.26
CA THR E 120 -21.03 55.24 29.04
C THR E 120 -22.33 55.99 28.74
N SER E 121 -23.41 55.29 28.37
CA SER E 121 -24.68 55.93 28.12
C SER E 121 -25.71 55.69 29.21
N THR E 122 -25.39 54.89 30.21
CA THR E 122 -26.29 54.66 31.31
C THR E 122 -26.05 55.67 32.42
N PRO E 123 -27.03 55.89 33.30
CA PRO E 123 -26.77 56.64 34.53
C PRO E 123 -25.83 55.87 35.45
N SER E 124 -25.32 56.59 36.45
CA SER E 124 -24.20 56.08 37.24
C SER E 124 -24.62 55.00 38.22
N GLY E 125 -25.85 55.05 38.71
CA GLY E 125 -26.30 54.05 39.66
C GLY E 125 -26.63 52.70 39.06
N ALA E 126 -26.48 52.54 37.75
CA ALA E 126 -26.84 51.32 37.05
C ALA E 126 -25.87 50.19 37.40
N THR E 127 -26.32 48.96 37.14
CA THR E 127 -25.54 47.78 37.46
C THR E 127 -25.09 47.01 36.21
N ALA E 128 -26.02 46.57 35.38
CA ALA E 128 -25.66 45.78 34.22
C ALA E 128 -25.38 46.69 33.03
N TYR E 129 -24.22 46.52 32.43
CA TYR E 129 -23.74 47.46 31.42
C TYR E 129 -24.07 47.02 30.00
N PHE E 130 -24.55 45.81 29.82
CA PHE E 130 -25.00 45.34 28.51
C PHE E 130 -26.05 44.27 28.76
N PRO E 131 -27.02 44.07 27.86
CA PRO E 131 -28.14 43.16 28.17
C PRO E 131 -27.71 41.72 28.26
N THR E 132 -28.48 40.94 28.99
CA THR E 132 -28.08 39.59 29.34
C THR E 132 -28.67 38.58 28.37
N ILE E 133 -28.08 37.39 28.37
CA ILE E 133 -28.34 36.36 27.36
C ILE E 133 -28.72 35.05 28.04
N VAL E 134 -29.76 34.42 27.53
CA VAL E 134 -30.19 33.12 28.04
C VAL E 134 -30.12 32.13 26.89
N ILE E 135 -29.82 30.87 27.22
CA ILE E 135 -29.74 29.77 26.26
C ILE E 135 -30.37 28.55 26.91
N GLY E 136 -31.37 27.96 26.26
CA GLY E 136 -31.99 26.80 26.87
C GLY E 136 -32.70 25.94 25.84
N SER E 137 -33.21 24.81 26.32
CA SER E 137 -33.90 23.87 25.46
C SER E 137 -35.40 24.14 25.43
N LEU E 138 -36.04 24.06 26.59
CA LEU E 138 -37.40 24.54 26.73
C LEU E 138 -37.52 25.69 27.72
N PHE E 139 -36.47 25.98 28.47
CA PHE E 139 -36.40 26.90 29.59
C PHE E 139 -37.35 26.54 30.72
N GLY E 140 -37.99 25.38 30.69
CA GLY E 140 -38.91 25.00 31.72
C GLY E 140 -38.20 24.50 32.93
N TYR E 141 -38.97 24.05 33.91
CA TYR E 141 -38.43 23.64 35.19
C TYR E 141 -37.69 22.33 35.14
N THR E 142 -37.67 21.70 33.97
CA THR E 142 -37.07 20.40 33.79
C THR E 142 -35.64 20.41 33.33
N SER E 143 -35.23 21.36 32.49
CA SER E 143 -33.93 21.24 31.85
C SER E 143 -33.06 22.42 32.24
N TYR E 144 -31.76 22.22 32.08
CA TYR E 144 -30.81 23.25 32.40
C TYR E 144 -30.84 24.34 31.35
N THR E 145 -30.61 25.57 31.79
CA THR E 145 -30.42 26.69 30.90
C THR E 145 -29.03 27.23 31.11
N VAL E 146 -28.66 28.21 30.31
CA VAL E 146 -27.44 28.96 30.52
C VAL E 146 -27.81 30.42 30.64
N VAL E 147 -27.37 31.04 31.72
CA VAL E 147 -27.59 32.46 31.89
C VAL E 147 -26.23 33.13 32.00
N ILE E 148 -26.03 34.20 31.25
CA ILE E 148 -24.84 35.01 31.43
C ILE E 148 -25.29 36.43 31.75
N GLU E 149 -24.91 36.92 32.93
CA GLU E 149 -25.35 38.25 33.39
C GLU E 149 -24.19 39.08 33.89
N PRO E 150 -23.96 40.25 33.31
CA PRO E 150 -22.96 41.17 33.87
C PRO E 150 -23.52 41.91 35.07
N TYR E 151 -22.76 41.90 36.17
CA TYR E 151 -23.10 42.69 37.34
C TYR E 151 -21.82 43.21 37.97
N ASN E 152 -21.74 44.53 38.13
CA ASN E 152 -20.63 45.24 38.79
C ASN E 152 -19.30 44.94 38.10
N GLY E 153 -19.34 44.76 36.79
CA GLY E 153 -18.14 44.47 36.04
C GLY E 153 -17.64 43.06 36.15
N VAL E 154 -18.39 42.17 36.78
CA VAL E 154 -18.06 40.75 36.78
C VAL E 154 -19.20 40.02 36.09
N ILE E 155 -18.94 38.80 35.66
CA ILE E 155 -19.92 38.00 34.93
C ILE E 155 -20.53 36.98 35.89
N MET E 156 -21.85 37.02 36.04
CA MET E 156 -22.54 36.10 36.92
C MET E 156 -23.09 34.93 36.10
N ALA E 157 -22.17 34.19 35.50
CA ALA E 157 -22.55 33.03 34.72
C ALA E 157 -23.03 31.91 35.63
N SER E 158 -24.15 31.31 35.26
CA SER E 158 -24.74 30.29 36.11
C SER E 158 -25.58 29.31 35.33
N VAL E 159 -25.03 28.15 35.01
CA VAL E 159 -25.71 27.15 34.21
C VAL E 159 -26.68 26.46 35.16
N CYS E 160 -27.89 26.99 35.24
CA CYS E 160 -28.73 26.57 36.35
C CYS E 160 -30.19 26.49 35.95
N GLN E 161 -30.86 25.50 36.54
CA GLN E 161 -32.26 25.21 36.23
C GLN E 161 -33.15 26.28 36.82
N TYR E 162 -33.27 27.38 36.08
CA TYR E 162 -34.11 28.48 36.49
C TYR E 162 -35.48 28.35 35.86
N THR E 163 -36.52 28.56 36.68
CA THR E 163 -37.87 28.70 36.17
C THR E 163 -38.05 30.10 35.60
N ILE E 164 -37.83 30.20 34.29
CA ILE E 164 -37.75 31.50 33.65
C ILE E 164 -39.13 32.11 33.44
N CYS E 165 -39.23 33.42 33.70
CA CYS E 165 -40.48 34.15 33.66
C CYS E 165 -41.04 34.23 32.25
N GLN E 166 -42.35 34.47 32.17
CA GLN E 166 -43.01 34.60 30.88
C GLN E 166 -42.72 35.93 30.22
N LEU E 167 -42.45 36.97 31.00
CA LEU E 167 -42.05 38.27 30.48
C LEU E 167 -40.69 38.66 31.03
N PRO E 168 -39.62 38.05 30.55
CA PRO E 168 -38.30 38.37 31.09
C PRO E 168 -37.79 39.69 30.55
N TYR E 169 -36.97 40.35 31.37
CA TYR E 169 -36.23 41.57 31.02
C TYR E 169 -35.23 41.87 32.12
N THR E 170 -34.12 42.48 31.79
CA THR E 170 -33.19 42.93 32.81
C THR E 170 -33.31 44.44 32.93
N ASP E 171 -32.44 45.02 33.76
CA ASP E 171 -32.41 46.46 33.93
C ASP E 171 -30.97 46.92 34.00
N CYS E 172 -30.74 48.16 33.56
CA CYS E 172 -29.48 48.81 33.89
C CYS E 172 -29.42 49.11 35.37
N LYS E 173 -30.44 49.79 35.88
CA LYS E 173 -30.52 50.15 37.29
C LYS E 173 -31.77 49.56 37.92
N PRO E 174 -31.78 48.27 38.26
CA PRO E 174 -32.95 47.71 38.92
C PRO E 174 -32.98 48.10 40.39
N ASN E 175 -34.18 48.32 40.90
CA ASN E 175 -34.36 48.54 42.33
C ASN E 175 -35.63 47.85 42.79
N THR E 176 -35.50 47.12 43.89
CA THR E 176 -36.63 46.50 44.57
C THR E 176 -36.68 47.06 45.98
N ASN E 177 -37.85 47.54 46.38
CA ASN E 177 -38.03 48.18 47.68
C ASN E 177 -38.32 47.11 48.74
N GLY E 178 -37.37 46.21 48.90
CA GLY E 178 -37.46 45.13 49.88
C GLY E 178 -38.53 44.09 49.57
N ASN E 179 -39.01 44.04 48.34
CA ASN E 179 -40.14 43.22 47.96
C ASN E 179 -39.62 41.88 47.46
N LYS E 180 -39.61 40.87 48.34
CA LYS E 180 -38.91 39.64 48.04
C LYS E 180 -39.68 38.70 47.12
N LEU E 181 -40.90 39.05 46.73
CA LEU E 181 -41.63 38.21 45.80
C LEU E 181 -41.43 38.65 44.36
N ILE E 182 -40.80 39.79 44.13
CA ILE E 182 -40.57 40.25 42.77
C ILE E 182 -39.39 39.51 42.18
N GLY E 183 -39.55 39.08 40.92
CA GLY E 183 -38.43 38.61 40.14
C GLY E 183 -38.29 39.43 38.88
N PHE E 184 -37.06 39.70 38.47
CA PHE E 184 -36.87 40.38 37.20
C PHE E 184 -37.16 39.44 36.04
N TRP E 185 -36.53 38.27 36.05
CA TRP E 185 -36.73 37.31 34.97
C TRP E 185 -36.84 35.86 35.41
N HIS E 186 -36.72 35.54 36.70
CA HIS E 186 -36.90 34.17 37.16
C HIS E 186 -37.33 34.20 38.61
N THR E 187 -38.29 33.33 38.93
CA THR E 187 -38.94 33.35 40.24
C THR E 187 -38.83 31.99 40.91
N ASP E 188 -37.62 31.44 40.94
CA ASP E 188 -37.35 30.37 41.88
C ASP E 188 -37.42 30.91 43.30
N VAL E 189 -37.97 30.11 44.21
CA VAL E 189 -37.98 30.46 45.61
C VAL E 189 -37.09 29.53 46.44
N LYS E 190 -36.71 28.39 45.90
CA LYS E 190 -35.74 27.49 46.48
C LYS E 190 -34.39 27.69 45.79
N PRO E 191 -33.31 27.20 46.41
CA PRO E 191 -32.05 27.08 45.67
C PRO E 191 -32.21 26.15 44.49
N PRO E 192 -31.91 26.61 43.28
CA PRO E 192 -32.08 25.77 42.10
C PRO E 192 -30.88 24.85 41.90
N ILE E 193 -31.18 23.60 41.53
CA ILE E 193 -30.17 22.55 41.45
C ILE E 193 -29.32 22.75 40.21
N CYS E 194 -28.01 22.88 40.40
CA CYS E 194 -27.15 23.10 39.24
C CYS E 194 -25.70 22.79 39.51
N VAL E 195 -24.90 23.03 38.47
CA VAL E 195 -23.59 22.44 38.35
C VAL E 195 -22.48 23.46 38.42
N LEU E 196 -22.75 24.74 38.16
CA LEU E 196 -21.68 25.72 38.10
C LEU E 196 -22.27 27.11 38.30
N LYS E 197 -21.53 27.93 39.05
CA LYS E 197 -21.89 29.32 39.25
C LYS E 197 -20.62 30.05 39.64
N ARG E 198 -20.09 30.86 38.73
CA ARG E 198 -18.77 31.45 38.95
C ARG E 198 -18.83 32.94 38.63
N ASN E 199 -17.71 33.61 38.86
CA ASN E 199 -17.57 35.02 38.57
C ASN E 199 -16.30 35.23 37.77
N PHE E 200 -16.35 36.12 36.78
CA PHE E 200 -15.21 36.44 35.95
C PHE E 200 -15.22 37.93 35.65
N THR E 201 -14.08 38.58 35.82
CA THR E 201 -14.02 40.03 35.72
C THR E 201 -14.09 40.48 34.26
N LEU E 202 -14.26 41.80 34.10
CA LEU E 202 -14.40 42.41 32.79
C LEU E 202 -13.57 43.67 32.74
N ASN E 203 -12.98 43.95 31.59
CA ASN E 203 -12.36 45.26 31.37
C ASN E 203 -13.47 46.28 31.20
N VAL E 204 -13.83 46.96 32.28
CA VAL E 204 -15.10 47.67 32.36
C VAL E 204 -15.15 48.89 31.46
N ASN E 205 -14.01 49.41 31.03
CA ASN E 205 -14.02 50.55 30.13
C ASN E 205 -13.75 50.15 28.68
N ALA E 206 -13.85 48.87 28.35
CA ALA E 206 -13.76 48.46 26.96
C ALA E 206 -15.01 48.90 26.21
N ASP E 207 -14.85 49.18 24.92
CA ASP E 207 -15.98 49.67 24.13
C ASP E 207 -17.02 48.60 23.90
N ALA E 208 -16.61 47.34 23.88
CA ALA E 208 -17.50 46.27 23.49
C ALA E 208 -17.01 44.98 24.15
N PHE E 209 -17.57 43.85 23.73
CA PHE E 209 -17.11 42.55 24.17
C PHE E 209 -17.26 41.57 23.03
N TYR E 210 -16.68 40.39 23.18
CA TYR E 210 -16.79 39.34 22.18
C TYR E 210 -16.96 38.01 22.87
N PHE E 211 -17.59 37.06 22.18
CA PHE E 211 -17.97 35.82 22.81
C PHE E 211 -17.90 34.68 21.80
N HIS E 212 -18.19 33.48 22.30
CA HIS E 212 -18.33 32.27 21.52
C HIS E 212 -19.06 31.29 22.40
N PHE E 213 -20.24 30.86 22.00
CA PHE E 213 -20.94 29.83 22.75
C PHE E 213 -21.30 28.72 21.78
N TYR E 214 -20.89 27.49 22.05
CA TYR E 214 -21.38 26.37 21.28
C TYR E 214 -21.56 25.15 22.15
N GLN E 215 -22.38 24.23 21.68
CA GLN E 215 -22.52 22.93 22.30
C GLN E 215 -21.98 21.87 21.35
N HIS E 216 -21.34 20.86 21.91
CA HIS E 216 -20.69 19.83 21.11
C HIS E 216 -20.50 18.61 22.01
N GLY E 217 -21.22 17.54 21.70
CA GLY E 217 -21.22 16.40 22.59
C GLY E 217 -21.90 16.67 23.90
N GLY E 218 -22.79 17.65 23.95
CA GLY E 218 -23.52 17.99 25.16
C GLY E 218 -22.82 19.02 26.01
N THR E 219 -21.50 18.98 26.06
CA THR E 219 -20.78 19.95 26.86
C THR E 219 -20.85 21.33 26.23
N PHE E 220 -21.43 22.26 26.97
CA PHE E 220 -21.55 23.64 26.56
C PHE E 220 -20.19 24.32 26.71
N TYR E 221 -19.85 25.16 25.76
CA TYR E 221 -18.56 25.85 25.78
C TYR E 221 -18.81 27.34 25.92
N ALA E 222 -17.75 28.07 26.24
CA ALA E 222 -17.88 29.51 26.47
C ALA E 222 -16.56 30.21 26.34
N TYR E 223 -16.55 31.37 25.70
CA TYR E 223 -15.34 32.13 25.48
C TYR E 223 -15.69 33.61 25.60
N TYR E 224 -14.74 34.42 26.06
CA TYR E 224 -14.99 35.87 26.10
C TYR E 224 -13.66 36.56 25.81
N ALA E 225 -13.70 37.87 25.62
CA ALA E 225 -12.49 38.61 25.33
C ALA E 225 -12.67 40.03 25.84
N ASP E 226 -11.83 40.95 25.33
CA ASP E 226 -12.00 42.36 25.60
C ASP E 226 -11.79 43.24 24.38
N LYS E 227 -11.30 42.71 23.27
CA LYS E 227 -10.98 43.51 22.11
C LYS E 227 -11.29 42.69 20.86
N PRO E 228 -11.49 43.35 19.72
CA PRO E 228 -11.71 42.61 18.46
C PRO E 228 -10.42 42.04 17.86
N SER E 229 -9.81 41.09 18.57
CA SER E 229 -8.74 40.29 18.02
C SER E 229 -9.11 38.82 17.94
N ALA E 230 -9.43 38.20 19.08
CA ALA E 230 -9.76 36.79 19.21
C ALA E 230 -10.22 36.57 20.63
N THR E 231 -10.61 35.36 20.97
CA THR E 231 -10.98 35.08 22.35
C THR E 231 -10.35 33.80 22.87
N THR E 232 -10.38 33.66 24.19
CA THR E 232 -9.78 32.56 24.91
C THR E 232 -10.83 31.91 25.79
N PHE E 233 -10.41 30.89 26.53
CA PHE E 233 -11.35 30.04 27.25
C PHE E 233 -11.94 30.75 28.45
N LEU E 234 -13.22 30.49 28.70
CA LEU E 234 -13.86 30.97 29.91
C LEU E 234 -14.31 29.86 30.82
N PHE E 235 -15.20 28.97 30.38
CA PHE E 235 -15.62 27.83 31.16
C PHE E 235 -16.37 26.85 30.28
N SER E 236 -16.42 25.60 30.73
CA SER E 236 -17.14 24.55 30.03
C SER E 236 -17.80 23.65 31.05
N VAL E 237 -19.04 23.27 30.78
CA VAL E 237 -19.87 22.54 31.70
C VAL E 237 -20.36 21.28 31.00
N TYR E 238 -21.23 20.54 31.68
CA TYR E 238 -21.87 19.37 31.11
C TYR E 238 -23.38 19.51 31.23
N ILE E 239 -24.06 19.71 30.10
CA ILE E 239 -25.51 19.69 30.05
C ILE E 239 -25.90 18.51 29.17
N GLY E 240 -26.70 17.61 29.71
CA GLY E 240 -27.05 16.42 28.95
C GLY E 240 -27.98 16.71 27.78
N ASP E 241 -28.80 17.73 27.91
CA ASP E 241 -29.75 18.07 26.85
C ASP E 241 -28.98 18.77 25.75
N ILE E 242 -29.53 18.79 24.54
CA ILE E 242 -28.94 19.59 23.48
C ILE E 242 -29.70 20.92 23.38
N LEU E 243 -28.97 22.01 23.52
CA LEU E 243 -29.55 23.34 23.61
C LEU E 243 -30.15 23.77 22.28
N THR E 244 -31.35 24.34 22.35
CA THR E 244 -32.15 24.57 21.15
C THR E 244 -32.24 26.05 20.78
N GLN E 245 -32.66 26.91 21.69
CA GLN E 245 -32.96 28.27 21.33
C GLN E 245 -32.44 29.24 22.38
N TYR E 246 -32.12 30.44 21.94
CA TYR E 246 -31.59 31.48 22.80
C TYR E 246 -32.41 32.74 22.62
N TYR E 247 -32.45 33.56 23.67
CA TYR E 247 -33.27 34.75 23.62
C TYR E 247 -32.58 35.86 24.38
N VAL E 248 -32.08 36.86 23.68
CA VAL E 248 -31.48 38.00 24.34
C VAL E 248 -32.57 38.77 25.07
N LEU E 249 -32.39 38.94 26.37
CA LEU E 249 -33.43 39.51 27.20
C LEU E 249 -33.53 41.01 26.99
N PRO E 250 -34.70 41.59 27.20
CA PRO E 250 -34.86 43.02 27.00
C PRO E 250 -34.21 43.84 28.10
N PHE E 251 -33.83 45.04 27.70
CA PHE E 251 -33.01 45.95 28.50
C PHE E 251 -33.86 47.17 28.80
N ILE E 252 -34.04 47.46 30.06
CA ILE E 252 -34.84 48.60 30.49
C ILE E 252 -33.95 49.58 31.22
N CYS E 253 -33.94 50.83 30.75
CA CYS E 253 -33.13 51.87 31.37
C CYS E 253 -33.69 53.21 30.91
N ASN E 254 -33.28 54.26 31.61
CA ASN E 254 -33.61 55.63 31.23
C ASN E 254 -32.33 56.45 31.29
N PRO E 255 -31.82 56.92 30.16
CA PRO E 255 -30.67 57.83 30.18
C PRO E 255 -31.06 59.16 30.81
N THR E 256 -30.38 59.53 31.89
CA THR E 256 -30.75 60.74 32.63
C THR E 256 -30.50 61.98 31.80
N ALA E 257 -29.40 61.98 31.04
CA ALA E 257 -29.26 62.94 29.97
C ALA E 257 -29.98 62.44 28.73
N GLY E 258 -30.72 63.34 28.09
CA GLY E 258 -31.40 62.99 26.86
C GLY E 258 -30.43 62.79 25.72
N SER E 259 -30.26 61.55 25.30
CA SER E 259 -29.20 61.21 24.37
C SER E 259 -29.67 60.05 23.50
N THR E 260 -28.73 59.39 22.83
CA THR E 260 -29.01 58.29 21.91
C THR E 260 -28.71 56.99 22.66
N PHE E 261 -29.72 56.48 23.37
CA PHE E 261 -29.58 55.25 24.13
C PHE E 261 -29.95 54.06 23.25
N ALA E 262 -28.98 53.60 22.49
CA ALA E 262 -29.17 52.46 21.59
C ALA E 262 -28.33 51.29 22.08
N PRO E 263 -28.91 50.35 22.82
CA PRO E 263 -28.18 49.11 23.15
C PRO E 263 -27.90 48.32 21.88
N ARG E 264 -26.76 47.66 21.86
CA ARG E 264 -26.34 46.91 20.68
C ARG E 264 -25.94 45.51 21.11
N TYR E 265 -26.52 44.51 20.44
CA TYR E 265 -26.23 43.11 20.67
C TYR E 265 -26.19 42.44 19.31
N TRP E 266 -24.99 42.20 18.80
CA TRP E 266 -24.88 41.51 17.54
C TRP E 266 -24.74 40.01 17.76
N VAL E 267 -25.40 39.24 16.90
CA VAL E 267 -25.45 37.78 17.00
C VAL E 267 -25.42 37.20 15.60
N THR E 268 -24.58 36.19 15.40
CA THR E 268 -24.61 35.40 14.18
C THR E 268 -24.58 33.93 14.56
N PRO E 269 -25.19 33.06 13.75
CA PRO E 269 -25.13 31.62 14.06
C PRO E 269 -23.92 30.96 13.45
N LEU E 270 -23.37 29.99 14.19
CA LEU E 270 -22.13 29.34 13.77
C LEU E 270 -22.40 28.19 12.80
N VAL E 271 -21.33 27.49 12.46
CA VAL E 271 -21.39 26.26 11.69
C VAL E 271 -20.12 25.49 12.01
N LYS E 272 -20.10 24.19 11.75
CA LYS E 272 -18.81 23.51 11.73
C LYS E 272 -18.11 23.84 10.42
N ARG E 273 -16.80 24.06 10.51
CA ARG E 273 -16.14 24.68 9.39
C ARG E 273 -14.65 24.46 9.54
N GLN E 274 -13.97 24.36 8.40
CA GLN E 274 -12.52 24.36 8.36
C GLN E 274 -12.03 25.77 8.08
N TYR E 275 -11.12 26.26 8.92
CA TYR E 275 -10.56 27.60 8.77
C TYR E 275 -9.10 27.52 8.41
N LEU E 276 -8.52 28.70 8.21
CA LEU E 276 -7.09 28.86 8.07
C LEU E 276 -6.67 29.99 9.00
N PHE E 277 -5.82 29.68 9.96
CA PHE E 277 -5.32 30.70 10.86
C PHE E 277 -3.95 31.18 10.40
N ASN E 278 -3.50 32.26 11.03
CA ASN E 278 -2.14 32.74 10.86
C ASN E 278 -1.75 33.48 12.13
N PHE E 279 -0.83 32.91 12.88
CA PHE E 279 -0.34 33.54 14.09
C PHE E 279 0.85 34.42 13.76
N ASN E 280 1.15 35.34 14.66
CA ASN E 280 2.34 36.17 14.54
C ASN E 280 3.51 35.44 15.19
N GLN E 281 4.60 36.16 15.43
CA GLN E 281 5.69 35.58 16.21
C GLN E 281 5.44 35.65 17.71
N LYS E 282 4.34 36.24 18.14
CA LYS E 282 4.02 36.28 19.56
C LYS E 282 2.86 35.38 19.94
N GLY E 283 2.20 34.75 18.97
CA GLY E 283 1.05 33.94 19.31
C GLY E 283 -0.26 34.69 19.32
N VAL E 284 -0.33 35.82 18.62
CA VAL E 284 -1.56 36.59 18.48
C VAL E 284 -2.12 36.33 17.10
N ILE E 285 -3.43 36.07 17.04
CA ILE E 285 -4.07 35.75 15.77
C ILE E 285 -4.10 36.98 14.90
N THR E 286 -3.49 36.90 13.73
CA THR E 286 -3.36 38.05 12.87
C THR E 286 -4.51 38.19 11.90
N SER E 287 -4.71 37.19 11.04
CA SER E 287 -5.63 37.33 9.93
C SER E 287 -6.12 35.96 9.53
N ALA E 288 -7.29 35.57 10.02
CA ALA E 288 -7.87 34.27 9.76
C ALA E 288 -8.78 34.36 8.55
N VAL E 289 -9.08 33.20 7.98
CA VAL E 289 -9.92 33.13 6.80
C VAL E 289 -10.93 32.01 6.98
N ASP E 290 -12.20 32.35 6.87
CA ASP E 290 -13.26 31.36 6.68
C ASP E 290 -13.16 30.95 5.23
N CYS E 291 -12.42 29.89 4.96
CA CYS E 291 -12.06 29.58 3.58
C CYS E 291 -13.20 29.05 2.77
N ALA E 292 -14.22 28.47 3.39
CA ALA E 292 -15.35 27.95 2.64
C ALA E 292 -16.46 28.98 2.45
N SER E 293 -16.11 30.26 2.33
CA SER E 293 -17.10 31.28 1.99
C SER E 293 -17.05 31.62 0.51
N SER E 294 -15.90 32.09 0.05
CA SER E 294 -15.77 32.58 -1.31
C SER E 294 -14.44 32.15 -1.86
N TYR E 295 -14.18 32.54 -3.12
CA TYR E 295 -13.00 32.02 -3.79
C TYR E 295 -11.75 32.75 -3.39
N THR E 296 -11.86 34.05 -3.08
CA THR E 296 -10.83 34.76 -2.35
C THR E 296 -10.45 34.03 -1.08
N SER E 297 -11.44 33.50 -0.38
CA SER E 297 -11.21 32.71 0.80
C SER E 297 -10.72 31.29 0.50
N GLU E 298 -11.17 30.68 -0.59
CA GLU E 298 -10.92 29.25 -0.79
C GLU E 298 -9.58 28.99 -1.45
N ILE E 299 -9.09 29.92 -2.27
CA ILE E 299 -7.74 29.75 -2.81
C ILE E 299 -6.70 30.00 -1.73
N LYS E 300 -7.06 30.82 -0.74
CA LYS E 300 -6.24 30.91 0.47
C LYS E 300 -6.29 29.61 1.26
N CYS E 301 -7.41 28.90 1.21
CA CYS E 301 -7.54 27.63 1.93
C CYS E 301 -6.69 26.53 1.30
N LYS E 302 -6.33 26.67 0.03
CA LYS E 302 -5.59 25.62 -0.66
C LYS E 302 -4.09 25.77 -0.50
N THR E 303 -3.57 26.97 -0.69
CA THR E 303 -2.13 27.16 -0.70
C THR E 303 -1.53 27.25 0.69
N GLN E 304 -2.36 27.26 1.74
CA GLN E 304 -1.94 27.34 3.15
C GLN E 304 -1.07 28.55 3.41
N SER E 305 -1.42 29.69 2.84
CA SER E 305 -0.57 30.87 2.90
C SER E 305 -1.43 32.09 2.63
N MET E 306 -1.30 33.10 3.49
CA MET E 306 -2.04 34.33 3.31
C MET E 306 -1.54 35.06 2.07
N LEU E 307 -2.49 35.50 1.24
CA LEU E 307 -2.29 36.24 0.00
C LEU E 307 -1.38 35.47 -0.95
N PRO E 308 -1.87 34.38 -1.55
CA PRO E 308 -0.99 33.53 -2.36
C PRO E 308 -0.67 34.18 -3.70
N SER E 309 0.23 33.54 -4.42
CA SER E 309 0.78 34.10 -5.64
C SER E 309 -0.20 33.92 -6.80
N THR E 310 0.24 34.39 -7.97
CA THR E 310 -0.57 34.34 -9.17
C THR E 310 -0.64 32.91 -9.70
N GLY E 311 -1.37 32.75 -10.78
CA GLY E 311 -1.43 31.48 -11.47
C GLY E 311 -2.87 31.02 -11.62
N VAL E 312 -3.02 29.74 -11.89
CA VAL E 312 -4.34 29.12 -12.06
C VAL E 312 -4.46 28.05 -11.00
N TYR E 313 -5.63 27.93 -10.40
CA TYR E 313 -5.82 27.06 -9.24
C TYR E 313 -7.12 26.29 -9.44
N GLU E 314 -7.02 24.97 -9.57
CA GLU E 314 -8.25 24.17 -9.63
C GLU E 314 -8.81 23.98 -8.24
N LEU E 315 -10.10 24.24 -8.09
CA LEU E 315 -10.75 24.14 -6.80
C LEU E 315 -11.31 22.73 -6.63
N SER E 316 -12.20 22.55 -5.65
CA SER E 316 -12.74 21.23 -5.36
C SER E 316 -13.67 20.76 -6.48
N GLY E 317 -14.74 21.50 -6.73
CA GLY E 317 -15.61 21.19 -7.84
C GLY E 317 -17.10 21.45 -7.65
N TYR E 318 -17.61 21.22 -6.44
CA TYR E 318 -18.94 21.66 -5.99
C TYR E 318 -20.06 21.11 -6.88
N THR E 319 -20.28 19.80 -6.74
CA THR E 319 -21.33 19.09 -7.46
C THR E 319 -22.71 19.67 -7.18
N VAL E 320 -23.65 19.33 -8.07
CA VAL E 320 -25.00 19.86 -7.99
C VAL E 320 -25.70 19.27 -6.77
N GLN E 321 -26.30 20.12 -5.99
CA GLN E 321 -26.93 19.60 -4.79
C GLN E 321 -28.31 19.04 -5.12
N PRO E 322 -28.59 17.79 -4.75
CA PRO E 322 -29.90 17.21 -5.04
C PRO E 322 -30.98 17.78 -4.14
N VAL E 323 -32.23 17.62 -4.59
CA VAL E 323 -33.34 18.33 -3.95
C VAL E 323 -34.36 17.43 -3.26
N GLY E 324 -34.56 16.17 -3.66
CA GLY E 324 -35.65 15.40 -3.11
C GLY E 324 -35.26 14.08 -2.49
N VAL E 325 -36.07 13.62 -1.53
CA VAL E 325 -35.79 12.38 -0.82
C VAL E 325 -36.60 11.22 -1.42
N VAL E 326 -36.99 11.35 -2.69
CA VAL E 326 -37.84 10.35 -3.34
C VAL E 326 -37.14 8.99 -3.42
N TYR E 327 -37.78 7.99 -2.85
CA TYR E 327 -37.30 6.63 -2.96
C TYR E 327 -38.50 5.69 -3.02
N ARG E 328 -38.33 4.64 -3.78
CA ARG E 328 -39.44 3.80 -4.22
C ARG E 328 -39.18 2.37 -3.80
N ARG E 329 -40.17 1.77 -3.15
CA ARG E 329 -40.05 0.39 -2.74
C ARG E 329 -41.19 -0.40 -3.36
N VAL E 330 -41.10 -1.72 -3.22
CA VAL E 330 -42.20 -2.57 -3.56
C VAL E 330 -43.35 -2.29 -2.60
N ALA E 331 -44.58 -2.34 -3.13
CA ALA E 331 -45.78 -2.07 -2.36
C ALA E 331 -46.04 -3.17 -1.33
N ASN E 332 -47.19 -3.07 -0.66
CA ASN E 332 -47.47 -3.77 0.59
C ASN E 332 -47.41 -5.29 0.47
N LEU E 333 -46.68 -5.89 1.40
CA LEU E 333 -46.37 -7.32 1.42
C LEU E 333 -46.77 -7.90 2.77
N PRO E 334 -46.99 -9.20 2.87
CA PRO E 334 -47.30 -9.78 4.19
C PRO E 334 -46.08 -9.79 5.10
N ALA E 335 -46.35 -10.03 6.38
CA ALA E 335 -45.29 -10.14 7.37
C ALA E 335 -44.84 -11.58 7.47
N CYS E 336 -43.59 -11.84 7.05
CA CYS E 336 -43.08 -13.21 7.03
C CYS E 336 -42.79 -13.75 8.42
N ASN E 337 -42.49 -12.87 9.37
CA ASN E 337 -42.42 -13.19 10.80
C ASN E 337 -41.37 -14.25 11.09
N ILE E 338 -40.10 -13.84 10.93
CA ILE E 338 -38.94 -14.66 11.28
C ILE E 338 -38.98 -15.11 12.73
N GLU E 339 -39.61 -14.33 13.60
CA GLU E 339 -39.79 -14.73 15.00
C GLU E 339 -40.68 -15.96 15.12
N GLU E 340 -41.57 -16.17 14.15
CA GLU E 340 -42.41 -17.37 14.20
C GLU E 340 -41.62 -18.60 13.78
N TRP E 341 -40.42 -18.41 13.23
CA TRP E 341 -39.60 -19.56 12.84
C TRP E 341 -38.39 -19.71 13.74
N LEU E 342 -37.87 -18.62 14.30
CA LEU E 342 -36.76 -18.74 15.23
C LEU E 342 -37.21 -19.33 16.55
N THR E 343 -38.33 -18.87 17.07
CA THR E 343 -38.82 -19.33 18.36
C THR E 343 -39.79 -20.50 18.22
N ALA E 344 -39.65 -21.32 17.19
CA ALA E 344 -40.53 -22.46 17.06
C ALA E 344 -40.11 -23.56 18.02
N ARG E 345 -40.99 -24.54 18.18
CA ARG E 345 -40.68 -25.66 19.07
C ARG E 345 -39.70 -26.64 18.43
N SER E 346 -39.72 -26.74 17.11
CA SER E 346 -38.82 -27.67 16.45
C SER E 346 -37.42 -27.10 16.41
N VAL E 347 -36.62 -27.47 17.40
CA VAL E 347 -35.25 -27.01 17.50
C VAL E 347 -34.37 -28.15 17.06
N PRO E 348 -33.88 -28.13 15.83
CA PRO E 348 -33.32 -29.35 15.25
C PRO E 348 -31.89 -29.60 15.71
N SER E 349 -31.51 -30.87 15.65
CA SER E 349 -30.13 -31.27 15.90
C SER E 349 -29.23 -30.72 14.81
N PRO E 350 -27.93 -30.52 15.10
CA PRO E 350 -27.02 -30.06 14.06
C PRO E 350 -26.68 -31.11 13.04
N LEU E 351 -27.16 -32.33 13.19
CA LEU E 351 -27.00 -33.28 12.11
C LEU E 351 -27.92 -32.94 10.96
N ASN E 352 -29.12 -32.44 11.27
CA ASN E 352 -30.10 -32.06 10.26
C ASN E 352 -30.61 -30.67 10.59
N TRP E 353 -30.07 -29.68 9.91
CA TRP E 353 -30.38 -28.29 10.19
C TRP E 353 -31.21 -27.77 9.04
N GLU E 354 -32.23 -27.00 9.36
CA GLU E 354 -33.23 -26.64 8.37
C GLU E 354 -33.08 -25.18 7.99
N ARG E 355 -32.95 -24.94 6.70
CA ARG E 355 -32.90 -23.60 6.17
C ARG E 355 -34.27 -23.29 5.60
N LYS E 356 -34.90 -22.24 6.11
CA LYS E 356 -36.21 -21.83 5.64
C LYS E 356 -36.06 -20.45 5.01
N THR E 357 -35.88 -20.43 3.70
CA THR E 357 -35.64 -19.18 2.99
C THR E 357 -36.89 -18.31 3.03
N PHE E 358 -36.67 -17.00 3.16
CA PHE E 358 -37.73 -16.02 3.10
C PHE E 358 -37.49 -15.08 1.95
N GLN E 359 -38.54 -14.83 1.17
CA GLN E 359 -38.51 -13.73 0.22
C GLN E 359 -39.93 -13.22 0.05
N ASN E 360 -40.02 -11.99 -0.46
CA ASN E 360 -41.26 -11.23 -0.59
C ASN E 360 -41.99 -11.11 0.74
N CYS E 361 -41.36 -10.46 1.71
CA CYS E 361 -41.99 -10.16 2.98
C CYS E 361 -41.44 -8.87 3.54
N ASN E 362 -42.01 -8.45 4.66
CA ASN E 362 -41.49 -7.36 5.46
C ASN E 362 -41.03 -7.91 6.80
N PHE E 363 -39.93 -7.38 7.29
CA PHE E 363 -39.26 -7.86 8.49
C PHE E 363 -38.64 -6.66 9.18
N ASN E 364 -38.51 -6.74 10.50
CA ASN E 364 -38.06 -5.60 11.28
C ASN E 364 -37.12 -6.08 12.38
N LEU E 365 -35.93 -5.48 12.44
CA LEU E 365 -34.95 -5.90 13.43
C LEU E 365 -35.31 -5.44 14.84
N SER E 366 -36.20 -4.46 14.96
CA SER E 366 -36.69 -4.09 16.28
C SER E 366 -37.51 -5.22 16.88
N SER E 367 -38.48 -5.72 16.12
CA SER E 367 -39.32 -6.81 16.60
C SER E 367 -38.54 -8.11 16.70
N LEU E 368 -37.54 -8.28 15.84
CA LEU E 368 -36.71 -9.48 15.86
C LEU E 368 -35.91 -9.55 17.16
N LEU E 369 -35.21 -8.45 17.48
CA LEU E 369 -34.36 -8.46 18.65
C LEU E 369 -35.15 -8.39 19.94
N ARG E 370 -36.42 -8.00 19.86
CA ARG E 370 -37.23 -7.87 21.06
C ARG E 370 -37.62 -9.24 21.61
N TYR E 371 -38.03 -10.15 20.73
CA TYR E 371 -38.68 -11.37 21.21
C TYR E 371 -37.68 -12.47 21.50
N VAL E 372 -36.51 -12.41 20.90
CA VAL E 372 -35.46 -13.40 21.14
C VAL E 372 -34.72 -13.06 22.41
N GLN E 373 -33.89 -13.98 22.87
CA GLN E 373 -33.00 -13.71 24.00
C GLN E 373 -31.56 -13.73 23.50
N ALA E 374 -31.11 -12.59 23.00
CA ALA E 374 -29.87 -12.54 22.24
C ALA E 374 -28.65 -12.51 23.16
N GLU E 375 -27.52 -12.97 22.62
CA GLU E 375 -26.29 -13.02 23.40
C GLU E 375 -25.07 -12.53 22.62
N SER E 376 -25.11 -12.65 21.29
CA SER E 376 -24.06 -12.06 20.45
C SER E 376 -24.59 -11.89 19.05
N LEU E 377 -24.05 -10.90 18.35
CA LEU E 377 -24.47 -10.65 16.98
C LEU E 377 -23.27 -10.28 16.13
N PHE E 378 -22.18 -11.03 16.29
CA PHE E 378 -20.97 -10.73 15.54
C PHE E 378 -21.15 -11.00 14.05
N CYS E 379 -20.79 -10.06 13.21
CA CYS E 379 -20.69 -10.37 11.78
C CYS E 379 -19.59 -9.68 11.02
N ASN E 380 -19.39 -10.22 9.83
CA ASN E 380 -18.46 -9.73 8.83
C ASN E 380 -19.28 -9.14 7.70
N ASN E 381 -18.76 -8.07 7.11
CA ASN E 381 -19.19 -7.43 5.86
C ASN E 381 -20.53 -6.72 5.97
N ILE E 382 -21.27 -6.92 7.05
CA ILE E 382 -22.58 -6.32 7.32
C ILE E 382 -22.69 -6.22 8.83
N ASP E 383 -23.13 -5.08 9.32
CA ASP E 383 -23.36 -4.89 10.74
C ASP E 383 -24.85 -4.63 10.95
N ALA E 384 -25.22 -4.40 12.21
CA ALA E 384 -26.63 -4.17 12.50
C ALA E 384 -27.08 -2.79 12.09
N SER E 385 -26.14 -1.88 11.84
CA SER E 385 -26.50 -0.52 11.44
C SER E 385 -26.87 -0.47 9.96
N LYS E 386 -26.62 -1.55 9.22
CA LYS E 386 -26.86 -1.51 7.79
C LYS E 386 -28.23 -2.03 7.41
N VAL E 387 -28.79 -2.94 8.21
CA VAL E 387 -30.03 -3.59 7.83
C VAL E 387 -31.22 -2.67 8.00
N TYR E 388 -31.06 -1.60 8.77
CA TYR E 388 -32.16 -0.68 9.01
C TYR E 388 -32.43 0.13 7.76
N GLY E 389 -33.47 -0.24 7.02
CA GLY E 389 -33.82 0.47 5.81
C GLY E 389 -32.88 0.14 4.68
N ARG E 390 -32.82 -1.14 4.32
CA ARG E 390 -31.99 -1.59 3.21
C ARG E 390 -32.57 -2.93 2.75
N CYS E 391 -32.52 -3.17 1.44
CA CYS E 391 -33.39 -4.17 0.86
C CYS E 391 -32.62 -5.35 0.30
N PHE E 392 -33.14 -6.55 0.53
CA PHE E 392 -32.43 -7.80 0.33
C PHE E 392 -33.12 -8.66 -0.73
N GLY E 393 -32.32 -9.47 -1.43
CA GLY E 393 -32.89 -10.39 -2.38
C GLY E 393 -33.60 -11.55 -1.71
N SER E 394 -32.90 -12.25 -0.82
CA SER E 394 -33.51 -13.39 -0.14
C SER E 394 -32.81 -13.63 1.18
N ILE E 395 -33.60 -13.69 2.24
CA ILE E 395 -33.12 -13.99 3.58
C ILE E 395 -33.31 -15.47 3.83
N SER E 396 -32.27 -16.13 4.31
CA SER E 396 -32.38 -17.51 4.76
C SER E 396 -31.75 -17.64 6.12
N VAL E 397 -32.51 -18.15 7.08
CA VAL E 397 -32.02 -18.38 8.42
C VAL E 397 -32.10 -19.88 8.67
N ASP E 398 -31.05 -20.43 9.26
CA ASP E 398 -31.06 -21.81 9.69
C ASP E 398 -30.61 -21.86 11.14
N LYS E 399 -30.89 -22.97 11.79
CA LYS E 399 -30.65 -23.00 13.21
C LYS E 399 -30.36 -24.41 13.67
N PHE E 400 -29.49 -24.52 14.67
CA PHE E 400 -29.28 -25.80 15.31
C PHE E 400 -28.80 -25.54 16.72
N ALA E 401 -29.37 -26.27 17.68
CA ALA E 401 -29.01 -26.13 19.09
C ALA E 401 -27.62 -26.72 19.29
N VAL E 402 -26.63 -25.85 19.39
CA VAL E 402 -25.24 -26.27 19.55
C VAL E 402 -25.07 -26.90 20.93
N PRO E 403 -24.30 -27.95 21.07
CA PRO E 403 -24.07 -28.52 22.40
C PRO E 403 -22.98 -27.73 23.10
N ARG E 404 -22.85 -27.97 24.40
CA ARG E 404 -21.93 -27.18 25.20
C ARG E 404 -20.49 -27.53 24.90
N SER E 405 -20.20 -28.82 24.74
CA SER E 405 -18.82 -29.28 24.63
C SER E 405 -18.17 -28.88 23.32
N ARG E 406 -18.93 -28.49 22.32
CA ARG E 406 -18.36 -28.05 21.07
C ARG E 406 -18.54 -26.57 20.85
N GLN E 407 -18.61 -25.78 21.93
CA GLN E 407 -18.93 -24.37 21.79
C GLN E 407 -17.79 -23.58 21.16
N VAL E 408 -16.59 -24.15 21.08
CA VAL E 408 -15.49 -23.42 20.51
C VAL E 408 -15.55 -23.40 19.00
N ASP E 409 -16.31 -24.29 18.40
CA ASP E 409 -16.27 -24.40 16.95
C ASP E 409 -17.22 -23.46 16.26
N LEU E 410 -17.62 -22.38 16.90
CA LEU E 410 -18.42 -21.36 16.26
C LEU E 410 -17.71 -20.02 16.17
N GLN E 411 -16.60 -19.86 16.86
CA GLN E 411 -15.89 -18.59 16.85
C GLN E 411 -15.20 -18.35 15.52
N LEU E 412 -14.57 -17.19 15.42
CA LEU E 412 -13.76 -16.89 14.25
C LEU E 412 -12.47 -17.68 14.29
N GLY E 413 -12.20 -18.43 13.23
CA GLY E 413 -10.89 -19.00 13.03
C GLY E 413 -10.61 -20.28 13.79
N ASN E 414 -11.57 -21.18 13.91
CA ASN E 414 -11.33 -22.46 14.52
C ASN E 414 -12.30 -23.47 13.95
N SER E 415 -11.85 -24.70 13.83
CA SER E 415 -12.62 -25.73 13.13
C SER E 415 -12.30 -27.06 13.78
N GLY E 416 -13.11 -27.47 14.72
CA GLY E 416 -12.89 -28.75 15.36
C GLY E 416 -13.80 -29.79 14.77
N PHE E 417 -14.91 -30.07 15.43
CA PHE E 417 -15.84 -31.05 14.89
C PHE E 417 -16.88 -30.40 13.99
N LEU E 418 -17.58 -29.40 14.52
CA LEU E 418 -18.81 -28.93 13.88
C LEU E 418 -18.53 -28.21 12.56
N GLN E 419 -17.35 -27.63 12.42
CA GLN E 419 -17.01 -27.01 11.14
C GLN E 419 -16.55 -28.01 10.10
N THR E 420 -16.34 -29.28 10.47
CA THR E 420 -15.95 -30.29 9.51
C THR E 420 -16.90 -31.47 9.45
N ALA E 421 -17.92 -31.51 10.30
CA ALA E 421 -18.82 -32.64 10.31
C ALA E 421 -20.28 -32.27 10.14
N ASN E 422 -20.67 -31.04 10.41
CA ASN E 422 -22.09 -30.78 10.40
C ASN E 422 -22.51 -29.50 9.70
N TYR E 423 -21.64 -28.52 9.65
CA TYR E 423 -22.01 -27.21 9.12
C TYR E 423 -20.76 -26.43 8.80
N LYS E 424 -20.66 -25.95 7.58
CA LYS E 424 -19.59 -25.04 7.26
C LYS E 424 -20.15 -23.63 7.19
N ILE E 425 -19.34 -22.66 7.60
CA ILE E 425 -19.72 -21.26 7.57
C ILE E 425 -18.74 -20.54 6.66
N ASP E 426 -19.25 -19.97 5.58
CA ASP E 426 -18.40 -19.41 4.54
C ASP E 426 -17.99 -17.99 4.89
N THR E 427 -16.91 -17.54 4.27
CA THR E 427 -16.45 -16.18 4.46
C THR E 427 -16.90 -15.24 3.36
N ALA E 428 -17.35 -15.77 2.22
CA ALA E 428 -17.66 -14.92 1.08
C ALA E 428 -19.02 -14.26 1.25
N ALA E 429 -20.02 -15.04 1.64
CA ALA E 429 -21.38 -14.52 1.69
C ALA E 429 -21.62 -13.72 2.96
N THR E 430 -22.27 -12.58 2.79
CA THR E 430 -22.46 -11.62 3.87
C THR E 430 -23.53 -12.14 4.82
N SER E 431 -23.09 -12.69 5.93
CA SER E 431 -23.99 -13.27 6.90
C SER E 431 -23.63 -12.81 8.31
N CYS E 432 -24.54 -13.02 9.24
CA CYS E 432 -24.08 -13.19 10.61
C CYS E 432 -24.86 -14.17 11.44
N GLN E 433 -24.15 -14.66 12.43
CA GLN E 433 -24.55 -15.64 13.40
C GLN E 433 -25.20 -14.92 14.57
N LEU E 434 -26.16 -15.57 15.19
CA LEU E 434 -26.95 -14.92 16.23
C LEU E 434 -27.07 -15.93 17.36
N HIS E 435 -26.08 -15.96 18.25
CA HIS E 435 -26.14 -16.87 19.38
C HIS E 435 -27.22 -16.36 20.29
N TYR E 436 -28.40 -16.93 20.22
CA TYR E 436 -29.42 -16.61 21.18
C TYR E 436 -29.75 -17.85 21.98
N THR E 437 -30.67 -17.68 22.90
CA THR E 437 -31.17 -18.84 23.61
C THR E 437 -32.67 -18.69 23.84
N LEU E 438 -33.25 -19.74 24.39
CA LEU E 438 -34.67 -19.83 24.63
C LEU E 438 -34.86 -20.54 25.96
N PRO E 439 -35.99 -20.33 26.63
CA PRO E 439 -36.22 -21.03 27.89
C PRO E 439 -36.42 -22.54 27.68
N LYS E 440 -36.47 -23.26 28.80
CA LYS E 440 -36.49 -24.71 28.73
C LYS E 440 -37.82 -25.26 28.25
N ASN E 441 -38.92 -24.57 28.54
CA ASN E 441 -40.23 -25.13 28.24
C ASN E 441 -40.55 -25.05 26.75
N ASN E 442 -40.02 -24.05 26.06
CA ASN E 442 -40.25 -23.95 24.62
C ASN E 442 -39.44 -24.97 23.84
N VAL E 443 -38.19 -25.16 24.23
CA VAL E 443 -37.26 -25.90 23.40
C VAL E 443 -37.58 -27.40 23.48
N THR E 444 -37.61 -28.03 22.31
CA THR E 444 -37.69 -29.48 22.17
C THR E 444 -36.73 -29.91 21.08
N ILE E 445 -36.08 -31.02 21.28
CA ILE E 445 -34.97 -31.41 20.42
C ILE E 445 -35.43 -32.50 19.47
N ASN E 446 -35.17 -32.29 18.19
CA ASN E 446 -35.59 -33.18 17.12
C ASN E 446 -34.37 -33.96 16.65
N ASN E 447 -34.11 -35.09 17.28
CA ASN E 447 -33.02 -35.96 16.86
C ASN E 447 -33.48 -36.85 15.72
N HIS E 448 -32.83 -36.72 14.57
CA HIS E 448 -33.25 -37.40 13.36
C HIS E 448 -32.09 -37.29 12.38
N ASN E 449 -32.03 -38.22 11.44
CA ASN E 449 -30.90 -38.30 10.55
C ASN E 449 -31.29 -37.92 9.13
N PRO E 450 -30.52 -37.09 8.47
CA PRO E 450 -30.87 -36.71 7.11
C PRO E 450 -30.13 -37.50 6.06
N SER E 451 -29.22 -38.37 6.50
CA SER E 451 -28.30 -38.97 5.56
C SER E 451 -28.99 -40.08 4.78
N SER E 452 -28.52 -40.30 3.56
CA SER E 452 -29.26 -41.18 2.67
C SER E 452 -29.03 -42.65 2.98
N TRP E 453 -27.81 -43.11 2.73
CA TRP E 453 -27.59 -44.55 2.73
C TRP E 453 -27.54 -45.09 4.13
N ASN E 454 -27.17 -44.24 5.08
CA ASN E 454 -27.28 -44.62 6.49
C ASN E 454 -28.73 -44.80 6.89
N ARG E 455 -29.65 -44.06 6.26
CA ARG E 455 -31.06 -44.33 6.51
C ARG E 455 -31.51 -45.57 5.77
N ARG E 456 -30.82 -45.94 4.71
CA ARG E 456 -31.27 -47.04 3.88
C ARG E 456 -31.04 -48.38 4.55
N TYR E 457 -29.87 -48.59 5.13
CA TYR E 457 -29.50 -49.94 5.51
C TYR E 457 -30.19 -50.38 6.79
N GLY E 458 -29.84 -49.78 7.90
CA GLY E 458 -30.28 -50.37 9.14
C GLY E 458 -30.73 -49.37 10.18
N PHE E 459 -31.20 -48.21 9.74
CA PHE E 459 -31.35 -47.13 10.69
C PHE E 459 -32.60 -47.30 11.54
N ASN E 460 -32.59 -46.61 12.68
CA ASN E 460 -33.68 -46.66 13.63
C ASN E 460 -34.02 -45.22 13.96
N ASP E 461 -35.31 -44.94 14.02
CA ASP E 461 -35.77 -43.64 14.50
C ASP E 461 -35.49 -43.51 15.98
N ALA E 462 -34.42 -42.77 16.31
CA ALA E 462 -33.98 -42.46 17.66
C ALA E 462 -33.68 -43.70 18.50
N GLY E 463 -33.49 -44.85 17.88
CA GLY E 463 -33.04 -46.00 18.61
C GLY E 463 -31.55 -45.88 18.80
N VAL E 464 -30.89 -45.32 17.79
CA VAL E 464 -29.45 -45.14 17.86
C VAL E 464 -29.07 -43.84 18.57
N PHE E 465 -30.04 -42.99 18.89
CA PHE E 465 -29.76 -41.66 19.41
C PHE E 465 -30.44 -41.39 20.75
N GLY E 466 -30.67 -42.42 21.55
CA GLY E 466 -31.09 -42.20 22.91
C GLY E 466 -32.57 -42.01 23.14
N LYS E 467 -33.26 -41.32 22.21
CA LYS E 467 -34.69 -41.00 22.31
C LYS E 467 -35.00 -40.25 23.61
N ASN E 468 -34.19 -39.25 23.91
CA ASN E 468 -34.34 -38.46 25.12
C ASN E 468 -34.12 -37.00 24.79
N GLN E 469 -34.89 -36.13 25.43
CA GLN E 469 -34.96 -34.74 25.02
C GLN E 469 -33.78 -33.93 25.54
N HIS E 470 -33.57 -32.76 24.91
CA HIS E 470 -32.51 -31.81 25.23
C HIS E 470 -31.13 -32.44 25.14
N ASP E 471 -30.96 -33.35 24.19
CA ASP E 471 -29.72 -34.07 24.01
C ASP E 471 -29.29 -33.93 22.56
N VAL E 472 -28.31 -33.08 22.33
CA VAL E 472 -27.89 -32.76 20.99
C VAL E 472 -27.05 -33.89 20.42
N VAL E 473 -27.24 -34.17 19.13
CA VAL E 473 -26.53 -35.23 18.44
C VAL E 473 -25.61 -34.57 17.42
N TYR E 474 -24.30 -34.70 17.61
CA TYR E 474 -23.34 -34.14 16.68
C TYR E 474 -22.44 -35.24 16.15
N ALA E 475 -22.21 -35.22 14.85
CA ALA E 475 -21.37 -36.25 14.26
C ALA E 475 -19.91 -35.95 14.52
N GLN E 476 -19.09 -36.99 14.46
CA GLN E 476 -17.65 -36.76 14.54
C GLN E 476 -16.97 -36.89 13.18
N GLN E 477 -17.23 -37.99 12.48
CA GLN E 477 -16.68 -38.18 11.15
C GLN E 477 -17.72 -38.96 10.36
N CYS E 478 -18.10 -38.45 9.19
CA CYS E 478 -19.10 -39.14 8.40
C CYS E 478 -18.61 -39.31 6.96
N PHE E 479 -19.25 -40.23 6.27
CA PHE E 479 -18.66 -40.95 5.14
C PHE E 479 -19.54 -40.82 3.90
N THR E 480 -18.91 -40.69 2.75
CA THR E 480 -19.61 -40.56 1.47
C THR E 480 -19.31 -41.77 0.58
N VAL E 481 -20.27 -42.65 0.46
CA VAL E 481 -20.06 -43.90 -0.25
C VAL E 481 -20.28 -43.71 -1.74
N ARG E 482 -19.84 -44.70 -2.50
CA ARG E 482 -20.11 -44.80 -3.94
C ARG E 482 -21.48 -45.43 -4.18
N SER E 483 -21.67 -45.94 -5.40
CA SER E 483 -22.92 -46.56 -5.84
C SER E 483 -23.52 -47.57 -4.87
N SER E 484 -22.73 -48.54 -4.44
CA SER E 484 -23.25 -49.53 -3.52
C SER E 484 -22.14 -50.05 -2.63
N PHE E 485 -22.24 -49.77 -1.34
CA PHE E 485 -21.41 -50.40 -0.33
C PHE E 485 -22.19 -51.58 0.21
N CYS E 486 -21.62 -52.76 0.09
CA CYS E 486 -22.25 -53.94 0.66
C CYS E 486 -21.88 -54.05 2.13
N PRO E 487 -22.84 -53.93 3.05
CA PRO E 487 -22.50 -54.17 4.46
C PRO E 487 -22.34 -55.63 4.80
N CYS E 488 -22.95 -56.52 4.04
CA CYS E 488 -22.88 -57.96 4.28
C CYS E 488 -22.43 -58.68 3.02
N ALA E 489 -21.87 -59.86 3.18
CA ALA E 489 -21.40 -60.65 2.06
C ALA E 489 -22.50 -61.55 1.52
N THR E 501 -18.32 -50.45 -2.37
CA THR E 501 -16.95 -50.52 -1.89
C THR E 501 -16.80 -49.79 -0.56
N LYS E 502 -15.55 -49.59 -0.13
CA LYS E 502 -15.25 -49.02 1.17
C LYS E 502 -15.72 -47.57 1.26
N PRO E 503 -16.09 -47.11 2.46
CA PRO E 503 -16.88 -45.87 2.55
C PRO E 503 -16.13 -44.57 2.23
N LYS E 504 -14.86 -44.44 2.59
CA LYS E 504 -14.01 -43.30 2.21
C LYS E 504 -14.57 -41.96 2.73
N SER E 505 -14.40 -41.77 4.04
CA SER E 505 -14.80 -40.54 4.73
C SER E 505 -14.23 -39.29 4.07
N ALA E 506 -14.98 -38.20 4.19
CA ALA E 506 -14.58 -36.92 3.63
C ALA E 506 -15.27 -35.81 4.41
N PHE E 507 -14.86 -34.57 4.10
CA PHE E 507 -15.38 -33.41 4.80
C PHE E 507 -16.74 -33.02 4.26
N VAL E 508 -17.29 -31.94 4.81
CA VAL E 508 -18.61 -31.47 4.43
C VAL E 508 -18.47 -30.20 3.59
N ASN E 509 -19.16 -30.20 2.46
CA ASN E 509 -19.15 -29.05 1.56
C ASN E 509 -20.07 -27.97 2.12
N VAL E 510 -20.13 -26.82 1.45
CA VAL E 510 -20.74 -25.60 1.98
C VAL E 510 -22.25 -25.79 2.08
N GLY E 511 -22.75 -25.79 3.31
CA GLY E 511 -24.17 -25.74 3.54
C GLY E 511 -24.91 -27.01 3.18
N ASP E 512 -24.46 -28.13 3.73
CA ASP E 512 -25.05 -29.43 3.42
C ASP E 512 -25.32 -30.19 4.69
N HIS E 513 -26.23 -31.15 4.63
CA HIS E 513 -26.16 -32.21 5.62
C HIS E 513 -24.95 -33.08 5.29
N CYS E 514 -24.51 -33.87 6.26
CA CYS E 514 -23.34 -34.68 5.96
C CYS E 514 -23.79 -36.09 5.60
N GLU E 515 -22.92 -36.80 4.90
CA GLU E 515 -23.39 -37.88 4.05
C GLU E 515 -23.74 -39.13 4.84
N GLY E 516 -23.21 -39.29 6.04
CA GLY E 516 -23.63 -40.43 6.82
C GLY E 516 -22.64 -41.05 7.77
N LEU E 517 -23.12 -41.39 8.96
CA LEU E 517 -22.26 -41.89 10.03
C LEU E 517 -21.70 -43.24 9.66
N GLY E 518 -20.50 -43.53 10.18
CA GLY E 518 -19.81 -44.74 9.78
C GLY E 518 -20.47 -46.00 10.32
N VAL E 519 -20.19 -47.11 9.66
CA VAL E 519 -20.77 -48.39 10.00
C VAL E 519 -19.68 -49.35 10.45
N LEU E 520 -19.94 -50.05 11.55
CA LEU E 520 -19.10 -51.19 11.91
C LEU E 520 -19.53 -52.37 11.04
N GLU E 521 -18.59 -52.86 10.23
CA GLU E 521 -18.90 -53.88 9.24
C GLU E 521 -19.19 -55.23 9.90
N ASP E 522 -18.76 -55.42 11.14
CA ASP E 522 -18.94 -56.71 11.79
C ASP E 522 -20.40 -56.91 12.24
N ASN E 523 -21.06 -55.83 12.64
CA ASN E 523 -22.42 -55.95 13.17
C ASN E 523 -23.42 -55.74 12.04
N CYS E 524 -23.56 -56.76 11.22
CA CYS E 524 -24.58 -56.79 10.18
C CYS E 524 -25.27 -58.14 10.19
N GLY E 525 -26.61 -58.13 10.13
CA GLY E 525 -27.36 -59.36 10.21
C GLY E 525 -28.29 -59.58 9.04
N ASN E 526 -28.19 -60.76 8.42
CA ASN E 526 -29.03 -61.15 7.28
C ASN E 526 -30.10 -62.13 7.71
N ALA E 527 -30.70 -61.90 8.88
CA ALA E 527 -31.65 -62.85 9.44
C ALA E 527 -32.93 -62.93 8.62
N ASP E 528 -33.62 -61.81 8.47
CA ASP E 528 -34.84 -61.90 7.68
C ASP E 528 -34.52 -61.75 6.21
N PRO E 529 -35.03 -62.62 5.35
CA PRO E 529 -34.73 -62.50 3.92
C PRO E 529 -35.51 -61.42 3.22
N HIS E 530 -36.49 -60.81 3.90
CA HIS E 530 -37.32 -59.80 3.27
C HIS E 530 -36.53 -58.50 3.04
N LYS E 531 -36.08 -57.88 4.11
CA LYS E 531 -35.29 -56.67 3.99
C LYS E 531 -33.91 -57.00 3.48
N GLY E 532 -33.34 -56.09 2.68
CA GLY E 532 -32.10 -56.39 1.98
C GLY E 532 -30.90 -56.44 2.91
N CYS E 533 -30.77 -55.43 3.76
CA CYS E 533 -29.74 -55.41 4.78
C CYS E 533 -30.34 -54.87 6.07
N ILE E 534 -29.83 -55.34 7.19
CA ILE E 534 -30.23 -54.81 8.50
C ILE E 534 -28.98 -54.63 9.35
N CYS E 535 -28.75 -53.42 9.82
CA CYS E 535 -27.71 -53.19 10.81
C CYS E 535 -28.31 -53.28 12.20
N ALA E 536 -27.45 -53.53 13.18
CA ALA E 536 -27.91 -53.52 14.55
C ALA E 536 -28.11 -52.08 15.02
N ASN E 537 -28.84 -51.93 16.13
CA ASN E 537 -29.09 -50.59 16.66
C ASN E 537 -27.85 -49.98 17.29
N ASN E 538 -26.83 -50.78 17.57
CA ASN E 538 -25.57 -50.29 18.11
C ASN E 538 -24.42 -50.37 17.11
N SER E 539 -24.70 -50.22 15.82
CA SER E 539 -23.70 -50.54 14.82
C SER E 539 -22.90 -49.32 14.39
N PHE E 540 -23.36 -48.12 14.69
CA PHE E 540 -22.79 -46.94 14.09
C PHE E 540 -21.88 -46.20 15.06
N ILE E 541 -20.82 -45.63 14.50
CA ILE E 541 -19.84 -44.90 15.29
C ILE E 541 -19.34 -43.71 14.47
N GLY E 542 -18.78 -42.73 15.16
CA GLY E 542 -18.36 -41.51 14.53
C GLY E 542 -19.27 -40.36 14.93
N TRP E 543 -19.82 -40.44 16.13
CA TRP E 543 -20.75 -39.43 16.63
C TRP E 543 -20.78 -39.49 18.14
N SER E 544 -20.96 -38.34 18.76
CA SER E 544 -21.08 -38.24 20.21
C SER E 544 -22.25 -37.33 20.52
N HIS E 545 -22.74 -37.38 21.74
CA HIS E 545 -23.92 -36.60 22.07
C HIS E 545 -23.71 -35.87 23.38
N ASP E 546 -24.45 -34.78 23.54
CA ASP E 546 -24.17 -33.81 24.58
C ASP E 546 -25.42 -32.98 24.83
N THR E 547 -25.50 -32.37 26.01
CA THR E 547 -26.61 -31.50 26.36
C THR E 547 -26.33 -30.06 25.94
N CYS E 548 -27.38 -29.24 25.99
CA CYS E 548 -27.28 -27.82 25.65
C CYS E 548 -27.56 -26.92 26.84
N LEU E 549 -27.86 -27.48 28.00
CA LEU E 549 -28.43 -26.72 29.11
C LEU E 549 -27.34 -25.88 29.77
N VAL E 550 -27.34 -24.58 29.49
CA VAL E 550 -26.45 -23.62 30.13
C VAL E 550 -27.34 -22.66 30.92
N ASN E 551 -27.34 -22.85 32.25
CA ASN E 551 -28.14 -22.08 33.21
C ASN E 551 -29.62 -22.12 32.85
N ASP E 552 -30.09 -23.35 32.61
CA ASP E 552 -31.46 -23.69 32.20
C ASP E 552 -31.88 -23.01 30.89
N ARG E 553 -30.91 -22.63 30.07
CA ARG E 553 -31.17 -22.09 28.74
C ARG E 553 -30.33 -22.90 27.76
N CYS E 554 -30.92 -23.25 26.61
CA CYS E 554 -30.18 -23.98 25.58
C CYS E 554 -29.79 -23.02 24.48
N GLN E 555 -28.52 -23.01 24.14
CA GLN E 555 -28.05 -22.13 23.09
C GLN E 555 -28.60 -22.58 21.75
N ILE E 556 -28.90 -21.59 20.91
CA ILE E 556 -29.31 -21.86 19.54
C ILE E 556 -28.46 -21.01 18.63
N PHE E 557 -27.53 -21.63 17.93
CA PHE E 557 -26.82 -20.97 16.86
C PHE E 557 -27.82 -20.66 15.76
N ALA E 558 -27.59 -19.57 15.05
CA ALA E 558 -28.49 -19.19 13.98
C ALA E 558 -27.73 -18.36 12.96
N ASN E 559 -27.30 -18.99 11.88
CA ASN E 559 -26.71 -18.24 10.79
C ASN E 559 -27.82 -17.52 10.05
N ILE E 560 -27.57 -16.29 9.65
CA ILE E 560 -28.52 -15.51 8.87
C ILE E 560 -27.84 -15.17 7.56
N LEU E 561 -28.04 -16.00 6.55
CA LEU E 561 -27.46 -15.75 5.24
C LEU E 561 -28.29 -14.71 4.50
N LEU E 562 -27.61 -13.83 3.78
CA LEU E 562 -28.28 -12.78 3.02
C LEU E 562 -28.00 -13.01 1.54
N ASN E 563 -28.82 -13.83 0.92
CA ASN E 563 -28.67 -14.13 -0.49
C ASN E 563 -29.09 -12.94 -1.34
N GLY E 564 -28.22 -12.52 -2.24
CA GLY E 564 -28.56 -11.47 -3.17
C GLY E 564 -28.65 -10.11 -2.52
N ILE E 565 -27.52 -9.55 -2.13
CA ILE E 565 -27.51 -8.19 -1.60
C ILE E 565 -27.62 -7.20 -2.76
N ASN E 566 -27.98 -5.95 -2.43
CA ASN E 566 -28.08 -4.79 -3.31
C ASN E 566 -29.19 -4.91 -4.34
N SER E 567 -30.24 -5.67 -4.04
CA SER E 567 -31.44 -5.75 -4.87
C SER E 567 -32.55 -6.34 -4.01
N GLY E 568 -33.63 -6.72 -4.65
CA GLY E 568 -34.64 -7.56 -4.00
C GLY E 568 -35.80 -6.77 -3.47
N THR E 569 -36.71 -7.52 -2.86
CA THR E 569 -37.98 -6.97 -2.39
C THR E 569 -38.06 -6.90 -0.88
N THR E 570 -37.37 -7.81 -0.18
CA THR E 570 -37.45 -7.84 1.27
C THR E 570 -36.66 -6.70 1.89
N CYS E 571 -37.35 -5.81 2.57
CA CYS E 571 -36.73 -4.73 3.34
C CYS E 571 -37.58 -4.39 4.54
N SER E 572 -37.15 -3.36 5.25
CA SER E 572 -37.57 -3.10 6.61
C SER E 572 -38.41 -1.83 6.70
N THR E 573 -39.49 -1.92 7.46
CA THR E 573 -40.36 -0.79 7.70
C THR E 573 -40.08 -0.13 9.04
N ASP E 574 -38.84 -0.18 9.51
CA ASP E 574 -38.47 0.50 10.74
C ASP E 574 -38.22 1.98 10.49
N LEU E 575 -37.30 2.29 9.58
CA LEU E 575 -37.09 3.66 9.13
C LEU E 575 -38.19 4.00 8.16
N GLN E 576 -39.38 4.27 8.70
CA GLN E 576 -40.59 4.33 7.90
C GLN E 576 -40.73 5.70 7.25
N LEU E 577 -40.58 5.71 5.93
CA LEU E 577 -40.95 6.85 5.11
C LEU E 577 -41.67 6.30 3.88
N PRO E 578 -42.91 6.71 3.64
CA PRO E 578 -43.68 6.10 2.55
C PRO E 578 -43.16 6.48 1.18
N ASN E 579 -43.74 5.84 0.17
CA ASN E 579 -43.30 5.95 -1.22
C ASN E 579 -43.45 7.38 -1.74
N THR E 580 -42.70 7.66 -2.80
CA THR E 580 -42.76 8.96 -3.45
C THR E 580 -42.58 8.76 -4.94
N GLU E 581 -43.37 9.47 -5.73
CA GLU E 581 -43.33 9.31 -7.17
C GLU E 581 -42.05 9.93 -7.73
N VAL E 582 -41.63 9.41 -8.89
CA VAL E 582 -40.33 9.75 -9.47
C VAL E 582 -40.33 11.20 -9.97
N VAL E 583 -39.13 11.73 -10.16
CA VAL E 583 -38.91 13.10 -10.60
C VAL E 583 -37.95 13.06 -11.77
N THR E 584 -38.34 13.67 -12.87
CA THR E 584 -37.49 13.73 -14.05
C THR E 584 -36.78 15.07 -14.13
N GLY E 585 -35.67 15.10 -14.88
CA GLY E 585 -34.93 16.31 -15.13
C GLY E 585 -34.00 16.76 -14.04
N ILE E 586 -34.51 16.96 -12.82
CA ILE E 586 -33.74 17.52 -11.72
C ILE E 586 -33.00 16.37 -11.05
N CYS E 587 -31.69 16.53 -10.86
CA CYS E 587 -30.95 15.43 -10.24
C CYS E 587 -31.20 15.42 -8.74
N VAL E 588 -31.31 14.22 -8.19
CA VAL E 588 -32.08 14.01 -6.98
C VAL E 588 -31.56 12.76 -6.29
N LYS E 589 -31.62 12.73 -4.96
CA LYS E 589 -31.35 11.52 -4.21
C LYS E 589 -32.36 10.44 -4.54
N TYR E 590 -31.91 9.19 -4.42
CA TYR E 590 -32.85 8.07 -4.51
C TYR E 590 -32.37 6.95 -3.60
N ASP E 591 -33.31 6.06 -3.30
CA ASP E 591 -33.00 4.74 -2.74
C ASP E 591 -33.95 3.79 -3.48
N LEU E 592 -33.50 3.27 -4.60
CA LEU E 592 -34.34 2.43 -5.45
C LEU E 592 -34.13 0.99 -5.04
N TYR E 593 -35.10 0.45 -4.30
CA TYR E 593 -35.13 -0.94 -3.86
C TYR E 593 -33.89 -1.34 -3.08
N GLY E 594 -33.29 -0.40 -2.35
CA GLY E 594 -32.06 -0.72 -1.66
C GLY E 594 -30.82 -0.09 -2.26
N ILE E 595 -30.81 0.07 -3.58
CA ILE E 595 -29.65 0.68 -4.23
C ILE E 595 -29.64 2.15 -3.90
N THR E 596 -28.53 2.63 -3.35
CA THR E 596 -28.38 4.03 -3.01
C THR E 596 -27.59 4.77 -4.09
N GLY E 597 -28.04 5.97 -4.41
CA GLY E 597 -27.33 6.80 -5.36
C GLY E 597 -28.12 8.06 -5.64
N GLN E 598 -27.54 8.91 -6.48
CA GLN E 598 -28.18 10.18 -6.81
C GLN E 598 -27.93 10.48 -8.28
N GLY E 599 -28.89 11.15 -8.91
CA GLY E 599 -28.80 11.49 -10.32
C GLY E 599 -30.14 11.88 -10.92
N VAL E 600 -30.24 11.87 -12.24
CA VAL E 600 -31.46 12.28 -12.92
C VAL E 600 -32.26 11.03 -13.25
N PHE E 601 -33.50 11.24 -13.66
CA PHE E 601 -34.32 10.18 -14.23
C PHE E 601 -34.87 10.66 -15.56
N LYS E 602 -34.73 9.83 -16.58
CA LYS E 602 -35.18 10.17 -17.93
C LYS E 602 -36.00 8.98 -18.43
N GLU E 603 -37.28 9.19 -18.66
CA GLU E 603 -38.13 8.07 -19.03
C GLU E 603 -37.98 7.75 -20.52
N VAL E 604 -37.55 6.53 -20.80
CA VAL E 604 -37.35 6.05 -22.17
C VAL E 604 -37.98 4.68 -22.26
N LYS E 605 -38.76 4.45 -23.32
CA LYS E 605 -39.46 3.18 -23.53
C LYS E 605 -38.44 2.10 -23.92
N ALA E 606 -37.94 1.40 -22.91
CA ALA E 606 -36.95 0.36 -23.13
C ALA E 606 -37.62 -0.95 -23.51
N ASP E 607 -36.85 -2.03 -23.48
CA ASP E 607 -37.32 -3.32 -23.95
C ASP E 607 -36.47 -4.43 -23.34
N TYR E 608 -37.04 -5.64 -23.37
CA TYR E 608 -36.35 -6.92 -23.14
C TYR E 608 -35.81 -7.04 -21.71
N TYR E 609 -36.55 -6.51 -20.76
CA TYR E 609 -36.36 -6.88 -19.36
C TYR E 609 -37.28 -8.05 -19.05
N ASN E 610 -36.72 -9.26 -19.01
CA ASN E 610 -37.51 -10.46 -19.32
C ASN E 610 -38.61 -10.73 -18.31
N SER E 611 -38.27 -11.27 -17.15
CA SER E 611 -39.23 -11.27 -16.05
C SER E 611 -38.54 -10.98 -14.74
N TRP E 612 -37.37 -11.57 -14.57
CA TRP E 612 -36.64 -11.43 -13.33
C TRP E 612 -35.61 -10.33 -13.40
N GLN E 613 -34.98 -10.18 -14.54
CA GLN E 613 -33.93 -9.20 -14.71
C GLN E 613 -34.56 -7.80 -14.76
N THR E 614 -34.25 -6.98 -13.77
CA THR E 614 -34.85 -5.66 -13.65
C THR E 614 -33.87 -4.51 -13.70
N LEU E 615 -32.74 -4.60 -13.03
CA LEU E 615 -31.82 -3.47 -12.88
C LEU E 615 -30.73 -3.58 -13.92
N LEU E 616 -30.52 -2.50 -14.66
CA LEU E 616 -29.60 -2.47 -15.79
C LEU E 616 -28.30 -1.84 -15.33
N TYR E 617 -27.30 -2.68 -15.09
CA TYR E 617 -25.97 -2.19 -14.79
C TYR E 617 -25.17 -2.00 -16.06
N ASP E 618 -24.12 -1.18 -15.97
CA ASP E 618 -23.19 -1.04 -17.08
C ASP E 618 -22.01 -1.98 -16.90
N VAL E 619 -20.94 -1.75 -17.67
CA VAL E 619 -19.75 -2.58 -17.57
C VAL E 619 -19.00 -2.36 -16.25
N ASN E 620 -19.07 -1.15 -15.68
CA ASN E 620 -18.24 -0.79 -14.54
C ASN E 620 -18.94 -0.89 -13.20
N GLY E 621 -20.06 -1.61 -13.11
CA GLY E 621 -20.72 -1.74 -11.83
C GLY E 621 -21.46 -0.51 -11.36
N ASN E 622 -21.66 0.47 -12.24
CA ASN E 622 -22.54 1.59 -11.93
C ASN E 622 -23.96 1.18 -12.27
N LEU E 623 -24.93 1.91 -11.73
CA LEU E 623 -26.31 1.67 -12.14
C LEU E 623 -26.63 2.56 -13.32
N ASN E 624 -27.07 1.95 -14.42
CA ASN E 624 -27.29 2.68 -15.66
C ASN E 624 -28.72 2.55 -16.15
N GLY E 625 -29.57 1.84 -15.44
CA GLY E 625 -30.93 1.65 -15.88
C GLY E 625 -31.77 0.85 -14.92
N PHE E 626 -33.06 1.12 -14.88
CA PHE E 626 -33.89 0.70 -13.76
C PHE E 626 -35.31 0.46 -14.24
N ARG E 627 -35.96 -0.54 -13.68
CA ARG E 627 -37.36 -0.81 -13.93
C ARG E 627 -38.09 -0.84 -12.59
N ASP E 628 -39.18 -0.10 -12.48
CA ASP E 628 -39.98 -0.14 -11.27
C ASP E 628 -40.86 -1.37 -11.28
N LEU E 629 -40.98 -2.02 -10.12
CA LEU E 629 -41.83 -3.21 -10.04
C LEU E 629 -43.30 -2.89 -9.86
N THR E 630 -43.63 -1.65 -9.47
CA THR E 630 -45.02 -1.33 -9.19
C THR E 630 -45.72 -0.62 -10.35
N THR E 631 -44.99 -0.21 -11.38
CA THR E 631 -45.60 0.50 -12.50
C THR E 631 -45.30 -0.10 -13.86
N ASN E 632 -44.40 -1.08 -13.96
CA ASN E 632 -43.93 -1.66 -15.21
C ASN E 632 -43.40 -0.61 -16.18
N LYS E 633 -42.70 0.39 -15.66
CA LYS E 633 -42.13 1.45 -16.47
C LYS E 633 -40.61 1.38 -16.45
N THR E 634 -39.98 2.11 -17.36
CA THR E 634 -38.54 2.04 -17.56
C THR E 634 -37.93 3.42 -17.41
N TYR E 635 -36.65 3.45 -17.02
CA TYR E 635 -35.91 4.68 -16.82
C TYR E 635 -34.45 4.46 -17.15
N THR E 636 -33.72 5.56 -17.25
CA THR E 636 -32.29 5.53 -17.53
C THR E 636 -31.62 6.64 -16.75
N ILE E 637 -30.57 6.31 -16.00
CA ILE E 637 -30.07 7.13 -14.92
C ILE E 637 -28.72 7.72 -15.30
N ARG E 638 -28.57 9.01 -15.06
CA ARG E 638 -27.35 9.74 -15.33
C ARG E 638 -27.15 10.74 -14.20
N SER E 639 -25.91 10.90 -13.75
CA SER E 639 -25.69 11.76 -12.60
C SER E 639 -25.41 13.20 -13.04
N CYS E 640 -25.45 14.10 -12.06
CA CYS E 640 -25.11 15.49 -12.25
C CYS E 640 -23.73 15.76 -11.67
N TYR E 641 -23.16 16.91 -12.02
CA TYR E 641 -21.72 17.11 -11.88
C TYR E 641 -21.39 18.59 -11.80
N SER E 642 -20.14 18.87 -11.42
CA SER E 642 -19.48 20.15 -11.64
C SER E 642 -17.99 20.01 -11.37
N GLY E 643 -17.24 21.02 -11.78
CA GLY E 643 -15.83 21.17 -11.47
C GLY E 643 -15.37 22.54 -11.95
N ARG E 644 -14.70 23.32 -11.10
CA ARG E 644 -14.44 24.72 -11.39
C ARG E 644 -12.95 25.02 -11.35
N VAL E 645 -12.56 26.04 -12.11
CA VAL E 645 -11.17 26.43 -12.26
C VAL E 645 -11.17 27.96 -12.17
N SER E 646 -10.12 28.53 -11.56
CA SER E 646 -10.07 29.97 -11.41
C SER E 646 -8.71 30.52 -11.82
N ALA E 647 -8.71 31.49 -12.72
CA ALA E 647 -7.53 32.32 -12.98
C ALA E 647 -7.52 33.49 -12.01
N ALA E 648 -7.01 33.21 -10.82
CA ALA E 648 -7.47 33.96 -9.66
C ALA E 648 -6.80 35.31 -9.53
N PHE E 649 -5.51 35.31 -9.25
CA PHE E 649 -4.97 36.37 -8.44
C PHE E 649 -3.85 37.13 -9.13
N HIS E 650 -3.60 38.31 -8.62
CA HIS E 650 -2.30 38.91 -8.59
C HIS E 650 -2.06 39.34 -7.16
N LYS E 651 -0.93 39.98 -6.92
CA LYS E 651 -0.59 40.48 -5.60
C LYS E 651 -1.51 41.65 -5.24
N ASP E 652 -2.07 42.29 -6.25
CA ASP E 652 -2.97 43.41 -6.05
C ASP E 652 -4.44 43.00 -6.12
N ALA E 653 -4.74 41.74 -6.36
CA ALA E 653 -6.13 41.37 -6.59
C ALA E 653 -6.81 41.02 -5.28
N PRO E 654 -7.94 41.63 -4.97
CA PRO E 654 -8.72 41.18 -3.81
C PRO E 654 -9.67 40.06 -4.17
N GLU E 655 -10.05 39.98 -5.44
CA GLU E 655 -11.09 39.09 -5.92
C GLU E 655 -10.59 38.30 -7.11
N PRO E 656 -10.96 37.04 -7.22
CA PRO E 656 -10.47 36.21 -8.31
C PRO E 656 -11.34 36.33 -9.53
N ALA E 657 -11.03 35.56 -10.56
CA ALA E 657 -11.87 35.45 -11.73
C ALA E 657 -12.27 33.99 -11.91
N LEU E 658 -13.57 33.74 -11.89
CA LEU E 658 -14.03 32.37 -12.03
C LEU E 658 -13.90 31.92 -13.48
N LEU E 659 -14.04 30.61 -13.67
CA LEU E 659 -14.12 30.01 -14.99
C LEU E 659 -14.82 28.68 -14.85
N TYR E 660 -15.93 28.51 -15.55
CA TYR E 660 -16.56 27.21 -15.63
C TYR E 660 -16.29 26.65 -17.02
N ARG E 661 -15.63 25.51 -17.09
CA ARG E 661 -15.24 24.95 -18.37
C ARG E 661 -16.41 24.18 -18.97
N ASN E 662 -16.75 24.55 -20.21
CA ASN E 662 -17.58 23.76 -21.11
C ASN E 662 -19.02 23.61 -20.60
N ILE E 663 -19.57 24.71 -20.08
CA ILE E 663 -20.95 24.79 -19.63
C ILE E 663 -21.53 26.11 -20.14
N ASN E 664 -22.73 26.06 -20.72
CA ASN E 664 -23.45 27.29 -21.04
C ASN E 664 -23.82 28.03 -19.77
N CYS E 665 -23.85 29.37 -19.86
CA CYS E 665 -24.12 30.20 -18.70
C CYS E 665 -25.55 30.03 -18.21
N SER E 666 -26.47 29.72 -19.13
CA SER E 666 -27.86 29.51 -18.73
C SER E 666 -28.00 28.23 -17.93
N TYR E 667 -27.10 27.26 -18.16
CA TYR E 667 -27.12 26.06 -17.35
C TYR E 667 -26.56 26.31 -15.96
N VAL E 668 -25.78 27.36 -15.77
CA VAL E 668 -25.15 27.61 -14.48
C VAL E 668 -26.18 28.09 -13.46
N PHE E 669 -26.78 29.25 -13.71
CA PHE E 669 -27.58 29.88 -12.69
C PHE E 669 -28.96 29.26 -12.57
N SER E 670 -29.35 28.43 -13.53
CA SER E 670 -30.61 27.71 -13.41
C SER E 670 -30.50 26.60 -12.38
N ASN E 671 -29.36 25.93 -12.30
CA ASN E 671 -29.19 24.83 -11.36
C ASN E 671 -28.78 25.28 -9.97
N ASN E 672 -28.62 26.59 -9.76
CA ASN E 672 -27.91 27.16 -8.61
C ASN E 672 -26.54 26.53 -8.46
N ILE E 673 -25.74 26.64 -9.52
CA ILE E 673 -24.40 26.05 -9.50
C ILE E 673 -23.46 26.87 -8.62
N SER E 674 -23.35 28.16 -8.93
CA SER E 674 -22.30 28.99 -8.36
C SER E 674 -22.55 29.26 -6.89
N ARG E 675 -21.56 28.94 -6.06
CA ARG E 675 -21.65 29.27 -4.65
C ARG E 675 -21.49 30.76 -4.39
N GLU E 676 -20.98 31.50 -5.37
CA GLU E 676 -20.89 32.95 -5.31
C GLU E 676 -22.17 33.55 -5.88
N GLU E 677 -22.60 34.65 -5.29
CA GLU E 677 -23.68 35.44 -5.88
C GLU E 677 -23.23 36.00 -7.22
N ASN E 678 -24.18 36.20 -8.10
CA ASN E 678 -23.91 36.67 -9.45
C ASN E 678 -23.38 38.09 -9.46
N PRO E 679 -22.14 38.29 -9.81
CA PRO E 679 -21.61 39.65 -9.89
C PRO E 679 -21.91 40.23 -11.25
N LEU E 680 -21.32 41.38 -11.53
CA LEU E 680 -21.56 42.01 -12.82
C LEU E 680 -20.82 41.27 -13.92
N ASN E 681 -21.47 41.22 -15.09
CA ASN E 681 -20.88 40.82 -16.36
C ASN E 681 -20.36 39.37 -16.35
N TYR E 682 -21.28 38.44 -16.31
CA TYR E 682 -20.99 37.07 -16.74
C TYR E 682 -21.35 36.92 -18.21
N PHE E 683 -20.60 36.08 -18.90
CA PHE E 683 -20.91 35.79 -20.29
C PHE E 683 -20.34 34.43 -20.67
N ASP E 684 -20.94 33.82 -21.69
CA ASP E 684 -20.41 32.61 -22.31
C ASP E 684 -19.33 32.94 -23.31
N SER E 685 -18.33 32.06 -23.38
CA SER E 685 -17.26 32.17 -24.35
C SER E 685 -16.94 30.78 -24.86
N TYR E 686 -15.79 30.65 -25.50
CA TYR E 686 -15.44 29.39 -26.15
C TYR E 686 -15.12 28.30 -25.15
N LEU E 687 -14.55 28.65 -24.00
CA LEU E 687 -14.24 27.66 -22.98
C LEU E 687 -15.45 27.28 -22.15
N GLY E 688 -16.45 28.13 -22.09
CA GLY E 688 -17.58 27.91 -21.24
C GLY E 688 -18.00 29.20 -20.59
N CYS E 689 -18.80 29.07 -19.54
CA CYS E 689 -19.33 30.22 -18.83
C CYS E 689 -18.25 30.86 -18.00
N VAL E 690 -18.01 32.15 -18.24
CA VAL E 690 -16.97 32.90 -17.54
C VAL E 690 -17.67 33.91 -16.64
N VAL E 691 -17.43 33.78 -15.35
CA VAL E 691 -18.04 34.65 -14.35
C VAL E 691 -16.98 35.66 -13.94
N ASN E 692 -17.45 36.88 -13.62
CA ASN E 692 -16.64 37.94 -13.02
C ASN E 692 -15.51 38.38 -13.92
N ALA E 693 -15.73 38.37 -15.21
CA ALA E 693 -14.76 38.87 -16.17
C ALA E 693 -15.27 40.20 -16.70
N ASP E 694 -14.38 41.19 -16.77
CA ASP E 694 -14.78 42.55 -17.09
C ASP E 694 -15.11 42.74 -18.56
N ASN E 695 -14.68 41.84 -19.43
CA ASN E 695 -14.78 42.09 -20.85
C ASN E 695 -14.59 40.80 -21.62
N ARG E 696 -15.47 40.55 -22.57
CA ARG E 696 -15.16 39.66 -23.67
C ARG E 696 -14.20 40.40 -24.59
N THR E 697 -12.94 40.00 -24.57
CA THR E 697 -11.92 40.81 -25.22
C THR E 697 -11.31 40.05 -26.38
N ASP E 698 -11.18 40.75 -27.50
CA ASP E 698 -10.43 40.26 -28.64
C ASP E 698 -9.23 41.15 -28.94
N GLU E 699 -8.75 41.88 -27.94
CA GLU E 699 -7.48 42.58 -28.05
C GLU E 699 -6.32 41.59 -27.99
N ALA E 700 -5.12 42.07 -28.29
CA ALA E 700 -3.93 41.24 -28.24
C ALA E 700 -2.96 41.77 -27.19
N LEU E 701 -2.64 40.93 -26.21
CA LEU E 701 -1.59 41.23 -25.24
C LEU E 701 -0.54 40.14 -25.31
N PRO E 702 0.73 40.50 -25.49
CA PRO E 702 1.75 39.51 -25.89
C PRO E 702 2.57 38.89 -24.75
N ASN E 703 2.35 39.30 -23.52
CA ASN E 703 3.17 38.80 -22.41
C ASN E 703 2.30 38.42 -21.23
N CYS E 704 1.28 37.62 -21.51
CA CYS E 704 0.39 37.17 -20.46
C CYS E 704 1.11 36.19 -19.54
N ASP E 705 0.61 36.09 -18.31
CA ASP E 705 1.12 35.13 -17.34
C ASP E 705 0.06 34.12 -16.96
N LEU E 706 -1.13 34.55 -16.56
CA LEU E 706 -2.21 33.64 -16.24
C LEU E 706 -2.80 33.13 -17.54
N ARG E 707 -2.22 32.04 -18.04
CA ARG E 707 -2.76 31.41 -19.23
C ARG E 707 -3.86 30.44 -18.84
N MET E 708 -4.89 30.36 -19.67
CA MET E 708 -6.09 29.62 -19.30
C MET E 708 -6.79 29.18 -20.57
N GLY E 709 -6.83 27.89 -20.82
CA GLY E 709 -7.55 27.36 -21.95
C GLY E 709 -6.90 27.71 -23.28
N ALA E 710 -7.69 27.55 -24.34
CA ALA E 710 -7.18 27.72 -25.68
C ALA E 710 -6.95 29.17 -26.03
N GLY E 711 -5.74 29.67 -25.78
CA GLY E 711 -5.37 30.99 -26.19
C GLY E 711 -5.93 32.12 -25.38
N LEU E 712 -6.71 31.86 -24.34
CA LEU E 712 -7.34 32.93 -23.58
C LEU E 712 -6.46 33.32 -22.39
N CYS E 713 -6.40 34.61 -22.11
CA CYS E 713 -5.56 35.12 -21.04
C CYS E 713 -6.36 35.92 -20.04
N VAL E 714 -5.80 36.03 -18.84
CA VAL E 714 -6.36 36.79 -17.75
C VAL E 714 -5.23 37.66 -17.19
N ASP E 715 -5.44 38.97 -17.13
CA ASP E 715 -4.50 39.86 -16.48
C ASP E 715 -5.26 41.04 -15.90
N TYR E 716 -5.13 41.22 -14.59
CA TYR E 716 -5.99 42.12 -13.85
C TYR E 716 -5.30 43.46 -13.63
N SER E 717 -6.03 44.54 -13.89
CA SER E 717 -5.50 45.90 -13.77
C SER E 717 -6.43 46.71 -12.89
N LYS E 718 -5.85 47.36 -11.88
CA LYS E 718 -6.64 48.14 -10.93
C LYS E 718 -7.31 49.33 -11.58
N SER E 719 -6.70 49.86 -12.63
CA SER E 719 -7.22 51.08 -13.24
C SER E 719 -8.46 50.80 -14.06
N ARG E 720 -8.67 49.54 -14.45
CA ARG E 720 -9.87 49.24 -15.22
C ARG E 720 -11.12 49.23 -14.35
N ARG E 721 -10.99 48.90 -13.07
CA ARG E 721 -12.17 48.81 -12.22
C ARG E 721 -11.86 49.17 -10.78
N ALA E 722 -12.74 49.98 -10.21
CA ALA E 722 -12.75 50.28 -8.79
C ALA E 722 -14.20 50.40 -8.35
N HIS E 723 -14.48 50.07 -7.09
CA HIS E 723 -15.80 50.13 -6.46
C HIS E 723 -16.85 49.28 -7.14
N ARG E 724 -16.43 48.22 -7.84
CA ARG E 724 -17.31 47.19 -8.40
C ARG E 724 -18.32 47.76 -9.39
N SER E 725 -17.83 48.29 -10.50
CA SER E 725 -18.70 48.65 -11.61
C SER E 725 -18.23 48.09 -12.94
N VAL E 726 -16.94 47.82 -13.08
CA VAL E 726 -16.38 47.24 -14.29
C VAL E 726 -15.84 45.87 -13.86
N SER E 727 -16.56 45.24 -12.93
CA SER E 727 -16.48 43.81 -12.63
C SER E 727 -15.14 43.37 -12.08
N THR E 728 -14.48 44.25 -11.31
CA THR E 728 -13.16 44.06 -10.72
C THR E 728 -12.09 43.73 -11.75
N GLY E 729 -12.24 44.21 -12.99
CA GLY E 729 -11.15 44.38 -13.93
C GLY E 729 -10.42 43.14 -14.39
N TYR E 730 -11.15 42.16 -14.89
CA TYR E 730 -10.56 40.96 -15.44
C TYR E 730 -10.87 40.89 -16.92
N ARG E 731 -9.85 41.04 -17.74
CA ARG E 731 -10.02 41.09 -19.19
C ARG E 731 -9.67 39.74 -19.80
N LEU E 732 -10.64 39.10 -20.42
CA LEU E 732 -10.36 37.84 -21.11
C LEU E 732 -9.72 38.10 -22.46
N THR E 733 -8.43 38.40 -22.48
CA THR E 733 -7.79 38.69 -23.75
C THR E 733 -7.19 37.44 -24.35
N THR E 734 -6.85 37.53 -25.63
CA THR E 734 -6.34 36.41 -26.40
C THR E 734 -4.83 36.38 -26.31
N PHE E 735 -4.28 35.24 -25.90
CA PHE E 735 -2.84 35.11 -25.79
C PHE E 735 -2.20 34.95 -27.14
N GLU E 736 -1.12 35.68 -27.37
CA GLU E 736 -0.43 35.66 -28.64
C GLU E 736 1.02 36.10 -28.44
N PRO E 737 2.00 35.17 -28.39
CA PRO E 737 3.36 35.55 -28.03
C PRO E 737 4.06 36.47 -29.01
N TYR E 738 4.06 36.15 -30.30
CA TYR E 738 4.61 37.06 -31.29
C TYR E 738 3.78 37.02 -32.57
N THR E 739 3.86 38.12 -33.32
CA THR E 739 3.37 38.19 -34.69
C THR E 739 4.10 39.32 -35.37
N PRO E 740 4.84 39.04 -36.44
CA PRO E 740 5.56 40.10 -37.15
C PRO E 740 4.64 40.88 -38.09
N MET E 741 5.18 41.97 -38.64
CA MET E 741 4.46 42.80 -39.60
C MET E 741 5.46 43.69 -40.34
N LEU E 742 5.24 43.83 -41.65
CA LEU E 742 5.99 44.72 -42.54
C LEU E 742 5.16 44.91 -43.82
N VAL E 743 5.78 45.46 -44.88
CA VAL E 743 5.05 45.95 -46.05
C VAL E 743 5.57 45.34 -47.35
N ASN E 744 4.85 45.63 -48.43
CA ASN E 744 5.28 45.49 -49.84
C ASN E 744 5.59 44.05 -50.26
N ASP E 745 4.52 43.27 -50.38
CA ASP E 745 4.58 41.87 -50.77
C ASP E 745 4.44 41.68 -52.28
N SER E 746 5.06 40.60 -52.78
CA SER E 746 4.69 39.89 -54.02
C SER E 746 4.64 40.77 -55.26
N VAL E 747 5.62 41.65 -55.40
CA VAL E 747 5.68 42.58 -56.52
C VAL E 747 6.32 41.79 -57.67
N GLN E 748 6.40 42.40 -58.87
CA GLN E 748 6.76 41.79 -60.14
C GLN E 748 8.24 41.43 -60.26
N SER E 749 8.71 41.30 -61.51
CA SER E 749 10.07 40.90 -61.88
C SER E 749 11.18 41.52 -61.03
N VAL E 750 11.06 42.79 -60.68
CA VAL E 750 11.90 43.36 -59.64
C VAL E 750 11.26 42.99 -58.31
N ASP E 751 11.70 41.89 -57.72
CA ASP E 751 10.91 41.24 -56.68
C ASP E 751 10.93 42.00 -55.37
N GLY E 752 9.80 42.61 -55.05
CA GLY E 752 9.51 43.17 -53.76
C GLY E 752 10.41 44.29 -53.32
N LEU E 753 10.27 44.67 -52.06
CA LEU E 753 11.12 45.68 -51.49
C LEU E 753 11.65 45.13 -50.18
N TYR E 754 12.96 45.20 -50.02
CA TYR E 754 13.60 44.63 -48.85
C TYR E 754 13.38 45.52 -47.65
N GLU E 755 12.77 44.96 -46.63
CA GLU E 755 12.65 45.66 -45.37
C GLU E 755 13.94 45.66 -44.59
N MET E 756 14.82 44.68 -44.80
CA MET E 756 16.03 44.47 -44.00
C MET E 756 17.31 44.70 -44.80
N GLN E 757 17.37 45.77 -45.57
CA GLN E 757 18.67 46.20 -46.09
C GLN E 757 19.21 47.22 -45.10
N ILE E 758 19.71 46.73 -43.98
CA ILE E 758 19.91 47.60 -42.83
C ILE E 758 21.32 48.17 -42.84
N PRO E 759 21.51 49.51 -42.88
CA PRO E 759 22.84 50.09 -42.69
C PRO E 759 23.19 50.40 -41.25
N THR E 760 22.51 49.79 -40.28
CA THR E 760 22.47 50.28 -38.91
C THR E 760 23.81 50.23 -38.21
N ASN E 761 23.85 50.90 -37.07
CA ASN E 761 24.73 50.51 -36.00
C ASN E 761 24.17 49.24 -35.37
N PHE E 762 24.98 48.18 -35.37
CA PHE E 762 24.55 46.86 -34.93
C PHE E 762 24.51 46.88 -33.41
N THR E 763 23.31 46.85 -32.85
CA THR E 763 23.26 46.55 -31.43
C THR E 763 23.46 45.05 -31.25
N ILE E 764 23.77 44.65 -30.04
CA ILE E 764 24.00 43.24 -29.74
C ILE E 764 23.18 42.92 -28.50
N GLY E 765 22.12 42.15 -28.69
CA GLY E 765 21.27 41.77 -27.60
C GLY E 765 21.99 40.81 -26.69
N HIS E 766 21.90 41.07 -25.39
CA HIS E 766 22.59 40.23 -24.42
C HIS E 766 21.96 38.86 -24.36
N HIS E 767 20.68 38.80 -23.99
CA HIS E 767 19.80 37.66 -24.21
C HIS E 767 20.30 36.40 -23.48
N GLU E 768 20.37 36.52 -22.16
CA GLU E 768 20.92 35.42 -21.36
C GLU E 768 19.97 34.23 -21.33
N GLU E 769 20.52 33.05 -21.52
CA GLU E 769 19.76 31.81 -21.52
C GLU E 769 20.34 30.89 -20.48
N PHE E 770 19.51 30.46 -19.53
CA PHE E 770 19.99 29.57 -18.48
C PHE E 770 19.62 28.14 -18.83
N ILE E 771 20.50 27.21 -18.51
CA ILE E 771 20.29 25.80 -18.82
C ILE E 771 20.69 24.96 -17.62
N GLN E 772 19.79 24.07 -17.20
CA GLN E 772 20.06 23.15 -16.09
C GLN E 772 21.20 22.20 -16.45
N THR E 773 21.96 21.76 -15.45
CA THR E 773 22.84 20.63 -15.70
C THR E 773 22.87 19.62 -14.57
N ARG E 774 22.37 19.95 -13.38
CA ARG E 774 22.40 19.01 -12.27
C ARG E 774 21.33 19.42 -11.27
N SER E 775 20.73 18.44 -10.65
CA SER E 775 19.79 18.70 -9.58
C SER E 775 20.61 18.83 -8.31
N PRO E 776 20.03 19.34 -7.22
CA PRO E 776 20.56 19.03 -5.88
C PRO E 776 20.67 17.53 -5.70
N LYS E 777 21.87 17.07 -5.37
CA LYS E 777 22.08 15.66 -5.08
C LYS E 777 21.34 15.29 -3.81
N VAL E 778 20.51 14.26 -3.91
CA VAL E 778 19.70 13.85 -2.78
C VAL E 778 20.11 12.45 -2.39
N THR E 779 20.35 12.26 -1.09
CA THR E 779 20.38 10.92 -0.53
C THR E 779 19.28 10.81 0.50
N ILE E 780 18.83 9.59 0.71
CA ILE E 780 17.81 9.29 1.70
C ILE E 780 18.20 7.97 2.34
N ASP E 781 18.46 8.00 3.63
CA ASP E 781 18.65 6.77 4.36
C ASP E 781 17.27 6.17 4.54
N CYS E 782 17.15 4.87 4.26
CA CYS E 782 15.85 4.23 4.40
C CYS E 782 15.43 4.14 5.85
N ALA E 783 16.39 3.90 6.74
CA ALA E 783 16.03 3.62 8.12
C ALA E 783 15.66 4.90 8.88
N ALA E 784 16.39 5.98 8.64
CA ALA E 784 16.18 7.20 9.40
C ALA E 784 14.88 7.87 8.99
N PHE E 785 14.45 7.65 7.76
CA PHE E 785 13.28 8.37 7.29
C PHE E 785 11.99 7.68 7.69
N VAL E 786 11.89 6.37 7.50
CA VAL E 786 10.64 5.70 7.75
C VAL E 786 10.48 5.42 9.24
N CYS E 787 11.61 5.28 9.94
CA CYS E 787 11.59 4.94 11.34
C CYS E 787 12.27 6.02 12.16
N GLY E 788 11.92 6.06 13.45
CA GLY E 788 12.71 6.79 14.41
C GLY E 788 13.92 5.99 14.82
N ASP E 789 14.57 6.46 15.89
CA ASP E 789 15.73 5.74 16.39
C ASP E 789 15.36 4.58 17.30
N ASN E 790 14.07 4.41 17.59
CA ASN E 790 13.61 3.34 18.46
C ASN E 790 13.79 2.00 17.79
N THR E 791 14.12 0.99 18.60
CA THR E 791 14.45 -0.32 18.05
C THR E 791 13.23 -1.10 17.62
N ALA E 792 12.02 -0.64 17.97
CA ALA E 792 10.84 -1.38 17.57
C ALA E 792 10.48 -1.16 16.11
N CYS E 793 11.06 -0.15 15.47
CA CYS E 793 10.80 0.06 14.06
C CYS E 793 11.88 -0.55 13.18
N ARG E 794 13.08 -0.72 13.72
CA ARG E 794 14.14 -1.38 12.95
C ARG E 794 13.83 -2.85 12.71
N GLN E 795 13.16 -3.49 13.66
CA GLN E 795 12.82 -4.90 13.49
C GLN E 795 11.73 -5.08 12.45
N GLN E 796 10.78 -4.16 12.40
CA GLN E 796 9.74 -4.27 11.38
C GLN E 796 10.27 -3.85 10.02
N LEU E 797 11.29 -3.00 9.99
CA LEU E 797 11.80 -2.55 8.72
C LEU E 797 12.59 -3.64 8.01
N VAL E 798 13.24 -4.53 8.75
CA VAL E 798 14.11 -5.52 8.11
C VAL E 798 13.28 -6.57 7.39
N GLU E 799 11.98 -6.67 7.70
CA GLU E 799 11.10 -7.48 6.87
C GLU E 799 10.72 -6.76 5.58
N TYR E 800 10.91 -5.45 5.50
CA TYR E 800 10.75 -4.74 4.24
C TYR E 800 12.09 -4.45 3.61
N GLY E 801 13.07 -5.31 3.87
CA GLY E 801 14.47 -4.96 3.63
C GLY E 801 14.82 -4.84 2.17
N SER E 802 13.99 -5.39 1.29
CA SER E 802 14.25 -5.22 -0.14
C SER E 802 13.89 -3.82 -0.60
N PHE E 803 12.99 -3.13 0.11
CA PHE E 803 12.67 -1.75 -0.22
C PHE E 803 13.86 -0.84 0.04
N CYS E 804 14.53 -1.07 1.17
CA CYS E 804 15.60 -0.17 1.58
C CYS E 804 16.83 -0.34 0.71
N VAL E 805 17.04 -1.54 0.19
CA VAL E 805 18.14 -1.75 -0.73
C VAL E 805 17.71 -1.34 -2.14
N ASN E 806 16.42 -1.15 -2.36
CA ASN E 806 15.97 -0.61 -3.64
C ASN E 806 16.17 0.89 -3.69
N VAL E 807 15.74 1.59 -2.64
CA VAL E 807 15.73 3.05 -2.66
C VAL E 807 17.15 3.58 -2.55
N ASN E 808 18.04 2.82 -1.91
CA ASN E 808 19.44 3.22 -1.90
C ASN E 808 20.13 2.89 -3.21
N ALA E 809 19.57 1.98 -4.00
CA ALA E 809 20.16 1.67 -5.29
C ALA E 809 19.71 2.65 -6.35
N ILE E 810 18.45 3.08 -6.27
CA ILE E 810 17.90 3.95 -7.30
C ILE E 810 18.52 5.33 -7.23
N LEU E 811 18.63 5.88 -6.03
CA LEU E 811 19.26 7.19 -5.87
C LEU E 811 20.74 7.15 -6.15
N ASN E 812 21.37 5.98 -5.97
CA ASN E 812 22.75 5.82 -6.39
C ASN E 812 22.86 5.86 -7.91
N GLU E 813 21.83 5.39 -8.61
CA GLU E 813 21.79 5.55 -10.05
C GLU E 813 21.56 7.01 -10.43
N VAL E 814 20.83 7.74 -9.59
CA VAL E 814 20.65 9.17 -9.83
C VAL E 814 21.95 9.91 -9.63
N ASN E 815 22.65 9.61 -8.53
CA ASN E 815 23.89 10.30 -8.23
C ASN E 815 24.99 9.94 -9.20
N ASN E 816 24.94 8.72 -9.76
CA ASN E 816 25.92 8.36 -10.77
C ASN E 816 25.62 9.06 -12.09
N LEU E 817 24.35 9.42 -12.33
CA LEU E 817 24.02 10.18 -13.53
C LEU E 817 24.48 11.63 -13.41
N LEU E 818 24.37 12.20 -12.21
CA LEU E 818 24.86 13.56 -12.01
C LEU E 818 26.38 13.58 -11.99
N ASP E 819 27.00 12.45 -11.63
CA ASP E 819 28.44 12.34 -11.73
C ASP E 819 28.86 12.37 -13.19
N ASN E 820 28.35 11.43 -13.99
CA ASN E 820 28.86 11.26 -15.35
C ASN E 820 28.37 12.35 -16.28
N MET E 821 27.40 13.16 -15.84
CA MET E 821 27.05 14.32 -16.65
C MET E 821 27.96 15.49 -16.32
N GLN E 822 28.07 15.85 -15.04
CA GLN E 822 28.83 17.03 -14.63
C GLN E 822 30.30 16.86 -14.93
N LEU E 823 30.81 15.63 -14.85
CA LEU E 823 32.16 15.35 -15.30
C LEU E 823 32.30 15.57 -16.80
N GLN E 824 31.25 15.27 -17.55
CA GLN E 824 31.30 15.52 -18.98
C GLN E 824 31.12 17.00 -19.28
N VAL E 825 30.37 17.71 -18.43
CA VAL E 825 30.33 19.17 -18.49
C VAL E 825 31.72 19.74 -18.29
N ALA E 826 32.48 19.15 -17.37
CA ALA E 826 33.89 19.49 -17.28
C ALA E 826 34.64 19.08 -18.54
N SER E 827 34.49 17.82 -18.96
CA SER E 827 35.40 17.23 -19.94
C SER E 827 35.21 17.81 -21.33
N ALA E 828 34.16 18.59 -21.54
CA ALA E 828 34.10 19.41 -22.73
C ALA E 828 34.89 20.70 -22.54
N LEU E 829 34.67 21.38 -21.41
CA LEU E 829 35.35 22.64 -21.16
C LEU E 829 36.81 22.41 -20.79
N MET E 830 37.04 21.45 -19.91
CA MET E 830 38.38 21.21 -19.39
C MET E 830 39.31 20.64 -20.45
N GLN E 831 38.73 20.07 -21.52
CA GLN E 831 39.48 19.69 -22.71
C GLN E 831 40.19 20.87 -23.34
N GLY E 832 39.69 22.08 -23.13
CA GLY E 832 40.39 23.32 -23.44
C GLY E 832 41.79 23.39 -22.89
N VAL E 833 42.66 24.04 -23.66
CA VAL E 833 44.11 24.01 -23.52
C VAL E 833 44.49 25.47 -23.41
N THR E 834 45.79 25.79 -23.58
CA THR E 834 46.40 27.11 -23.81
C THR E 834 46.52 27.89 -22.52
N ILE E 835 46.28 27.25 -21.38
CA ILE E 835 46.42 27.93 -20.09
C ILE E 835 47.92 27.91 -19.82
N SER E 836 48.60 28.96 -20.27
CA SER E 836 50.05 29.03 -20.20
C SER E 836 50.44 30.10 -19.18
N SER E 837 51.25 29.69 -18.21
CA SER E 837 51.43 30.52 -17.01
C SER E 837 52.36 31.70 -17.28
N ARG E 838 53.32 31.53 -18.17
CA ARG E 838 54.27 32.60 -18.45
C ARG E 838 53.63 33.71 -19.27
N SER E 861 49.88 33.69 -16.96
CA SER E 861 48.58 34.21 -16.58
C SER E 861 48.70 35.59 -15.96
N THR E 862 48.20 36.61 -16.66
CA THR E 862 48.14 37.97 -16.15
C THR E 862 46.70 38.44 -16.15
N CYS E 863 46.37 39.29 -15.18
CA CYS E 863 45.00 39.67 -14.87
C CYS E 863 44.60 41.00 -15.48
N ALA E 864 45.05 41.30 -16.70
CA ALA E 864 44.60 42.48 -17.43
C ALA E 864 44.33 42.08 -18.86
N GLU E 865 43.52 42.88 -19.56
CA GLU E 865 43.17 42.57 -20.94
C GLU E 865 44.30 43.01 -21.87
N ASP E 866 44.44 42.27 -22.97
CA ASP E 866 45.40 42.60 -24.01
C ASP E 866 44.73 42.79 -25.37
N GLY E 867 43.84 41.87 -25.74
CA GLY E 867 42.95 42.15 -26.85
C GLY E 867 41.99 43.27 -26.52
N ASN E 868 41.51 43.94 -27.57
CA ASN E 868 40.73 45.15 -27.35
C ASN E 868 39.32 44.89 -26.84
N GLY E 869 38.81 43.67 -26.96
CA GLY E 869 37.53 43.32 -26.44
C GLY E 869 37.51 43.42 -24.93
N PRO E 870 36.84 44.45 -24.43
CA PRO E 870 37.08 44.90 -23.05
C PRO E 870 36.35 44.04 -22.04
N SER E 871 36.75 44.22 -20.77
CA SER E 871 36.15 43.64 -19.58
C SER E 871 36.13 42.12 -19.56
N ALA E 872 36.82 41.46 -20.50
CA ALA E 872 36.83 40.01 -20.49
C ALA E 872 37.75 39.49 -19.41
N ILE E 873 38.55 40.37 -18.81
CA ILE E 873 39.14 40.06 -17.51
C ILE E 873 38.20 40.47 -16.39
N ARG E 874 37.45 41.55 -16.57
CA ARG E 874 36.54 42.00 -15.52
C ARG E 874 35.29 41.12 -15.48
N GLY E 875 34.56 41.04 -16.58
CA GLY E 875 33.38 40.19 -16.61
C GLY E 875 33.64 38.71 -16.75
N ARG E 876 34.87 38.26 -16.56
CA ARG E 876 35.14 36.82 -16.57
C ARG E 876 34.58 36.15 -15.33
N SER E 877 34.70 36.80 -14.17
CA SER E 877 34.17 36.26 -12.92
C SER E 877 33.46 37.31 -12.09
N ALA E 878 33.20 38.50 -12.64
CA ALA E 878 32.35 39.44 -11.93
C ALA E 878 30.90 38.98 -11.96
N ILE E 879 30.51 38.28 -13.03
CA ILE E 879 29.16 37.78 -13.13
C ILE E 879 28.96 36.59 -12.20
N GLU E 880 30.05 35.98 -11.74
CA GLU E 880 29.98 34.89 -10.77
C GLU E 880 29.34 35.34 -9.47
N ASP E 881 29.91 36.36 -8.82
CA ASP E 881 29.47 36.73 -7.48
C ASP E 881 28.11 37.41 -7.49
N LEU E 882 27.71 37.95 -8.64
CA LEU E 882 26.36 38.49 -8.73
C LEU E 882 25.31 37.39 -8.75
N LEU E 883 25.66 36.24 -9.33
CA LEU E 883 24.76 35.09 -9.32
C LEU E 883 24.60 34.53 -7.92
N PHE E 884 25.71 34.38 -7.21
CA PHE E 884 25.67 33.74 -5.90
C PHE E 884 25.08 34.68 -4.85
N ASP E 885 25.05 35.98 -5.14
CA ASP E 885 24.49 36.92 -4.18
C ASP E 885 22.97 36.79 -4.10
N LYS E 886 22.33 36.46 -5.23
CA LYS E 886 20.88 36.44 -5.26
C LYS E 886 20.34 35.18 -4.59
N VAL E 887 20.76 34.01 -5.07
CA VAL E 887 20.27 32.76 -4.53
C VAL E 887 20.90 32.51 -3.16
N LYS E 888 20.06 32.21 -2.18
CA LYS E 888 20.57 31.92 -0.85
C LYS E 888 21.14 30.51 -0.79
N LEU E 889 20.36 29.52 -1.23
CA LEU E 889 20.76 28.12 -1.12
C LEU E 889 21.54 27.68 -2.35
N SER E 890 22.66 28.33 -2.57
CA SER E 890 23.55 27.93 -3.65
C SER E 890 24.34 26.68 -3.24
N ASP E 891 25.25 26.27 -4.13
CA ASP E 891 25.92 24.99 -3.97
C ASP E 891 26.90 25.01 -2.81
N VAL E 892 27.72 26.05 -2.72
CA VAL E 892 28.67 26.11 -1.61
C VAL E 892 27.95 26.55 -0.34
N GLY E 893 26.77 27.16 -0.48
CA GLY E 893 26.06 27.66 0.69
C GLY E 893 25.35 26.58 1.47
N PHE E 894 25.22 25.38 0.91
CA PHE E 894 24.48 24.33 1.59
C PHE E 894 25.22 23.85 2.83
N VAL E 895 26.53 23.60 2.70
CA VAL E 895 27.30 23.12 3.83
C VAL E 895 27.49 24.21 4.87
N GLU E 896 27.46 25.47 4.42
CA GLU E 896 27.38 26.57 5.37
C GLU E 896 26.03 26.57 6.05
N ALA E 897 24.97 26.23 5.32
CA ALA E 897 23.66 26.14 5.95
C ALA E 897 23.54 24.92 6.83
N TYR E 898 24.37 23.91 6.59
CA TYR E 898 24.36 22.76 7.47
C TYR E 898 25.24 22.97 8.69
N ASN E 899 26.18 23.89 8.62
CA ASN E 899 27.11 24.03 9.74
C ASN E 899 26.51 24.83 10.88
N ASN E 900 25.52 25.68 10.59
CA ASN E 900 24.82 26.35 11.67
C ASN E 900 23.77 25.45 12.31
N CYS E 901 23.57 24.25 11.76
CA CYS E 901 22.56 23.34 12.29
C CYS E 901 23.02 22.64 13.56
N THR E 902 24.30 22.31 13.65
CA THR E 902 24.76 21.45 14.74
C THR E 902 24.88 22.20 16.06
N GLY E 903 25.19 23.49 16.00
CA GLY E 903 25.58 24.21 17.21
C GLY E 903 24.42 24.48 18.14
N GLY E 904 23.19 24.51 17.61
CA GLY E 904 22.04 24.76 18.44
C GLY E 904 21.75 26.23 18.60
N GLN E 905 22.10 27.02 17.58
CA GLN E 905 21.86 28.46 17.61
C GLN E 905 21.03 28.84 16.40
N GLU E 906 19.97 29.64 16.66
CA GLU E 906 19.05 30.16 15.64
C GLU E 906 18.42 29.02 14.84
N VAL E 907 18.16 27.90 15.50
CA VAL E 907 17.68 26.70 14.81
C VAL E 907 16.17 26.85 14.69
N ARG E 908 15.77 27.59 13.68
CA ARG E 908 14.39 27.79 13.31
C ARG E 908 14.15 27.50 11.84
N ASP E 909 15.21 27.39 11.05
CA ASP E 909 15.09 27.14 9.63
C ASP E 909 14.71 25.69 9.39
N LEU E 910 14.29 25.42 8.17
CA LEU E 910 13.77 24.10 7.81
C LEU E 910 14.85 23.15 7.31
N LEU E 911 16.01 23.65 6.92
CA LEU E 911 17.04 22.79 6.35
C LEU E 911 17.67 21.89 7.39
N CYS E 912 17.80 22.40 8.62
CA CYS E 912 18.36 21.59 9.70
C CYS E 912 17.41 20.48 10.10
N VAL E 913 16.11 20.68 9.89
CA VAL E 913 15.14 19.65 10.22
C VAL E 913 15.20 18.52 9.22
N GLN E 914 15.52 18.82 7.96
CA GLN E 914 15.56 17.77 6.94
C GLN E 914 16.76 16.86 7.16
N SER E 915 17.87 17.41 7.64
CA SER E 915 19.03 16.58 7.91
C SER E 915 18.82 15.71 9.14
N PHE E 916 17.91 16.11 10.02
CA PHE E 916 17.69 15.31 11.22
C PHE E 916 16.89 14.06 10.92
N ASN E 917 16.22 14.01 9.78
CA ASN E 917 15.53 12.81 9.35
C ASN E 917 16.15 12.20 8.11
N GLY E 918 17.44 12.42 7.89
CA GLY E 918 18.15 11.71 6.86
C GLY E 918 18.08 12.33 5.48
N ILE E 919 17.15 13.22 5.22
CA ILE E 919 17.08 13.81 3.90
C ILE E 919 18.03 14.98 3.89
N LYS E 920 19.28 14.74 3.58
CA LYS E 920 20.25 15.82 3.50
C LYS E 920 20.77 15.93 2.09
N VAL E 921 21.00 17.16 1.66
CA VAL E 921 21.58 17.38 0.35
C VAL E 921 23.07 17.06 0.43
N LEU E 922 23.56 16.38 -0.59
CA LEU E 922 24.98 16.15 -0.63
C LEU E 922 25.62 17.15 -1.56
N PRO E 923 26.88 17.48 -1.36
CA PRO E 923 27.60 18.27 -2.34
C PRO E 923 27.84 17.46 -3.59
N PRO E 924 28.06 18.09 -4.72
CA PRO E 924 28.40 17.34 -5.94
C PRO E 924 29.84 16.90 -5.94
N VAL E 925 30.30 16.28 -7.03
CA VAL E 925 31.65 15.76 -7.06
C VAL E 925 32.66 16.88 -7.18
N LEU E 926 32.57 17.66 -8.25
CA LEU E 926 33.45 18.79 -8.41
C LEU E 926 33.01 19.92 -7.50
N SER E 927 33.98 20.62 -6.93
CA SER E 927 33.67 21.83 -6.18
C SER E 927 33.27 22.94 -7.13
N GLU E 928 32.57 23.94 -6.60
CA GLU E 928 32.20 25.06 -7.44
C GLU E 928 33.37 25.97 -7.71
N SER E 929 34.41 25.91 -6.88
CA SER E 929 35.65 26.59 -7.23
C SER E 929 36.30 25.95 -8.44
N GLN E 930 36.18 24.63 -8.56
CA GLN E 930 36.87 23.92 -9.64
C GLN E 930 36.21 24.19 -10.98
N ILE E 931 34.88 24.19 -11.02
CA ILE E 931 34.18 24.46 -12.27
C ILE E 931 34.41 25.90 -12.69
N SER E 932 34.53 26.80 -11.71
CA SER E 932 34.81 28.19 -11.99
C SER E 932 36.18 28.36 -12.63
N GLY E 933 37.12 27.48 -12.28
CA GLY E 933 38.39 27.50 -12.96
C GLY E 933 38.29 27.00 -14.39
N TYR E 934 37.46 25.98 -14.62
CA TYR E 934 37.34 25.40 -15.95
C TYR E 934 36.61 26.35 -16.89
N THR E 935 35.61 27.06 -16.36
CA THR E 935 34.90 28.05 -17.17
C THR E 935 35.82 29.17 -17.56
N THR E 936 36.61 29.65 -16.60
CA THR E 936 37.71 30.57 -16.91
C THR E 936 38.69 29.93 -17.88
N GLY E 937 39.00 28.66 -17.69
CA GLY E 937 39.78 27.90 -18.65
C GLY E 937 39.09 27.83 -19.99
N ALA E 938 37.76 27.71 -19.97
CA ALA E 938 37.03 27.70 -21.23
C ALA E 938 37.01 29.08 -21.86
N THR E 939 36.84 30.12 -21.04
CA THR E 939 36.68 31.46 -21.58
C THR E 939 38.02 32.00 -22.08
N ALA E 940 39.07 31.85 -21.28
CA ALA E 940 40.38 32.31 -21.68
C ALA E 940 41.00 31.43 -22.75
N ALA E 941 40.38 30.29 -23.06
CA ALA E 941 40.77 29.52 -24.22
C ALA E 941 40.51 30.29 -25.51
N ALA E 942 39.60 31.27 -25.47
CA ALA E 942 39.42 32.20 -26.56
C ALA E 942 40.09 33.54 -26.33
N MET E 943 40.46 33.87 -25.09
CA MET E 943 40.89 35.23 -24.80
C MET E 943 42.39 35.45 -25.02
N PHE E 944 43.10 34.48 -25.59
CA PHE E 944 44.50 34.68 -25.98
C PHE E 944 44.64 34.49 -27.47
N PRO E 945 44.35 35.50 -28.28
CA PRO E 945 44.42 35.37 -29.75
C PRO E 945 45.82 35.05 -30.27
N PRO E 946 46.91 35.34 -29.52
CA PRO E 946 48.13 34.58 -29.78
C PRO E 946 47.93 33.08 -29.76
N TRP E 947 47.54 32.49 -28.64
CA TRP E 947 47.41 31.04 -28.67
C TRP E 947 46.13 30.63 -27.97
N SER E 948 45.23 30.06 -28.76
CA SER E 948 43.83 29.96 -28.42
C SER E 948 43.35 28.53 -28.66
N ALA E 949 42.36 28.11 -27.88
CA ALA E 949 41.80 26.77 -28.03
C ALA E 949 40.41 26.79 -28.62
N ALA E 950 40.03 27.89 -29.27
CA ALA E 950 38.75 27.98 -29.98
C ALA E 950 39.08 27.89 -31.46
N ALA E 951 39.19 26.65 -31.94
CA ALA E 951 39.58 26.27 -33.31
C ALA E 951 40.94 26.82 -33.73
N GLY E 952 41.78 27.24 -32.79
CA GLY E 952 43.06 27.81 -33.12
C GLY E 952 43.04 29.22 -33.68
N VAL E 953 41.86 29.82 -33.84
CA VAL E 953 41.78 31.09 -34.55
C VAL E 953 41.82 32.23 -33.55
N PRO E 954 42.48 33.33 -33.85
CA PRO E 954 42.52 34.47 -32.92
C PRO E 954 41.15 35.13 -32.76
N PHE E 955 40.94 35.72 -31.58
CA PHE E 955 39.61 36.15 -31.15
C PHE E 955 39.14 37.39 -31.87
N SER E 956 40.01 38.40 -31.97
CA SER E 956 39.66 39.63 -32.68
C SER E 956 39.47 39.35 -34.16
N LEU E 957 40.12 38.32 -34.68
CA LEU E 957 39.74 37.79 -35.97
C LEU E 957 38.41 37.06 -35.90
N SER E 958 38.13 36.37 -34.79
CA SER E 958 37.00 35.44 -34.75
C SER E 958 35.67 36.16 -34.71
N VAL E 959 35.66 37.41 -34.23
CA VAL E 959 34.43 38.19 -34.27
C VAL E 959 34.10 38.58 -35.70
N GLN E 960 35.09 38.62 -36.57
CA GLN E 960 34.82 39.01 -37.94
C GLN E 960 34.49 37.80 -38.81
N TYR E 961 34.30 36.62 -38.22
CA TYR E 961 34.03 35.47 -39.06
C TYR E 961 32.67 34.83 -38.81
N ARG E 962 32.17 34.82 -37.59
CA ARG E 962 30.81 34.36 -37.43
C ARG E 962 29.81 35.38 -37.96
N ILE E 963 30.19 36.65 -37.99
CA ILE E 963 29.44 37.63 -38.76
C ILE E 963 29.55 37.35 -40.26
N ASN E 964 30.68 36.84 -40.72
CA ASN E 964 30.92 36.77 -42.15
C ASN E 964 30.16 35.65 -42.84
N GLY E 965 29.41 34.85 -42.08
CA GLY E 965 28.36 34.08 -42.71
C GLY E 965 27.19 34.95 -43.12
N LEU E 966 26.99 36.06 -42.41
CA LEU E 966 25.87 36.95 -42.67
C LEU E 966 26.34 38.33 -43.12
N GLY E 967 27.14 39.01 -42.31
CA GLY E 967 27.68 40.30 -42.70
C GLY E 967 28.86 40.15 -43.63
N VAL E 968 29.38 41.26 -44.07
CA VAL E 968 30.46 41.24 -45.06
C VAL E 968 31.75 41.76 -44.42
N THR E 969 32.90 41.17 -44.81
CA THR E 969 34.17 41.54 -44.20
C THR E 969 34.57 42.95 -44.58
N MET E 970 34.28 43.33 -45.81
CA MET E 970 34.46 44.71 -46.23
C MET E 970 33.58 45.65 -45.42
N ASN E 971 32.43 45.16 -44.98
CA ASN E 971 31.43 46.03 -44.38
C ASN E 971 31.77 46.41 -42.97
N VAL E 972 32.37 45.47 -42.21
CA VAL E 972 32.81 45.83 -40.87
C VAL E 972 34.01 46.76 -40.95
N LEU E 973 34.69 46.81 -42.10
CA LEU E 973 35.70 47.79 -42.50
C LEU E 973 36.95 47.76 -41.63
N SER E 974 37.01 46.85 -40.65
CA SER E 974 37.66 46.94 -39.35
C SER E 974 37.13 48.10 -38.49
N GLU E 975 36.09 48.82 -38.94
CA GLU E 975 35.56 49.95 -38.18
C GLU E 975 34.68 49.46 -37.06
N ASN E 976 33.65 48.69 -37.41
CA ASN E 976 32.68 48.25 -36.43
C ASN E 976 33.22 47.22 -35.45
N GLN E 977 34.42 46.68 -35.72
CA GLN E 977 35.13 45.85 -34.76
C GLN E 977 35.36 46.59 -33.45
N LYS E 978 35.79 47.84 -33.55
CA LYS E 978 35.87 48.68 -32.36
C LYS E 978 34.48 49.02 -31.86
N MET E 979 33.52 49.15 -32.77
CA MET E 979 32.17 49.50 -32.35
C MET E 979 31.44 48.30 -31.78
N ILE E 980 31.75 47.09 -32.26
CA ILE E 980 31.13 45.93 -31.63
C ILE E 980 31.76 45.68 -30.27
N ALA E 981 33.05 45.95 -30.13
CA ALA E 981 33.73 45.72 -28.86
C ALA E 981 33.29 46.76 -27.84
N SER E 982 33.10 47.99 -28.30
CA SER E 982 32.52 49.01 -27.44
C SER E 982 31.08 48.66 -27.11
N ALA E 983 30.37 48.04 -28.06
CA ALA E 983 29.05 47.52 -27.75
C ALA E 983 29.15 46.29 -26.87
N PHE E 984 30.20 45.50 -27.06
CA PHE E 984 30.46 44.35 -26.19
C PHE E 984 30.80 44.83 -24.79
N ASN E 985 31.56 45.93 -24.70
CA ASN E 985 31.74 46.64 -23.44
C ASN E 985 30.40 47.12 -22.91
N ASN E 986 29.61 47.76 -23.78
CA ASN E 986 28.27 48.18 -23.42
C ASN E 986 27.35 47.01 -23.16
N ALA E 987 27.65 45.84 -23.74
CA ALA E 987 26.93 44.65 -23.37
C ALA E 987 27.26 44.25 -21.94
N LEU E 988 28.55 44.06 -21.65
CA LEU E 988 28.97 43.37 -20.44
C LEU E 988 28.68 44.19 -19.19
N GLY E 989 28.75 45.51 -19.30
CA GLY E 989 28.31 46.35 -18.19
C GLY E 989 26.81 46.28 -17.99
N ALA E 990 26.05 46.37 -19.08
CA ALA E 990 24.61 46.21 -18.99
C ALA E 990 24.23 44.77 -18.69
N ILE E 991 25.10 43.82 -19.03
CA ILE E 991 24.93 42.46 -18.55
C ILE E 991 25.05 42.43 -17.04
N GLN E 992 26.00 43.20 -16.50
CA GLN E 992 26.09 43.35 -15.05
C GLN E 992 24.94 44.19 -14.51
N ASP E 993 24.62 45.29 -15.20
CA ASP E 993 23.63 46.22 -14.66
C ASP E 993 22.21 45.70 -14.81
N GLY E 994 21.91 45.02 -15.92
CA GLY E 994 20.58 44.46 -16.10
C GLY E 994 20.35 43.22 -15.26
N PHE E 995 21.41 42.66 -14.69
CA PHE E 995 21.27 41.43 -13.93
C PHE E 995 20.64 41.66 -12.56
N ASP E 996 20.80 42.86 -12.00
CA ASP E 996 20.29 43.13 -10.65
C ASP E 996 18.78 43.15 -10.62
N ALA E 997 18.14 43.49 -11.74
CA ALA E 997 16.70 43.42 -11.82
C ALA E 997 16.26 41.96 -11.91
N THR E 998 14.94 41.75 -11.78
CA THR E 998 14.39 40.41 -11.93
C THR E 998 14.47 39.98 -13.38
N ASN E 999 15.47 39.15 -13.68
CA ASN E 999 15.80 38.77 -15.04
C ASN E 999 15.34 37.34 -15.29
N SER E 1000 15.23 37.00 -16.57
CA SER E 1000 14.83 35.65 -16.97
C SER E 1000 15.86 34.62 -16.55
N ALA E 1001 17.14 35.00 -16.56
CA ALA E 1001 18.20 34.07 -16.19
C ALA E 1001 18.14 33.74 -14.71
N LEU E 1002 17.76 34.71 -13.89
CA LEU E 1002 17.55 34.40 -12.48
C LEU E 1002 16.26 33.64 -12.27
N GLY E 1003 15.32 33.76 -13.20
CA GLY E 1003 13.98 33.25 -13.05
C GLY E 1003 13.89 31.75 -12.87
N LYS E 1004 14.52 31.00 -13.77
CA LYS E 1004 14.47 29.55 -13.66
C LYS E 1004 15.36 29.06 -12.54
N ILE E 1005 16.40 29.82 -12.20
CA ILE E 1005 17.33 29.41 -11.14
C ILE E 1005 16.64 29.46 -9.79
N GLN E 1006 15.91 30.55 -9.55
CA GLN E 1006 15.12 30.63 -8.33
C GLN E 1006 13.98 29.63 -8.34
N SER E 1007 13.55 29.21 -9.54
CA SER E 1007 12.51 28.21 -9.63
C SER E 1007 13.01 26.84 -9.20
N VAL E 1008 14.17 26.42 -9.72
CA VAL E 1008 14.60 25.04 -9.55
C VAL E 1008 15.07 24.79 -8.13
N VAL E 1009 15.63 25.82 -7.49
CA VAL E 1009 16.00 25.69 -6.09
C VAL E 1009 14.75 25.75 -5.23
N ASN E 1010 13.68 26.35 -5.74
CA ASN E 1010 12.40 26.22 -5.08
C ASN E 1010 11.74 24.90 -5.42
N ALA E 1011 11.86 24.46 -6.68
CA ALA E 1011 11.30 23.19 -7.10
C ALA E 1011 11.95 22.03 -6.37
N ASN E 1012 13.22 22.18 -6.00
CA ASN E 1012 13.79 21.31 -5.00
C ASN E 1012 13.08 21.46 -3.66
N ALA E 1013 12.96 22.71 -3.21
CA ALA E 1013 12.51 22.97 -1.84
C ALA E 1013 11.05 22.61 -1.64
N GLU E 1014 10.22 22.81 -2.68
CA GLU E 1014 8.82 22.40 -2.56
C GLU E 1014 8.70 20.88 -2.56
N ALA E 1015 9.64 20.20 -3.23
CA ALA E 1015 9.60 18.75 -3.25
C ALA E 1015 9.96 18.19 -1.88
N LEU E 1016 11.01 18.74 -1.26
CA LEU E 1016 11.48 18.19 0.01
C LEU E 1016 10.52 18.53 1.14
N ASN E 1017 9.87 19.70 1.06
CA ASN E 1017 8.87 20.04 2.07
C ASN E 1017 7.66 19.14 1.96
N ASN E 1018 7.28 18.81 0.72
CA ASN E 1018 6.26 17.79 0.52
C ASN E 1018 6.76 16.43 0.99
N LEU E 1019 8.08 16.22 0.90
CA LEU E 1019 8.63 14.99 1.42
C LEU E 1019 8.74 15.04 2.93
N LEU E 1020 8.98 16.22 3.51
CA LEU E 1020 9.13 16.28 4.95
C LEU E 1020 7.79 16.31 5.67
N ASN E 1021 6.81 17.02 5.11
CA ASN E 1021 5.47 17.03 5.71
C ASN E 1021 4.81 15.66 5.61
N GLN E 1022 5.28 14.84 4.67
CA GLN E 1022 4.83 13.47 4.54
C GLN E 1022 5.11 12.65 5.78
N LEU E 1023 6.18 12.98 6.50
CA LEU E 1023 6.61 12.18 7.65
C LEU E 1023 5.58 12.22 8.77
N SER E 1024 4.85 13.31 8.91
CA SER E 1024 3.92 13.48 10.01
C SER E 1024 2.47 13.53 9.54
N ASN E 1025 2.08 12.62 8.66
CA ASN E 1025 0.77 12.77 8.05
C ASN E 1025 -0.31 11.88 8.65
N ARG E 1026 0.05 10.91 9.49
CA ARG E 1026 -0.90 9.96 10.11
C ARG E 1026 -1.70 9.18 9.07
N PHE E 1027 -0.99 8.33 8.34
CA PHE E 1027 -1.66 7.38 7.44
C PHE E 1027 -2.59 6.47 8.22
N GLY E 1028 -2.02 5.69 9.13
CA GLY E 1028 -2.81 4.92 10.05
C GLY E 1028 -3.47 5.83 11.07
N ALA E 1029 -4.36 5.23 11.86
CA ALA E 1029 -5.36 6.01 12.57
C ALA E 1029 -4.87 6.58 13.89
N ILE E 1030 -3.75 6.11 14.43
CA ILE E 1030 -3.43 6.47 15.81
C ILE E 1030 -2.75 7.82 15.88
N SER E 1031 -1.54 7.92 15.37
CA SER E 1031 -0.77 9.15 15.37
C SER E 1031 0.41 8.97 14.41
N ALA E 1032 1.18 10.03 14.27
CA ALA E 1032 2.24 10.08 13.26
C ALA E 1032 3.58 9.62 13.82
N SER E 1033 3.96 10.12 14.99
CA SER E 1033 5.30 9.89 15.51
C SER E 1033 5.42 8.48 16.05
N LEU E 1034 6.50 7.81 15.63
CA LEU E 1034 6.67 6.40 15.96
C LEU E 1034 6.99 6.20 17.43
N GLN E 1035 7.70 7.15 18.03
CA GLN E 1035 7.91 7.12 19.47
C GLN E 1035 6.59 7.33 20.19
N GLU E 1036 5.72 8.15 19.63
CA GLU E 1036 4.44 8.42 20.27
C GLU E 1036 3.48 7.26 20.10
N ILE E 1037 3.56 6.56 18.96
CA ILE E 1037 2.63 5.46 18.73
C ILE E 1037 3.04 4.23 19.51
N LEU E 1038 4.30 4.15 19.94
CA LEU E 1038 4.78 2.93 20.57
C LEU E 1038 4.36 2.88 22.02
N THR E 1039 4.26 4.03 22.67
CA THR E 1039 3.87 4.03 24.07
C THR E 1039 2.36 3.89 24.22
N ARG E 1040 1.62 4.16 23.17
CA ARG E 1040 0.18 4.15 23.29
C ARG E 1040 -0.41 2.78 23.01
N LEU E 1041 0.38 1.86 22.45
CA LEU E 1041 -0.08 0.52 22.14
C LEU E 1041 0.87 -0.50 22.73
N GLU E 1042 0.39 -1.72 22.92
CA GLU E 1042 1.30 -2.79 23.28
C GLU E 1042 1.84 -3.46 22.01
N ALA E 1043 2.53 -4.59 22.20
CA ALA E 1043 3.37 -5.11 21.12
C ALA E 1043 2.57 -5.87 20.05
N VAL E 1044 1.35 -6.32 20.36
CA VAL E 1044 0.60 -7.10 19.38
C VAL E 1044 0.06 -6.20 18.28
N GLU E 1045 -0.79 -5.25 18.66
CA GLU E 1045 -1.49 -4.45 17.66
C GLU E 1045 -0.56 -3.47 16.97
N ALA E 1046 0.47 -3.00 17.68
CA ALA E 1046 1.41 -2.07 17.08
C ALA E 1046 2.25 -2.77 16.02
N LYS E 1047 2.43 -4.08 16.15
CA LYS E 1047 3.06 -4.85 15.08
C LYS E 1047 2.20 -4.81 13.82
N ALA E 1048 0.89 -4.67 13.98
CA ALA E 1048 0.04 -4.41 12.82
C ALA E 1048 -0.07 -2.91 12.56
N GLN E 1049 -0.05 -2.10 13.61
CA GLN E 1049 -0.40 -0.68 13.45
C GLN E 1049 0.72 0.10 12.79
N ILE E 1050 1.97 -0.21 13.15
CA ILE E 1050 3.12 0.46 12.55
C ILE E 1050 3.22 0.12 11.07
N ASP E 1051 2.78 -1.09 10.70
CA ASP E 1051 2.94 -1.55 9.33
C ASP E 1051 2.09 -0.75 8.35
N ARG E 1052 0.98 -0.18 8.82
CA ARG E 1052 0.25 0.74 7.97
C ARG E 1052 1.01 2.05 7.83
N LEU E 1053 1.72 2.47 8.87
CA LEU E 1053 2.49 3.70 8.79
C LEU E 1053 3.71 3.53 7.90
N ILE E 1054 4.30 2.34 7.88
CA ILE E 1054 5.43 2.13 7.00
C ILE E 1054 4.98 2.07 5.55
N ASN E 1055 3.81 1.49 5.30
CA ASN E 1055 3.31 1.32 3.94
C ASN E 1055 3.03 2.67 3.28
N GLY E 1056 2.65 3.66 4.08
CA GLY E 1056 2.42 4.97 3.52
C GLY E 1056 3.72 5.68 3.16
N ARG E 1057 4.68 5.70 4.09
CA ARG E 1057 5.90 6.45 3.88
C ARG E 1057 6.76 5.81 2.80
N LEU E 1058 6.74 4.48 2.73
CA LEU E 1058 7.50 3.80 1.68
C LEU E 1058 6.85 4.01 0.33
N THR E 1059 5.55 4.24 0.29
CA THR E 1059 4.90 4.56 -0.97
C THR E 1059 5.31 5.93 -1.45
N ALA E 1060 5.36 6.90 -0.54
CA ALA E 1060 5.72 8.25 -0.93
C ALA E 1060 7.20 8.34 -1.25
N LEU E 1061 8.01 7.55 -0.57
CA LEU E 1061 9.42 7.47 -0.90
C LEU E 1061 9.61 6.87 -2.28
N ASN E 1062 8.79 5.86 -2.61
CA ASN E 1062 8.75 5.37 -3.98
C ASN E 1062 8.18 6.42 -4.92
N ALA E 1063 7.22 7.19 -4.44
CA ALA E 1063 6.67 8.27 -5.25
C ALA E 1063 7.69 9.38 -5.42
N TYR E 1064 8.57 9.56 -4.44
CA TYR E 1064 9.56 10.61 -4.55
C TYR E 1064 10.64 10.25 -5.57
N ILE E 1065 11.13 9.01 -5.54
CA ILE E 1065 12.27 8.66 -6.37
C ILE E 1065 11.86 8.52 -7.82
N SER E 1066 10.60 8.14 -8.06
CA SER E 1066 10.08 8.10 -9.42
C SER E 1066 10.01 9.51 -9.99
N LYS E 1067 9.59 10.46 -9.17
CA LYS E 1067 9.71 11.86 -9.54
C LYS E 1067 11.16 12.26 -9.66
N GLN E 1068 12.02 11.71 -8.81
CA GLN E 1068 13.43 12.04 -8.87
C GLN E 1068 14.09 11.39 -10.09
N LEU E 1069 13.60 10.23 -10.51
CA LEU E 1069 14.12 9.62 -11.73
C LEU E 1069 13.72 10.42 -12.95
N SER E 1070 12.48 10.87 -13.01
CA SER E 1070 12.00 11.58 -14.18
C SER E 1070 12.62 12.97 -14.27
N ASP E 1071 12.91 13.58 -13.13
CA ASP E 1071 13.59 14.88 -13.16
C ASP E 1071 15.01 14.70 -13.66
N SER E 1072 15.66 13.60 -13.28
CA SER E 1072 17.05 13.38 -13.66
C SER E 1072 17.19 13.12 -15.16
N THR E 1073 16.15 12.54 -15.76
CA THR E 1073 16.16 12.31 -17.20
C THR E 1073 16.05 13.62 -17.96
N LEU E 1074 15.16 14.51 -17.52
CA LEU E 1074 15.02 15.82 -18.16
C LEU E 1074 16.27 16.67 -18.00
N ILE E 1075 17.05 16.43 -16.96
CA ILE E 1075 18.36 17.05 -16.86
C ILE E 1075 19.27 16.53 -17.97
N LYS E 1076 19.35 15.20 -18.11
CA LYS E 1076 20.31 14.63 -19.05
C LYS E 1076 19.92 14.90 -20.49
N VAL E 1077 18.64 15.16 -20.77
CA VAL E 1077 18.28 15.71 -22.06
C VAL E 1077 18.88 17.10 -22.22
N SER E 1078 18.68 17.94 -21.21
CA SER E 1078 19.18 19.30 -21.32
C SER E 1078 20.67 19.38 -21.10
N ALA E 1079 21.24 18.46 -20.32
CA ALA E 1079 22.68 18.50 -20.12
C ALA E 1079 23.41 18.07 -21.38
N ALA E 1080 22.87 17.07 -22.07
CA ALA E 1080 23.43 16.71 -23.38
C ALA E 1080 23.14 17.82 -24.39
N GLN E 1081 22.02 18.52 -24.22
CA GLN E 1081 21.81 19.76 -24.97
C GLN E 1081 22.85 20.79 -24.56
N ALA E 1082 23.20 20.83 -23.27
CA ALA E 1082 24.24 21.73 -22.82
C ALA E 1082 25.61 21.26 -23.29
N ILE E 1083 25.84 19.94 -23.26
CA ILE E 1083 27.08 19.37 -23.81
C ILE E 1083 27.21 19.70 -25.28
N GLU E 1084 26.11 19.64 -26.01
CA GLU E 1084 26.13 20.04 -27.41
C GLU E 1084 26.42 21.53 -27.54
N LYS E 1085 25.91 22.35 -26.62
CA LYS E 1085 26.14 23.78 -26.75
C LYS E 1085 27.54 24.17 -26.31
N VAL E 1086 28.10 23.48 -25.31
CA VAL E 1086 29.44 23.86 -24.89
C VAL E 1086 30.48 23.28 -25.84
N ASN E 1087 30.10 22.28 -26.61
CA ASN E 1087 31.02 21.76 -27.61
C ASN E 1087 30.88 22.50 -28.92
N GLU E 1088 29.66 22.89 -29.30
CA GLU E 1088 29.46 23.47 -30.61
C GLU E 1088 29.18 24.96 -30.60
N CYS E 1089 28.48 25.48 -29.60
CA CYS E 1089 28.27 26.92 -29.58
C CYS E 1089 29.42 27.64 -28.87
N VAL E 1090 29.92 27.08 -27.76
CA VAL E 1090 30.92 27.77 -26.95
C VAL E 1090 32.32 27.58 -27.51
N LYS E 1091 32.76 26.33 -27.59
CA LYS E 1091 34.16 26.05 -27.90
C LYS E 1091 34.50 26.37 -29.34
N SER E 1092 33.84 25.72 -30.27
CA SER E 1092 34.12 25.92 -31.68
C SER E 1092 33.07 26.84 -32.29
N GLN E 1093 33.22 27.08 -33.58
CA GLN E 1093 32.27 27.88 -34.32
C GLN E 1093 31.21 26.99 -34.96
N THR E 1094 30.28 27.63 -35.67
CA THR E 1094 29.07 26.97 -36.12
C THR E 1094 28.97 26.99 -37.64
N THR E 1095 28.49 25.90 -38.20
CA THR E 1095 28.06 25.92 -39.59
C THR E 1095 26.54 25.77 -39.69
N ARG E 1096 25.95 25.00 -38.77
CA ARG E 1096 24.51 25.02 -38.60
C ARG E 1096 24.05 26.41 -38.16
N ILE E 1097 22.84 26.78 -38.55
CA ILE E 1097 22.39 28.16 -38.45
C ILE E 1097 21.61 28.40 -37.17
N ASN E 1098 20.49 27.72 -37.00
CA ASN E 1098 19.49 28.17 -36.04
C ASN E 1098 19.65 27.46 -34.72
N PHE E 1099 20.88 27.20 -34.30
CA PHE E 1099 21.11 26.44 -33.08
C PHE E 1099 21.39 27.37 -31.92
N CYS E 1100 20.89 26.96 -30.75
CA CYS E 1100 21.16 27.56 -29.44
C CYS E 1100 20.81 29.05 -29.36
N GLY E 1101 19.72 29.45 -29.98
CA GLY E 1101 19.25 30.82 -29.89
C GLY E 1101 18.35 31.16 -31.07
N ASN E 1102 18.68 32.27 -31.73
CA ASN E 1102 17.93 32.77 -32.87
C ASN E 1102 18.76 33.76 -33.67
N GLY E 1103 18.32 34.01 -34.90
CA GLY E 1103 19.02 34.95 -35.74
C GLY E 1103 20.37 34.41 -36.14
N ASN E 1104 21.39 35.18 -35.86
CA ASN E 1104 22.75 34.69 -35.99
C ASN E 1104 23.32 34.40 -34.60
N HIS E 1105 24.60 34.05 -34.54
CA HIS E 1105 25.30 33.92 -33.28
C HIS E 1105 26.68 34.54 -33.44
N ILE E 1106 26.87 35.71 -32.85
CA ILE E 1106 28.11 36.43 -33.07
C ILE E 1106 29.22 35.82 -32.24
N LEU E 1107 29.03 35.76 -30.93
CA LEU E 1107 29.97 35.06 -30.07
C LEU E 1107 29.19 34.07 -29.22
N SER E 1108 29.87 33.50 -28.25
CA SER E 1108 29.21 32.77 -27.19
C SER E 1108 30.13 32.83 -25.99
N LEU E 1109 29.54 32.91 -24.80
CA LEU E 1109 30.31 32.91 -23.58
C LEU E 1109 29.71 31.88 -22.64
N VAL E 1110 30.34 31.73 -21.49
CA VAL E 1110 29.92 30.76 -20.50
C VAL E 1110 30.37 31.22 -19.13
N GLN E 1111 29.46 31.20 -18.17
CA GLN E 1111 29.82 31.46 -16.78
C GLN E 1111 29.15 30.40 -15.92
N ASN E 1112 29.89 29.89 -14.95
CA ASN E 1112 29.31 28.92 -14.04
C ASN E 1112 28.32 29.59 -13.12
N ALA E 1113 27.12 29.05 -13.07
CA ALA E 1113 26.04 29.55 -12.26
C ALA E 1113 25.63 28.46 -11.31
N PRO E 1114 24.96 28.80 -10.20
CA PRO E 1114 24.49 27.76 -9.28
C PRO E 1114 23.43 26.89 -9.92
N TYR E 1115 23.60 25.57 -9.78
CA TYR E 1115 22.71 24.54 -10.29
C TYR E 1115 22.57 24.63 -11.81
N GLY E 1116 23.71 24.54 -12.49
CA GLY E 1116 23.66 24.60 -13.94
C GLY E 1116 24.34 25.82 -14.48
N LEU E 1117 25.15 25.65 -15.51
CA LEU E 1117 25.85 26.76 -16.13
C LEU E 1117 24.91 27.57 -17.01
N TYR E 1118 25.27 28.82 -17.28
CA TYR E 1118 24.43 29.63 -18.15
C TYR E 1118 25.28 30.54 -19.01
N PHE E 1119 24.77 30.85 -20.20
CA PHE E 1119 25.55 31.47 -21.25
C PHE E 1119 25.08 32.88 -21.50
N ILE E 1120 25.74 33.54 -22.45
CA ILE E 1120 25.29 34.82 -22.96
C ILE E 1120 25.32 34.75 -24.47
N HIS E 1121 24.20 34.41 -25.09
CA HIS E 1121 24.16 34.31 -26.54
C HIS E 1121 24.09 35.72 -27.10
N PHE E 1122 25.24 36.23 -27.54
CA PHE E 1122 25.28 37.59 -28.08
C PHE E 1122 24.64 37.67 -29.45
N SER E 1123 23.32 37.82 -29.48
CA SER E 1123 22.61 37.83 -30.74
C SER E 1123 22.88 39.13 -31.48
N TYR E 1124 22.60 39.10 -32.77
CA TYR E 1124 22.87 40.23 -33.66
C TYR E 1124 21.55 40.83 -34.09
N VAL E 1125 21.28 42.05 -33.68
CA VAL E 1125 20.01 42.72 -33.93
C VAL E 1125 20.29 44.00 -34.70
N PRO E 1126 19.68 44.20 -35.86
CA PRO E 1126 19.82 45.48 -36.56
C PRO E 1126 18.75 46.46 -36.13
N ILE E 1127 18.99 47.76 -36.39
CA ILE E 1127 18.03 48.77 -36.00
C ILE E 1127 17.43 49.52 -37.19
N SER E 1128 18.25 50.29 -37.90
CA SER E 1128 17.74 51.35 -38.76
C SER E 1128 17.50 50.82 -40.17
N PHE E 1129 16.30 50.32 -40.41
CA PHE E 1129 15.97 49.66 -41.66
C PHE E 1129 15.91 50.64 -42.82
N THR E 1130 16.19 50.14 -44.03
CA THR E 1130 16.00 50.87 -45.27
C THR E 1130 15.34 49.96 -46.30
N THR E 1131 15.36 50.42 -47.54
CA THR E 1131 14.77 49.69 -48.64
C THR E 1131 15.51 49.97 -49.93
N ALA E 1132 15.37 49.03 -50.88
CA ALA E 1132 15.96 49.12 -52.20
C ALA E 1132 15.27 48.08 -53.09
N ASN E 1133 15.28 48.36 -54.39
CA ASN E 1133 14.78 47.39 -55.36
C ASN E 1133 15.71 46.18 -55.41
N VAL E 1134 15.10 45.01 -55.62
CA VAL E 1134 15.88 43.77 -55.71
C VAL E 1134 15.17 42.82 -56.68
N SER E 1135 15.96 42.17 -57.54
CA SER E 1135 15.54 41.18 -58.52
C SER E 1135 16.49 39.98 -58.47
N PRO E 1136 16.20 38.95 -57.70
CA PRO E 1136 17.19 37.91 -57.40
C PRO E 1136 17.65 37.03 -58.55
N GLY E 1137 16.74 36.47 -59.31
CA GLY E 1137 17.09 35.38 -60.21
C GLY E 1137 17.83 35.77 -61.46
N LEU E 1138 18.07 37.08 -61.67
CA LEU E 1138 18.56 37.63 -62.94
C LEU E 1138 17.70 37.14 -64.11
N CYS E 1139 16.39 37.33 -63.97
CA CYS E 1139 15.47 37.15 -65.07
C CYS E 1139 15.42 38.38 -65.96
N ILE E 1140 16.20 39.41 -65.63
CA ILE E 1140 16.05 40.73 -66.23
C ILE E 1140 17.41 41.23 -66.66
N SER E 1141 17.53 41.60 -67.94
CA SER E 1141 18.53 42.54 -68.45
C SER E 1141 19.97 42.07 -68.27
N GLY E 1142 20.33 41.02 -69.01
CA GLY E 1142 21.72 40.61 -69.08
C GLY E 1142 22.56 41.69 -69.74
N ASP E 1143 23.56 42.21 -69.02
CA ASP E 1143 24.52 43.15 -69.61
C ASP E 1143 25.83 42.46 -69.95
N ARG E 1144 26.47 41.83 -68.98
CA ARG E 1144 27.53 40.89 -69.31
C ARG E 1144 26.92 39.70 -70.03
N GLY E 1145 27.43 39.43 -71.24
CA GLY E 1145 26.76 38.64 -72.27
C GLY E 1145 26.22 37.27 -71.92
N LEU E 1146 24.89 37.11 -72.04
CA LEU E 1146 24.14 35.92 -71.62
C LEU E 1146 24.42 35.60 -70.15
N ALA E 1147 23.82 36.41 -69.30
CA ALA E 1147 23.92 36.18 -67.87
C ALA E 1147 22.64 35.61 -67.28
N PRO E 1148 22.50 34.27 -67.17
CA PRO E 1148 21.58 33.72 -66.18
C PRO E 1148 22.28 33.40 -64.85
N LYS E 1149 22.97 34.41 -64.29
CA LYS E 1149 23.60 34.24 -62.99
C LYS E 1149 22.54 34.22 -61.91
N ALA E 1150 22.92 33.79 -60.72
CA ALA E 1150 21.96 33.67 -59.64
C ALA E 1150 22.66 33.78 -58.30
N GLY E 1151 21.91 33.40 -57.26
CA GLY E 1151 22.49 33.28 -55.93
C GLY E 1151 22.88 34.60 -55.33
N TYR E 1152 22.32 35.68 -55.85
CA TYR E 1152 22.86 37.01 -55.60
C TYR E 1152 21.74 38.00 -55.40
N PHE E 1153 21.90 38.88 -54.42
CA PHE E 1153 20.88 39.90 -54.19
C PHE E 1153 21.07 41.03 -55.18
N VAL E 1154 20.20 42.03 -55.11
CA VAL E 1154 20.23 43.09 -56.10
C VAL E 1154 19.98 44.44 -55.42
N GLN E 1155 20.83 45.41 -55.72
CA GLN E 1155 20.46 46.79 -55.61
C GLN E 1155 20.89 47.49 -56.90
N ASP E 1156 20.22 48.57 -57.23
CA ASP E 1156 20.46 49.21 -58.51
C ASP E 1156 21.48 50.33 -58.39
N ASP E 1157 21.55 51.18 -59.44
CA ASP E 1157 22.34 52.41 -59.61
C ASP E 1157 23.81 52.10 -59.88
N GLY E 1158 24.23 50.89 -59.59
CA GLY E 1158 25.48 50.44 -60.14
C GLY E 1158 25.20 49.82 -61.48
N GLU E 1159 25.65 48.59 -61.65
CA GLU E 1159 25.15 47.81 -62.77
C GLU E 1159 24.17 46.76 -62.27
N TRP E 1160 24.66 45.85 -61.43
CA TRP E 1160 23.90 45.08 -60.47
C TRP E 1160 24.86 44.79 -59.33
N LYS E 1161 24.36 44.85 -58.10
CA LYS E 1161 25.25 44.70 -56.98
C LYS E 1161 24.69 43.63 -56.05
N PHE E 1162 25.59 42.99 -55.32
CA PHE E 1162 25.22 41.96 -54.35
C PHE E 1162 25.28 42.52 -52.94
N THR E 1163 24.28 42.20 -52.13
CA THR E 1163 24.28 42.55 -50.72
C THR E 1163 24.06 41.31 -49.89
N GLY E 1164 24.78 41.22 -48.78
CA GLY E 1164 24.47 40.24 -47.78
C GLY E 1164 23.17 40.59 -47.10
N SER E 1165 22.64 39.61 -46.38
CA SER E 1165 21.35 39.78 -45.75
C SER E 1165 21.42 40.45 -44.39
N SER E 1166 22.48 41.18 -44.10
CA SER E 1166 22.54 42.02 -42.91
C SER E 1166 22.77 43.48 -43.23
N TYR E 1167 23.81 43.81 -43.99
CA TYR E 1167 24.22 45.18 -44.22
C TYR E 1167 24.04 45.53 -45.68
N TYR E 1168 23.33 46.61 -45.94
CA TYR E 1168 23.05 47.05 -47.29
C TYR E 1168 24.33 47.60 -47.89
N TYR E 1169 24.94 46.85 -48.79
CA TYR E 1169 26.17 47.35 -49.37
C TYR E 1169 26.46 46.80 -50.76
N PRO E 1170 26.72 47.67 -51.72
CA PRO E 1170 27.10 47.21 -53.07
C PRO E 1170 28.49 46.60 -53.07
N GLU E 1171 28.60 45.45 -53.73
CA GLU E 1171 29.87 44.81 -53.98
C GLU E 1171 30.53 45.46 -55.18
N PRO E 1172 31.76 45.04 -55.56
CA PRO E 1172 32.22 45.38 -56.90
C PRO E 1172 31.36 44.75 -57.98
N ILE E 1173 31.27 43.44 -57.92
CA ILE E 1173 30.50 42.64 -58.86
C ILE E 1173 29.86 41.50 -58.08
N THR E 1174 29.24 40.58 -58.81
CA THR E 1174 28.79 39.35 -58.20
C THR E 1174 29.99 38.53 -57.73
N ASP E 1175 29.70 37.53 -56.87
CA ASP E 1175 30.71 36.89 -56.03
C ASP E 1175 31.82 36.22 -56.82
N LYS E 1176 31.45 35.26 -57.67
CA LYS E 1176 32.45 34.59 -58.47
C LYS E 1176 31.79 34.04 -59.73
N GLU F 1 -66.35 35.05 50.27
CA GLU F 1 -65.27 35.13 49.29
C GLU F 1 -65.36 36.42 48.49
N VAL F 2 -64.50 36.54 47.47
CA VAL F 2 -64.46 37.75 46.67
C VAL F 2 -65.71 37.84 45.80
N THR F 3 -66.34 39.01 45.80
CA THR F 3 -67.48 39.26 44.96
C THR F 3 -67.30 40.59 44.24
N ILE F 4 -67.77 40.65 43.01
CA ILE F 4 -67.58 41.78 42.12
C ILE F 4 -68.96 42.25 41.66
N GLU F 5 -69.15 43.58 41.63
CA GLU F 5 -70.42 44.15 41.23
C GLU F 5 -70.17 45.25 40.21
N ALA F 6 -71.08 45.35 39.24
CA ALA F 6 -71.12 46.49 38.33
C ALA F 6 -72.16 47.48 38.83
N VAL F 7 -71.75 48.74 38.99
CA VAL F 7 -72.64 49.80 39.44
C VAL F 7 -72.62 50.92 38.41
N PRO F 8 -73.67 51.10 37.61
CA PRO F 8 -74.85 50.22 37.51
C PRO F 8 -74.58 49.04 36.58
N PRO F 9 -75.34 47.95 36.71
CA PRO F 9 -75.15 46.82 35.78
C PRO F 9 -75.55 47.14 34.36
N GLN F 10 -76.35 48.18 34.15
CA GLN F 10 -76.67 48.68 32.83
C GLN F 10 -76.33 50.15 32.78
N VAL F 11 -75.43 50.52 31.87
CA VAL F 11 -74.91 51.87 31.78
C VAL F 11 -75.28 52.39 30.39
N ALA F 12 -75.58 53.68 30.31
CA ALA F 12 -75.79 54.29 29.01
C ALA F 12 -74.46 54.52 28.30
N GLU F 13 -74.54 55.15 27.15
CA GLU F 13 -73.34 55.41 26.36
C GLU F 13 -72.48 56.47 27.03
N ASP F 14 -71.17 56.22 27.04
CA ASP F 14 -70.12 57.18 27.41
C ASP F 14 -70.24 57.69 28.84
N ASN F 15 -70.58 56.80 29.77
CA ASN F 15 -70.79 57.15 31.16
C ASN F 15 -69.83 56.34 32.04
N ASN F 16 -70.06 56.38 33.35
CA ASN F 16 -69.17 55.79 34.34
C ASN F 16 -69.80 54.54 34.97
N VAL F 17 -69.01 53.47 35.06
CA VAL F 17 -69.36 52.28 35.83
C VAL F 17 -68.18 52.01 36.75
N LEU F 18 -68.45 51.38 37.90
CA LEU F 18 -67.41 51.03 38.85
C LEU F 18 -67.41 49.53 39.07
N LEU F 19 -66.30 48.89 38.70
CA LEU F 19 -66.14 47.44 38.90
C LEU F 19 -65.79 47.23 40.36
N LEU F 20 -66.81 47.20 41.20
CA LEU F 20 -66.62 47.27 42.65
C LEU F 20 -66.29 45.89 43.20
N VAL F 21 -65.07 45.74 43.71
CA VAL F 21 -64.62 44.50 44.34
C VAL F 21 -65.10 44.49 45.78
N HIS F 22 -65.64 43.37 46.23
CA HIS F 22 -66.04 43.21 47.61
C HIS F 22 -65.33 41.99 48.20
N ASN F 23 -64.94 42.13 49.48
CA ASN F 23 -64.28 41.08 50.27
C ASN F 23 -63.00 40.59 49.65
N LEU F 24 -62.20 41.49 49.08
CA LEU F 24 -60.88 41.12 48.60
C LEU F 24 -59.97 40.81 49.78
N PRO F 25 -59.02 39.90 49.63
CA PRO F 25 -58.12 39.58 50.74
C PRO F 25 -56.97 40.58 50.85
N LEU F 26 -56.00 40.30 51.72
CA LEU F 26 -55.03 41.30 52.13
C LEU F 26 -53.62 41.07 51.59
N ALA F 27 -53.06 39.87 51.75
CA ALA F 27 -51.65 39.64 51.43
C ALA F 27 -51.56 39.07 50.02
N LEU F 28 -51.84 39.92 49.04
CA LEU F 28 -51.87 39.50 47.65
C LEU F 28 -50.53 39.84 47.01
N GLY F 29 -50.09 38.98 46.08
CA GLY F 29 -48.88 39.30 45.34
C GLY F 29 -49.11 40.46 44.40
N ALA F 30 -50.16 40.37 43.60
CA ALA F 30 -50.57 41.41 42.65
C ALA F 30 -51.99 41.07 42.21
N PHE F 31 -52.54 41.92 41.35
CA PHE F 31 -53.79 41.60 40.66
C PHE F 31 -53.86 42.42 39.39
N ALA F 32 -54.66 41.93 38.45
CA ALA F 32 -54.88 42.61 37.19
C ALA F 32 -56.25 42.24 36.63
N TRP F 33 -56.75 43.08 35.73
CA TRP F 33 -58.05 42.90 35.11
C TRP F 33 -57.87 42.32 33.72
N TYR F 34 -58.75 41.41 33.34
CA TYR F 34 -58.63 40.66 32.10
C TYR F 34 -59.89 40.79 31.26
N LYS F 35 -59.72 41.20 30.00
CA LYS F 35 -60.84 41.20 29.07
C LYS F 35 -61.21 39.77 28.71
N GLY F 36 -62.51 39.52 28.59
CA GLY F 36 -62.97 38.22 28.17
C GLY F 36 -62.81 37.15 29.22
N ASN F 37 -63.18 35.91 28.90
CA ASN F 37 -63.00 34.79 29.79
C ASN F 37 -61.73 34.03 29.41
N THR F 38 -60.61 34.74 29.53
CA THR F 38 -59.31 34.19 29.17
C THR F 38 -58.27 34.77 30.13
N THR F 39 -57.11 34.12 30.18
CA THR F 39 -56.03 34.57 31.03
C THR F 39 -54.75 34.81 30.23
N ALA F 40 -54.84 34.77 28.91
CA ALA F 40 -53.70 35.19 28.09
C ALA F 40 -53.48 36.69 28.28
N ILE F 41 -52.21 37.09 28.34
CA ILE F 41 -51.84 38.40 28.85
C ILE F 41 -52.21 39.52 27.88
N ASP F 42 -52.48 39.20 26.62
CA ASP F 42 -52.88 40.25 25.68
C ASP F 42 -54.30 40.75 25.92
N LYS F 43 -55.06 40.12 26.79
CA LYS F 43 -56.33 40.67 27.24
C LYS F 43 -56.26 41.22 28.66
N GLU F 44 -55.10 41.17 29.28
CA GLU F 44 -54.90 41.82 30.56
C GLU F 44 -54.85 43.33 30.35
N ILE F 45 -55.58 44.07 31.17
CA ILE F 45 -55.75 45.49 30.92
C ILE F 45 -54.76 46.32 31.73
N ALA F 46 -54.87 46.24 33.06
CA ALA F 46 -54.05 47.05 33.94
C ALA F 46 -53.67 46.22 35.16
N ARG F 47 -52.41 46.33 35.55
CA ARG F 47 -51.86 45.48 36.59
C ARG F 47 -51.29 46.36 37.69
N PHE F 48 -51.87 46.26 38.87
CA PHE F 48 -51.46 47.02 40.05
C PHE F 48 -51.15 46.05 41.17
N VAL F 49 -50.11 46.36 41.93
CA VAL F 49 -49.59 45.48 42.97
C VAL F 49 -49.92 46.10 44.32
N PRO F 50 -50.06 45.30 45.38
CA PRO F 50 -50.33 45.90 46.69
C PRO F 50 -49.08 46.24 47.48
N ASN F 51 -47.96 45.59 47.18
CA ASN F 51 -46.80 45.69 48.06
C ASN F 51 -45.72 46.62 47.53
N SER F 52 -45.85 47.12 46.31
CA SER F 52 -44.95 48.13 45.79
C SER F 52 -45.67 49.35 45.24
N ASN F 53 -47.01 49.30 45.16
CA ASN F 53 -47.87 50.47 44.95
C ASN F 53 -47.61 51.14 43.61
N MET F 54 -47.39 50.33 42.58
CA MET F 54 -47.28 50.83 41.22
C MET F 54 -48.30 50.11 40.36
N ASN F 55 -48.88 50.83 39.41
CA ASN F 55 -49.79 50.22 38.46
C ASN F 55 -49.18 50.28 37.06
N PHE F 56 -49.45 49.25 36.27
CA PHE F 56 -48.94 49.19 34.91
C PHE F 56 -50.00 48.56 34.02
N THR F 57 -49.93 48.90 32.74
CA THR F 57 -51.00 48.60 31.81
C THR F 57 -50.65 47.40 30.95
N GLY F 58 -51.68 46.86 30.30
CA GLY F 58 -51.51 45.78 29.35
C GLY F 58 -51.68 46.27 27.92
N GLN F 59 -51.90 45.30 27.02
CA GLN F 59 -52.13 45.65 25.63
C GLN F 59 -53.50 46.30 25.42
N ALA F 60 -54.54 45.78 26.05
CA ALA F 60 -55.90 46.25 25.82
C ALA F 60 -56.29 47.44 26.67
N TYR F 61 -55.33 48.20 27.22
CA TYR F 61 -55.66 49.42 27.94
C TYR F 61 -56.05 50.50 26.94
N SER F 62 -57.34 50.83 26.89
CA SER F 62 -57.80 51.88 25.99
C SER F 62 -57.50 53.27 26.51
N GLY F 63 -57.02 53.40 27.74
CA GLY F 63 -56.57 54.67 28.26
C GLY F 63 -57.50 55.37 29.21
N ARG F 64 -58.73 54.88 29.36
CA ARG F 64 -59.76 55.55 30.15
C ARG F 64 -60.23 54.66 31.30
N GLU F 65 -59.33 53.83 31.83
CA GLU F 65 -59.71 52.88 32.86
C GLU F 65 -58.79 53.05 34.06
N ILE F 66 -59.37 53.43 35.19
CA ILE F 66 -58.61 53.77 36.39
C ILE F 66 -58.64 52.57 37.32
N ILE F 67 -57.46 52.16 37.79
CA ILE F 67 -57.32 51.05 38.72
C ILE F 67 -57.04 51.62 40.11
N TYR F 68 -57.72 51.08 41.11
CA TYR F 68 -57.65 51.58 42.47
C TYR F 68 -56.98 50.57 43.39
N SER F 69 -56.75 51.01 44.63
CA SER F 69 -56.06 50.18 45.61
C SER F 69 -56.97 49.07 46.14
N ASN F 70 -58.27 49.30 46.18
CA ASN F 70 -59.18 48.26 46.64
C ASN F 70 -59.56 47.26 45.55
N GLY F 71 -58.81 47.24 44.45
CA GLY F 71 -59.08 46.37 43.34
C GLY F 71 -60.11 46.89 42.37
N SER F 72 -60.78 47.99 42.68
CA SER F 72 -61.86 48.45 41.84
C SER F 72 -61.33 49.05 40.56
N LEU F 73 -62.14 48.95 39.51
CA LEU F 73 -61.81 49.46 38.19
C LEU F 73 -62.87 50.46 37.77
N LEU F 74 -62.45 51.69 37.55
CA LEU F 74 -63.34 52.78 37.18
C LEU F 74 -63.22 53.07 35.70
N PHE F 75 -64.35 53.09 35.01
CA PHE F 75 -64.41 53.42 33.60
C PHE F 75 -64.83 54.87 33.42
N GLN F 76 -64.27 55.52 32.40
CA GLN F 76 -64.62 56.91 32.11
C GLN F 76 -65.68 57.03 31.02
N MET F 77 -65.43 56.43 29.87
CA MET F 77 -66.36 56.45 28.73
C MET F 77 -66.71 55.01 28.39
N ILE F 78 -67.93 54.60 28.73
CA ILE F 78 -68.38 53.28 28.33
C ILE F 78 -68.65 53.25 26.84
N THR F 79 -67.97 52.35 26.15
CA THR F 79 -68.11 52.17 24.72
C THR F 79 -68.94 50.92 24.48
N MET F 80 -69.50 50.81 23.27
CA MET F 80 -70.33 49.67 22.94
C MET F 80 -69.52 48.38 22.84
N LYS F 81 -68.22 48.48 22.53
CA LYS F 81 -67.40 47.27 22.41
C LYS F 81 -67.12 46.66 23.76
N ASP F 82 -67.17 47.46 24.83
CA ASP F 82 -66.81 47.00 26.17
C ASP F 82 -67.91 46.19 26.84
N MET F 83 -69.02 45.94 26.15
CA MET F 83 -69.98 44.96 26.63
C MET F 83 -69.36 43.57 26.50
N GLY F 84 -69.58 42.75 27.51
CA GLY F 84 -69.03 41.42 27.54
C GLY F 84 -68.54 41.09 28.92
N VAL F 85 -67.72 40.06 29.00
CA VAL F 85 -67.29 39.53 30.28
C VAL F 85 -65.90 40.06 30.62
N TYR F 86 -65.65 40.19 31.92
CA TYR F 86 -64.37 40.68 32.42
C TYR F 86 -63.97 39.82 33.60
N THR F 87 -62.71 39.39 33.63
CA THR F 87 -62.20 38.48 34.64
C THR F 87 -61.11 39.20 35.43
N LEU F 88 -61.13 39.05 36.75
CA LEU F 88 -60.15 39.71 37.61
C LEU F 88 -59.21 38.67 38.19
N ASP F 89 -57.94 38.73 37.78
CA ASP F 89 -56.92 37.78 38.20
C ASP F 89 -56.28 38.25 39.50
N MET F 90 -55.97 37.31 40.38
CA MET F 90 -55.22 37.60 41.58
C MET F 90 -54.15 36.53 41.75
N THR F 91 -53.01 36.92 42.31
CA THR F 91 -51.87 36.04 42.49
C THR F 91 -51.34 36.16 43.92
N ASP F 92 -50.95 35.02 44.50
CA ASP F 92 -50.36 35.02 45.84
C ASP F 92 -49.37 33.88 46.00
N GLU F 93 -48.15 34.24 46.42
CA GLU F 93 -47.04 33.31 46.68
C GLU F 93 -46.68 32.48 45.46
N ASN F 94 -46.62 33.15 44.30
CA ASN F 94 -46.41 32.55 42.98
C ASN F 94 -47.42 31.46 42.67
N TYR F 95 -48.66 31.69 43.08
CA TYR F 95 -49.78 30.81 42.81
C TYR F 95 -50.98 31.71 42.53
N ARG F 96 -51.85 31.30 41.62
CA ARG F 96 -52.86 32.21 41.12
C ARG F 96 -54.26 31.60 41.18
N ARG F 97 -55.27 32.47 41.14
CA ARG F 97 -56.67 32.08 41.01
C ARG F 97 -57.36 33.14 40.16
N THR F 98 -58.22 32.71 39.24
CA THR F 98 -58.84 33.62 38.28
C THR F 98 -60.35 33.66 38.47
N GLN F 99 -60.75 33.53 39.73
CA GLN F 99 -62.15 33.24 40.04
C GLN F 99 -62.99 34.49 40.24
N ALA F 100 -62.64 35.60 39.62
CA ALA F 100 -63.40 36.83 39.77
C ALA F 100 -63.83 37.33 38.39
N THR F 101 -65.01 36.89 37.94
CA THR F 101 -65.52 37.20 36.62
C THR F 101 -66.70 38.16 36.73
N VAL F 102 -66.88 39.04 35.74
CA VAL F 102 -67.98 39.99 35.77
C VAL F 102 -68.36 40.35 34.33
N ARG F 103 -69.66 40.57 34.12
CA ARG F 103 -70.22 40.88 32.82
C ARG F 103 -71.33 41.91 32.96
N PHE F 104 -71.31 42.94 32.11
CA PHE F 104 -72.34 43.97 32.12
C PHE F 104 -72.85 44.21 30.71
N HIS F 105 -73.82 45.11 30.58
CA HIS F 105 -74.37 45.48 29.28
C HIS F 105 -74.58 46.98 29.21
N VAL F 106 -74.59 47.49 27.97
CA VAL F 106 -74.70 48.92 27.70
C VAL F 106 -75.92 49.18 26.83
N HIS F 107 -76.75 50.14 27.25
CA HIS F 107 -77.93 50.54 26.49
C HIS F 107 -78.19 52.03 26.62
#